data_7BL7
#
_entry.id   7BL7
#
_cell.length_a   151.230
_cell.length_b   165.750
_cell.length_c   125.020
_cell.angle_alpha   90.000
_cell.angle_beta   90.000
_cell.angle_gamma   90.000
#
_symmetry.space_group_name_H-M   'P 21 21 2'
#
loop_
_entity.id
_entity.type
_entity.pdbx_description
1 polymer 'Uridylate kinase'
2 non-polymer "URIDINE-5'-DIPHOSPHATE"
3 non-polymer "URIDINE 5'-TRIPHOSPHATE"
4 water water
#
_entity_poly.entity_id   1
_entity_poly.type   'polypeptide(L)'
_entity_poly.pdbx_seq_one_letter_code
;MGSSHHHHHHSSGLVPRGSHMTEPDVAGAPASKPEPASTGAASAAQLSGYSRVLLKLGGEMFGGGQVGLDPDVVAQVARQ
IADVVRGGVQIAVVIGGGNFFRGAQLQQLGMERTRSDYMGMLGTVMNSLALQDFLEKEGIVTRVQTAITMGQVAEPYLPL
RAVRHLEKGRVVIFGAGMGLPYFSTDTTAAQRALEIGADVVLMAKAVDGVFAEDPRVNPEAELLTAVSHREVLDRGLRVA
DATAFSLCMDNGMPILVFNLLTDGNIARAVRGEKIGTLVTT
;
_entity_poly.pdbx_strand_id   B,A,F,E,D,C,I,J,K,L,G,H
#
loop_
_chem_comp.id
_chem_comp.type
_chem_comp.name
_chem_comp.formula
UDP RNA linking URIDINE-5'-DIPHOSPHATE 'C9 H14 N2 O12 P2'
UTP non-polymer 'URIDINE 5'-TRIPHOSPHATE' 'C9 H15 N2 O15 P3'
#
# COMPACT_ATOMS: atom_id res chain seq x y z
N SER A 48 -15.79 11.33 -14.13
CA SER A 48 -16.75 10.32 -13.69
C SER A 48 -16.37 9.75 -12.32
N GLY A 49 -15.07 9.43 -12.16
CA GLY A 49 -14.64 8.52 -11.11
C GLY A 49 -14.72 9.11 -9.70
N TYR A 50 -14.84 8.20 -8.74
CA TYR A 50 -14.93 8.60 -7.34
C TYR A 50 -13.54 8.65 -6.74
N SER A 51 -13.26 9.72 -6.02
CA SER A 51 -11.94 9.98 -5.51
C SER A 51 -11.77 9.53 -4.06
N ARG A 52 -12.84 9.58 -3.27
CA ARG A 52 -12.88 9.05 -1.91
C ARG A 52 -14.25 8.41 -1.70
N VAL A 53 -14.28 7.22 -1.11
CA VAL A 53 -15.50 6.42 -1.16
C VAL A 53 -15.73 5.89 0.25
N LEU A 54 -16.99 5.56 0.57
CA LEU A 54 -17.31 4.84 1.80
C LEU A 54 -18.11 3.59 1.50
N LEU A 55 -17.65 2.44 1.99
CA LEU A 55 -18.10 1.12 1.55
C LEU A 55 -18.81 0.41 2.69
N LYS A 56 -20.08 0.09 2.51
CA LYS A 56 -20.85 -0.60 3.53
C LYS A 56 -20.77 -2.10 3.31
N LEU A 57 -20.22 -2.83 4.28
CA LEU A 57 -20.22 -4.28 4.24
C LEU A 57 -21.15 -4.82 5.31
N GLY A 58 -22.25 -5.42 4.89
CA GLY A 58 -23.14 -6.07 5.81
C GLY A 58 -22.60 -7.40 6.33
N GLY A 59 -23.38 -8.00 7.24
CA GLY A 59 -22.94 -9.25 7.86
C GLY A 59 -22.79 -10.36 6.85
N GLU A 60 -23.69 -10.40 5.87
CA GLU A 60 -23.62 -11.25 4.70
C GLU A 60 -22.21 -11.35 4.16
N MET A 61 -21.40 -10.31 4.36
CA MET A 61 -20.08 -10.18 3.74
C MET A 61 -18.97 -10.71 4.62
N PHE A 62 -19.32 -11.32 5.75
CA PHE A 62 -18.39 -11.97 6.67
C PHE A 62 -18.92 -13.36 7.03
N GLY A 63 -20.20 -13.43 7.38
CA GLY A 63 -20.82 -14.70 7.61
C GLY A 63 -21.12 -15.46 6.35
N GLY A 64 -21.07 -14.79 5.21
CA GLY A 64 -21.34 -15.48 3.96
C GLY A 64 -22.72 -16.05 3.85
N GLY A 65 -23.65 -15.64 4.72
CA GLY A 65 -25.02 -16.11 4.68
C GLY A 65 -25.38 -16.76 6.00
N GLN A 66 -24.74 -17.88 6.30
CA GLN A 66 -24.89 -18.49 7.59
C GLN A 66 -24.26 -17.59 8.66
N VAL A 67 -24.36 -18.03 9.94
CA VAL A 67 -23.99 -17.25 11.12
C VAL A 67 -22.51 -17.43 11.46
N GLY A 68 -21.87 -16.37 11.94
CA GLY A 68 -20.47 -16.45 12.28
C GLY A 68 -19.56 -15.88 11.20
N LEU A 69 -18.45 -16.54 10.89
CA LEU A 69 -17.46 -16.01 9.96
C LEU A 69 -17.04 -17.06 8.95
N ASP A 70 -16.86 -16.61 7.70
CA ASP A 70 -16.52 -17.48 6.58
C ASP A 70 -15.30 -16.89 5.89
N PRO A 71 -14.12 -17.44 6.13
CA PRO A 71 -12.89 -16.80 5.62
C PRO A 71 -12.85 -16.68 4.11
N ASP A 72 -13.46 -17.62 3.38
CA ASP A 72 -13.51 -17.50 1.92
C ASP A 72 -14.18 -16.20 1.50
N VAL A 73 -15.33 -15.88 2.07
CA VAL A 73 -16.01 -14.65 1.70
C VAL A 73 -15.19 -13.43 2.09
N VAL A 74 -14.67 -13.42 3.31
CA VAL A 74 -13.89 -12.27 3.80
C VAL A 74 -12.63 -12.09 2.98
N ALA A 75 -11.95 -13.19 2.62
CA ALA A 75 -10.76 -13.08 1.80
C ALA A 75 -11.09 -12.44 0.46
N GLN A 76 -12.14 -12.93 -0.19
CA GLN A 76 -12.57 -12.32 -1.44
C GLN A 76 -12.85 -10.84 -1.26
N VAL A 77 -13.42 -10.46 -0.12
CA VAL A 77 -13.76 -9.05 0.06
C VAL A 77 -12.49 -8.23 0.24
N ALA A 78 -11.47 -8.80 0.90
CA ALA A 78 -10.21 -8.07 1.07
C ALA A 78 -9.43 -7.99 -0.23
N ARG A 79 -9.43 -9.06 -1.03
CA ARG A 79 -8.84 -8.97 -2.37
C ARG A 79 -9.43 -7.79 -3.14
N GLN A 80 -10.76 -7.71 -3.17
CA GLN A 80 -11.42 -6.66 -3.93
C GLN A 80 -11.13 -5.25 -3.38
N ILE A 81 -11.14 -5.08 -2.05
CA ILE A 81 -10.76 -3.77 -1.51
C ILE A 81 -9.30 -3.46 -1.84
N ALA A 82 -8.41 -4.45 -1.70
CA ALA A 82 -6.99 -4.17 -1.83
C ALA A 82 -6.63 -3.69 -3.22
N ASP A 83 -7.29 -4.23 -4.26
CA ASP A 83 -6.85 -3.80 -5.59
C ASP A 83 -7.42 -2.43 -5.96
N VAL A 84 -8.39 -1.89 -5.23
CA VAL A 84 -8.81 -0.53 -5.52
C VAL A 84 -8.02 0.49 -4.71
N VAL A 85 -7.43 0.09 -3.57
CA VAL A 85 -6.54 0.97 -2.80
C VAL A 85 -5.25 1.26 -3.58
N ARG A 86 -4.76 0.27 -4.33
CA ARG A 86 -3.61 0.50 -5.17
C ARG A 86 -3.97 1.35 -6.36
N GLY A 87 -5.24 1.33 -6.79
CA GLY A 87 -5.74 2.24 -7.80
C GLY A 87 -5.57 3.69 -7.43
N GLY A 88 -5.42 3.99 -6.15
CA GLY A 88 -5.28 5.33 -5.65
C GLY A 88 -6.48 5.88 -4.94
N VAL A 89 -7.50 5.06 -4.67
CA VAL A 89 -8.76 5.49 -4.06
C VAL A 89 -8.61 5.53 -2.56
N GLN A 90 -9.18 6.55 -1.95
CA GLN A 90 -9.24 6.59 -0.51
C GLN A 90 -10.56 5.93 -0.14
N ILE A 91 -10.49 4.95 0.75
CA ILE A 91 -11.64 4.09 1.01
C ILE A 91 -11.77 3.88 2.51
N ALA A 92 -12.95 4.16 3.03
CA ALA A 92 -13.28 3.92 4.41
C ALA A 92 -14.41 2.91 4.43
N VAL A 93 -14.39 1.99 5.38
CA VAL A 93 -15.31 0.86 5.38
C VAL A 93 -16.12 0.89 6.66
N VAL A 94 -17.42 0.66 6.54
CA VAL A 94 -18.33 0.58 7.68
C VAL A 94 -18.82 -0.86 7.76
N ILE A 95 -18.64 -1.49 8.91
CA ILE A 95 -18.82 -2.92 9.07
C ILE A 95 -20.16 -3.24 9.73
N GLY A 96 -20.97 -4.06 9.06
CA GLY A 96 -22.26 -4.45 9.57
C GLY A 96 -22.14 -5.67 10.47
N GLY A 97 -23.29 -6.14 10.96
CA GLY A 97 -23.21 -7.18 11.97
C GLY A 97 -24.23 -8.31 12.02
N GLY A 98 -24.98 -8.54 10.94
CA GLY A 98 -26.08 -9.50 10.96
C GLY A 98 -25.67 -10.95 11.12
N ASN A 99 -24.40 -11.27 10.89
CA ASN A 99 -23.93 -12.63 11.05
C ASN A 99 -23.75 -12.99 12.51
N PHE A 100 -23.99 -12.05 13.39
CA PHE A 100 -24.02 -12.31 14.81
C PHE A 100 -25.38 -11.92 15.39
N PHE A 101 -25.51 -10.63 15.73
CA PHE A 101 -26.72 -10.12 16.38
C PHE A 101 -27.28 -8.88 15.69
N ARG A 102 -28.61 -8.79 15.68
CA ARG A 102 -29.34 -7.61 15.24
C ARG A 102 -30.28 -7.22 16.36
N GLY A 103 -30.22 -5.94 16.76
CA GLY A 103 -30.94 -5.52 17.95
C GLY A 103 -32.42 -5.85 17.90
N ALA A 104 -33.08 -5.53 16.80
CA ALA A 104 -34.53 -5.70 16.73
C ALA A 104 -34.94 -7.16 16.78
N GLN A 105 -34.06 -8.07 16.33
CA GLN A 105 -34.42 -9.49 16.29
C GLN A 105 -34.30 -10.14 17.67
N LEU A 106 -33.26 -9.79 18.42
CA LEU A 106 -33.23 -10.24 19.82
C LEU A 106 -34.35 -9.62 20.62
N GLN A 107 -34.74 -8.38 20.30
CA GLN A 107 -35.86 -7.75 20.99
C GLN A 107 -37.11 -8.59 20.84
N GLN A 108 -37.32 -9.18 19.65
CA GLN A 108 -38.51 -9.98 19.41
C GLN A 108 -38.52 -11.27 20.22
N LEU A 109 -37.36 -11.69 20.74
CA LEU A 109 -37.22 -12.88 21.57
C LEU A 109 -37.25 -12.56 23.06
N GLY A 110 -37.64 -11.33 23.43
CA GLY A 110 -37.80 -10.93 24.81
C GLY A 110 -36.70 -10.04 25.32
N MET A 111 -35.48 -10.18 24.80
CA MET A 111 -34.35 -9.41 25.29
C MET A 111 -34.58 -7.91 25.17
N GLU A 112 -33.82 -7.15 25.96
CA GLU A 112 -33.93 -5.71 25.90
C GLU A 112 -33.25 -5.22 24.64
N ARG A 113 -33.90 -4.28 23.95
CA ARG A 113 -33.31 -3.75 22.72
C ARG A 113 -31.98 -3.07 22.99
N THR A 114 -31.95 -2.15 23.96
CA THR A 114 -30.75 -1.37 24.22
C THR A 114 -29.52 -2.24 24.42
N ARG A 115 -29.64 -3.26 25.28
CA ARG A 115 -28.54 -4.19 25.49
C ARG A 115 -28.24 -4.99 24.24
N SER A 116 -29.27 -5.44 23.52
CA SER A 116 -29.05 -6.22 22.29
C SER A 116 -28.29 -5.44 21.24
N ASP A 117 -28.69 -4.18 21.01
CA ASP A 117 -27.98 -3.25 20.14
C ASP A 117 -26.48 -3.17 20.46
N TYR A 118 -26.13 -3.21 21.74
CA TYR A 118 -24.72 -3.22 22.09
C TYR A 118 -24.08 -4.55 21.76
N MET A 119 -24.74 -5.66 22.09
CA MET A 119 -24.30 -6.96 21.61
C MET A 119 -23.98 -6.91 20.13
N GLY A 120 -24.95 -6.44 19.34
CA GLY A 120 -24.77 -6.34 17.91
C GLY A 120 -23.64 -5.44 17.47
N MET A 121 -23.38 -4.36 18.22
CA MET A 121 -22.25 -3.49 17.91
C MET A 121 -20.93 -4.18 18.12
N LEU A 122 -20.79 -4.95 19.21
CA LEU A 122 -19.53 -5.67 19.43
C LEU A 122 -19.33 -6.73 18.35
N GLY A 123 -20.43 -7.21 17.76
CA GLY A 123 -20.32 -8.11 16.63
C GLY A 123 -19.61 -7.48 15.45
N THR A 124 -19.83 -6.17 15.24
CA THR A 124 -19.22 -5.47 14.12
C THR A 124 -17.72 -5.32 14.31
N VAL A 125 -17.27 -5.20 15.57
CA VAL A 125 -15.85 -5.09 15.85
C VAL A 125 -15.15 -6.40 15.56
N MET A 126 -15.73 -7.51 16.02
CA MET A 126 -15.29 -8.84 15.61
C MET A 126 -15.08 -8.92 14.09
N ASN A 127 -16.08 -8.50 13.31
CA ASN A 127 -15.90 -8.43 11.86
C ASN A 127 -14.82 -7.45 11.46
N SER A 128 -14.74 -6.30 12.14
CA SER A 128 -13.76 -5.30 11.76
C SER A 128 -12.35 -5.84 11.91
N LEU A 129 -12.10 -6.64 12.96
CA LEU A 129 -10.76 -7.19 13.15
C LEU A 129 -10.44 -8.25 12.09
N ALA A 130 -11.42 -9.08 11.74
CA ALA A 130 -11.24 -10.04 10.65
C ALA A 130 -10.85 -9.34 9.36
N LEU A 131 -11.63 -8.34 8.96
CA LEU A 131 -11.33 -7.63 7.72
C LEU A 131 -9.97 -6.96 7.80
N GLN A 132 -9.63 -6.41 8.97
CA GLN A 132 -8.28 -5.88 9.14
C GLN A 132 -7.25 -6.95 8.89
N ASP A 133 -7.48 -8.14 9.45
CA ASP A 133 -6.50 -9.21 9.34
C ASP A 133 -6.33 -9.63 7.90
N PHE A 134 -7.43 -9.91 7.21
CA PHE A 134 -7.29 -10.37 5.84
C PHE A 134 -6.67 -9.30 4.96
N LEU A 135 -6.97 -8.02 5.21
CA LEU A 135 -6.37 -6.96 4.39
C LEU A 135 -4.90 -6.80 4.69
N GLU A 136 -4.49 -7.04 5.93
CA GLU A 136 -3.07 -6.94 6.24
C GLU A 136 -2.29 -8.03 5.55
N LYS A 137 -2.84 -9.26 5.50
CA LYS A 137 -2.21 -10.33 4.75
C LYS A 137 -2.21 -10.06 3.24
N GLU A 138 -2.99 -9.08 2.75
CA GLU A 138 -2.81 -8.55 1.42
C GLU A 138 -1.82 -7.38 1.38
N GLY A 139 -1.14 -7.11 2.48
CA GLY A 139 -0.22 -6.00 2.55
C GLY A 139 -0.90 -4.66 2.33
N ILE A 140 -1.93 -4.36 3.12
CA ILE A 140 -2.66 -3.11 3.01
C ILE A 140 -2.70 -2.47 4.38
N VAL A 141 -2.17 -1.25 4.50
CA VAL A 141 -2.16 -0.60 5.81
C VAL A 141 -3.60 -0.29 6.22
N THR A 142 -4.02 -0.81 7.37
CA THR A 142 -5.36 -0.52 7.87
C THR A 142 -5.27 0.17 9.21
N ARG A 143 -6.37 0.82 9.56
CA ARG A 143 -6.55 1.46 10.85
C ARG A 143 -8.00 1.26 11.23
N VAL A 144 -8.25 0.61 12.36
CA VAL A 144 -9.62 0.41 12.82
C VAL A 144 -9.94 1.42 13.92
N GLN A 145 -11.04 2.15 13.75
CA GLN A 145 -11.54 3.08 14.74
C GLN A 145 -12.91 2.60 15.18
N THR A 146 -13.13 2.53 16.47
CA THR A 146 -14.33 1.89 16.99
C THR A 146 -15.16 2.93 17.74
N ALA A 147 -16.46 2.93 17.46
CA ALA A 147 -17.34 3.96 17.99
C ALA A 147 -17.38 3.91 19.51
N ILE A 148 -17.58 2.72 20.08
CA ILE A 148 -17.52 2.46 21.52
C ILE A 148 -16.06 2.23 21.87
N THR A 149 -15.49 3.14 22.66
CA THR A 149 -14.04 3.15 22.76
C THR A 149 -13.58 2.04 23.69
N MET A 150 -12.62 1.24 23.19
CA MET A 150 -11.95 0.21 24.00
C MET A 150 -10.45 0.40 24.13
N GLY A 151 -9.88 1.44 23.51
CA GLY A 151 -8.46 1.72 23.65
C GLY A 151 -7.52 0.67 23.08
N GLN A 152 -7.40 -0.48 23.74
CA GLN A 152 -6.35 -1.41 23.37
C GLN A 152 -6.79 -2.39 22.30
N VAL A 153 -8.09 -2.47 22.02
CA VAL A 153 -8.57 -3.27 20.90
C VAL A 153 -8.52 -2.49 19.59
N ALA A 154 -8.62 -1.17 19.64
CA ALA A 154 -8.62 -0.32 18.47
C ALA A 154 -8.62 1.13 18.94
N GLU A 155 -8.46 2.02 18.03
CA GLU A 155 -8.39 3.42 18.39
C GLU A 155 -9.80 4.02 18.49
N PRO A 156 -10.05 5.05 19.32
CA PRO A 156 -11.40 5.61 19.38
C PRO A 156 -11.77 6.29 18.09
N TYR A 157 -12.99 6.81 17.99
CA TYR A 157 -13.42 7.50 16.78
C TYR A 157 -12.81 8.89 16.79
N LEU A 158 -11.91 9.15 15.85
CA LEU A 158 -11.27 10.46 15.69
C LEU A 158 -11.37 10.80 14.20
N PRO A 159 -12.34 11.61 13.80
CA PRO A 159 -12.63 11.72 12.35
C PRO A 159 -11.57 12.48 11.58
N LEU A 160 -11.01 13.54 12.16
CA LEU A 160 -9.92 14.26 11.53
C LEU A 160 -8.78 13.32 11.21
N ARG A 161 -8.53 12.37 12.10
CA ARG A 161 -7.46 11.44 11.86
C ARG A 161 -7.86 10.34 10.88
N ALA A 162 -9.15 10.07 10.72
CA ALA A 162 -9.54 9.09 9.72
C ALA A 162 -9.30 9.62 8.32
N VAL A 163 -9.57 10.89 8.06
CA VAL A 163 -9.29 11.38 6.72
C VAL A 163 -7.80 11.49 6.50
N ARG A 164 -7.01 11.66 7.56
CA ARG A 164 -5.58 11.74 7.38
C ARG A 164 -4.96 10.37 7.12
N HIS A 165 -5.54 9.32 7.68
CA HIS A 165 -5.15 7.97 7.30
C HIS A 165 -5.41 7.74 5.83
N LEU A 166 -6.60 8.14 5.36
CA LEU A 166 -6.96 7.95 3.96
C LEU A 166 -5.97 8.65 3.03
N GLU A 167 -5.62 9.90 3.38
CA GLU A 167 -4.61 10.69 2.67
C GLU A 167 -3.22 10.05 2.70
N LYS A 168 -2.93 9.31 3.76
CA LYS A 168 -1.70 8.56 3.80
C LYS A 168 -1.79 7.26 3.00
N GLY A 169 -2.93 7.01 2.34
CA GLY A 169 -3.17 5.78 1.59
C GLY A 169 -3.60 4.58 2.40
N ARG A 170 -4.20 4.78 3.57
CA ARG A 170 -4.56 3.70 4.47
C ARG A 170 -6.06 3.42 4.37
N VAL A 171 -6.46 2.27 4.88
CA VAL A 171 -7.86 1.91 4.84
C VAL A 171 -8.36 2.07 6.26
N VAL A 172 -9.34 2.96 6.44
CA VAL A 172 -9.93 3.17 7.76
C VAL A 172 -11.13 2.26 7.89
N ILE A 173 -11.18 1.49 8.97
CA ILE A 173 -12.30 0.59 9.24
C ILE A 173 -13.11 1.13 10.39
N PHE A 174 -14.44 1.26 10.21
CA PHE A 174 -15.32 1.90 11.20
C PHE A 174 -16.12 0.83 11.93
N GLY A 175 -15.66 0.49 13.11
CA GLY A 175 -16.31 -0.51 13.91
C GLY A 175 -17.28 0.10 14.90
N ALA A 176 -18.13 -0.77 15.47
CA ALA A 176 -19.14 -0.45 16.46
C ALA A 176 -20.25 0.46 15.96
N GLY A 177 -20.41 0.61 14.64
CA GLY A 177 -21.49 1.46 14.15
C GLY A 177 -21.25 2.89 14.60
N MET A 178 -22.30 3.54 15.11
CA MET A 178 -22.15 4.89 15.66
C MET A 178 -21.92 4.90 17.15
N GLY A 179 -22.02 3.75 17.81
CA GLY A 179 -21.88 3.66 19.24
C GLY A 179 -23.18 3.77 20.01
N LEU A 180 -24.28 4.12 19.37
CA LEU A 180 -25.50 4.38 20.11
C LEU A 180 -26.57 3.34 19.78
N PRO A 181 -27.30 2.84 20.77
CA PRO A 181 -28.46 1.99 20.46
C PRO A 181 -29.51 2.73 19.66
N TYR A 182 -30.31 1.94 18.92
CA TYR A 182 -31.45 2.35 18.09
C TYR A 182 -31.01 2.95 16.76
N PHE A 183 -29.84 2.57 16.26
CA PHE A 183 -29.39 2.97 14.94
C PHE A 183 -28.94 1.74 14.16
N SER A 184 -28.74 1.93 12.85
CA SER A 184 -28.28 0.86 11.97
C SER A 184 -26.90 1.18 11.46
N THR A 185 -26.28 0.19 10.84
CA THR A 185 -25.00 0.51 10.22
C THR A 185 -25.21 1.12 8.84
N ASP A 186 -26.38 0.92 8.24
CA ASP A 186 -26.70 1.70 7.06
C ASP A 186 -26.71 3.19 7.37
N THR A 187 -27.28 3.60 8.52
CA THR A 187 -27.21 5.01 8.91
C THR A 187 -25.80 5.39 9.29
N THR A 188 -25.04 4.46 9.87
CA THR A 188 -23.65 4.77 10.21
C THR A 188 -22.82 5.10 8.97
N ALA A 189 -23.06 4.38 7.88
CA ALA A 189 -22.31 4.69 6.66
C ALA A 189 -22.70 6.06 6.13
N ALA A 190 -24.00 6.33 6.06
CA ALA A 190 -24.47 7.65 5.63
C ALA A 190 -23.90 8.76 6.50
N GLN A 191 -23.73 8.51 7.79
CA GLN A 191 -23.16 9.51 8.68
C GLN A 191 -21.65 9.58 8.52
N ARG A 192 -20.97 8.43 8.55
CA ARG A 192 -19.51 8.46 8.44
C ARG A 192 -19.07 9.01 7.10
N ALA A 193 -19.89 8.83 6.06
CA ALA A 193 -19.53 9.29 4.72
C ALA A 193 -19.63 10.79 4.62
N LEU A 194 -20.67 11.38 5.20
CA LEU A 194 -20.80 12.83 5.18
C LEU A 194 -19.67 13.49 5.95
N GLU A 195 -19.31 12.96 7.13
CA GLU A 195 -18.30 13.63 7.96
C GLU A 195 -16.87 13.46 7.43
N ILE A 196 -16.50 12.27 6.93
CA ILE A 196 -15.17 12.12 6.37
C ILE A 196 -15.06 12.66 4.96
N GLY A 197 -16.15 13.15 4.37
CA GLY A 197 -16.06 13.80 3.08
C GLY A 197 -16.08 12.90 1.86
N ALA A 198 -16.69 11.73 1.96
CA ALA A 198 -16.62 10.80 0.86
C ALA A 198 -17.56 11.22 -0.25
N ASP A 199 -17.22 10.82 -1.49
CA ASP A 199 -17.96 11.26 -2.68
C ASP A 199 -19.24 10.47 -2.91
N VAL A 200 -19.39 9.30 -2.30
CA VAL A 200 -20.53 8.42 -2.54
C VAL A 200 -20.53 7.32 -1.50
N VAL A 201 -21.66 6.66 -1.31
CA VAL A 201 -21.77 5.49 -0.44
C VAL A 201 -21.92 4.26 -1.32
N LEU A 202 -21.09 3.24 -1.07
CA LEU A 202 -21.06 2.04 -1.89
C LEU A 202 -21.76 0.91 -1.14
N MET A 203 -23.04 0.73 -1.40
CA MET A 203 -23.81 -0.30 -0.71
C MET A 203 -23.48 -1.64 -1.38
N ALA A 204 -22.53 -2.37 -0.81
CA ALA A 204 -22.03 -3.61 -1.41
C ALA A 204 -22.97 -4.74 -1.08
N LYS A 205 -23.66 -5.24 -2.07
CA LYS A 205 -24.61 -6.31 -1.90
C LYS A 205 -24.06 -7.57 -2.55
N ALA A 206 -24.78 -8.68 -2.39
CA ALA A 206 -24.46 -9.89 -3.12
C ALA A 206 -25.26 -10.03 -4.41
N VAL A 207 -26.15 -9.11 -4.72
CA VAL A 207 -26.92 -9.11 -5.96
C VAL A 207 -26.47 -7.93 -6.80
N ASP A 208 -26.82 -7.97 -8.10
CA ASP A 208 -26.25 -7.05 -9.08
C ASP A 208 -26.51 -5.59 -8.70
N GLY A 209 -27.71 -5.27 -8.24
CA GLY A 209 -28.06 -3.93 -7.82
C GLY A 209 -29.48 -3.86 -7.32
N VAL A 210 -30.16 -2.73 -7.50
CA VAL A 210 -31.58 -2.62 -7.15
C VAL A 210 -32.42 -3.02 -8.34
N PHE A 211 -33.39 -3.90 -8.10
CA PHE A 211 -34.26 -4.37 -9.16
C PHE A 211 -35.61 -3.66 -9.07
N ALA A 212 -36.55 -4.05 -9.94
CA ALA A 212 -37.90 -3.53 -9.90
C ALA A 212 -38.92 -4.58 -9.45
N GLU A 213 -38.47 -5.58 -8.67
CA GLU A 213 -39.32 -6.56 -7.97
C GLU A 213 -38.45 -7.55 -7.18
N ALA A 221 -37.05 -10.20 -14.15
CA ALA A 221 -35.88 -9.39 -14.51
C ALA A 221 -35.92 -7.95 -13.96
N GLU A 222 -35.46 -7.02 -14.80
CA GLU A 222 -35.58 -5.56 -14.67
C GLU A 222 -34.73 -4.99 -13.53
N LEU A 223 -33.47 -4.72 -13.86
CA LEU A 223 -32.53 -4.03 -12.98
C LEU A 223 -32.40 -2.58 -13.44
N LEU A 224 -32.32 -1.67 -12.48
CA LEU A 224 -32.40 -0.24 -12.76
C LEU A 224 -31.00 0.36 -12.68
N THR A 225 -30.61 1.07 -13.72
CA THR A 225 -29.23 1.53 -13.82
C THR A 225 -28.98 2.89 -13.15
N ALA A 226 -30.03 3.70 -12.95
CA ALA A 226 -29.84 5.05 -12.39
C ALA A 226 -31.15 5.74 -12.00
N VAL A 227 -31.43 5.77 -10.70
CA VAL A 227 -32.64 6.36 -10.13
C VAL A 227 -32.25 7.65 -9.45
N SER A 228 -33.21 8.54 -9.33
CA SER A 228 -33.05 9.73 -8.50
C SER A 228 -33.51 9.42 -7.09
N HIS A 229 -33.09 10.26 -6.15
CA HIS A 229 -33.41 10.03 -4.74
C HIS A 229 -34.90 10.02 -4.50
N ARG A 230 -35.58 11.08 -4.96
CA ARG A 230 -37.02 11.19 -4.77
C ARG A 230 -37.74 9.98 -5.36
N GLU A 231 -37.25 9.45 -6.49
CA GLU A 231 -37.91 8.35 -7.21
C GLU A 231 -37.82 7.00 -6.50
N VAL A 232 -36.79 6.77 -5.69
CA VAL A 232 -36.69 5.55 -4.89
C VAL A 232 -37.84 5.48 -3.90
N LEU A 233 -38.06 6.57 -3.16
CA LEU A 233 -39.19 6.67 -2.24
C LEU A 233 -40.53 6.57 -2.97
N ASP A 234 -40.61 7.14 -4.18
CA ASP A 234 -41.88 7.14 -4.91
C ASP A 234 -42.20 5.77 -5.49
N ARG A 235 -41.18 5.01 -5.90
CA ARG A 235 -41.38 3.66 -6.41
C ARG A 235 -41.34 2.60 -5.33
N GLY A 236 -40.97 2.97 -4.11
CA GLY A 236 -40.76 2.01 -3.06
C GLY A 236 -39.70 1.00 -3.44
N LEU A 237 -38.51 1.46 -3.78
CA LEU A 237 -37.38 0.57 -3.98
C LEU A 237 -36.59 0.47 -2.67
N ARG A 238 -35.95 -0.66 -2.45
CA ARG A 238 -35.23 -0.80 -1.22
C ARG A 238 -33.77 -0.70 -1.44
N VAL A 239 -33.27 0.46 -1.15
CA VAL A 239 -31.87 0.76 -1.30
C VAL A 239 -31.09 0.49 -0.03
N ALA A 240 -31.41 1.20 1.02
CA ALA A 240 -30.71 1.04 2.27
C ALA A 240 -31.70 0.98 3.39
N ASP A 241 -31.50 1.81 4.41
CA ASP A 241 -32.41 1.95 5.54
C ASP A 241 -33.37 3.05 5.20
N ALA A 242 -34.29 3.35 6.07
CA ALA A 242 -35.22 4.42 5.81
C ALA A 242 -34.59 5.67 6.25
N THR A 243 -34.01 5.60 7.42
CA THR A 243 -33.34 6.67 8.06
C THR A 243 -31.99 6.83 7.49
N ALA A 244 -31.41 5.81 6.93
CA ALA A 244 -30.12 5.99 6.28
C ALA A 244 -30.26 6.70 4.95
N PHE A 245 -31.37 6.47 4.27
CA PHE A 245 -31.61 7.07 2.97
C PHE A 245 -31.96 8.53 3.14
N SER A 246 -32.85 8.83 4.08
CA SER A 246 -33.14 10.23 4.38
C SER A 246 -31.87 11.01 4.64
N LEU A 247 -31.01 10.50 5.53
CA LEU A 247 -29.76 11.21 5.81
C LEU A 247 -28.94 11.45 4.54
N CYS A 248 -28.97 10.48 3.61
CA CYS A 248 -28.33 10.63 2.31
C CYS A 248 -29.10 11.57 1.42
N MET A 249 -30.40 11.32 1.25
CA MET A 249 -31.20 12.15 0.36
C MET A 249 -31.12 13.62 0.75
N ASP A 250 -31.18 13.91 2.05
CA ASP A 250 -31.27 15.27 2.53
C ASP A 250 -29.97 16.03 2.41
N ASN A 251 -28.83 15.35 2.27
CA ASN A 251 -27.57 16.05 2.05
C ASN A 251 -26.98 15.84 0.66
N GLY A 252 -27.74 15.21 -0.24
CA GLY A 252 -27.28 15.00 -1.60
C GLY A 252 -26.12 14.05 -1.70
N MET A 253 -26.11 13.02 -0.86
CA MET A 253 -25.06 12.01 -0.90
C MET A 253 -25.47 10.87 -1.84
N PRO A 254 -24.75 10.64 -2.92
CA PRO A 254 -25.13 9.55 -3.84
C PRO A 254 -24.98 8.20 -3.18
N ILE A 255 -25.65 7.19 -3.76
CA ILE A 255 -25.56 5.81 -3.30
C ILE A 255 -25.45 4.90 -4.51
N LEU A 256 -24.36 4.14 -4.61
CA LEU A 256 -24.21 3.10 -5.62
C LEU A 256 -24.38 1.72 -4.97
N VAL A 257 -25.40 0.99 -5.40
CA VAL A 257 -25.67 -0.37 -4.93
C VAL A 257 -25.11 -1.33 -5.95
N PHE A 258 -24.16 -2.19 -5.55
CA PHE A 258 -23.54 -3.09 -6.52
C PHE A 258 -23.21 -4.45 -5.91
N ASN A 259 -22.92 -5.41 -6.78
CA ASN A 259 -22.53 -6.78 -6.46
C ASN A 259 -21.03 -6.83 -6.20
N LEU A 260 -20.63 -6.72 -4.92
CA LEU A 260 -19.20 -6.70 -4.62
C LEU A 260 -18.52 -8.03 -4.91
N LEU A 261 -19.27 -9.13 -4.93
CA LEU A 261 -18.63 -10.43 -4.99
C LEU A 261 -18.11 -10.78 -6.38
N THR A 262 -18.69 -10.23 -7.44
CA THR A 262 -18.18 -10.55 -8.77
C THR A 262 -16.84 -9.85 -8.97
N ASP A 263 -15.79 -10.64 -9.23
CA ASP A 263 -14.42 -10.13 -9.19
C ASP A 263 -14.26 -8.89 -10.04
N GLY A 264 -13.62 -7.87 -9.47
CA GLY A 264 -13.32 -6.64 -10.18
C GLY A 264 -14.44 -5.63 -10.31
N ASN A 265 -15.59 -5.87 -9.69
CA ASN A 265 -16.70 -4.94 -9.82
C ASN A 265 -16.48 -3.64 -9.06
N ILE A 266 -15.68 -3.63 -8.01
CA ILE A 266 -15.62 -2.38 -7.26
C ILE A 266 -14.63 -1.42 -7.89
N ALA A 267 -13.43 -1.89 -8.25
CA ALA A 267 -12.56 -1.04 -9.05
C ALA A 267 -13.30 -0.58 -10.29
N ARG A 268 -14.22 -1.38 -10.75
CA ARG A 268 -14.98 -0.97 -11.89
C ARG A 268 -15.83 0.13 -11.44
N ALA A 269 -16.46 -0.05 -10.31
CA ALA A 269 -17.40 0.97 -9.86
C ALA A 269 -16.71 2.30 -9.61
N VAL A 270 -15.51 2.24 -9.02
CA VAL A 270 -14.78 3.43 -8.60
C VAL A 270 -14.30 4.23 -9.80
N ARG A 271 -13.92 3.55 -10.90
CA ARG A 271 -13.52 4.25 -12.12
C ARG A 271 -14.65 5.06 -12.73
N GLY A 272 -15.89 4.84 -12.32
CA GLY A 272 -17.00 5.58 -12.84
C GLY A 272 -17.78 4.88 -13.94
N GLU A 273 -17.65 3.56 -14.06
CA GLU A 273 -18.47 2.79 -14.98
C GLU A 273 -19.87 2.61 -14.42
N LYS A 274 -20.81 2.39 -15.33
CA LYS A 274 -22.22 2.25 -14.99
C LYS A 274 -22.48 0.80 -14.66
N ILE A 275 -22.32 0.45 -13.38
CA ILE A 275 -22.64 -0.88 -12.90
C ILE A 275 -23.54 -0.75 -11.69
N GLY A 276 -24.33 -1.79 -11.45
CA GLY A 276 -25.24 -1.75 -10.32
C GLY A 276 -26.33 -0.73 -10.57
N THR A 277 -26.65 0.01 -9.50
CA THR A 277 -27.71 1.01 -9.52
C THR A 277 -27.20 2.24 -8.79
N LEU A 278 -27.22 3.40 -9.45
CA LEU A 278 -26.73 4.65 -8.86
C LEU A 278 -27.90 5.59 -8.55
N VAL A 279 -27.96 6.04 -7.29
CA VAL A 279 -28.99 6.94 -6.79
C VAL A 279 -28.41 8.36 -6.73
N THR A 280 -29.00 9.30 -7.45
CA THR A 280 -28.39 10.62 -7.49
C THR A 280 -29.47 11.69 -7.68
N THR A 281 -29.26 12.84 -7.06
CA THR A 281 -30.02 14.05 -7.36
C THR A 281 -29.06 15.21 -7.55
N SER B 48 -21.50 -30.00 52.18
CA SER B 48 -20.79 -28.72 52.15
C SER B 48 -21.66 -27.52 52.55
N GLY B 49 -21.78 -26.60 51.60
CA GLY B 49 -22.31 -25.28 51.84
C GLY B 49 -21.28 -24.28 51.39
N TYR B 50 -21.29 -23.93 50.10
CA TYR B 50 -20.40 -22.91 49.57
C TYR B 50 -21.10 -21.58 49.67
N SER B 51 -20.38 -20.57 50.15
CA SER B 51 -20.96 -19.26 50.38
C SER B 51 -20.65 -18.27 49.28
N ARG B 52 -19.52 -18.43 48.57
CA ARG B 52 -19.24 -17.61 47.40
C ARG B 52 -18.53 -18.46 46.36
N VAL B 53 -19.04 -18.47 45.13
CA VAL B 53 -18.60 -19.37 44.09
C VAL B 53 -18.28 -18.61 42.81
N LEU B 54 -17.31 -19.11 42.07
CA LEU B 54 -16.97 -18.61 40.74
C LEU B 54 -17.42 -19.67 39.74
N LEU B 55 -18.44 -19.35 38.95
CA LEU B 55 -18.96 -20.28 37.96
C LEU B 55 -18.28 -20.02 36.62
N LYS B 56 -17.69 -21.07 36.05
CA LYS B 56 -17.06 -21.03 34.74
C LYS B 56 -17.94 -21.76 33.75
N LEU B 57 -18.34 -21.08 32.68
CA LEU B 57 -19.07 -21.69 31.58
C LEU B 57 -18.27 -21.55 30.30
N GLY B 58 -18.11 -22.65 29.57
CA GLY B 58 -17.58 -22.56 28.23
C GLY B 58 -18.57 -21.88 27.30
N GLY B 59 -18.05 -21.00 26.45
CA GLY B 59 -18.92 -20.26 25.55
C GLY B 59 -19.78 -21.14 24.68
N GLU B 60 -19.20 -22.24 24.20
CA GLU B 60 -19.93 -23.15 23.33
C GLU B 60 -21.22 -23.65 23.96
N MET B 61 -21.38 -23.48 25.28
CA MET B 61 -22.63 -23.87 25.93
C MET B 61 -23.79 -22.95 25.53
N PHE B 62 -23.56 -21.63 25.46
CA PHE B 62 -24.64 -20.70 25.10
C PHE B 62 -25.08 -20.88 23.65
N GLY B 63 -24.14 -21.15 22.74
CA GLY B 63 -24.46 -21.45 21.35
C GLY B 63 -25.12 -22.79 21.17
N GLY B 64 -24.85 -23.72 22.10
CA GLY B 64 -25.69 -24.85 22.41
C GLY B 64 -26.36 -25.53 21.24
N GLY B 65 -25.60 -26.39 20.55
CA GLY B 65 -26.06 -27.05 19.35
C GLY B 65 -25.37 -26.57 18.09
N GLN B 66 -24.99 -25.29 18.04
CA GLN B 66 -24.38 -24.76 16.84
C GLN B 66 -23.48 -23.58 17.20
N VAL B 67 -23.30 -22.71 16.22
CA VAL B 67 -22.63 -21.45 16.42
C VAL B 67 -23.66 -20.40 16.76
N GLY B 68 -23.18 -19.32 17.40
CA GLY B 68 -24.02 -18.21 17.81
C GLY B 68 -24.56 -18.39 19.23
N LEU B 69 -25.86 -18.15 19.40
CA LEU B 69 -26.44 -18.09 20.72
C LEU B 69 -27.80 -18.74 20.68
N ASP B 70 -28.04 -19.70 21.56
CA ASP B 70 -29.34 -20.35 21.70
C ASP B 70 -30.03 -19.76 22.91
N PRO B 71 -30.85 -18.70 22.75
CA PRO B 71 -31.49 -18.09 23.93
C PRO B 71 -32.19 -19.08 24.82
N ASP B 72 -32.72 -20.15 24.25
CA ASP B 72 -33.38 -21.16 25.08
C ASP B 72 -32.45 -21.75 26.13
N VAL B 73 -31.13 -21.71 25.94
CA VAL B 73 -30.25 -22.30 26.94
C VAL B 73 -29.78 -21.26 27.96
N VAL B 74 -29.34 -20.08 27.50
CA VAL B 74 -28.91 -19.09 28.47
C VAL B 74 -30.07 -18.70 29.37
N ALA B 75 -31.30 -18.75 28.84
CA ALA B 75 -32.48 -18.52 29.65
C ALA B 75 -32.54 -19.46 30.85
N GLN B 76 -32.38 -20.76 30.60
CA GLN B 76 -32.46 -21.66 31.74
C GLN B 76 -31.19 -21.54 32.59
N VAL B 77 -30.07 -21.17 31.99
CA VAL B 77 -28.88 -20.95 32.82
C VAL B 77 -29.13 -19.78 33.76
N ALA B 78 -29.83 -18.75 33.29
CA ALA B 78 -30.08 -17.58 34.13
C ALA B 78 -30.98 -17.93 35.31
N ARG B 79 -32.06 -18.66 35.02
CA ARG B 79 -33.01 -18.99 36.07
C ARG B 79 -32.43 -19.98 37.07
N GLN B 80 -31.48 -20.83 36.66
CA GLN B 80 -30.79 -21.66 37.65
C GLN B 80 -29.89 -20.82 38.55
N ILE B 81 -29.29 -19.78 37.99
CA ILE B 81 -28.42 -18.94 38.79
C ILE B 81 -29.24 -18.09 39.72
N ALA B 82 -30.45 -17.72 39.33
CA ALA B 82 -31.30 -16.96 40.23
C ALA B 82 -31.68 -17.79 41.46
N ASP B 83 -32.09 -19.04 41.28
CA ASP B 83 -32.42 -19.89 42.42
C ASP B 83 -31.30 -19.89 43.45
N VAL B 84 -30.06 -19.89 42.96
CA VAL B 84 -28.89 -19.91 43.84
C VAL B 84 -28.80 -18.61 44.66
N VAL B 85 -28.87 -17.44 44.01
CA VAL B 85 -28.73 -16.19 44.75
C VAL B 85 -29.91 -15.94 45.67
N ARG B 86 -31.14 -16.14 45.16
CA ARG B 86 -32.30 -16.07 46.04
C ARG B 86 -32.23 -17.12 47.14
N GLY B 87 -31.50 -18.21 46.92
CA GLY B 87 -31.14 -19.09 48.01
C GLY B 87 -30.21 -18.46 49.02
N GLY B 88 -29.29 -17.61 48.56
CA GLY B 88 -28.41 -16.91 49.48
C GLY B 88 -26.91 -17.03 49.20
N VAL B 89 -26.57 -17.60 48.06
CA VAL B 89 -25.17 -17.78 47.67
C VAL B 89 -24.74 -16.60 46.83
N GLN B 90 -23.48 -16.18 47.01
CA GLN B 90 -22.87 -15.13 46.21
C GLN B 90 -22.15 -15.79 45.05
N ILE B 91 -22.40 -15.34 43.84
CA ILE B 91 -21.98 -16.04 42.63
C ILE B 91 -21.39 -15.05 41.64
N ALA B 92 -20.18 -15.36 41.16
CA ALA B 92 -19.50 -14.61 40.12
C ALA B 92 -19.29 -15.52 38.94
N VAL B 93 -19.34 -14.96 37.74
CA VAL B 93 -19.44 -15.76 36.52
C VAL B 93 -18.33 -15.34 35.55
N VAL B 94 -17.71 -16.34 34.92
CA VAL B 94 -16.77 -16.14 33.83
C VAL B 94 -17.30 -16.95 32.65
N ILE B 95 -17.30 -16.37 31.46
CA ILE B 95 -17.91 -17.00 30.30
C ILE B 95 -16.89 -16.98 29.18
N GLY B 96 -16.82 -18.05 28.39
CA GLY B 96 -15.91 -18.12 27.27
C GLY B 96 -16.50 -17.57 25.99
N GLY B 97 -15.82 -17.86 24.88
CA GLY B 97 -16.27 -17.34 23.60
C GLY B 97 -16.51 -18.32 22.45
N GLY B 98 -16.24 -19.61 22.68
CA GLY B 98 -16.22 -20.64 21.64
C GLY B 98 -17.46 -20.88 20.77
N ASN B 99 -18.54 -20.18 21.06
CA ASN B 99 -19.77 -20.31 20.31
C ASN B 99 -19.82 -19.38 19.11
N PHE B 100 -19.03 -18.33 19.10
CA PHE B 100 -19.04 -17.40 17.99
C PHE B 100 -18.04 -17.80 16.90
N PHE B 101 -17.40 -18.96 17.05
CA PHE B 101 -16.45 -19.48 16.09
C PHE B 101 -16.75 -20.95 15.83
N ARG B 102 -16.35 -21.40 14.65
CA ARG B 102 -16.42 -22.82 14.31
C ARG B 102 -15.15 -23.48 14.82
N GLY B 103 -15.22 -24.04 16.04
CA GLY B 103 -14.17 -24.87 16.59
C GLY B 103 -12.78 -24.29 16.47
N ALA B 104 -11.96 -24.88 15.61
CA ALA B 104 -10.63 -24.32 15.32
C ALA B 104 -10.67 -23.29 14.19
N GLN B 105 -11.66 -22.39 14.21
CA GLN B 105 -11.90 -21.40 13.14
C GLN B 105 -10.68 -20.52 12.87
N LEU B 106 -10.32 -19.69 13.84
CA LEU B 106 -9.19 -18.77 13.75
C LEU B 106 -7.91 -19.33 14.37
N GLN B 107 -7.94 -20.56 14.87
CA GLN B 107 -6.70 -21.30 15.05
C GLN B 107 -6.05 -21.59 13.69
N GLN B 108 -6.85 -21.97 12.70
CA GLN B 108 -6.35 -22.28 11.36
C GLN B 108 -6.36 -21.08 10.43
N LEU B 109 -7.31 -20.15 10.64
CA LEU B 109 -7.54 -19.03 9.71
C LEU B 109 -6.29 -18.18 9.49
N GLY B 110 -5.26 -18.36 10.31
CA GLY B 110 -4.02 -17.64 10.15
C GLY B 110 -3.93 -16.34 10.91
N MET B 111 -4.93 -16.02 11.73
CA MET B 111 -5.05 -14.69 12.31
C MET B 111 -3.89 -14.42 13.27
N GLU B 112 -3.52 -13.16 13.38
CA GLU B 112 -2.52 -12.79 14.37
C GLU B 112 -3.08 -13.08 15.75
N ARG B 113 -2.31 -13.77 16.58
CA ARG B 113 -2.91 -14.37 17.77
C ARG B 113 -3.37 -13.30 18.74
N THR B 114 -2.58 -12.22 18.91
CA THR B 114 -3.05 -11.09 19.72
C THR B 114 -4.39 -10.54 19.23
N ARG B 115 -4.54 -10.35 17.92
CA ARG B 115 -5.83 -9.94 17.35
C ARG B 115 -6.88 -11.05 17.47
N SER B 116 -6.44 -12.29 17.34
CA SER B 116 -7.37 -13.41 17.43
C SER B 116 -7.89 -13.55 18.86
N ASP B 117 -7.04 -13.24 19.84
CA ASP B 117 -7.47 -13.30 21.23
C ASP B 117 -8.46 -12.20 21.52
N TYR B 118 -8.23 -11.00 20.98
CA TYR B 118 -9.16 -9.91 21.21
C TYR B 118 -10.51 -10.22 20.62
N MET B 119 -10.56 -10.97 19.54
CA MET B 119 -11.86 -11.37 19.00
C MET B 119 -12.59 -12.28 19.96
N GLY B 120 -11.86 -13.16 20.64
CA GLY B 120 -12.51 -14.02 21.63
C GLY B 120 -13.00 -13.24 22.82
N MET B 121 -12.20 -12.28 23.30
CA MET B 121 -12.64 -11.45 24.41
C MET B 121 -13.91 -10.69 24.06
N LEU B 122 -14.05 -10.24 22.81
CA LEU B 122 -15.29 -9.55 22.46
C LEU B 122 -16.49 -10.46 22.53
N GLY B 123 -16.32 -11.72 22.14
CA GLY B 123 -17.43 -12.66 22.16
C GLY B 123 -17.89 -13.00 23.57
N THR B 124 -16.95 -13.10 24.51
CA THR B 124 -17.32 -13.28 25.91
C THR B 124 -18.17 -12.14 26.41
N VAL B 125 -17.87 -10.92 25.99
CA VAL B 125 -18.68 -9.78 26.42
C VAL B 125 -20.06 -9.85 25.81
N MET B 126 -20.14 -10.26 24.54
CA MET B 126 -21.44 -10.51 23.93
C MET B 126 -22.19 -11.58 24.69
N ASN B 127 -21.50 -12.64 25.08
CA ASN B 127 -22.10 -13.67 25.91
C ASN B 127 -22.47 -13.10 27.28
N SER B 128 -21.62 -12.26 27.83
CA SER B 128 -21.91 -11.67 29.14
C SER B 128 -23.16 -10.80 29.10
N LEU B 129 -23.32 -9.95 28.09
CA LEU B 129 -24.50 -9.08 28.05
C LEU B 129 -25.77 -9.92 27.94
N ALA B 130 -25.73 -10.98 27.13
CA ALA B 130 -26.90 -11.81 26.96
C ALA B 130 -27.30 -12.46 28.27
N LEU B 131 -26.32 -12.85 29.09
CA LEU B 131 -26.64 -13.38 30.41
C LEU B 131 -27.21 -12.30 31.31
N GLN B 132 -26.58 -11.12 31.30
CA GLN B 132 -27.09 -10.00 32.09
C GLN B 132 -28.55 -9.79 31.83
N ASP B 133 -28.97 -9.96 30.58
CA ASP B 133 -30.34 -9.64 30.22
C ASP B 133 -31.34 -10.68 30.76
N PHE B 134 -31.05 -11.96 30.63
CA PHE B 134 -32.01 -12.93 31.12
C PHE B 134 -32.00 -13.01 32.64
N LEU B 135 -30.81 -12.93 33.26
CA LEU B 135 -30.74 -12.83 34.72
C LEU B 135 -31.53 -11.65 35.26
N GLU B 136 -31.61 -10.55 34.51
CA GLU B 136 -32.40 -9.42 34.97
C GLU B 136 -33.89 -9.70 34.82
N LYS B 137 -34.30 -10.28 33.68
CA LYS B 137 -35.67 -10.77 33.56
C LYS B 137 -35.98 -11.79 34.66
N GLU B 138 -34.97 -12.50 35.16
CA GLU B 138 -35.10 -13.35 36.33
C GLU B 138 -35.18 -12.56 37.63
N GLY B 139 -35.07 -11.23 37.57
CA GLY B 139 -35.16 -10.37 38.73
C GLY B 139 -33.91 -10.34 39.60
N ILE B 140 -32.73 -10.33 38.99
CA ILE B 140 -31.47 -10.42 39.70
C ILE B 140 -30.65 -9.21 39.31
N VAL B 141 -30.24 -8.42 40.29
CA VAL B 141 -29.30 -7.34 39.99
C VAL B 141 -28.01 -7.96 39.49
N THR B 142 -27.47 -7.39 38.42
CA THR B 142 -26.20 -7.89 37.87
C THR B 142 -25.27 -6.73 37.59
N ARG B 143 -24.00 -7.07 37.42
CA ARG B 143 -22.96 -6.10 37.13
C ARG B 143 -21.97 -6.77 36.22
N VAL B 144 -21.73 -6.21 35.04
CA VAL B 144 -20.76 -6.75 34.09
C VAL B 144 -19.44 -6.02 34.25
N GLN B 145 -18.39 -6.75 34.59
CA GLN B 145 -17.05 -6.19 34.65
C GLN B 145 -16.21 -6.77 33.51
N THR B 146 -15.48 -5.90 32.83
CA THR B 146 -14.72 -6.26 31.64
C THR B 146 -13.26 -6.00 31.91
N ALA B 147 -12.40 -6.90 31.41
CA ALA B 147 -10.98 -6.77 31.67
C ALA B 147 -10.39 -5.59 30.90
N ILE B 148 -10.78 -5.41 29.65
CA ILE B 148 -10.45 -4.20 28.91
C ILE B 148 -11.55 -3.17 29.11
N THR B 149 -11.15 -1.94 29.45
CA THR B 149 -12.09 -0.89 29.77
C THR B 149 -12.96 -0.53 28.58
N MET B 150 -14.27 -0.58 28.77
CA MET B 150 -15.27 -0.39 27.74
C MET B 150 -16.38 0.46 28.34
N GLY B 151 -16.01 1.64 28.83
CA GLY B 151 -16.87 2.39 29.73
C GLY B 151 -18.34 2.43 29.37
N GLN B 152 -18.60 2.56 28.07
CA GLN B 152 -19.97 2.75 27.62
C GLN B 152 -20.76 1.45 27.72
N VAL B 153 -20.09 0.30 27.68
CA VAL B 153 -20.77 -0.98 27.56
C VAL B 153 -20.92 -1.64 28.91
N ALA B 154 -19.91 -1.51 29.76
CA ALA B 154 -19.93 -2.14 31.07
C ALA B 154 -18.98 -1.36 31.97
N GLU B 155 -18.59 -1.97 33.11
CA GLU B 155 -17.69 -1.28 34.03
C GLU B 155 -16.32 -1.96 34.03
N PRO B 156 -15.25 -1.23 34.38
CA PRO B 156 -13.91 -1.83 34.34
C PRO B 156 -13.74 -2.90 35.40
N TYR B 157 -12.60 -3.57 35.41
CA TYR B 157 -12.36 -4.64 36.36
C TYR B 157 -11.71 -4.06 37.61
N LEU B 158 -12.43 -4.07 38.71
CA LEU B 158 -11.87 -3.70 40.00
C LEU B 158 -12.32 -4.81 40.95
N PRO B 159 -11.41 -5.58 41.51
CA PRO B 159 -11.89 -6.74 42.30
C PRO B 159 -12.45 -6.32 43.64
N LEU B 160 -11.96 -5.22 44.22
CA LEU B 160 -12.48 -4.76 45.51
C LEU B 160 -13.93 -4.30 45.38
N ARG B 161 -14.27 -3.69 44.25
CA ARG B 161 -15.67 -3.38 43.96
C ARG B 161 -16.44 -4.63 43.59
N ALA B 162 -15.76 -5.64 43.08
CA ALA B 162 -16.46 -6.84 42.63
C ALA B 162 -17.03 -7.62 43.80
N VAL B 163 -16.30 -7.70 44.92
CA VAL B 163 -16.90 -8.32 46.09
C VAL B 163 -17.92 -7.39 46.73
N ARG B 164 -17.74 -6.07 46.61
CA ARG B 164 -18.74 -5.14 47.11
C ARG B 164 -20.09 -5.35 46.43
N HIS B 165 -20.10 -5.82 45.19
CA HIS B 165 -21.35 -6.15 44.51
C HIS B 165 -21.98 -7.41 45.06
N LEU B 166 -21.18 -8.47 45.21
CA LEU B 166 -21.71 -9.74 45.70
C LEU B 166 -22.25 -9.61 47.13
N GLU B 167 -21.57 -8.82 47.96
CA GLU B 167 -22.07 -8.57 49.30
C GLU B 167 -23.45 -7.94 49.26
N LYS B 168 -23.77 -7.20 48.21
CA LYS B 168 -25.05 -6.51 48.11
C LYS B 168 -26.09 -7.32 47.38
N GLY B 169 -25.88 -8.63 47.22
CA GLY B 169 -26.86 -9.51 46.61
C GLY B 169 -26.89 -9.52 45.11
N ARG B 170 -25.87 -8.93 44.46
CA ARG B 170 -25.77 -8.85 43.02
C ARG B 170 -24.87 -9.93 42.48
N VAL B 171 -25.08 -10.26 41.21
CA VAL B 171 -24.21 -11.18 40.50
C VAL B 171 -23.24 -10.34 39.68
N VAL B 172 -21.97 -10.69 39.71
CA VAL B 172 -20.99 -10.01 38.89
C VAL B 172 -20.50 -10.95 37.79
N ILE B 173 -20.40 -10.42 36.58
CA ILE B 173 -20.06 -11.19 35.39
C ILE B 173 -18.72 -10.68 34.85
N PHE B 174 -17.77 -11.60 34.67
CA PHE B 174 -16.43 -11.25 34.23
C PHE B 174 -16.27 -11.58 32.74
N GLY B 175 -16.06 -10.55 31.94
CA GLY B 175 -15.67 -10.75 30.56
C GLY B 175 -14.17 -10.82 30.41
N ALA B 176 -13.74 -10.93 29.16
CA ALA B 176 -12.36 -10.75 28.70
C ALA B 176 -11.36 -11.50 29.59
N GLY B 177 -10.12 -11.01 29.71
CA GLY B 177 -9.11 -11.66 30.55
C GLY B 177 -7.68 -11.15 30.47
N PRO B 181 -4.29 -10.85 26.34
CA PRO B 181 -3.98 -11.83 25.30
C PRO B 181 -3.08 -12.98 25.80
N TYR B 182 -3.18 -14.12 25.12
CA TYR B 182 -2.38 -15.33 25.34
C TYR B 182 -2.71 -16.05 26.65
N PHE B 183 -3.94 -15.83 27.17
CA PHE B 183 -4.49 -16.63 28.27
C PHE B 183 -5.87 -17.12 27.84
N SER B 184 -6.28 -18.24 28.44
CA SER B 184 -7.58 -18.85 28.22
C SER B 184 -8.58 -18.38 29.27
N THR B 185 -9.88 -18.59 28.99
CA THR B 185 -10.85 -18.22 30.02
C THR B 185 -10.85 -19.20 31.18
N ASP B 186 -10.30 -20.41 31.00
CA ASP B 186 -10.05 -21.25 32.17
C ASP B 186 -9.14 -20.53 33.17
N THR B 187 -8.05 -19.94 32.66
CA THR B 187 -7.09 -19.24 33.52
C THR B 187 -7.73 -18.04 34.20
N THR B 188 -8.57 -17.30 33.49
CA THR B 188 -9.16 -16.12 34.11
C THR B 188 -10.13 -16.52 35.21
N ALA B 189 -10.86 -17.62 35.03
CA ALA B 189 -11.71 -18.11 36.09
C ALA B 189 -10.91 -18.46 37.33
N ALA B 190 -9.69 -18.95 37.15
CA ALA B 190 -8.83 -19.29 38.29
C ALA B 190 -8.43 -18.05 39.04
N GLN B 191 -8.17 -16.98 38.31
CA GLN B 191 -7.56 -15.80 38.87
C GLN B 191 -8.63 -14.92 39.49
N ARG B 192 -9.77 -14.77 38.81
CA ARG B 192 -10.87 -14.03 39.41
C ARG B 192 -11.32 -14.69 40.71
N ALA B 193 -11.46 -16.03 40.69
CA ALA B 193 -11.91 -16.75 41.88
C ALA B 193 -10.97 -16.51 43.06
N LEU B 194 -9.66 -16.49 42.81
CA LEU B 194 -8.72 -16.15 43.88
C LEU B 194 -8.92 -14.72 44.35
N GLU B 195 -9.03 -13.77 43.41
CA GLU B 195 -9.05 -12.37 43.81
C GLU B 195 -10.32 -11.99 44.54
N ILE B 196 -11.43 -12.68 44.30
CA ILE B 196 -12.69 -12.32 44.96
C ILE B 196 -12.97 -13.21 46.15
N GLY B 197 -12.00 -14.01 46.58
CA GLY B 197 -12.19 -14.86 47.74
C GLY B 197 -13.19 -15.98 47.57
N ALA B 198 -13.39 -16.46 46.35
CA ALA B 198 -14.35 -17.54 46.14
C ALA B 198 -13.94 -18.76 46.92
N ASP B 199 -14.93 -19.54 47.34
CA ASP B 199 -14.64 -20.77 48.07
C ASP B 199 -14.30 -21.95 47.15
N VAL B 200 -14.66 -21.87 45.87
CA VAL B 200 -14.60 -23.00 44.94
C VAL B 200 -14.85 -22.51 43.52
N VAL B 201 -14.20 -23.13 42.54
CA VAL B 201 -14.38 -22.81 41.12
C VAL B 201 -15.22 -23.92 40.50
N LEU B 202 -16.39 -23.56 40.01
CA LEU B 202 -17.31 -24.53 39.44
C LEU B 202 -17.12 -24.51 37.93
N MET B 203 -16.45 -25.52 37.40
CA MET B 203 -16.33 -25.68 35.95
C MET B 203 -17.58 -26.36 35.44
N ALA B 204 -18.51 -25.58 34.89
CA ALA B 204 -19.70 -26.18 34.31
C ALA B 204 -19.32 -26.67 32.92
N LYS B 205 -19.37 -27.98 32.73
CA LYS B 205 -19.03 -28.63 31.48
C LYS B 205 -20.18 -29.53 31.04
N ALA B 206 -20.06 -30.09 29.84
CA ALA B 206 -21.08 -30.93 29.22
C ALA B 206 -20.82 -32.43 29.44
N VAL B 207 -20.10 -32.80 30.47
CA VAL B 207 -19.99 -34.19 30.88
C VAL B 207 -20.17 -34.24 32.39
N ASP B 208 -20.58 -35.41 32.89
CA ASP B 208 -21.01 -35.53 34.27
C ASP B 208 -19.88 -35.25 35.27
N GLY B 209 -18.63 -35.40 34.85
CA GLY B 209 -17.50 -35.16 35.74
C GLY B 209 -16.18 -35.53 35.10
N VAL B 210 -15.25 -36.07 35.87
CA VAL B 210 -13.96 -36.52 35.36
C VAL B 210 -13.91 -38.04 35.42
N PHE B 211 -13.63 -38.66 34.29
CA PHE B 211 -13.47 -40.12 34.23
C PHE B 211 -12.02 -40.50 34.48
N ALA B 212 -11.81 -41.75 34.88
CA ALA B 212 -10.45 -42.20 35.13
C ALA B 212 -9.70 -42.43 33.82
N GLU B 213 -10.23 -43.33 32.99
CA GLU B 213 -9.81 -43.46 31.59
C GLU B 213 -10.68 -42.54 30.71
N ASP B 214 -10.15 -42.19 29.55
CA ASP B 214 -11.00 -41.58 28.54
C ASP B 214 -10.86 -42.34 27.24
N PRO B 215 -11.95 -42.42 26.44
CA PRO B 215 -12.07 -43.20 25.19
C PRO B 215 -10.86 -43.16 24.24
N ALA B 221 -15.76 -46.24 30.95
CA ALA B 221 -15.06 -46.06 32.22
C ALA B 221 -15.99 -45.59 33.34
N GLU B 222 -15.40 -45.15 34.45
CA GLU B 222 -16.14 -44.67 35.61
C GLU B 222 -15.74 -43.23 35.93
N LEU B 223 -16.74 -42.34 36.06
CA LEU B 223 -16.51 -40.96 36.50
C LEU B 223 -16.16 -40.93 37.98
N LEU B 224 -15.01 -40.33 38.30
CA LEU B 224 -14.54 -40.25 39.68
C LEU B 224 -15.21 -39.08 40.39
N THR B 225 -15.53 -39.27 41.67
CA THR B 225 -16.21 -38.23 42.43
C THR B 225 -15.29 -37.32 43.25
N ALA B 226 -14.14 -37.79 43.71
CA ALA B 226 -13.27 -36.90 44.48
C ALA B 226 -11.81 -37.22 44.22
N VAL B 227 -11.04 -36.22 43.76
CA VAL B 227 -9.60 -36.36 43.57
C VAL B 227 -8.86 -35.21 44.24
N SER B 228 -7.56 -35.42 44.47
CA SER B 228 -6.64 -34.45 45.03
C SER B 228 -5.94 -33.67 43.92
N HIS B 229 -5.33 -32.54 44.30
CA HIS B 229 -4.71 -31.67 43.30
C HIS B 229 -3.51 -32.34 42.66
N ARG B 230 -2.62 -32.90 43.49
CA ARG B 230 -1.46 -33.65 42.99
C ARG B 230 -1.87 -34.90 42.23
N GLU B 231 -3.11 -35.33 42.35
CA GLU B 231 -3.51 -36.58 41.74
C GLU B 231 -3.87 -36.38 40.28
N VAL B 232 -4.48 -35.23 39.97
CA VAL B 232 -4.83 -34.90 38.59
C VAL B 232 -3.57 -34.73 37.74
N LEU B 233 -2.57 -34.02 38.26
CA LEU B 233 -1.33 -33.84 37.52
C LEU B 233 -0.64 -35.17 37.29
N ASP B 234 -0.80 -36.09 38.23
CA ASP B 234 -0.05 -37.34 38.19
C ASP B 234 -0.75 -38.36 37.30
N ARG B 235 -2.08 -38.41 37.34
CA ARG B 235 -2.83 -39.39 36.55
C ARG B 235 -3.07 -38.91 35.12
N GLY B 236 -2.87 -37.62 34.87
CA GLY B 236 -3.10 -37.05 33.56
C GLY B 236 -4.56 -36.84 33.23
N LEU B 237 -5.29 -36.24 34.15
CA LEU B 237 -6.72 -36.07 34.01
C LEU B 237 -7.05 -34.69 33.48
N ARG B 238 -8.10 -34.63 32.65
CA ARG B 238 -8.51 -33.37 32.01
C ARG B 238 -9.51 -32.66 32.91
N VAL B 239 -9.03 -31.68 33.67
CA VAL B 239 -9.86 -30.88 34.56
C VAL B 239 -10.05 -29.47 34.01
N ALA B 240 -8.94 -28.76 33.75
CA ALA B 240 -8.98 -27.44 33.12
C ALA B 240 -7.64 -27.22 32.43
N ASP B 241 -7.46 -26.02 31.86
CA ASP B 241 -6.16 -25.69 31.28
C ASP B 241 -5.05 -25.86 32.30
N ALA B 242 -3.85 -26.16 31.80
CA ALA B 242 -2.74 -26.45 32.71
C ALA B 242 -2.42 -25.24 33.56
N THR B 243 -2.38 -24.04 32.96
CA THR B 243 -2.08 -22.84 33.76
C THR B 243 -3.21 -22.54 34.72
N ALA B 244 -4.45 -22.69 34.28
CA ALA B 244 -5.56 -22.55 35.20
C ALA B 244 -5.38 -23.48 36.38
N PHE B 245 -5.11 -24.75 36.10
CA PHE B 245 -5.04 -25.74 37.15
C PHE B 245 -3.89 -25.47 38.11
N SER B 246 -2.74 -25.07 37.58
CA SER B 246 -1.63 -24.78 38.48
C SER B 246 -1.95 -23.58 39.36
N LEU B 247 -2.74 -22.64 38.85
CA LEU B 247 -3.11 -21.48 39.67
C LEU B 247 -3.95 -21.91 40.86
N CYS B 248 -4.85 -22.87 40.67
CA CYS B 248 -5.63 -23.34 41.79
C CYS B 248 -4.81 -24.23 42.71
N MET B 249 -4.10 -25.20 42.14
CA MET B 249 -3.39 -26.16 42.98
C MET B 249 -2.28 -25.48 43.79
N ASP B 250 -1.69 -24.42 43.25
CA ASP B 250 -0.66 -23.70 44.00
C ASP B 250 -1.25 -22.78 45.05
N ASN B 251 -2.58 -22.57 45.06
CA ASN B 251 -3.25 -21.71 46.03
C ASN B 251 -4.43 -22.40 46.73
N GLY B 252 -4.47 -23.73 46.75
CA GLY B 252 -5.49 -24.49 47.45
C GLY B 252 -6.89 -24.42 46.86
N MET B 253 -7.11 -23.60 45.84
CA MET B 253 -8.44 -23.29 45.33
C MET B 253 -9.13 -24.56 44.82
N PRO B 254 -10.25 -24.96 45.40
CA PRO B 254 -10.89 -26.21 44.97
C PRO B 254 -11.68 -26.01 43.69
N ILE B 255 -11.77 -27.08 42.90
CA ILE B 255 -12.45 -27.04 41.62
C ILE B 255 -13.50 -28.14 41.58
N LEU B 256 -14.68 -27.81 41.10
CA LEU B 256 -15.79 -28.74 41.02
C LEU B 256 -16.28 -28.83 39.59
N VAL B 257 -16.11 -30.00 38.98
CA VAL B 257 -16.50 -30.24 37.59
C VAL B 257 -17.83 -30.97 37.59
N PHE B 258 -18.82 -30.42 36.88
CA PHE B 258 -20.14 -31.00 36.88
C PHE B 258 -20.79 -30.69 35.53
N ASN B 259 -21.73 -31.55 35.13
CA ASN B 259 -22.49 -31.32 33.91
C ASN B 259 -23.48 -30.19 34.16
N LEU B 260 -23.55 -29.25 33.23
CA LEU B 260 -24.47 -28.12 33.33
C LEU B 260 -25.75 -28.30 32.54
N LEU B 261 -25.73 -29.14 31.49
CA LEU B 261 -26.92 -29.24 30.66
C LEU B 261 -28.09 -29.89 31.39
N THR B 262 -27.83 -30.75 32.40
CA THR B 262 -28.91 -31.26 33.23
C THR B 262 -29.31 -30.23 34.27
N ASP B 263 -30.61 -29.92 34.32
CA ASP B 263 -31.12 -28.82 35.11
C ASP B 263 -30.94 -29.11 36.60
N GLY B 264 -31.00 -28.06 37.41
CA GLY B 264 -30.90 -28.23 38.85
C GLY B 264 -29.53 -28.59 39.35
N ASN B 265 -28.51 -28.59 38.50
CA ASN B 265 -27.21 -29.07 38.94
C ASN B 265 -26.38 -27.96 39.57
N ILE B 266 -26.40 -26.77 38.99
CA ILE B 266 -25.75 -25.63 39.62
C ILE B 266 -26.16 -25.55 41.09
N ALA B 267 -27.46 -25.74 41.36
CA ALA B 267 -27.98 -25.65 42.72
C ALA B 267 -27.40 -26.73 43.63
N ARG B 268 -27.14 -27.91 43.07
CA ARG B 268 -26.63 -29.01 43.88
C ARG B 268 -25.14 -28.81 44.15
N ALA B 269 -24.40 -28.26 43.20
CA ALA B 269 -23.01 -27.91 43.46
C ALA B 269 -22.90 -27.04 44.70
N VAL B 270 -23.61 -25.91 44.70
CA VAL B 270 -23.46 -24.94 45.78
C VAL B 270 -23.96 -25.51 47.09
N ARG B 271 -25.16 -26.12 47.07
CA ARG B 271 -25.73 -26.77 48.24
C ARG B 271 -24.73 -27.72 48.92
N GLY B 272 -23.79 -28.27 48.16
CA GLY B 272 -22.86 -29.23 48.68
C GLY B 272 -23.29 -30.67 48.59
N GLU B 273 -24.30 -30.97 47.76
CA GLU B 273 -24.49 -32.32 47.28
C GLU B 273 -23.18 -32.82 46.70
N LYS B 274 -22.89 -34.10 46.93
CA LYS B 274 -21.70 -34.69 46.34
C LYS B 274 -22.05 -35.08 44.89
N ILE B 275 -21.81 -34.11 43.99
CA ILE B 275 -22.04 -34.22 42.55
C ILE B 275 -20.72 -33.97 41.83
N GLY B 276 -20.59 -34.59 40.66
CA GLY B 276 -19.47 -34.33 39.78
C GLY B 276 -18.15 -34.83 40.35
N THR B 277 -17.10 -34.05 40.11
CA THR B 277 -15.76 -34.34 40.59
C THR B 277 -15.28 -33.14 41.38
N LEU B 278 -14.88 -33.37 42.62
CA LEU B 278 -14.31 -32.34 43.45
C LEU B 278 -12.80 -32.50 43.52
N VAL B 279 -12.07 -31.49 43.06
CA VAL B 279 -10.61 -31.48 43.09
C VAL B 279 -10.20 -30.53 44.22
N THR B 280 -9.62 -31.08 45.28
CA THR B 280 -9.16 -30.25 46.38
C THR B 280 -7.91 -30.84 47.03
N THR B 281 -7.00 -29.96 47.42
CA THR B 281 -5.75 -30.39 48.06
C THR B 281 -5.90 -30.57 49.58
N GLY C 49 32.04 -5.77 12.07
CA GLY C 49 31.42 -4.81 12.95
C GLY C 49 29.91 -4.95 13.12
N TYR C 50 29.29 -4.09 13.94
CA TYR C 50 27.86 -4.14 14.20
C TYR C 50 27.13 -2.98 13.52
N SER C 51 25.93 -3.27 13.06
CA SER C 51 25.12 -2.32 12.31
C SER C 51 24.08 -1.63 13.16
N ARG C 52 23.42 -2.37 14.06
CA ARG C 52 22.42 -1.80 14.97
C ARG C 52 22.71 -2.30 16.37
N VAL C 53 22.74 -1.39 17.34
CA VAL C 53 23.16 -1.70 18.71
C VAL C 53 22.11 -1.20 19.69
N LEU C 54 21.89 -1.96 20.76
CA LEU C 54 21.16 -1.47 21.91
C LEU C 54 22.12 -1.33 23.11
N LEU C 55 22.15 -0.12 23.68
CA LEU C 55 23.06 0.26 24.75
C LEU C 55 22.26 0.36 26.05
N LYS C 56 22.63 -0.43 27.05
CA LYS C 56 22.00 -0.38 28.37
C LYS C 56 22.84 0.49 29.29
N LEU C 57 22.23 1.55 29.83
CA LEU C 57 22.90 2.49 30.73
C LEU C 57 22.30 2.38 32.11
N GLY C 58 23.11 1.95 33.08
CA GLY C 58 22.64 1.90 34.46
C GLY C 58 22.40 3.27 35.06
N GLY C 59 21.87 3.26 36.30
CA GLY C 59 21.77 4.51 37.03
C GLY C 59 23.12 5.11 37.33
N GLU C 60 24.11 4.24 37.62
CA GLU C 60 25.52 4.58 37.70
C GLU C 60 25.97 5.53 36.58
N MET C 61 25.48 5.34 35.37
CA MET C 61 25.84 6.20 34.23
C MET C 61 25.21 7.57 34.30
N PHE C 62 24.39 7.87 35.30
CA PHE C 62 23.76 9.18 35.44
C PHE C 62 24.14 9.89 36.73
N GLY C 63 24.04 9.23 37.88
CA GLY C 63 24.45 9.83 39.13
C GLY C 63 25.90 9.64 39.50
N GLY C 64 26.60 8.76 38.81
CA GLY C 64 27.99 8.47 39.11
C GLY C 64 28.11 7.41 40.20
N GLY C 65 28.72 7.78 41.31
CA GLY C 65 28.70 6.91 42.46
C GLY C 65 27.53 7.21 43.36
N GLN C 66 27.16 8.47 43.47
CA GLN C 66 26.14 8.83 44.43
C GLN C 66 24.85 9.21 43.71
N VAL C 67 23.89 9.72 44.48
CA VAL C 67 22.48 9.84 44.14
C VAL C 67 22.21 11.13 43.39
N GLY C 68 21.23 11.08 42.50
CA GLY C 68 20.84 12.24 41.73
C GLY C 68 21.45 12.21 40.35
N LEU C 69 22.08 13.32 39.95
CA LEU C 69 22.52 13.44 38.57
C LEU C 69 23.83 14.19 38.54
N ASP C 70 24.79 13.69 37.77
CA ASP C 70 26.13 14.24 37.64
C ASP C 70 26.31 14.74 36.22
N PRO C 71 26.34 16.05 35.97
CA PRO C 71 26.51 16.52 34.58
C PRO C 71 27.79 16.03 33.93
N ASP C 72 28.91 15.96 34.66
CA ASP C 72 30.15 15.47 34.07
C ASP C 72 29.97 14.08 33.50
N VAL C 73 29.44 13.16 34.30
CA VAL C 73 29.29 11.78 33.84
C VAL C 73 28.37 11.71 32.63
N VAL C 74 27.22 12.38 32.69
CA VAL C 74 26.28 12.35 31.57
C VAL C 74 26.93 12.95 30.32
N ALA C 75 27.70 14.03 30.49
CA ALA C 75 28.30 14.68 29.33
C ALA C 75 29.28 13.74 28.63
N GLN C 76 30.14 13.07 29.39
CA GLN C 76 31.07 12.15 28.73
C GLN C 76 30.38 10.89 28.21
N VAL C 77 29.23 10.53 28.79
CA VAL C 77 28.49 9.39 28.27
C VAL C 77 27.89 9.70 26.91
N ALA C 78 27.59 10.98 26.65
CA ALA C 78 26.98 11.38 25.40
C ALA C 78 28.01 11.64 24.32
N ARG C 79 29.19 12.10 24.74
CA ARG C 79 30.33 12.38 23.88
C ARG C 79 30.74 11.12 23.21
N GLN C 80 30.64 10.03 23.96
CA GLN C 80 30.91 8.66 23.51
C GLN C 80 29.82 8.15 22.58
N ILE C 81 28.55 8.42 22.90
CA ILE C 81 27.48 8.03 21.97
C ILE C 81 27.65 8.76 20.66
N ALA C 82 28.03 10.04 20.72
CA ALA C 82 28.08 10.87 19.52
C ALA C 82 29.08 10.34 18.51
N ASP C 83 30.34 10.13 18.88
CA ASP C 83 31.25 9.68 17.82
C ASP C 83 30.89 8.29 17.30
N VAL C 84 30.01 7.57 17.99
CA VAL C 84 29.47 6.30 17.50
C VAL C 84 28.40 6.53 16.44
N VAL C 85 27.45 7.43 16.71
CA VAL C 85 26.42 7.80 15.74
C VAL C 85 27.06 8.23 14.44
N ARG C 86 28.08 9.06 14.57
CA ARG C 86 28.81 9.61 13.47
C ARG C 86 29.54 8.60 12.68
N GLY C 87 29.75 7.46 13.29
CA GLY C 87 30.45 6.36 12.66
C GLY C 87 29.61 5.50 11.77
N GLY C 88 28.29 5.65 11.83
CA GLY C 88 27.41 4.94 10.92
C GLY C 88 26.54 3.91 11.58
N VAL C 89 26.80 3.58 12.84
CA VAL C 89 25.99 2.59 13.53
C VAL C 89 24.72 3.23 14.05
N GLN C 90 23.60 2.54 13.84
CA GLN C 90 22.33 2.93 14.43
C GLN C 90 22.30 2.46 15.87
N ILE C 91 22.05 3.37 16.82
CA ILE C 91 22.20 3.06 18.23
C ILE C 91 20.96 3.49 19.00
N ALA C 92 20.35 2.54 19.69
CA ALA C 92 19.19 2.79 20.53
C ALA C 92 19.58 2.48 21.97
N VAL C 93 19.09 3.29 22.91
CA VAL C 93 19.57 3.31 24.29
C VAL C 93 18.43 3.03 25.25
N VAL C 94 18.61 2.00 26.12
CA VAL C 94 17.71 1.72 27.24
C VAL C 94 18.31 2.34 28.49
N ILE C 95 17.47 3.01 29.28
CA ILE C 95 17.90 3.85 30.39
C ILE C 95 17.43 3.26 31.71
N GLY C 96 18.35 3.12 32.65
CA GLY C 96 18.04 2.69 33.99
C GLY C 96 17.91 3.87 34.93
N GLY C 97 17.57 3.56 36.18
CA GLY C 97 17.27 4.62 37.11
C GLY C 97 17.64 4.33 38.53
N GLY C 98 18.80 3.73 38.74
CA GLY C 98 19.23 3.50 40.10
C GLY C 98 19.80 4.69 40.83
N ASN C 99 19.90 5.83 40.16
CA ASN C 99 20.45 7.04 40.77
C ASN C 99 19.40 7.81 41.54
N PHE C 100 18.17 7.32 41.56
CA PHE C 100 17.09 7.91 42.33
C PHE C 100 16.65 7.02 43.49
N PHE C 101 17.56 6.20 44.00
CA PHE C 101 17.28 5.30 45.13
C PHE C 101 18.56 5.10 45.93
N ARG C 102 18.51 4.17 46.89
CA ARG C 102 19.66 3.86 47.73
C ARG C 102 19.98 2.37 47.67
N GLN C 105 17.68 1.00 50.67
CA GLN C 105 16.69 1.63 51.54
C GLN C 105 15.34 1.65 50.84
N LEU C 106 15.37 1.54 49.52
CA LEU C 106 14.13 1.50 48.75
C LEU C 106 13.28 0.35 49.25
N GLN C 107 13.89 -0.82 49.33
CA GLN C 107 13.20 -2.00 49.76
C GLN C 107 13.36 -2.31 51.26
N GLN C 108 13.51 -1.26 52.05
CA GLN C 108 13.55 -1.39 53.48
C GLN C 108 12.49 -0.45 54.10
N LEU C 109 11.88 0.38 53.26
CA LEU C 109 10.82 1.26 53.67
C LEU C 109 9.52 0.50 53.61
N GLY C 110 9.44 -0.47 52.70
CA GLY C 110 8.28 -1.33 52.53
C GLY C 110 7.32 -0.89 51.44
N MET C 111 7.65 0.18 50.73
CA MET C 111 6.69 0.57 49.72
C MET C 111 6.21 -0.65 49.00
N GLU C 112 5.26 -0.46 48.14
CA GLU C 112 4.87 -1.61 47.38
C GLU C 112 5.89 -1.81 46.30
N ARG C 113 5.81 -2.91 45.58
CA ARG C 113 6.71 -3.05 44.46
C ARG C 113 6.01 -2.53 43.25
N THR C 114 4.71 -2.64 43.21
CA THR C 114 4.05 -2.05 42.05
C THR C 114 4.30 -0.54 41.99
N ARG C 115 3.97 0.15 43.08
CA ARG C 115 4.19 1.58 43.16
C ARG C 115 5.69 1.90 43.16
N SER C 116 6.49 1.12 43.88
CA SER C 116 7.93 1.31 43.83
C SER C 116 8.45 1.23 42.41
N ASP C 117 8.08 0.15 41.69
CA ASP C 117 8.59 -0.04 40.34
C ASP C 117 8.19 1.11 39.44
N TYR C 118 7.04 1.71 39.69
CA TYR C 118 6.62 2.83 38.85
C TYR C 118 7.44 4.08 39.12
N MET C 119 7.91 4.28 40.36
CA MET C 119 8.75 5.45 40.63
C MET C 119 10.08 5.31 39.91
N GLY C 120 10.71 4.13 40.01
CA GLY C 120 11.91 3.88 39.24
C GLY C 120 11.70 4.16 37.77
N MET C 121 10.58 3.69 37.22
CA MET C 121 10.28 3.91 35.81
C MET C 121 10.13 5.39 35.51
N LEU C 122 9.52 6.15 36.41
CA LEU C 122 9.50 7.59 36.22
C LEU C 122 10.88 8.17 36.26
N GLY C 123 11.76 7.60 37.08
CA GLY C 123 13.11 8.14 37.18
C GLY C 123 13.92 7.95 35.92
N THR C 124 13.72 6.83 35.23
CA THR C 124 14.40 6.61 33.97
C THR C 124 14.02 7.67 32.96
N VAL C 125 12.77 8.15 32.99
CA VAL C 125 12.37 9.20 32.04
C VAL C 125 13.04 10.53 32.37
N MET C 126 13.32 10.80 33.64
CA MET C 126 14.16 11.95 33.96
C MET C 126 15.59 11.75 33.47
N ASN C 127 16.08 10.51 33.48
CA ASN C 127 17.41 10.29 32.95
C ASN C 127 17.42 10.41 31.45
N SER C 128 16.37 9.96 30.79
CA SER C 128 16.32 10.04 29.34
C SER C 128 16.30 11.49 28.88
N LEU C 129 15.37 12.28 29.38
CA LEU C 129 15.34 13.68 29.02
C LEU C 129 16.71 14.32 29.19
N ALA C 130 17.40 13.98 30.29
CA ALA C 130 18.73 14.52 30.57
C ALA C 130 19.75 14.09 29.51
N LEU C 131 19.85 12.79 29.23
CA LEU C 131 20.68 12.32 28.11
C LEU C 131 20.36 13.07 26.83
N GLN C 132 19.09 13.07 26.44
CA GLN C 132 18.63 13.76 25.23
C GLN C 132 19.14 15.17 25.16
N ASP C 133 19.19 15.87 26.30
CA ASP C 133 19.70 17.25 26.31
C ASP C 133 21.19 17.29 25.99
N PHE C 134 21.99 16.49 26.69
CA PHE C 134 23.44 16.51 26.48
C PHE C 134 23.83 15.97 25.12
N LEU C 135 23.08 15.01 24.57
CA LEU C 135 23.26 14.63 23.18
C LEU C 135 23.01 15.81 22.25
N GLU C 136 21.92 16.54 22.49
CA GLU C 136 21.50 17.61 21.60
C GLU C 136 22.57 18.67 21.48
N LYS C 137 23.21 19.02 22.62
CA LYS C 137 24.34 19.94 22.59
C LYS C 137 25.50 19.38 21.77
N GLU C 138 25.62 18.06 21.67
CA GLU C 138 26.64 17.46 20.82
C GLU C 138 26.20 17.34 19.37
N GLY C 139 25.04 17.87 19.00
CA GLY C 139 24.63 17.85 17.61
C GLY C 139 23.98 16.57 17.14
N ILE C 140 23.36 15.83 18.05
CA ILE C 140 22.77 14.53 17.75
C ILE C 140 21.25 14.63 17.86
N VAL C 141 20.54 14.13 16.86
CA VAL C 141 19.09 14.18 16.87
C VAL C 141 18.55 12.96 17.59
N THR C 142 17.60 13.17 18.50
CA THR C 142 17.13 12.07 19.33
C THR C 142 15.61 11.98 19.28
N ARG C 143 15.13 10.84 19.78
CA ARG C 143 13.71 10.56 19.87
C ARG C 143 13.57 9.76 21.15
N VAL C 144 12.92 10.32 22.16
CA VAL C 144 12.70 9.64 23.42
C VAL C 144 11.34 8.99 23.33
N GLN C 145 11.27 7.69 23.62
CA GLN C 145 10.03 6.93 23.68
C GLN C 145 9.85 6.40 25.08
N THR C 146 8.61 6.26 25.52
CA THR C 146 8.36 5.75 26.87
C THR C 146 7.40 4.58 26.82
N ALA C 147 7.69 3.56 27.63
CA ALA C 147 6.79 2.44 27.75
C ALA C 147 5.48 2.82 28.43
N ILE C 148 5.48 3.89 29.24
CA ILE C 148 4.29 4.46 29.86
C ILE C 148 3.85 5.66 29.03
N THR C 149 2.71 5.55 28.33
CA THR C 149 2.21 6.63 27.49
C THR C 149 2.21 7.96 28.24
N MET C 150 2.80 8.98 27.63
CA MET C 150 2.86 10.30 28.24
C MET C 150 2.50 11.43 27.29
N GLY C 151 2.58 11.24 25.98
CA GLY C 151 2.19 12.25 25.04
C GLY C 151 2.92 13.56 25.22
N GLN C 152 2.57 14.31 26.22
CA GLN C 152 3.17 15.62 26.41
C GLN C 152 4.65 15.62 26.71
N VAL C 153 5.16 14.56 27.31
CA VAL C 153 6.57 14.49 27.60
C VAL C 153 7.33 13.81 26.49
N ALA C 154 6.73 12.80 25.88
CA ALA C 154 7.45 11.95 24.95
C ALA C 154 6.49 11.14 24.12
N GLU C 155 7.01 10.64 23.02
CA GLU C 155 6.31 9.73 22.15
C GLU C 155 6.14 8.35 22.82
N PRO C 156 5.05 7.66 22.56
CA PRO C 156 4.87 6.33 23.17
C PRO C 156 5.85 5.35 22.55
N TYR C 157 5.87 4.14 23.10
CA TYR C 157 6.78 3.12 22.60
C TYR C 157 6.08 2.33 21.52
N LEU C 158 6.47 2.59 20.27
CA LEU C 158 6.09 1.76 19.13
C LEU C 158 7.38 1.24 18.50
N PRO C 159 7.59 -0.08 18.34
CA PRO C 159 8.92 -0.56 17.93
C PRO C 159 9.15 -0.30 16.46
N LEU C 160 8.12 -0.50 15.65
CA LEU C 160 8.24 -0.19 14.23
C LEU C 160 8.71 1.24 14.00
N ARG C 161 8.19 2.17 14.78
CA ARG C 161 8.47 3.58 14.56
C ARG C 161 9.80 3.97 15.20
N ALA C 162 10.33 3.14 16.08
CA ALA C 162 11.68 3.36 16.58
C ALA C 162 12.72 2.96 15.55
N VAL C 163 12.49 1.85 14.84
CA VAL C 163 13.34 1.43 13.74
C VAL C 163 13.42 2.54 12.71
N ARG C 164 12.24 3.04 12.30
CA ARG C 164 12.10 4.19 11.41
C ARG C 164 13.06 5.29 11.80
N HIS C 165 13.10 5.61 13.10
CA HIS C 165 13.96 6.66 13.63
C HIS C 165 15.43 6.35 13.47
N LEU C 166 15.81 5.08 13.68
CA LEU C 166 17.22 4.71 13.55
C LEU C 166 17.66 4.75 12.11
N GLU C 167 16.79 4.25 11.21
CA GLU C 167 17.03 4.34 9.78
C GLU C 167 17.13 5.78 9.33
N LYS C 168 16.40 6.68 9.97
CA LYS C 168 16.50 8.09 9.62
C LYS C 168 17.70 8.76 10.25
N GLY C 169 18.53 8.05 11.00
CA GLY C 169 19.75 8.61 11.54
C GLY C 169 19.65 9.16 12.95
N ARG C 170 18.50 9.03 13.58
CA ARG C 170 18.28 9.52 14.93
C ARG C 170 18.62 8.45 15.97
N VAL C 171 18.84 8.90 17.20
CA VAL C 171 19.14 8.02 18.32
C VAL C 171 17.88 7.88 19.17
N VAL C 172 17.47 6.65 19.45
CA VAL C 172 16.25 6.39 20.20
C VAL C 172 16.63 6.15 21.66
N ILE C 173 16.04 6.94 22.57
CA ILE C 173 16.18 6.71 24.00
C ILE C 173 14.90 6.08 24.52
N PHE C 174 15.05 4.91 25.11
CA PHE C 174 13.96 4.14 25.68
C PHE C 174 13.94 4.38 27.18
N GLY C 175 12.99 5.21 27.62
CA GLY C 175 12.72 5.38 29.02
C GLY C 175 11.44 4.66 29.44
N ALA C 176 11.20 4.69 30.75
CA ALA C 176 10.12 4.00 31.45
C ALA C 176 10.28 2.48 31.41
N GLY C 177 11.46 1.97 31.04
CA GLY C 177 11.69 0.54 31.10
C GLY C 177 10.66 -0.19 30.26
N MET C 178 10.11 -1.27 30.82
CA MET C 178 9.20 -2.14 30.07
C MET C 178 7.73 -1.76 30.20
N GLY C 179 7.40 -0.77 31.04
CA GLY C 179 6.04 -0.31 31.15
C GLY C 179 5.24 -0.98 32.24
N LEU C 180 5.86 -1.89 32.99
CA LEU C 180 5.12 -2.74 33.91
C LEU C 180 5.98 -2.97 35.14
N PRO C 181 5.37 -3.27 36.27
CA PRO C 181 6.14 -3.67 37.44
C PRO C 181 6.77 -5.03 37.23
N TYR C 182 7.70 -5.36 38.14
CA TYR C 182 8.38 -6.64 38.21
C TYR C 182 9.33 -6.88 37.04
N PHE C 183 9.71 -5.83 36.31
CA PHE C 183 10.69 -5.97 35.25
C PHE C 183 11.88 -5.07 35.56
N SER C 184 13.05 -5.52 35.14
CA SER C 184 14.25 -4.78 35.36
C SER C 184 14.55 -3.97 34.17
N THR C 185 15.77 -3.55 34.08
CA THR C 185 16.20 -2.79 32.94
C THR C 185 17.03 -3.71 32.08
N ASP C 186 17.69 -4.67 32.68
CA ASP C 186 18.47 -5.56 31.92
C ASP C 186 17.50 -6.36 31.08
N THR C 187 16.27 -6.55 31.55
CA THR C 187 15.28 -7.31 30.77
C THR C 187 14.64 -6.44 29.70
N THR C 188 14.44 -5.14 30.00
CA THR C 188 13.99 -4.21 28.98
C THR C 188 14.99 -4.18 27.84
N ALA C 189 16.28 -4.06 28.19
CA ALA C 189 17.32 -4.06 27.17
C ALA C 189 17.28 -5.34 26.34
N ALA C 190 17.28 -6.49 27.02
CA ALA C 190 17.21 -7.75 26.30
C ALA C 190 15.97 -7.82 25.39
N GLN C 191 14.83 -7.29 25.87
CA GLN C 191 13.61 -7.34 25.05
C GLN C 191 13.64 -6.32 23.90
N ARG C 192 14.13 -5.12 24.15
CA ARG C 192 14.09 -4.13 23.08
C ARG C 192 15.17 -4.37 22.04
N ALA C 193 16.36 -4.82 22.46
CA ALA C 193 17.33 -5.28 21.48
C ALA C 193 16.69 -6.27 20.51
N LEU C 194 15.81 -7.11 21.01
CA LEU C 194 15.15 -8.09 20.16
C LEU C 194 14.14 -7.42 19.24
N GLU C 195 13.31 -6.54 19.80
CA GLU C 195 12.17 -6.03 19.03
C GLU C 195 12.59 -5.07 17.92
N ILE C 196 13.72 -4.39 18.08
CA ILE C 196 14.22 -3.47 17.07
C ILE C 196 15.28 -4.09 16.21
N GLY C 197 15.66 -5.33 16.49
CA GLY C 197 16.55 -6.03 15.60
C GLY C 197 18.01 -5.70 15.79
N ALA C 198 18.39 -5.35 17.00
CA ALA C 198 19.79 -5.04 17.28
C ALA C 198 20.67 -6.25 17.02
N ASP C 199 21.94 -5.98 16.76
CA ASP C 199 22.92 -7.04 16.53
C ASP C 199 23.56 -7.53 17.82
N VAL C 200 23.47 -6.76 18.91
CA VAL C 200 24.20 -7.05 20.14
C VAL C 200 23.65 -6.13 21.23
N VAL C 201 23.63 -6.60 22.48
CA VAL C 201 23.35 -5.74 23.63
C VAL C 201 24.67 -5.26 24.19
N LEU C 202 24.81 -3.95 24.35
CA LEU C 202 26.03 -3.37 24.90
C LEU C 202 25.77 -3.02 26.37
N MET C 203 26.33 -3.81 27.28
CA MET C 203 26.15 -3.62 28.73
C MET C 203 27.21 -2.67 29.25
N ALA C 204 26.90 -1.38 29.31
CA ALA C 204 27.91 -0.38 29.65
C ALA C 204 28.15 -0.42 31.15
N LYS C 205 29.32 -0.87 31.54
CA LYS C 205 29.72 -0.82 32.94
C LYS C 205 30.76 0.28 33.12
N ALA C 206 31.12 0.52 34.37
CA ALA C 206 32.19 1.45 34.68
C ALA C 206 33.50 0.73 34.99
N VAL C 207 33.57 -0.58 34.74
CA VAL C 207 34.76 -1.36 35.02
C VAL C 207 35.32 -1.86 33.69
N ASP C 208 36.61 -2.22 33.71
CA ASP C 208 37.32 -2.56 32.48
C ASP C 208 36.94 -3.96 31.95
N LEU C 223 41.54 -12.07 32.30
CA LEU C 223 40.26 -11.44 31.94
C LEU C 223 39.63 -12.18 30.77
N LEU C 224 38.35 -12.52 30.90
CA LEU C 224 37.67 -13.21 29.80
C LEU C 224 37.41 -12.20 28.68
N THR C 225 37.93 -12.48 27.49
CA THR C 225 37.66 -11.66 26.32
C THR C 225 36.54 -12.23 25.44
N ALA C 226 36.14 -13.49 25.65
CA ALA C 226 34.97 -14.03 24.95
C ALA C 226 34.52 -15.27 25.71
N VAL C 227 33.25 -15.27 26.14
CA VAL C 227 32.56 -16.44 26.67
C VAL C 227 31.30 -16.61 25.84
N SER C 228 30.50 -17.66 26.08
CA SER C 228 29.24 -17.82 25.35
C SER C 228 28.08 -18.19 26.28
N HIS C 229 26.88 -17.84 25.85
CA HIS C 229 25.67 -18.02 26.65
C HIS C 229 25.63 -19.37 27.37
N ARG C 230 26.06 -20.44 26.70
CA ARG C 230 26.10 -21.75 27.34
C ARG C 230 27.35 -21.98 28.18
N GLU C 231 28.35 -21.09 28.08
CA GLU C 231 29.65 -21.23 28.76
C GLU C 231 29.65 -20.55 30.13
N VAL C 232 28.97 -19.40 30.23
CA VAL C 232 28.99 -18.63 31.46
C VAL C 232 28.17 -19.31 32.54
N LEU C 233 26.98 -19.80 32.20
CA LEU C 233 26.09 -20.36 33.21
C LEU C 233 26.74 -21.48 34.02
N ASP C 234 27.91 -21.98 33.62
CA ASP C 234 28.58 -22.98 34.42
C ASP C 234 29.42 -22.38 35.54
N ARG C 235 29.64 -21.07 35.51
CA ARG C 235 30.46 -20.35 36.48
C ARG C 235 29.61 -19.29 37.18
N GLY C 236 30.06 -18.91 38.38
CA GLY C 236 29.42 -17.85 39.13
C GLY C 236 29.72 -16.49 38.55
N LEU C 237 29.29 -16.27 37.30
CA LEU C 237 29.47 -15.01 36.59
C LEU C 237 28.09 -14.43 36.26
N ARG C 238 27.71 -13.35 36.94
CA ARG C 238 26.53 -12.59 36.58
C ARG C 238 26.96 -11.51 35.59
N VAL C 239 26.41 -11.57 34.37
CA VAL C 239 26.71 -10.59 33.33
C VAL C 239 25.55 -9.61 33.22
N ALA C 240 24.35 -10.11 33.54
CA ALA C 240 23.14 -9.28 33.58
C ALA C 240 22.15 -10.02 34.45
N ASP C 241 20.95 -9.43 34.61
CA ASP C 241 19.91 -10.11 35.35
C ASP C 241 19.55 -11.43 34.69
N ALA C 242 19.27 -12.44 35.52
CA ALA C 242 19.07 -13.80 35.02
C ALA C 242 17.83 -13.92 34.12
N THR C 243 16.83 -13.07 34.30
CA THR C 243 15.70 -13.09 33.38
C THR C 243 16.06 -12.47 32.05
N ALA C 244 16.81 -11.38 32.07
CA ALA C 244 17.30 -10.77 30.84
C ALA C 244 18.22 -11.73 30.10
N PHE C 245 19.24 -12.23 30.80
CA PHE C 245 20.21 -13.15 30.19
C PHE C 245 19.53 -14.40 29.60
N SER C 246 18.48 -14.90 30.25
CA SER C 246 17.78 -16.09 29.75
C SER C 246 16.96 -15.78 28.51
N LEU C 247 16.61 -14.52 28.29
CA LEU C 247 15.94 -14.13 27.07
C LEU C 247 16.93 -14.06 25.91
N CYS C 248 18.12 -13.51 26.15
CA CYS C 248 19.14 -13.42 25.10
C CYS C 248 19.67 -14.79 24.71
N MET C 249 20.07 -15.59 25.71
CA MET C 249 20.56 -16.93 25.42
C MET C 249 19.54 -17.75 24.63
N ASP C 250 18.25 -17.54 24.89
CA ASP C 250 17.19 -18.27 24.19
C ASP C 250 16.92 -17.75 22.79
N ASN C 251 17.28 -16.51 22.48
CA ASN C 251 17.03 -15.92 21.18
C ASN C 251 18.29 -15.59 20.41
N GLY C 252 19.46 -15.95 20.93
CA GLY C 252 20.69 -15.73 20.20
C GLY C 252 21.18 -14.30 20.14
N MET C 253 20.87 -13.46 21.12
CA MET C 253 21.48 -12.14 21.17
C MET C 253 22.85 -12.21 21.82
N PRO C 254 23.87 -11.59 21.24
CA PRO C 254 25.15 -11.46 21.94
C PRO C 254 25.04 -10.36 22.98
N ILE C 255 25.96 -10.41 23.95
CA ILE C 255 26.04 -9.43 25.02
C ILE C 255 27.50 -9.02 25.16
N LEU C 256 27.77 -7.71 25.08
CA LEU C 256 29.14 -7.20 25.22
C LEU C 256 29.23 -6.30 26.45
N VAL C 257 29.98 -6.76 27.45
CA VAL C 257 30.22 -6.01 28.68
C VAL C 257 31.53 -5.25 28.51
N PHE C 258 31.50 -3.94 28.76
CA PHE C 258 32.68 -3.11 28.49
C PHE C 258 32.62 -1.86 29.35
N ASN C 259 33.76 -1.16 29.35
CA ASN C 259 33.92 0.13 30.00
C ASN C 259 33.48 1.22 29.03
N LEU C 260 32.33 1.84 29.29
CA LEU C 260 31.89 2.94 28.43
C LEU C 260 32.71 4.19 28.65
N LEU C 261 33.30 4.33 29.82
CA LEU C 261 33.80 5.62 30.24
C LEU C 261 35.28 5.81 29.98
N THR C 262 35.98 4.80 29.48
CA THR C 262 37.30 5.02 28.89
C THR C 262 37.10 5.58 27.49
N ASP C 263 37.80 6.67 27.18
CA ASP C 263 37.50 7.50 26.01
C ASP C 263 37.58 6.71 24.72
N GLY C 264 36.49 6.75 23.95
CA GLY C 264 36.43 6.15 22.62
C GLY C 264 36.50 4.64 22.60
N ASN C 265 35.92 3.96 23.59
CA ASN C 265 36.00 2.51 23.64
C ASN C 265 34.74 1.84 23.13
N ILE C 266 33.64 2.59 23.03
CA ILE C 266 32.45 2.05 22.39
C ILE C 266 32.57 2.16 20.89
N ALA C 267 33.26 3.20 20.39
CA ALA C 267 33.52 3.28 18.95
C ALA C 267 34.34 2.09 18.47
N ARG C 268 35.39 1.73 19.23
CA ARG C 268 36.13 0.52 18.93
C ARG C 268 35.26 -0.72 19.03
N ALA C 269 34.27 -0.72 19.93
CA ALA C 269 33.51 -1.93 20.19
C ALA C 269 32.61 -2.29 19.01
N VAL C 270 31.89 -1.30 18.48
CA VAL C 270 30.99 -1.53 17.34
C VAL C 270 31.75 -1.71 16.03
N ARG C 271 32.99 -1.24 15.98
CA ARG C 271 33.90 -1.55 14.88
C ARG C 271 34.28 -3.02 14.84
N GLY C 272 34.08 -3.76 15.93
CA GLY C 272 34.44 -5.17 16.02
C GLY C 272 35.74 -5.47 16.73
N GLU C 273 36.35 -4.47 17.39
CA GLU C 273 37.65 -4.66 18.01
C GLU C 273 37.50 -5.46 19.30
N LYS C 274 38.61 -6.05 19.76
CA LYS C 274 38.63 -6.88 20.97
C LYS C 274 38.56 -5.96 22.19
N ILE C 275 37.33 -5.73 22.67
CA ILE C 275 37.04 -4.84 23.79
C ILE C 275 36.18 -5.59 24.80
N GLY C 276 36.57 -5.52 26.07
CA GLY C 276 35.76 -6.10 27.14
C GLY C 276 35.51 -7.58 26.97
N THR C 277 34.26 -7.98 27.16
CA THR C 277 33.86 -9.37 27.15
C THR C 277 32.61 -9.51 26.29
N LEU C 278 32.62 -10.49 25.38
CA LEU C 278 31.50 -10.77 24.52
C LEU C 278 30.93 -12.13 24.90
N VAL C 279 29.60 -12.22 24.99
CA VAL C 279 28.90 -13.46 25.32
C VAL C 279 28.09 -13.89 24.11
N THR C 280 28.39 -15.07 23.57
CA THR C 280 27.69 -15.59 22.39
C THR C 280 27.05 -16.97 22.62
N GLY D 49 -12.68 27.21 62.19
CA GLY D 49 -11.72 26.31 61.58
C GLY D 49 -12.03 25.97 60.12
N TYR D 50 -11.15 25.23 59.45
CA TYR D 50 -11.23 25.05 58.01
C TYR D 50 -11.87 23.72 57.61
N SER D 51 -12.73 23.77 56.59
CA SER D 51 -13.48 22.61 56.13
C SER D 51 -12.76 21.86 55.02
N ARG D 52 -12.22 22.58 54.06
CA ARG D 52 -11.43 22.03 52.97
C ARG D 52 -10.12 22.80 52.94
N VAL D 53 -9.00 22.07 52.85
CA VAL D 53 -7.70 22.72 52.93
C VAL D 53 -6.83 22.21 51.79
N LEU D 54 -5.90 23.05 51.32
CA LEU D 54 -4.94 22.68 50.28
C LEU D 54 -3.54 22.82 50.85
N LEU D 55 -2.88 21.71 51.13
CA LEU D 55 -1.58 21.73 51.78
C LEU D 55 -0.48 21.60 50.73
N LYS D 56 0.49 22.50 50.78
CA LYS D 56 1.58 22.51 49.82
C LYS D 56 2.83 21.87 50.45
N LEU D 57 3.32 20.80 49.82
CA LEU D 57 4.48 20.07 50.31
C LEU D 57 5.65 20.29 49.36
N GLY D 58 6.71 20.91 49.84
CA GLY D 58 7.87 21.10 49.00
C GLY D 58 8.75 19.87 48.98
N GLY D 59 9.80 19.93 48.15
CA GLY D 59 10.82 18.89 48.16
C GLY D 59 11.59 18.82 49.46
N GLU D 60 11.53 19.88 50.26
CA GLU D 60 12.01 19.82 51.63
C GLU D 60 11.40 18.62 52.36
N MET D 61 10.08 18.43 52.20
CA MET D 61 9.25 17.50 52.98
C MET D 61 9.30 16.07 52.46
N PHE D 62 10.14 15.79 51.51
CA PHE D 62 10.44 14.43 51.09
C PHE D 62 11.93 14.15 51.11
N GLY D 63 12.77 15.08 50.63
CA GLY D 63 14.20 14.92 50.54
C GLY D 63 14.92 15.43 51.78
N GLY D 64 14.32 16.40 52.44
CA GLY D 64 14.82 16.79 53.73
C GLY D 64 16.14 17.52 53.65
N GLY D 65 16.21 18.56 52.83
CA GLY D 65 17.42 19.36 52.80
C GLY D 65 18.55 18.68 52.05
N GLN D 66 18.46 17.38 51.85
CA GLN D 66 19.32 16.66 50.93
C GLN D 66 18.52 16.31 49.69
N VAL D 67 19.07 15.41 48.88
CA VAL D 67 18.50 15.05 47.59
C VAL D 67 17.93 13.64 47.70
N GLY D 68 16.82 13.39 47.02
CA GLY D 68 16.24 12.05 47.07
C GLY D 68 15.06 11.92 48.01
N LEU D 69 14.96 10.80 48.74
CA LEU D 69 13.86 10.57 49.66
C LEU D 69 14.39 10.14 51.02
N ASP D 70 14.09 10.92 52.06
CA ASP D 70 14.38 10.50 53.42
C ASP D 70 13.10 9.97 54.05
N PRO D 71 12.90 8.65 54.13
CA PRO D 71 11.60 8.11 54.56
C PRO D 71 11.22 8.44 55.98
N ASP D 72 12.13 8.88 56.84
CA ASP D 72 11.65 9.33 58.14
C ASP D 72 10.89 10.64 58.02
N VAL D 73 11.26 11.49 57.07
CA VAL D 73 10.51 12.72 56.85
C VAL D 73 9.14 12.41 56.24
N VAL D 74 9.12 11.73 55.09
CA VAL D 74 7.88 11.36 54.43
C VAL D 74 6.93 10.66 55.38
N ALA D 75 7.46 9.82 56.27
CA ALA D 75 6.58 9.07 57.15
C ALA D 75 5.94 9.97 58.17
N GLN D 76 6.67 10.99 58.64
CA GLN D 76 6.08 11.91 59.60
C GLN D 76 5.04 12.79 58.95
N VAL D 77 5.30 13.23 57.72
CA VAL D 77 4.31 13.94 56.94
C VAL D 77 3.01 13.15 56.87
N ALA D 78 3.10 11.89 56.43
CA ALA D 78 1.91 11.07 56.35
C ALA D 78 1.24 10.96 57.72
N ARG D 79 2.04 10.78 58.77
CA ARG D 79 1.53 10.69 60.14
C ARG D 79 0.64 11.90 60.49
N GLN D 80 1.06 13.10 60.07
CA GLN D 80 0.35 14.33 60.39
C GLN D 80 -0.83 14.55 59.47
N ILE D 81 -0.73 14.19 58.19
CA ILE D 81 -1.90 14.26 57.32
C ILE D 81 -2.99 13.31 57.81
N ALA D 82 -2.59 12.07 58.17
CA ALA D 82 -3.47 11.12 58.82
C ALA D 82 -4.30 11.78 59.93
N ASP D 83 -3.63 12.43 60.90
CA ASP D 83 -4.31 13.08 62.03
C ASP D 83 -5.49 13.95 61.58
N VAL D 84 -5.34 14.74 60.52
CA VAL D 84 -6.39 15.67 60.15
C VAL D 84 -7.54 15.03 59.37
N VAL D 85 -7.33 13.89 58.70
CA VAL D 85 -8.45 13.22 58.04
C VAL D 85 -9.35 12.53 59.06
N ARG D 86 -8.77 12.06 60.18
CA ARG D 86 -9.56 11.66 61.33
C ARG D 86 -10.33 12.84 61.91
N GLY D 87 -9.78 14.06 61.80
CA GLY D 87 -10.44 15.25 62.30
C GLY D 87 -11.68 15.66 61.51
N GLY D 88 -11.83 15.19 60.28
CA GLY D 88 -12.95 15.58 59.43
C GLY D 88 -12.64 16.69 58.45
N VAL D 89 -11.41 16.99 58.24
CA VAL D 89 -10.99 17.99 57.26
C VAL D 89 -10.81 17.32 55.91
N GLN D 90 -11.28 17.98 54.85
CA GLN D 90 -11.03 17.53 53.49
C GLN D 90 -9.71 18.13 53.03
N ILE D 91 -8.69 17.28 52.84
CA ILE D 91 -7.37 17.75 52.49
C ILE D 91 -6.99 17.23 51.11
N ALA D 92 -6.67 18.15 50.21
CA ALA D 92 -5.94 17.87 49.00
C ALA D 92 -4.57 18.54 49.11
N VAL D 93 -3.55 17.91 48.53
CA VAL D 93 -2.17 18.30 48.73
C VAL D 93 -1.45 18.39 47.39
N VAL D 94 -0.61 19.40 47.23
CA VAL D 94 0.18 19.65 46.02
C VAL D 94 1.65 19.36 46.34
N ILE D 95 2.28 18.55 45.49
CA ILE D 95 3.61 18.03 45.72
C ILE D 95 4.62 18.80 44.89
N GLY D 96 5.63 19.36 45.55
CA GLY D 96 6.74 19.99 44.87
C GLY D 96 7.85 19.00 44.72
N GLY D 97 8.88 19.41 43.99
CA GLY D 97 9.91 18.44 43.66
C GLY D 97 11.32 18.96 43.52
N GLY D 98 11.78 19.69 44.52
CA GLY D 98 13.16 20.15 44.59
C GLY D 98 14.16 19.15 45.15
N ASN D 99 13.71 18.02 45.65
CA ASN D 99 14.66 16.98 46.04
C ASN D 99 15.22 16.22 44.84
N PHE D 100 14.76 16.53 43.64
CA PHE D 100 15.35 15.98 42.44
C PHE D 100 15.93 17.12 41.60
N PHE D 101 15.09 17.78 40.80
CA PHE D 101 15.54 18.86 39.93
C PHE D 101 14.58 20.04 39.99
N ARG D 102 15.16 21.20 39.78
CA ARG D 102 14.44 22.43 39.67
C ARG D 102 14.74 22.86 38.26
N GLY D 103 13.75 23.27 37.51
CA GLY D 103 13.98 23.62 36.12
C GLY D 103 14.93 24.79 35.90
N ALA D 104 14.95 25.76 36.80
CA ALA D 104 15.74 26.96 36.58
C ALA D 104 17.19 26.78 37.04
N GLN D 105 17.47 25.80 37.88
CA GLN D 105 18.83 25.50 38.34
C GLN D 105 19.49 24.67 37.31
N LEU D 106 18.77 23.73 36.72
CA LEU D 106 19.35 22.97 35.63
C LEU D 106 19.58 23.84 34.41
N GLN D 107 18.68 24.81 34.17
CA GLN D 107 18.85 25.74 33.05
C GLN D 107 20.15 26.53 33.19
N GLN D 108 20.58 26.81 34.42
CA GLN D 108 21.85 27.51 34.61
C GLN D 108 23.04 26.56 34.52
N LEU D 109 22.87 25.28 34.85
CA LEU D 109 23.95 24.33 34.63
C LEU D 109 24.28 24.17 33.15
N GLY D 110 23.31 24.43 32.27
CA GLY D 110 23.51 24.29 30.84
C GLY D 110 22.27 23.86 30.07
N MET D 111 21.45 23.02 30.68
CA MET D 111 20.34 22.35 30.01
C MET D 111 19.25 23.33 29.56
N GLU D 112 18.47 22.89 28.58
CA GLU D 112 17.32 23.66 28.12
C GLU D 112 16.21 23.63 29.16
N ARG D 113 15.52 24.76 29.34
CA ARG D 113 14.62 24.85 30.50
C ARG D 113 13.36 24.01 30.33
N THR D 114 12.70 24.12 29.19
CA THR D 114 11.54 23.30 28.93
C THR D 114 11.79 21.85 29.30
N ARG D 115 12.81 21.25 28.68
CA ARG D 115 13.18 19.86 28.97
C ARG D 115 13.41 19.64 30.45
N SER D 116 13.93 20.64 31.17
CA SER D 116 14.25 20.48 32.58
C SER D 116 13.04 20.67 33.46
N ASP D 117 12.10 21.53 33.04
CA ASP D 117 10.86 21.68 33.79
C ASP D 117 10.07 20.38 33.79
N TYR D 118 10.10 19.64 32.68
CA TYR D 118 9.42 18.36 32.65
C TYR D 118 10.11 17.38 33.57
N MET D 119 11.44 17.41 33.60
CA MET D 119 12.18 16.61 34.54
C MET D 119 11.73 16.91 35.96
N GLY D 120 11.64 18.19 36.31
CA GLY D 120 11.13 18.55 37.62
C GLY D 120 9.74 18.02 37.86
N MET D 121 8.87 18.12 36.88
CA MET D 121 7.50 17.72 37.08
C MET D 121 7.39 16.22 37.27
N LEU D 122 8.19 15.43 36.58
CA LEU D 122 8.14 13.99 36.84
C LEU D 122 8.66 13.70 38.23
N GLY D 123 9.59 14.52 38.69
CA GLY D 123 10.10 14.35 40.05
C GLY D 123 9.00 14.39 41.07
N THR D 124 7.98 15.24 40.85
CA THR D 124 6.88 15.37 41.79
C THR D 124 5.98 14.16 41.77
N VAL D 125 5.90 13.44 40.65
CA VAL D 125 5.09 12.23 40.69
C VAL D 125 5.78 11.17 41.50
N MET D 126 7.11 11.11 41.44
CA MET D 126 7.86 10.22 42.33
C MET D 126 7.61 10.57 43.78
N ASN D 127 7.72 11.86 44.12
CA ASN D 127 7.30 12.29 45.46
C ASN D 127 5.83 12.02 45.71
N SER D 128 4.99 12.14 44.68
CA SER D 128 3.57 11.93 44.90
C SER D 128 3.27 10.49 45.18
N LEU D 129 3.90 9.57 44.45
CA LEU D 129 3.65 8.16 44.71
C LEU D 129 4.22 7.74 46.06
N ALA D 130 5.28 8.39 46.51
CA ALA D 130 5.85 8.10 47.82
C ALA D 130 4.87 8.42 48.93
N LEU D 131 4.30 9.62 48.90
CA LEU D 131 3.32 9.99 49.92
C LEU D 131 2.16 9.02 49.91
N GLN D 132 1.69 8.66 48.71
CA GLN D 132 0.57 7.74 48.56
C GLN D 132 0.80 6.49 49.38
N ASP D 133 1.97 5.88 49.24
CA ASP D 133 2.29 4.62 49.91
C ASP D 133 2.25 4.78 51.42
N PHE D 134 2.92 5.81 51.94
CA PHE D 134 3.01 5.94 53.39
C PHE D 134 1.66 6.30 54.01
N LEU D 135 0.94 7.26 53.43
CA LEU D 135 -0.42 7.54 53.89
C LEU D 135 -1.30 6.29 53.87
N GLU D 136 -1.08 5.41 52.90
CA GLU D 136 -1.80 4.15 52.90
C GLU D 136 -1.39 3.30 54.09
N LYS D 137 -0.09 3.25 54.38
CA LYS D 137 0.33 2.51 55.55
C LYS D 137 -0.07 3.19 56.86
N GLU D 138 -0.53 4.43 56.82
CA GLU D 138 -1.17 5.02 57.98
C GLU D 138 -2.66 4.74 57.99
N GLY D 139 -3.16 4.06 56.97
CA GLY D 139 -4.55 3.67 56.89
C GLY D 139 -5.45 4.67 56.22
N ILE D 140 -4.91 5.55 55.40
CA ILE D 140 -5.70 6.61 54.79
C ILE D 140 -5.89 6.27 53.32
N VAL D 141 -7.04 6.68 52.78
CA VAL D 141 -7.37 6.42 51.37
C VAL D 141 -6.93 7.59 50.51
N THR D 142 -6.03 7.32 49.54
CA THR D 142 -5.49 8.35 48.68
C THR D 142 -5.97 8.17 47.26
N ARG D 143 -5.78 9.22 46.47
CA ARG D 143 -6.03 9.17 45.04
C ARG D 143 -5.19 10.24 44.37
N VAL D 144 -4.40 9.85 43.39
CA VAL D 144 -3.35 10.70 42.85
C VAL D 144 -3.78 11.11 41.44
N GLN D 145 -3.84 12.40 41.19
CA GLN D 145 -4.12 12.92 39.87
C GLN D 145 -2.89 13.63 39.38
N THR D 146 -2.54 13.43 38.11
CA THR D 146 -1.40 14.12 37.55
C THR D 146 -1.87 15.10 36.50
N ALA D 147 -1.20 16.27 36.46
CA ALA D 147 -1.48 17.26 35.46
C ALA D 147 -0.96 16.84 34.10
N ILE D 148 -0.03 15.91 34.08
CA ILE D 148 0.50 15.31 32.87
C ILE D 148 -0.06 13.90 32.84
N THR D 149 -0.92 13.61 31.85
CA THR D 149 -1.63 12.33 31.79
C THR D 149 -0.65 11.17 31.65
N MET D 150 -0.78 10.18 32.56
CA MET D 150 -0.03 8.95 32.48
C MET D 150 -0.88 7.70 32.56
N GLY D 151 -2.19 7.82 32.66
CA GLY D 151 -3.10 6.69 32.69
C GLY D 151 -2.74 5.66 33.73
N GLN D 152 -1.69 4.89 33.45
CA GLN D 152 -1.32 3.74 34.26
C GLN D 152 -0.68 4.15 35.59
N VAL D 153 0.00 5.29 35.64
CA VAL D 153 0.67 5.68 36.88
C VAL D 153 -0.32 6.27 37.85
N ALA D 154 -1.22 7.10 37.34
CA ALA D 154 -2.23 7.75 38.14
C ALA D 154 -3.33 8.23 37.21
N GLU D 155 -4.48 8.56 37.79
CA GLU D 155 -5.55 9.13 37.00
C GLU D 155 -5.16 10.53 36.53
N PRO D 156 -5.69 10.99 35.40
CA PRO D 156 -5.35 12.33 34.93
C PRO D 156 -6.02 13.38 35.78
N TYR D 157 -5.90 14.67 35.44
CA TYR D 157 -6.48 15.74 36.24
C TYR D 157 -7.96 15.88 35.91
N LEU D 158 -8.80 15.35 36.77
CA LEU D 158 -10.24 15.56 36.66
C LEU D 158 -10.68 16.31 37.89
N PRO D 159 -10.91 17.62 37.80
CA PRO D 159 -11.10 18.38 39.04
C PRO D 159 -12.44 18.15 39.70
N LEU D 160 -13.52 17.93 38.93
CA LEU D 160 -14.80 17.61 39.55
C LEU D 160 -14.75 16.28 40.30
N ARG D 161 -13.84 15.39 39.92
CA ARG D 161 -13.68 14.13 40.60
C ARG D 161 -12.75 14.22 41.79
N ALA D 162 -11.76 15.11 41.71
CA ALA D 162 -10.94 15.38 42.87
C ALA D 162 -11.79 15.82 44.03
N VAL D 163 -12.89 16.51 43.75
CA VAL D 163 -13.71 17.07 44.80
C VAL D 163 -14.72 16.08 45.34
N ARG D 164 -15.26 15.20 44.50
CA ARG D 164 -16.07 14.10 45.02
C ARG D 164 -15.23 13.15 45.88
N HIS D 165 -13.92 13.06 45.61
CA HIS D 165 -13.01 12.28 46.46
C HIS D 165 -12.88 12.92 47.84
N LEU D 166 -12.70 14.22 47.89
CA LEU D 166 -12.63 14.90 49.19
C LEU D 166 -13.91 14.67 49.97
N GLU D 167 -15.06 14.90 49.33
CA GLU D 167 -16.36 14.70 49.97
C GLU D 167 -16.50 13.29 50.51
N LYS D 168 -15.89 12.32 49.83
CA LYS D 168 -15.90 10.94 50.27
C LYS D 168 -14.82 10.62 51.29
N GLY D 169 -14.13 11.62 51.81
CA GLY D 169 -13.17 11.41 52.87
C GLY D 169 -11.79 10.96 52.44
N ARG D 170 -11.46 11.08 51.15
CA ARG D 170 -10.18 10.66 50.62
C ARG D 170 -9.27 11.85 50.41
N VAL D 171 -7.99 11.54 50.28
CA VAL D 171 -6.94 12.54 50.21
C VAL D 171 -6.46 12.54 48.77
N VAL D 172 -6.62 13.67 48.11
CA VAL D 172 -6.24 13.81 46.72
C VAL D 172 -4.84 14.37 46.66
N ILE D 173 -3.96 13.71 45.89
CA ILE D 173 -2.58 14.18 45.69
C ILE D 173 -2.43 14.68 44.27
N PHE D 174 -1.95 15.93 44.14
CA PHE D 174 -1.83 16.64 42.88
C PHE D 174 -0.36 16.64 42.43
N GLY D 175 -0.03 15.73 41.50
CA GLY D 175 1.31 15.62 40.98
C GLY D 175 1.48 16.29 39.63
N ALA D 176 2.75 16.40 39.23
CA ALA D 176 3.16 16.99 37.95
C ALA D 176 2.85 18.47 37.87
N GLY D 177 2.76 19.13 39.03
CA GLY D 177 2.42 20.55 39.06
C GLY D 177 1.15 20.85 38.30
N MET D 178 1.22 21.90 37.50
CA MET D 178 0.19 22.25 36.55
C MET D 178 0.41 21.59 35.21
N GLY D 179 1.48 20.82 35.07
CA GLY D 179 1.76 20.17 33.80
C GLY D 179 2.25 21.08 32.70
N LEU D 180 2.78 22.24 33.04
CA LEU D 180 3.29 23.21 32.09
C LEU D 180 4.61 23.78 32.56
N PRO D 181 5.57 23.95 31.66
CA PRO D 181 6.85 24.54 32.05
C PRO D 181 6.69 26.02 32.31
N TYR D 182 7.72 26.59 32.92
CA TYR D 182 7.79 28.00 33.29
C TYR D 182 6.85 28.37 34.42
N PHE D 183 6.41 27.37 35.22
CA PHE D 183 5.61 27.57 36.42
C PHE D 183 6.22 26.83 37.59
N SER D 184 5.82 27.22 38.81
CA SER D 184 6.32 26.62 40.04
C SER D 184 5.23 25.81 40.74
N THR D 185 5.61 25.09 41.80
CA THR D 185 4.60 24.36 42.56
C THR D 185 3.75 25.30 43.38
N ASP D 186 4.37 26.33 43.97
CA ASP D 186 3.58 27.32 44.70
C ASP D 186 2.45 27.85 43.83
N THR D 187 2.74 28.17 42.56
CA THR D 187 1.67 28.63 41.69
C THR D 187 0.62 27.56 41.51
N THR D 188 1.05 26.29 41.40
CA THR D 188 0.11 25.20 41.27
C THR D 188 -0.84 25.13 42.45
N ALA D 189 -0.31 25.30 43.66
CA ALA D 189 -1.16 25.13 44.84
C ALA D 189 -2.18 26.26 44.94
N ALA D 190 -1.85 27.44 44.42
CA ALA D 190 -2.84 28.49 44.34
C ALA D 190 -3.94 28.12 43.35
N GLN D 191 -3.55 27.81 42.12
CA GLN D 191 -4.52 27.40 41.12
C GLN D 191 -5.35 26.22 41.61
N ARG D 192 -4.70 25.17 42.10
CA ARG D 192 -5.48 24.01 42.52
C ARG D 192 -6.40 24.35 43.68
N ALA D 193 -5.98 25.26 44.58
CA ALA D 193 -6.79 25.62 45.74
C ALA D 193 -8.08 26.32 45.34
N LEU D 194 -7.96 27.35 44.50
CA LEU D 194 -9.13 28.03 43.98
C LEU D 194 -10.04 27.08 43.20
N GLU D 195 -9.48 26.09 42.49
CA GLU D 195 -10.34 25.27 41.65
C GLU D 195 -11.11 24.25 42.48
N ILE D 196 -10.47 23.59 43.43
CA ILE D 196 -11.24 22.66 44.25
C ILE D 196 -12.05 23.36 45.32
N GLY D 197 -11.90 24.68 45.43
CA GLY D 197 -12.72 25.43 46.37
C GLY D 197 -12.30 25.25 47.82
N ALA D 198 -10.99 25.28 48.06
CA ALA D 198 -10.49 25.13 49.42
C ALA D 198 -10.55 26.45 50.17
N ASP D 199 -10.47 26.37 51.49
CA ASP D 199 -10.66 27.55 52.30
C ASP D 199 -9.39 28.36 52.48
N VAL D 200 -8.23 27.72 52.29
CA VAL D 200 -6.96 28.33 52.67
C VAL D 200 -5.87 27.47 52.06
N VAL D 201 -4.71 28.06 51.84
CA VAL D 201 -3.55 27.32 51.37
C VAL D 201 -2.55 27.16 52.52
N LEU D 202 -2.30 25.91 52.91
CA LEU D 202 -1.35 25.59 53.97
C LEU D 202 0.03 25.45 53.35
N MET D 203 0.86 26.47 53.52
CA MET D 203 2.23 26.47 53.03
C MET D 203 3.09 25.80 54.08
N ALA D 204 3.29 24.50 53.95
CA ALA D 204 4.09 23.75 54.90
C ALA D 204 5.56 24.10 54.76
N LYS D 205 6.18 24.50 55.86
CA LYS D 205 7.62 24.69 55.96
C LYS D 205 8.15 23.85 57.12
N ALA D 206 9.43 24.05 57.44
CA ALA D 206 10.06 23.42 58.59
C ALA D 206 10.54 24.46 59.59
N VAL D 207 10.35 25.74 59.30
CA VAL D 207 10.34 26.81 60.28
C VAL D 207 8.89 27.05 60.62
N ASP D 208 8.61 27.53 61.82
CA ASP D 208 7.23 27.82 62.23
C ASP D 208 6.89 29.28 61.90
N GLY D 209 6.28 29.51 60.74
CA GLY D 209 5.92 30.85 60.30
C GLY D 209 7.04 31.58 59.58
N VAL D 210 6.78 32.87 59.30
CA VAL D 210 7.74 33.79 58.70
C VAL D 210 8.08 34.85 59.74
N PHE D 211 9.21 35.56 59.54
CA PHE D 211 9.64 36.59 60.52
C PHE D 211 9.84 38.00 59.92
N LEU D 223 8.44 36.65 64.25
CA LEU D 223 7.31 35.76 64.02
C LEU D 223 5.99 36.53 64.00
N LEU D 224 5.63 37.04 62.83
CA LEU D 224 4.33 37.68 62.68
C LEU D 224 3.27 36.61 62.66
N THR D 225 2.21 36.79 63.44
CA THR D 225 1.18 35.76 63.54
C THR D 225 -0.04 36.00 62.64
N ALA D 226 -0.21 37.21 62.10
CA ALA D 226 -1.32 37.54 61.21
C ALA D 226 -0.94 38.79 60.44
N VAL D 227 -1.05 38.73 59.11
CA VAL D 227 -0.59 39.79 58.23
C VAL D 227 -1.57 39.94 57.08
N SER D 228 -1.79 41.17 56.64
CA SER D 228 -2.61 41.42 55.47
C SER D 228 -1.85 41.09 54.18
N HIS D 229 -2.62 40.75 53.14
CA HIS D 229 -2.03 40.44 51.84
C HIS D 229 -1.15 41.60 51.34
N ARG D 230 -1.57 42.82 51.56
CA ARG D 230 -0.77 43.91 51.06
C ARG D 230 0.32 44.30 51.98
N GLU D 231 0.36 43.73 53.17
CA GLU D 231 1.39 44.14 54.11
C GLU D 231 2.67 43.35 53.92
N VAL D 232 2.58 42.17 53.31
CA VAL D 232 3.76 41.38 53.01
C VAL D 232 4.41 41.84 51.71
N LEU D 233 3.64 42.36 50.77
CA LEU D 233 4.26 43.05 49.63
C LEU D 233 4.96 44.34 50.08
N ASP D 234 4.46 45.00 51.12
CA ASP D 234 4.98 46.32 51.49
C ASP D 234 6.19 46.22 52.39
N ARG D 235 6.34 45.12 53.15
CA ARG D 235 7.54 44.92 53.94
C ARG D 235 8.56 44.03 53.23
N GLY D 236 8.13 43.27 52.23
CA GLY D 236 9.04 42.41 51.52
C GLY D 236 9.35 41.13 52.25
N LEU D 237 8.39 40.57 52.97
CA LEU D 237 8.54 39.25 53.56
C LEU D 237 8.26 38.18 52.51
N ARG D 238 8.79 37.00 52.73
CA ARG D 238 8.67 35.91 51.82
C ARG D 238 7.77 34.83 52.31
N VAL D 239 6.72 34.55 51.57
CA VAL D 239 5.79 33.50 51.94
C VAL D 239 5.72 32.40 50.90
N ALA D 240 5.66 32.76 49.62
CA ALA D 240 5.68 31.82 48.51
C ALA D 240 6.08 32.58 47.26
N ASP D 241 6.16 31.88 46.14
CA ASP D 241 6.51 32.52 44.87
C ASP D 241 5.67 33.76 44.62
N ALA D 242 6.30 34.74 43.99
CA ALA D 242 5.58 35.98 43.70
C ALA D 242 4.44 35.75 42.70
N THR D 243 4.59 34.82 41.78
CA THR D 243 3.52 34.56 40.84
C THR D 243 2.33 33.93 41.54
N ALA D 244 2.61 33.05 42.51
CA ALA D 244 1.53 32.36 43.19
C ALA D 244 0.86 33.25 44.21
N PHE D 245 1.66 34.03 44.94
CA PHE D 245 1.10 34.92 45.95
C PHE D 245 0.12 35.89 45.31
N SER D 246 0.53 36.46 44.17
CA SER D 246 -0.32 37.43 43.49
C SER D 246 -1.61 36.79 42.97
N LEU D 247 -1.56 35.52 42.56
CA LEU D 247 -2.79 34.82 42.21
C LEU D 247 -3.64 34.55 43.46
N CYS D 248 -3.01 34.43 44.63
CA CYS D 248 -3.74 34.34 45.88
C CYS D 248 -4.32 35.68 46.32
N MET D 249 -3.46 36.71 46.39
CA MET D 249 -3.94 38.04 46.78
C MET D 249 -5.11 38.47 45.90
N ASP D 250 -4.94 38.36 44.58
CA ASP D 250 -5.92 38.90 43.64
C ASP D 250 -7.27 38.19 43.76
N ASN D 251 -7.29 36.94 44.22
CA ASN D 251 -8.54 36.23 44.43
C ASN D 251 -8.90 36.08 45.89
N GLY D 252 -8.12 36.69 46.79
CA GLY D 252 -8.31 36.57 48.23
C GLY D 252 -8.27 35.15 48.77
N MET D 253 -7.27 34.42 48.41
CA MET D 253 -7.20 33.10 49.00
C MET D 253 -6.25 33.13 50.21
N PRO D 254 -6.64 32.68 51.41
CA PRO D 254 -5.72 32.79 52.53
C PRO D 254 -4.59 31.78 52.44
N ILE D 255 -3.45 32.16 53.01
CA ILE D 255 -2.25 31.33 53.07
C ILE D 255 -1.77 31.27 54.51
N LEU D 256 -1.55 30.07 55.03
CA LEU D 256 -1.07 29.87 56.39
C LEU D 256 0.26 29.14 56.33
N VAL D 257 1.31 29.81 56.80
CA VAL D 257 2.67 29.28 56.81
C VAL D 257 2.92 28.69 58.18
N PHE D 258 3.22 27.40 58.25
CA PHE D 258 3.36 26.79 59.55
C PHE D 258 4.40 25.68 59.50
N ASN D 259 4.97 25.39 60.66
CA ASN D 259 5.87 24.24 60.82
C ASN D 259 5.03 22.96 60.82
N LEU D 260 5.19 22.15 59.78
CA LEU D 260 4.53 20.85 59.78
C LEU D 260 5.21 19.87 60.70
N LEU D 261 6.54 19.96 60.83
CA LEU D 261 7.31 18.88 61.43
C LEU D 261 7.17 18.82 62.94
N THR D 262 6.56 19.81 63.57
CA THR D 262 6.21 19.65 64.98
C THR D 262 4.89 18.89 65.11
N ASP D 263 4.84 17.96 66.06
CA ASP D 263 3.70 17.06 66.12
C ASP D 263 2.40 17.84 66.29
N GLY D 264 1.37 17.37 65.60
CA GLY D 264 0.03 17.90 65.74
C GLY D 264 -0.15 19.35 65.38
N ASN D 265 0.81 19.95 64.67
CA ASN D 265 0.63 21.36 64.35
C ASN D 265 -0.45 21.57 63.30
N ILE D 266 -0.41 20.83 62.19
CA ILE D 266 -1.40 21.05 61.15
C ILE D 266 -2.79 20.68 61.65
N ALA D 267 -2.90 19.61 62.44
CA ALA D 267 -4.17 19.27 63.08
C ALA D 267 -4.68 20.47 63.89
N ARG D 268 -3.76 21.18 64.54
CA ARG D 268 -4.13 22.39 65.25
C ARG D 268 -4.45 23.55 64.30
N ALA D 269 -3.89 23.55 63.09
CA ALA D 269 -4.16 24.66 62.18
C ALA D 269 -5.58 24.58 61.60
N VAL D 270 -5.96 23.42 61.05
CA VAL D 270 -7.32 23.23 60.52
C VAL D 270 -8.36 23.33 61.64
N ARG D 271 -7.93 23.37 62.88
CA ARG D 271 -8.86 23.47 63.98
C ARG D 271 -9.20 24.90 64.21
N GLY D 272 -8.44 25.80 63.59
CA GLY D 272 -8.66 27.22 63.75
C GLY D 272 -7.78 27.92 64.77
N GLU D 273 -6.79 27.23 65.30
CA GLU D 273 -5.91 27.78 66.32
C GLU D 273 -4.88 28.77 65.85
N LYS D 274 -4.54 29.73 66.68
CA LYS D 274 -3.52 30.71 66.31
C LYS D 274 -2.16 30.02 66.15
N ILE D 275 -1.82 29.65 64.91
CA ILE D 275 -0.65 28.85 64.57
C ILE D 275 0.05 29.51 63.40
N GLY D 276 1.37 29.68 63.50
CA GLY D 276 2.18 30.10 62.35
C GLY D 276 1.98 31.57 61.98
N THR D 277 1.86 31.84 60.68
CA THR D 277 1.59 33.16 60.12
C THR D 277 0.44 33.06 59.14
N LEU D 278 -0.66 33.75 59.40
CA LEU D 278 -1.83 33.69 58.53
C LEU D 278 -1.85 34.95 57.67
N VAL D 279 -1.90 34.76 56.36
CA VAL D 279 -1.99 35.89 55.44
C VAL D 279 -3.42 35.95 54.93
N THR D 280 -4.07 37.10 55.14
CA THR D 280 -5.50 37.17 54.93
C THR D 280 -5.91 38.63 54.67
N THR D 281 -6.68 38.84 53.61
CA THR D 281 -7.33 40.13 53.39
C THR D 281 -8.86 40.03 53.51
N SER E 48 17.49 40.68 10.19
CA SER E 48 16.17 41.23 10.36
C SER E 48 15.14 40.11 10.33
N GLY E 49 14.05 40.29 11.06
CA GLY E 49 12.91 39.42 10.92
C GLY E 49 12.79 38.42 12.07
N TYR E 50 11.57 37.89 12.21
CA TYR E 50 11.26 36.81 13.16
C TYR E 50 10.95 35.55 12.36
N SER E 51 11.57 34.43 12.75
CA SER E 51 11.34 33.19 12.07
C SER E 51 10.16 32.43 12.63
N ARG E 52 9.90 32.54 13.93
CA ARG E 52 8.77 31.84 14.54
C ARG E 52 8.06 32.80 15.47
N VAL E 53 6.76 32.98 15.28
CA VAL E 53 5.99 33.93 16.06
C VAL E 53 4.79 33.23 16.68
N LEU E 54 4.29 33.79 17.79
CA LEU E 54 3.02 33.38 18.40
C LEU E 54 2.04 34.55 18.41
N LEU E 55 0.98 34.41 17.64
CA LEU E 55 0.00 35.46 17.45
C LEU E 55 -1.19 35.22 18.36
N LYS E 56 -1.51 36.21 19.17
CA LYS E 56 -2.68 36.19 20.05
C LYS E 56 -3.82 36.91 19.38
N LEU E 57 -4.90 36.21 19.16
CA LEU E 57 -6.12 36.81 18.66
C LEU E 57 -7.12 36.86 19.79
N GLY E 58 -7.62 38.07 20.10
CA GLY E 58 -8.69 38.22 21.06
C GLY E 58 -9.99 37.70 20.51
N GLY E 59 -11.05 37.81 21.31
CA GLY E 59 -12.36 37.48 20.81
C GLY E 59 -12.87 38.53 19.87
N GLU E 60 -12.39 39.77 20.04
CA GLU E 60 -12.67 40.88 19.14
C GLU E 60 -12.40 40.52 17.69
N MET E 61 -11.42 39.65 17.45
CA MET E 61 -10.99 39.22 16.13
C MET E 61 -11.87 38.10 15.61
N PHE E 62 -12.88 37.72 16.35
CA PHE E 62 -13.89 36.76 15.92
C PHE E 62 -15.30 37.34 15.98
N GLY E 63 -15.69 37.93 17.11
CA GLY E 63 -16.99 38.57 17.18
C GLY E 63 -17.06 39.91 16.50
N GLY E 64 -15.91 40.52 16.26
CA GLY E 64 -15.91 41.83 15.63
C GLY E 64 -16.46 42.90 16.52
N GLY E 65 -16.24 42.79 17.83
CA GLY E 65 -16.77 43.74 18.79
C GLY E 65 -17.94 43.20 19.58
N GLN E 66 -18.94 42.66 18.90
CA GLN E 66 -20.14 42.23 19.60
C GLN E 66 -20.13 40.71 19.74
N VAL E 67 -21.10 40.19 20.49
CA VAL E 67 -21.14 38.77 20.80
C VAL E 67 -21.36 37.95 19.53
N GLY E 68 -20.76 36.76 19.52
CA GLY E 68 -21.00 35.78 18.48
C GLY E 68 -19.85 35.74 17.51
N LEU E 69 -20.14 35.53 16.23
CA LEU E 69 -19.11 35.40 15.21
C LEU E 69 -19.42 36.33 14.04
N ASP E 70 -18.42 37.12 13.63
CA ASP E 70 -18.53 38.03 12.49
C ASP E 70 -17.68 37.48 11.35
N PRO E 71 -18.27 36.79 10.39
CA PRO E 71 -17.47 36.18 9.32
C PRO E 71 -16.62 37.18 8.54
N ASP E 72 -17.05 38.42 8.39
CA ASP E 72 -16.26 39.39 7.63
C ASP E 72 -14.95 39.76 8.33
N VAL E 73 -14.80 39.44 9.61
CA VAL E 73 -13.57 39.72 10.30
C VAL E 73 -12.66 38.52 10.27
N VAL E 74 -13.20 37.35 10.62
CA VAL E 74 -12.39 36.13 10.56
C VAL E 74 -11.84 35.93 9.15
N ALA E 75 -12.59 36.36 8.14
CA ALA E 75 -12.07 36.31 6.78
C ALA E 75 -10.86 37.21 6.64
N GLN E 76 -11.01 38.49 7.00
CA GLN E 76 -9.91 39.44 6.94
C GLN E 76 -8.75 38.98 7.79
N VAL E 77 -9.07 38.38 8.93
CA VAL E 77 -8.06 37.83 9.83
C VAL E 77 -7.29 36.72 9.14
N ALA E 78 -7.99 35.87 8.39
CA ALA E 78 -7.35 34.71 7.79
C ALA E 78 -6.54 35.09 6.56
N ARG E 79 -7.06 36.01 5.76
CA ARG E 79 -6.27 36.51 4.63
C ARG E 79 -4.96 37.09 5.09
N GLN E 80 -4.92 37.60 6.30
CA GLN E 80 -3.71 38.23 6.79
C GLN E 80 -2.68 37.20 7.25
N ILE E 81 -3.08 36.24 8.10
CA ILE E 81 -2.20 35.13 8.45
C ILE E 81 -1.66 34.45 7.19
N ALA E 82 -2.54 34.17 6.24
CA ALA E 82 -2.10 33.44 5.05
C ALA E 82 -1.02 34.20 4.29
N ASP E 83 -1.11 35.53 4.26
CA ASP E 83 -0.10 36.33 3.57
C ASP E 83 1.27 36.19 4.20
N VAL E 84 1.31 36.00 5.52
CA VAL E 84 2.61 35.86 6.20
C VAL E 84 3.11 34.42 6.24
N VAL E 85 2.22 33.42 6.17
CA VAL E 85 2.69 32.03 6.11
C VAL E 85 3.35 31.77 4.76
N ARG E 86 2.87 32.41 3.70
CA ARG E 86 3.48 32.18 2.41
C ARG E 86 4.88 32.75 2.36
N GLY E 87 5.20 33.69 3.23
CA GLY E 87 6.57 34.17 3.35
C GLY E 87 7.53 33.27 4.10
N GLY E 88 7.04 32.19 4.71
CA GLY E 88 7.88 31.22 5.40
C GLY E 88 7.99 31.36 6.91
N VAL E 89 7.21 32.23 7.53
CA VAL E 89 7.20 32.35 8.98
C VAL E 89 6.43 31.20 9.58
N GLN E 90 6.97 30.63 10.66
CA GLN E 90 6.28 29.57 11.39
C GLN E 90 5.41 30.26 12.39
N ILE E 91 4.10 30.08 12.28
CA ILE E 91 3.16 30.89 13.05
C ILE E 91 2.19 30.00 13.83
N ALA E 92 2.30 30.04 15.17
CA ALA E 92 1.33 29.51 16.11
C ALA E 92 0.37 30.59 16.58
N VAL E 93 -0.91 30.26 16.66
CA VAL E 93 -1.99 31.20 16.95
C VAL E 93 -2.65 30.78 18.26
N VAL E 94 -2.77 31.71 19.22
CA VAL E 94 -3.48 31.46 20.48
C VAL E 94 -4.80 32.22 20.46
N ILE E 95 -5.89 31.51 20.66
CA ILE E 95 -7.24 32.00 20.41
C ILE E 95 -7.92 32.37 21.71
N GLY E 96 -8.34 33.63 21.80
CA GLY E 96 -9.09 34.10 22.95
C GLY E 96 -10.58 33.97 22.69
N GLY E 97 -11.37 34.35 23.69
CA GLY E 97 -12.77 33.99 23.63
C GLY E 97 -13.79 34.92 24.24
N GLY E 98 -13.49 36.23 24.27
CA GLY E 98 -14.40 37.22 24.83
C GLY E 98 -15.66 37.47 24.03
N ASN E 99 -15.71 37.04 22.77
CA ASN E 99 -16.95 37.14 22.01
C ASN E 99 -18.03 36.19 22.50
N PHE E 100 -17.73 35.33 23.48
CA PHE E 100 -18.72 34.45 24.09
C PHE E 100 -18.87 34.75 25.59
N PHE E 101 -17.95 34.25 26.41
CA PHE E 101 -17.98 34.48 27.85
C PHE E 101 -16.60 34.78 28.38
N ARG E 102 -16.53 35.43 29.52
CA ARG E 102 -15.29 35.67 30.20
C ARG E 102 -15.56 35.25 31.61
N GLY E 103 -14.68 34.50 32.21
CA GLY E 103 -14.92 33.97 33.52
C GLY E 103 -15.19 34.86 34.68
N ALA E 104 -14.62 36.04 34.67
CA ALA E 104 -14.76 36.99 35.72
C ALA E 104 -15.94 37.86 35.52
N GLN E 105 -16.52 37.82 34.36
CA GLN E 105 -17.66 38.60 34.03
C GLN E 105 -18.85 37.88 34.50
N LEU E 106 -18.83 36.58 34.40
CA LEU E 106 -19.93 35.77 34.77
C LEU E 106 -19.93 35.49 36.21
N GLN E 107 -18.82 35.66 36.87
CA GLN E 107 -18.78 35.40 38.29
C GLN E 107 -19.31 36.60 39.01
N GLN E 108 -19.16 37.77 38.41
CA GLN E 108 -19.64 38.97 39.03
C GLN E 108 -21.13 38.99 39.00
N LEU E 109 -21.68 38.20 38.11
CA LEU E 109 -23.13 38.08 38.01
C LEU E 109 -23.70 37.08 38.98
N GLY E 110 -22.89 36.13 39.43
CA GLY E 110 -23.39 35.15 40.38
C GLY E 110 -22.96 33.73 40.11
N MET E 111 -22.53 33.45 38.89
CA MET E 111 -22.08 32.12 38.53
C MET E 111 -20.72 31.82 39.17
N GLU E 112 -20.47 30.56 39.42
CA GLU E 112 -19.23 30.15 40.00
C GLU E 112 -18.13 30.46 39.09
N ARG E 113 -16.94 30.72 39.57
CA ARG E 113 -15.96 31.14 38.57
C ARG E 113 -15.38 29.96 37.80
N THR E 114 -15.03 28.87 38.50
CA THR E 114 -14.50 27.68 37.83
C THR E 114 -15.34 27.29 36.62
N ARG E 115 -16.61 26.96 36.89
CA ARG E 115 -17.56 26.57 35.86
C ARG E 115 -17.67 27.60 34.73
N SER E 116 -17.55 28.89 35.07
CA SER E 116 -17.51 29.93 34.06
C SER E 116 -16.18 30.03 33.34
N ASP E 117 -15.07 29.59 33.94
CA ASP E 117 -13.82 29.59 33.20
C ASP E 117 -13.83 28.48 32.15
N TYR E 118 -14.38 27.30 32.48
CA TYR E 118 -14.55 26.27 31.47
C TYR E 118 -15.49 26.74 30.39
N MET E 119 -16.57 27.41 30.77
CA MET E 119 -17.46 27.93 29.75
C MET E 119 -16.69 28.76 28.75
N GLY E 120 -15.72 29.50 29.22
CA GLY E 120 -15.08 30.47 28.37
C GLY E 120 -13.93 29.89 27.61
N MET E 121 -13.31 28.87 28.15
CA MET E 121 -12.33 28.17 27.34
C MET E 121 -13.01 27.42 26.23
N LEU E 122 -14.23 26.94 26.46
CA LEU E 122 -14.93 26.19 25.42
C LEU E 122 -15.30 27.09 24.27
N GLY E 123 -15.65 28.33 24.55
CA GLY E 123 -15.83 29.29 23.48
C GLY E 123 -14.61 29.43 22.61
N THR E 124 -13.40 29.40 23.20
CA THR E 124 -12.22 29.66 22.38
C THR E 124 -11.90 28.47 21.48
N VAL E 125 -12.41 27.27 21.77
CA VAL E 125 -12.33 26.20 20.79
C VAL E 125 -13.22 26.50 19.61
N MET E 126 -14.41 27.05 19.86
CA MET E 126 -15.33 27.39 18.79
C MET E 126 -14.69 28.40 17.86
N ASN E 127 -14.02 29.40 18.41
CA ASN E 127 -13.22 30.28 17.58
C ASN E 127 -12.14 29.52 16.84
N SER E 128 -11.49 28.54 17.50
CA SER E 128 -10.41 27.79 16.87
C SER E 128 -10.91 26.99 15.69
N LEU E 129 -12.04 26.31 15.84
CA LEU E 129 -12.62 25.62 14.68
C LEU E 129 -13.03 26.61 13.60
N ALA E 130 -13.32 27.86 13.97
CA ALA E 130 -13.76 28.82 12.98
C ALA E 130 -12.58 29.42 12.24
N LEU E 131 -11.50 29.74 12.94
CA LEU E 131 -10.27 30.14 12.27
C LEU E 131 -9.77 29.04 11.35
N GLN E 132 -9.92 27.79 11.74
CA GLN E 132 -9.46 26.67 10.94
C GLN E 132 -10.19 26.63 9.60
N ASP E 133 -11.52 26.81 9.63
CA ASP E 133 -12.31 26.82 8.40
C ASP E 133 -11.90 27.97 7.46
N PHE E 134 -11.75 29.17 8.00
CA PHE E 134 -11.43 30.32 7.16
C PHE E 134 -10.00 30.29 6.67
N LEU E 135 -9.06 29.84 7.49
CA LEU E 135 -7.71 29.61 6.98
C LEU E 135 -7.68 28.56 5.88
N GLU E 136 -8.57 27.56 5.96
CA GLU E 136 -8.64 26.49 4.94
C GLU E 136 -9.14 27.01 3.59
N LYS E 137 -10.19 27.84 3.58
CA LYS E 137 -10.55 28.50 2.32
C LYS E 137 -9.42 29.35 1.77
N GLU E 138 -8.42 29.69 2.59
CA GLU E 138 -7.27 30.44 2.12
C GLU E 138 -6.10 29.55 1.68
N GLY E 139 -6.26 28.23 1.66
CA GLY E 139 -5.23 27.31 1.20
C GLY E 139 -4.21 26.92 2.25
N ILE E 140 -4.46 27.31 3.49
CA ILE E 140 -3.48 27.19 4.57
C ILE E 140 -3.78 25.93 5.35
N VAL E 141 -2.76 25.13 5.60
CA VAL E 141 -2.94 23.90 6.36
C VAL E 141 -2.89 24.25 7.85
N THR E 142 -3.87 23.74 8.61
CA THR E 142 -4.03 24.03 10.02
C THR E 142 -3.97 22.77 10.88
N ARG E 143 -3.41 22.94 12.08
CA ARG E 143 -3.40 21.94 13.13
C ARG E 143 -3.85 22.59 14.42
N VAL E 144 -4.99 22.14 14.95
CA VAL E 144 -5.57 22.69 16.16
C VAL E 144 -5.23 21.79 17.35
N GLN E 145 -4.82 22.41 18.46
CA GLN E 145 -4.42 21.73 19.67
C GLN E 145 -5.13 22.37 20.85
N THR E 146 -5.87 21.58 21.62
CA THR E 146 -6.62 22.05 22.76
C THR E 146 -6.00 21.60 24.07
N ALA E 147 -5.96 22.51 25.03
CA ALA E 147 -5.39 22.25 26.32
C ALA E 147 -6.27 21.38 27.18
N ILE E 148 -7.57 21.30 26.86
CA ILE E 148 -8.50 20.34 27.44
C ILE E 148 -8.66 19.25 26.42
N THR E 149 -8.27 18.03 26.75
CA THR E 149 -8.15 17.05 25.68
C THR E 149 -9.54 16.61 25.21
N MET E 150 -9.77 16.73 23.85
CA MET E 150 -11.05 16.38 23.20
C MET E 150 -10.70 15.63 21.94
N GLY E 151 -10.47 14.33 22.03
CA GLY E 151 -9.85 13.65 20.91
C GLY E 151 -10.63 13.78 19.62
N GLN E 152 -11.93 13.55 19.67
CA GLN E 152 -12.78 13.61 18.50
C GLN E 152 -12.67 14.92 17.76
N VAL E 153 -12.31 16.01 18.45
CA VAL E 153 -12.41 17.36 17.94
C VAL E 153 -11.05 17.95 17.56
N ALA E 154 -10.00 17.64 18.31
CA ALA E 154 -8.65 18.10 18.03
C ALA E 154 -7.64 17.20 18.73
N GLU E 155 -6.42 17.20 18.25
CA GLU E 155 -5.39 16.52 19.03
C GLU E 155 -5.13 17.30 20.31
N PRO E 156 -4.76 16.61 21.39
CA PRO E 156 -4.46 17.29 22.66
C PRO E 156 -3.24 18.19 22.67
N TYR E 157 -2.90 18.76 23.82
CA TYR E 157 -1.73 19.62 23.88
C TYR E 157 -0.49 18.77 23.85
N LEU E 158 0.23 18.78 22.74
CA LEU E 158 1.51 18.08 22.69
C LEU E 158 2.51 19.06 22.12
N PRO E 159 3.38 19.65 22.94
CA PRO E 159 4.21 20.75 22.43
C PRO E 159 5.26 20.31 21.44
N LEU E 160 5.84 19.11 21.59
CA LEU E 160 6.88 18.67 20.67
C LEU E 160 6.32 18.43 19.27
N ARG E 161 5.07 17.98 19.19
CA ARG E 161 4.44 17.83 17.88
C ARG E 161 4.02 19.19 17.35
N ALA E 162 3.57 20.08 18.22
CA ALA E 162 3.23 21.42 17.79
C ALA E 162 4.42 22.14 17.16
N VAL E 163 5.60 21.82 17.58
CA VAL E 163 6.78 22.44 17.02
C VAL E 163 7.13 21.87 15.69
N ARG E 164 6.77 20.63 15.42
CA ARG E 164 7.09 20.01 14.17
C ARG E 164 6.06 20.32 13.17
N HIS E 165 4.88 20.74 13.59
CA HIS E 165 3.85 21.05 12.65
C HIS E 165 4.36 22.23 12.00
N LEU E 166 4.77 23.23 12.76
CA LEU E 166 5.34 24.46 12.25
C LEU E 166 6.45 24.15 11.30
N GLU E 167 7.45 23.41 11.73
CA GLU E 167 8.51 23.06 10.78
C GLU E 167 7.95 22.43 9.53
N LYS E 168 6.92 21.59 9.66
CA LYS E 168 6.25 21.03 8.49
C LYS E 168 5.45 22.06 7.74
N GLY E 169 5.45 23.31 8.19
CA GLY E 169 4.80 24.39 7.47
C GLY E 169 3.34 24.55 7.77
N ARG E 170 2.87 23.96 8.86
CA ARG E 170 1.48 24.00 9.25
C ARG E 170 1.25 25.13 10.26
N VAL E 171 0.04 25.67 10.25
CA VAL E 171 -0.31 26.72 11.20
C VAL E 171 -0.99 26.05 12.40
N VAL E 172 -0.50 26.38 13.60
CA VAL E 172 -0.85 25.69 14.84
C VAL E 172 -1.80 26.58 15.63
N ILE E 173 -2.97 26.04 16.00
CA ILE E 173 -4.04 26.80 16.64
C ILE E 173 -4.25 26.22 18.03
N PHE E 174 -3.89 26.98 19.06
CA PHE E 174 -4.00 26.56 20.45
C PHE E 174 -5.33 27.03 21.03
N GLY E 175 -6.21 26.08 21.33
CA GLY E 175 -7.52 26.39 21.85
C GLY E 175 -7.64 25.90 23.27
N ALA E 176 -8.73 26.31 23.93
CA ALA E 176 -8.97 26.07 25.34
C ALA E 176 -7.94 26.77 26.22
N GLY E 177 -7.26 27.78 25.67
CA GLY E 177 -6.25 28.49 26.41
C GLY E 177 -5.22 27.56 27.00
N MET E 178 -4.94 27.73 28.29
CA MET E 178 -4.05 26.87 29.02
C MET E 178 -4.76 25.69 29.66
N GLY E 179 -6.07 25.58 29.54
CA GLY E 179 -6.73 24.45 30.14
C GLY E 179 -7.11 24.60 31.60
N LEU E 180 -6.83 25.74 32.22
CA LEU E 180 -6.96 25.85 33.66
C LEU E 180 -7.79 27.07 34.04
N PRO E 181 -8.73 26.93 34.96
CA PRO E 181 -9.46 28.11 35.44
C PRO E 181 -8.54 28.99 36.27
N TYR E 182 -8.83 30.29 36.24
CA TYR E 182 -8.11 31.35 36.91
C TYR E 182 -6.90 31.82 36.13
N PHE E 183 -6.89 31.57 34.82
CA PHE E 183 -5.85 32.04 33.93
C PHE E 183 -6.52 32.74 32.74
N SER E 184 -5.74 33.46 31.95
CA SER E 184 -6.22 34.17 30.76
C SER E 184 -5.59 33.61 29.50
N THR E 185 -6.19 33.89 28.32
CA THR E 185 -5.51 33.50 27.08
C THR E 185 -4.31 34.38 26.78
N ASP E 186 -4.30 35.62 27.27
CA ASP E 186 -3.09 36.41 27.22
C ASP E 186 -1.96 35.64 27.89
N THR E 187 -2.18 35.09 29.08
CA THR E 187 -1.12 34.34 29.71
C THR E 187 -0.82 33.07 28.92
N THR E 188 -1.82 32.48 28.26
CA THR E 188 -1.54 31.28 27.47
C THR E 188 -0.57 31.60 26.35
N ALA E 189 -0.75 32.75 25.71
CA ALA E 189 0.15 33.16 24.64
C ALA E 189 1.56 33.35 25.14
N ALA E 190 1.72 33.97 26.32
CA ALA E 190 3.05 34.04 26.92
C ALA E 190 3.62 32.64 27.13
N GLN E 191 2.83 31.74 27.74
CA GLN E 191 3.29 30.39 28.06
C GLN E 191 3.66 29.61 26.81
N ARG E 192 2.68 29.39 25.92
CA ARG E 192 2.96 28.62 24.71
C ARG E 192 4.13 29.21 23.94
N ALA E 193 4.19 30.53 23.83
CA ALA E 193 5.25 31.15 23.05
C ALA E 193 6.62 30.82 23.62
N LEU E 194 6.72 30.68 24.93
CA LEU E 194 8.00 30.32 25.55
C LEU E 194 8.31 28.84 25.37
N GLU E 195 7.28 27.98 25.37
CA GLU E 195 7.52 26.54 25.24
C GLU E 195 7.83 26.15 23.81
N ILE E 196 7.18 26.79 22.83
CA ILE E 196 7.38 26.37 21.45
C ILE E 196 8.52 27.16 20.82
N GLY E 197 9.26 27.90 21.64
CA GLY E 197 10.45 28.60 21.17
C GLY E 197 10.17 29.71 20.19
N ALA E 198 9.14 30.50 20.44
CA ALA E 198 8.81 31.61 19.56
C ALA E 198 9.82 32.73 19.77
N ASP E 199 9.98 33.56 18.75
CA ASP E 199 10.89 34.68 18.90
C ASP E 199 10.21 35.91 19.45
N VAL E 200 8.88 35.99 19.36
CA VAL E 200 8.13 37.18 19.75
C VAL E 200 6.67 36.80 19.92
N VAL E 201 5.97 37.50 20.80
CA VAL E 201 4.53 37.36 20.98
C VAL E 201 3.87 38.53 20.27
N LEU E 202 3.01 38.24 19.28
CA LEU E 202 2.36 39.28 18.49
C LEU E 202 0.96 39.50 19.07
N MET E 203 0.77 40.63 19.74
CA MET E 203 -0.52 40.97 20.32
C MET E 203 -1.32 41.72 19.26
N ALA E 204 -2.20 41.00 18.59
CA ALA E 204 -2.99 41.55 17.48
C ALA E 204 -4.20 42.31 18.01
N LYS E 205 -4.29 43.59 17.66
CA LYS E 205 -5.30 44.50 18.15
C LYS E 205 -6.03 45.14 16.97
N ALA E 206 -7.04 45.95 17.26
CA ALA E 206 -7.73 46.69 16.23
C ALA E 206 -7.33 48.17 16.20
N VAL E 207 -6.30 48.56 16.96
CA VAL E 207 -5.69 49.88 16.89
C VAL E 207 -4.19 49.70 16.68
N ASP E 208 -3.51 50.82 16.38
CA ASP E 208 -2.19 50.71 15.76
C ASP E 208 -1.08 50.33 16.73
N GLY E 209 -1.23 50.57 18.02
CA GLY E 209 -0.25 50.13 19.00
C GLY E 209 -0.59 50.49 20.42
N VAL E 210 0.42 50.83 21.22
CA VAL E 210 0.24 51.30 22.59
C VAL E 210 0.43 52.82 22.61
N PHE E 211 -0.59 53.56 23.04
CA PHE E 211 -0.50 55.00 23.18
C PHE E 211 -0.21 55.33 24.65
N ALA E 212 -0.04 56.61 24.97
CA ALA E 212 0.08 57.03 26.37
C ALA E 212 -1.24 57.70 26.77
N GLU E 213 -2.22 56.88 27.21
CA GLU E 213 -3.59 57.24 27.60
C GLU E 213 -4.57 57.22 26.42
N ASP E 214 -5.86 57.44 26.69
CA ASP E 214 -6.87 57.35 25.64
C ASP E 214 -7.88 58.52 25.73
N ALA E 221 -2.63 62.08 22.16
CA ALA E 221 -2.03 60.92 22.81
C ALA E 221 -1.00 60.17 21.93
N GLU E 222 0.28 60.61 22.01
CA GLU E 222 1.34 60.08 21.16
C GLU E 222 1.50 58.57 21.32
N LEU E 223 1.49 57.87 20.18
CA LEU E 223 1.78 56.44 20.11
C LEU E 223 3.29 56.22 20.15
N LEU E 224 3.76 55.39 21.08
CA LEU E 224 5.19 55.17 21.21
C LEU E 224 5.55 53.82 20.65
N THR E 225 6.65 53.79 19.91
CA THR E 225 6.98 52.69 19.02
C THR E 225 7.86 51.62 19.69
N ALA E 226 8.70 51.99 20.64
CA ALA E 226 9.67 51.07 21.23
C ALA E 226 9.82 51.40 22.69
N VAL E 227 9.64 50.40 23.55
CA VAL E 227 9.68 50.61 24.99
C VAL E 227 10.23 49.36 25.66
N SER E 228 10.97 49.58 26.74
CA SER E 228 11.40 48.51 27.63
C SER E 228 10.20 47.85 28.30
N HIS E 229 10.34 46.56 28.62
CA HIS E 229 9.32 45.86 29.41
C HIS E 229 9.04 46.60 30.71
N ARG E 230 10.10 46.99 31.42
CA ARG E 230 9.90 47.67 32.67
C ARG E 230 9.40 49.08 32.47
N GLU E 231 9.68 49.68 31.30
CA GLU E 231 9.18 51.01 30.97
C GLU E 231 7.67 51.03 30.85
N VAL E 232 7.08 49.92 30.38
CA VAL E 232 5.63 49.79 30.26
C VAL E 232 4.96 49.84 31.63
N LEU E 233 5.44 49.02 32.57
CA LEU E 233 4.87 49.02 33.92
C LEU E 233 5.09 50.36 34.64
N ASP E 234 6.21 51.03 34.38
CA ASP E 234 6.49 52.30 35.04
C ASP E 234 5.61 53.42 34.50
N ARG E 235 5.15 53.29 33.25
CA ARG E 235 4.20 54.22 32.68
C ARG E 235 2.78 53.70 32.73
N GLY E 236 2.55 52.60 33.47
CA GLY E 236 1.22 52.03 33.59
C GLY E 236 0.51 51.90 32.26
N LEU E 237 0.99 51.00 31.41
CA LEU E 237 0.44 50.83 30.08
C LEU E 237 -0.27 49.49 29.98
N ARG E 238 -1.33 49.45 29.17
CA ARG E 238 -2.07 48.21 28.89
C ARG E 238 -1.41 47.51 27.70
N VAL E 239 -0.53 46.56 27.98
CA VAL E 239 0.07 45.76 26.94
C VAL E 239 -0.54 44.36 26.89
N ALA E 240 -0.70 43.74 28.05
CA ALA E 240 -1.38 42.46 28.14
C ALA E 240 -1.88 42.31 29.56
N ASP E 241 -2.30 41.10 29.92
CA ASP E 241 -2.47 40.74 31.32
C ASP E 241 -1.23 41.11 32.12
N ALA E 242 -1.46 41.56 33.35
CA ALA E 242 -0.34 41.72 34.27
C ALA E 242 0.38 40.39 34.45
N THR E 243 -0.39 39.32 34.68
CA THR E 243 0.14 37.97 34.80
C THR E 243 0.87 37.54 33.54
N ALA E 244 0.35 37.90 32.36
CA ALA E 244 1.03 37.55 31.12
C ALA E 244 2.31 38.34 30.97
N PHE E 245 2.25 39.64 31.19
CA PHE E 245 3.43 40.47 31.09
C PHE E 245 4.55 39.99 31.99
N SER E 246 4.22 39.49 33.19
CA SER E 246 5.26 38.97 34.09
C SER E 246 5.97 37.79 33.44
N LEU E 247 5.21 36.80 33.00
CA LEU E 247 5.82 35.63 32.39
C LEU E 247 6.70 35.99 31.21
N CYS E 248 6.35 37.04 30.45
CA CYS E 248 7.20 37.49 29.36
C CYS E 248 8.42 38.24 29.86
N MET E 249 8.20 39.28 30.67
CA MET E 249 9.30 40.14 31.13
C MET E 249 10.34 39.32 31.89
N ASP E 250 9.89 38.49 32.83
CA ASP E 250 10.80 37.69 33.63
C ASP E 250 11.68 36.76 32.79
N ASN E 251 11.16 36.29 31.64
CA ASN E 251 11.89 35.38 30.75
C ASN E 251 12.42 36.06 29.49
N GLY E 252 12.25 37.37 29.33
CA GLY E 252 12.86 38.07 28.22
C GLY E 252 12.15 37.96 26.90
N MET E 253 10.94 37.38 26.89
CA MET E 253 10.09 37.25 25.71
C MET E 253 9.54 38.58 25.21
N PRO E 254 9.91 39.04 24.01
CA PRO E 254 9.44 40.33 23.52
C PRO E 254 8.03 40.28 22.97
N ILE E 255 7.37 41.44 22.98
CA ILE E 255 5.97 41.54 22.56
C ILE E 255 5.81 42.70 21.58
N LEU E 256 5.03 42.46 20.52
CA LEU E 256 4.75 43.47 19.51
C LEU E 256 3.24 43.67 19.42
N VAL E 257 2.80 44.89 19.72
CA VAL E 257 1.39 45.26 19.70
C VAL E 257 1.14 46.03 18.41
N PHE E 258 0.31 45.47 17.54
CA PHE E 258 0.07 46.09 16.24
C PHE E 258 -1.39 45.93 15.83
N ASN E 259 -1.76 46.69 14.80
CA ASN E 259 -3.11 46.68 14.23
C ASN E 259 -3.10 45.63 13.12
N LEU E 260 -3.51 44.42 13.47
CA LEU E 260 -3.49 43.29 12.53
C LEU E 260 -4.43 43.50 11.36
N LEU E 261 -5.45 44.33 11.50
CA LEU E 261 -6.49 44.38 10.49
C LEU E 261 -6.13 45.29 9.31
N THR E 262 -5.29 46.30 9.51
CA THR E 262 -4.89 47.14 8.38
C THR E 262 -4.02 46.30 7.45
N ASP E 263 -4.32 46.38 6.15
CA ASP E 263 -3.86 45.36 5.20
C ASP E 263 -2.35 45.22 5.20
N GLY E 264 -1.90 43.98 5.25
CA GLY E 264 -0.49 43.65 5.13
C GLY E 264 0.40 44.15 6.24
N ASN E 265 -0.09 44.16 7.48
CA ASN E 265 0.70 44.63 8.60
C ASN E 265 1.43 43.54 9.34
N ILE E 266 0.87 42.34 9.41
CA ILE E 266 1.59 41.29 10.12
C ILE E 266 2.77 40.82 9.28
N ALA E 267 2.65 40.90 7.95
CA ALA E 267 3.79 40.55 7.11
C ALA E 267 4.90 41.57 7.26
N ARG E 268 4.54 42.86 7.30
CA ARG E 268 5.45 43.91 7.73
C ARG E 268 6.08 43.55 9.06
N ALA E 269 5.28 43.07 10.00
CA ALA E 269 5.78 42.88 11.36
C ALA E 269 6.90 41.86 11.37
N VAL E 270 6.69 40.70 10.75
CA VAL E 270 7.66 39.62 10.81
C VAL E 270 8.88 39.89 9.95
N ARG E 271 8.77 40.74 8.91
CA ARG E 271 9.94 41.15 8.14
C ARG E 271 10.90 41.99 8.97
N GLY E 272 10.46 42.53 10.08
CA GLY E 272 11.30 43.36 10.93
C GLY E 272 10.96 44.83 10.88
N GLU E 273 10.06 45.25 10.00
CA GLU E 273 9.74 46.66 9.84
C GLU E 273 9.28 47.26 11.16
N LYS E 274 9.51 48.56 11.32
CA LYS E 274 9.22 49.27 12.56
C LYS E 274 7.71 49.55 12.57
N ILE E 275 6.96 48.52 12.96
CA ILE E 275 5.51 48.54 12.90
C ILE E 275 4.98 48.40 14.31
N GLY E 276 4.06 49.27 14.70
CA GLY E 276 3.40 49.14 15.99
C GLY E 276 4.28 49.52 17.17
N THR E 277 4.17 48.74 18.25
CA THR E 277 4.91 48.93 19.49
C THR E 277 5.68 47.68 19.86
N LEU E 278 6.99 47.82 20.05
CA LEU E 278 7.85 46.71 20.41
C LEU E 278 8.30 46.85 21.88
N VAL E 279 7.89 45.87 22.69
CA VAL E 279 8.27 45.78 24.09
C VAL E 279 9.44 44.81 24.19
N THR E 280 10.64 45.29 24.53
CA THR E 280 11.80 44.41 24.50
C THR E 280 12.81 44.79 25.59
N THR E 281 13.41 43.77 26.24
CA THR E 281 14.42 44.04 27.29
C THR E 281 15.84 43.58 26.90
N SER F 48 -51.53 7.41 35.26
CA SER F 48 -51.56 8.80 35.70
C SER F 48 -50.26 9.17 36.45
N GLY F 49 -49.24 9.61 35.69
CA GLY F 49 -47.96 9.98 36.26
C GLY F 49 -46.72 9.42 35.59
N TYR F 50 -45.72 10.25 35.31
CA TYR F 50 -44.47 9.81 34.70
C TYR F 50 -43.39 9.65 35.77
N SER F 51 -42.77 8.49 35.77
CA SER F 51 -41.79 8.17 36.79
C SER F 51 -40.41 8.69 36.40
N ARG F 52 -40.03 8.54 35.14
CA ARG F 52 -38.73 8.99 34.64
C ARG F 52 -39.00 9.75 33.34
N VAL F 53 -38.37 10.92 33.18
CA VAL F 53 -38.66 11.78 32.04
C VAL F 53 -37.36 12.31 31.44
N LEU F 54 -37.41 12.61 30.14
CA LEU F 54 -36.33 13.28 29.41
C LEU F 54 -36.82 14.61 28.88
N LEU F 55 -36.31 15.71 29.43
CA LEU F 55 -36.69 17.07 29.09
C LEU F 55 -35.69 17.62 28.08
N LYS F 56 -36.20 18.25 27.01
CA LYS F 56 -35.41 18.84 25.95
C LYS F 56 -35.49 20.36 26.07
N LEU F 57 -34.36 21.01 26.29
CA LEU F 57 -34.31 22.45 26.37
C LEU F 57 -33.60 22.97 25.14
N GLY F 58 -34.33 23.64 24.27
CA GLY F 58 -33.72 24.29 23.13
C GLY F 58 -32.81 25.43 23.53
N GLY F 59 -32.19 26.04 22.52
CA GLY F 59 -31.28 27.14 22.81
C GLY F 59 -31.98 28.43 23.23
N GLU F 60 -33.27 28.55 22.97
CA GLU F 60 -33.93 29.76 23.39
C GLU F 60 -34.14 29.78 24.89
N MET F 61 -34.02 28.62 25.54
CA MET F 61 -34.07 28.52 27.00
C MET F 61 -32.75 28.90 27.66
N PHE F 62 -31.75 29.32 26.89
CA PHE F 62 -30.49 29.81 27.42
C PHE F 62 -30.15 31.19 26.85
N GLY F 63 -30.51 31.41 25.59
CA GLY F 63 -30.27 32.69 24.94
C GLY F 63 -31.38 33.69 25.09
N GLY F 64 -32.58 33.22 25.43
CA GLY F 64 -33.66 34.14 25.72
C GLY F 64 -34.24 34.72 24.48
N GLY F 65 -34.07 34.01 23.36
CA GLY F 65 -34.39 34.46 22.04
C GLY F 65 -33.19 34.94 21.25
N GLN F 66 -32.16 35.42 21.94
CA GLN F 66 -31.06 36.11 21.31
C GLN F 66 -29.84 35.22 21.42
N VAL F 67 -28.84 35.57 20.63
CA VAL F 67 -27.55 34.90 20.75
C VAL F 67 -26.95 35.22 22.12
N GLY F 68 -26.42 34.19 22.77
CA GLY F 68 -25.62 34.34 23.99
C GLY F 68 -26.25 33.64 25.18
N LEU F 69 -26.14 34.27 26.35
CA LEU F 69 -26.76 33.74 27.57
C LEU F 69 -27.58 34.83 28.27
N ASP F 70 -28.90 34.65 28.32
CA ASP F 70 -29.75 35.45 29.18
C ASP F 70 -29.95 34.74 30.52
N PRO F 71 -29.24 35.14 31.58
CA PRO F 71 -29.38 34.46 32.87
C PRO F 71 -30.76 34.54 33.49
N ASP F 72 -31.67 35.39 33.00
CA ASP F 72 -33.01 35.41 33.57
C ASP F 72 -33.78 34.16 33.23
N VAL F 73 -33.50 33.57 32.08
CA VAL F 73 -34.28 32.44 31.61
C VAL F 73 -33.79 31.14 32.22
N VAL F 74 -32.47 30.87 32.17
CA VAL F 74 -31.95 29.66 32.79
C VAL F 74 -32.30 29.62 34.28
N ALA F 75 -32.17 30.76 34.96
CA ALA F 75 -32.62 30.82 36.34
C ALA F 75 -34.07 30.38 36.47
N GLN F 76 -34.95 30.86 35.59
CA GLN F 76 -36.33 30.45 35.72
C GLN F 76 -36.51 28.99 35.32
N VAL F 77 -35.76 28.50 34.33
CA VAL F 77 -35.87 27.09 33.97
C VAL F 77 -35.28 26.22 35.08
N ALA F 78 -34.16 26.66 35.66
CA ALA F 78 -33.56 25.93 36.76
C ALA F 78 -34.51 25.88 37.96
N ARG F 79 -35.27 26.97 38.18
CA ARG F 79 -36.25 26.96 39.25
C ARG F 79 -37.34 25.94 38.97
N GLN F 80 -37.77 25.81 37.71
CA GLN F 80 -38.88 24.93 37.43
C GLN F 80 -38.48 23.46 37.34
N ILE F 81 -37.20 23.17 37.11
CA ILE F 81 -36.75 21.80 37.19
C ILE F 81 -36.63 21.35 38.63
N ALA F 82 -36.11 22.21 39.52
CA ALA F 82 -35.97 21.80 40.92
C ALA F 82 -37.31 21.43 41.52
N ASP F 83 -38.34 22.20 41.19
CA ASP F 83 -39.69 21.91 41.65
C ASP F 83 -40.12 20.50 41.26
N VAL F 84 -39.68 20.02 40.11
CA VAL F 84 -40.12 18.69 39.72
C VAL F 84 -39.24 17.62 40.35
N VAL F 85 -37.99 17.96 40.70
CA VAL F 85 -37.10 16.98 41.29
C VAL F 85 -37.53 16.63 42.70
N ARG F 86 -37.81 17.66 43.50
CA ARG F 86 -38.34 17.43 44.84
C ARG F 86 -39.68 16.68 44.78
N GLY F 87 -40.42 16.81 43.69
CA GLY F 87 -41.61 15.98 43.56
C GLY F 87 -41.33 14.50 43.36
N GLY F 88 -40.07 14.13 43.17
CA GLY F 88 -39.71 12.74 43.03
C GLY F 88 -39.67 12.19 41.62
N VAL F 89 -39.49 13.00 40.62
CA VAL F 89 -39.31 12.50 39.27
C VAL F 89 -37.81 12.40 38.99
N GLN F 90 -37.46 11.41 38.17
CA GLN F 90 -36.10 11.27 37.71
C GLN F 90 -36.01 12.00 36.37
N ILE F 91 -35.08 12.92 36.24
CA ILE F 91 -35.10 13.82 35.10
C ILE F 91 -33.69 13.93 34.55
N ALA F 92 -33.56 13.64 33.24
CA ALA F 92 -32.40 13.99 32.45
C ALA F 92 -32.77 15.06 31.45
N VAL F 93 -31.79 15.84 31.04
CA VAL F 93 -32.01 17.08 30.33
C VAL F 93 -31.07 17.09 29.12
N VAL F 94 -31.63 17.03 27.91
CA VAL F 94 -30.86 17.17 26.70
C VAL F 94 -30.85 18.64 26.30
N ILE F 95 -29.69 19.19 26.08
CA ILE F 95 -29.49 20.62 25.96
C ILE F 95 -29.13 20.97 24.53
N GLY F 96 -29.90 21.90 23.94
CA GLY F 96 -29.62 22.40 22.60
C GLY F 96 -28.72 23.62 22.62
N GLY F 97 -28.41 24.10 21.42
CA GLY F 97 -27.45 25.20 21.34
C GLY F 97 -27.73 26.24 20.28
N GLY F 98 -29.01 26.45 19.95
CA GLY F 98 -29.37 27.45 18.96
C GLY F 98 -28.85 28.84 19.28
N ASN F 99 -28.58 29.11 20.55
CA ASN F 99 -28.19 30.46 20.95
C ASN F 99 -26.75 30.78 20.65
N PHE F 100 -25.96 29.82 20.21
CA PHE F 100 -24.62 30.07 19.74
C PHE F 100 -24.60 29.83 18.22
N PHE F 101 -24.49 28.56 17.80
CA PHE F 101 -24.38 28.23 16.38
C PHE F 101 -25.26 27.04 16.02
N ARG F 102 -25.86 27.10 14.84
CA ARG F 102 -26.46 25.95 14.19
C ARG F 102 -25.58 25.58 13.00
N GLY F 103 -25.23 24.31 12.88
CA GLY F 103 -24.31 23.95 11.83
C GLY F 103 -24.88 24.22 10.46
N ALA F 104 -26.19 24.01 10.30
CA ALA F 104 -26.84 24.17 9.00
C ALA F 104 -26.82 25.63 8.52
N GLN F 105 -26.97 26.60 9.44
CA GLN F 105 -26.96 28.00 9.03
C GLN F 105 -25.55 28.51 8.75
N LEU F 106 -24.56 28.09 9.54
CA LEU F 106 -23.19 28.41 9.17
C LEU F 106 -22.78 27.74 7.88
N GLN F 107 -23.30 26.54 7.61
CA GLN F 107 -22.99 25.86 6.35
C GLN F 107 -23.41 26.69 5.16
N GLN F 108 -24.48 27.45 5.30
CA GLN F 108 -25.00 28.26 4.23
C GLN F 108 -24.30 29.61 4.14
N LEU F 109 -23.63 30.04 5.20
CA LEU F 109 -22.68 31.14 5.11
C LEU F 109 -21.38 30.74 4.42
N GLY F 110 -21.19 29.45 4.10
CA GLY F 110 -19.99 28.97 3.44
C GLY F 110 -19.11 28.04 4.25
N MET F 111 -19.26 27.98 5.56
CA MET F 111 -18.41 27.17 6.42
C MET F 111 -18.67 25.68 6.18
N GLU F 112 -17.68 24.85 6.46
CA GLU F 112 -17.90 23.42 6.27
C GLU F 112 -18.87 22.92 7.32
N ARG F 113 -19.73 22.00 6.91
CA ARG F 113 -20.79 21.53 7.80
C ARG F 113 -20.22 20.83 9.02
N THR F 114 -19.23 19.96 8.86
CA THR F 114 -18.80 19.17 10.01
C THR F 114 -18.13 20.05 11.06
N ARG F 115 -17.33 21.04 10.65
CA ARG F 115 -16.71 21.92 11.63
C ARG F 115 -17.76 22.79 12.29
N SER F 116 -18.76 23.19 11.52
CA SER F 116 -19.82 24.01 12.07
C SER F 116 -20.73 23.21 12.96
N ASP F 117 -20.78 21.91 12.79
CA ASP F 117 -21.61 21.14 13.67
C ASP F 117 -20.87 20.96 14.97
N TYR F 118 -19.57 20.85 14.96
CA TYR F 118 -18.83 20.71 16.21
C TYR F 118 -18.92 21.99 17.02
N MET F 119 -18.78 23.13 16.34
CA MET F 119 -19.01 24.41 16.99
C MET F 119 -20.37 24.40 17.69
N GLY F 120 -21.38 23.79 17.08
CA GLY F 120 -22.70 23.78 17.67
C GLY F 120 -22.78 22.91 18.90
N MET F 121 -22.09 21.78 18.89
CA MET F 121 -22.06 20.87 20.04
C MET F 121 -21.24 21.44 21.18
N LEU F 122 -20.14 22.14 20.87
CA LEU F 122 -19.39 22.84 21.90
C LEU F 122 -20.24 23.90 22.58
N GLY F 123 -21.08 24.56 21.83
CA GLY F 123 -21.99 25.49 22.46
C GLY F 123 -22.99 24.81 23.34
N THR F 124 -23.22 23.52 23.11
CA THR F 124 -24.18 22.77 23.90
C THR F 124 -23.66 22.52 25.31
N VAL F 125 -22.35 22.29 25.44
CA VAL F 125 -21.79 22.12 26.77
C VAL F 125 -21.75 23.44 27.51
N MET F 126 -21.55 24.55 26.80
CA MET F 126 -21.59 25.83 27.48
C MET F 126 -22.95 26.07 28.13
N ASN F 127 -24.04 25.71 27.45
CA ASN F 127 -25.37 25.77 28.06
C ASN F 127 -25.53 24.73 29.15
N SER F 128 -24.88 23.58 29.00
CA SER F 128 -24.97 22.55 30.03
C SER F 128 -24.35 23.01 31.32
N LEU F 129 -23.13 23.58 31.25
CA LEU F 129 -22.49 24.11 32.46
C LEU F 129 -23.29 25.25 33.07
N ALA F 130 -23.99 26.04 32.25
CA ALA F 130 -24.79 27.13 32.77
C ALA F 130 -26.05 26.63 33.46
N LEU F 131 -26.71 25.62 32.90
CA LEU F 131 -27.83 25.02 33.61
C LEU F 131 -27.34 24.39 34.90
N GLN F 132 -26.14 23.82 34.89
CA GLN F 132 -25.62 23.15 36.08
C GLN F 132 -25.43 24.14 37.21
N ASP F 133 -24.98 25.34 36.87
CA ASP F 133 -24.70 26.35 37.87
C ASP F 133 -25.99 26.83 38.52
N PHE F 134 -26.97 27.22 37.70
CA PHE F 134 -28.23 27.72 38.23
C PHE F 134 -29.00 26.63 38.95
N LEU F 135 -28.97 25.41 38.40
CA LEU F 135 -29.53 24.24 39.09
C LEU F 135 -28.78 23.92 40.40
N GLU F 136 -27.52 24.34 40.52
CA GLU F 136 -26.83 24.22 41.80
C GLU F 136 -27.33 25.26 42.80
N LYS F 137 -27.56 26.50 42.34
CA LYS F 137 -28.05 27.54 43.22
C LYS F 137 -29.44 27.23 43.75
N GLU F 138 -30.21 26.41 43.04
CA GLU F 138 -31.46 25.88 43.57
C GLU F 138 -31.26 24.68 44.50
N GLY F 139 -30.01 24.26 44.73
CA GLY F 139 -29.71 23.21 45.69
C GLY F 139 -29.91 21.82 45.15
N ILE F 140 -29.74 21.64 43.85
CA ILE F 140 -30.04 20.42 43.13
C ILE F 140 -28.72 19.76 42.73
N VAL F 141 -28.64 18.43 42.87
CA VAL F 141 -27.43 17.69 42.56
C VAL F 141 -27.42 17.24 41.11
N THR F 142 -26.37 17.61 40.36
CA THR F 142 -26.32 17.39 38.91
C THR F 142 -25.06 16.66 38.50
N ARG F 143 -25.23 15.70 37.57
CA ARG F 143 -24.12 15.11 36.82
C ARG F 143 -24.26 15.46 35.34
N VAL F 144 -23.20 16.06 34.76
CA VAL F 144 -23.13 16.39 33.33
C VAL F 144 -22.39 15.30 32.59
N GLN F 145 -22.80 15.02 31.35
CA GLN F 145 -22.19 14.02 30.49
C GLN F 145 -22.12 14.55 29.08
N THR F 146 -20.94 14.51 28.49
CA THR F 146 -20.73 15.04 27.15
C THR F 146 -20.58 13.88 26.20
N ALA F 147 -21.27 13.94 25.06
CA ALA F 147 -21.10 12.92 24.04
C ALA F 147 -19.71 12.95 23.43
N ILE F 148 -19.19 14.15 23.16
CA ILE F 148 -17.76 14.33 22.86
C ILE F 148 -17.00 14.25 24.18
N THR F 149 -16.02 13.37 24.25
CA THR F 149 -15.42 13.06 25.54
C THR F 149 -14.50 14.17 26.00
N MET F 150 -14.69 14.63 27.27
CA MET F 150 -13.92 15.75 27.87
C MET F 150 -13.74 15.51 29.37
N GLY F 151 -12.84 14.60 29.73
CA GLY F 151 -12.74 14.22 31.13
C GLY F 151 -12.68 15.40 32.08
N GLN F 152 -11.98 16.44 31.71
CA GLN F 152 -11.70 17.52 32.63
C GLN F 152 -12.96 18.31 32.92
N VAL F 153 -13.86 18.37 31.94
CA VAL F 153 -15.04 19.23 31.99
C VAL F 153 -16.27 18.47 32.46
N ALA F 154 -16.40 17.20 32.11
CA ALA F 154 -17.52 16.37 32.50
C ALA F 154 -17.21 14.93 32.14
N GLU F 155 -17.82 14.02 32.88
CA GLU F 155 -17.69 12.61 32.59
C GLU F 155 -18.25 12.29 31.21
N PRO F 156 -17.63 11.37 30.45
CA PRO F 156 -18.17 10.99 29.15
C PRO F 156 -19.55 10.38 29.22
N TYR F 157 -20.15 10.10 28.05
CA TYR F 157 -21.47 9.50 27.97
C TYR F 157 -21.37 8.03 28.35
N LEU F 158 -21.87 7.69 29.52
CA LEU F 158 -21.90 6.31 29.98
C LEU F 158 -23.36 6.13 30.38
N PRO F 159 -24.15 5.42 29.61
CA PRO F 159 -25.58 5.44 29.87
C PRO F 159 -25.99 4.67 31.11
N LEU F 160 -25.22 3.66 31.53
CA LEU F 160 -25.63 2.88 32.68
C LEU F 160 -25.44 3.66 33.97
N ARG F 161 -24.39 4.50 34.02
CA ARG F 161 -24.21 5.44 35.14
C ARG F 161 -25.26 6.53 35.12
N ALA F 162 -25.71 6.89 33.91
CA ALA F 162 -26.74 7.92 33.77
C ALA F 162 -28.02 7.51 34.49
N VAL F 163 -28.50 6.33 34.25
CA VAL F 163 -29.71 5.93 34.88
C VAL F 163 -29.50 5.67 36.30
N ARG F 164 -28.27 5.58 36.75
CA ARG F 164 -28.02 5.29 38.14
C ARG F 164 -27.82 6.54 38.93
N HIS F 165 -27.60 7.63 38.27
CA HIS F 165 -27.52 8.87 38.95
C HIS F 165 -28.92 9.24 39.19
N LEU F 166 -29.80 9.01 38.24
CA LEU F 166 -31.20 9.29 38.40
C LEU F 166 -31.66 8.51 39.60
N GLU F 167 -31.36 7.23 39.71
CA GLU F 167 -31.82 6.53 40.89
C GLU F 167 -31.24 7.13 42.18
N LYS F 168 -30.12 7.82 42.11
CA LYS F 168 -29.56 8.42 43.30
C LYS F 168 -30.16 9.78 43.60
N GLY F 169 -31.06 10.29 42.76
CA GLY F 169 -31.69 11.58 42.99
C GLY F 169 -31.06 12.75 42.26
N ARG F 170 -30.07 12.49 41.43
CA ARG F 170 -29.34 13.50 40.67
C ARG F 170 -29.99 13.76 39.30
N VAL F 171 -29.65 14.89 38.71
CA VAL F 171 -30.20 15.34 37.44
C VAL F 171 -29.08 15.17 36.43
N VAL F 172 -29.35 14.44 35.35
CA VAL F 172 -28.32 14.19 34.36
C VAL F 172 -28.52 15.12 33.20
N ILE F 173 -27.47 15.83 32.84
CA ILE F 173 -27.49 16.87 31.84
C ILE F 173 -26.64 16.37 30.68
N PHE F 174 -27.28 16.15 29.53
CA PHE F 174 -26.67 15.49 28.37
C PHE F 174 -26.16 16.56 27.41
N GLY F 175 -24.85 16.82 27.47
CA GLY F 175 -24.22 17.79 26.61
C GLY F 175 -23.61 17.17 25.37
N ALA F 176 -23.32 18.04 24.39
CA ALA F 176 -22.69 17.75 23.11
C ALA F 176 -23.59 16.99 22.16
N GLY F 177 -24.91 17.04 22.35
CA GLY F 177 -25.79 16.35 21.43
C GLY F 177 -25.51 14.86 21.45
N MET F 178 -25.38 14.28 20.26
CA MET F 178 -25.01 12.89 20.09
C MET F 178 -23.54 12.70 19.83
N GLY F 179 -22.77 13.76 19.78
CA GLY F 179 -21.36 13.67 19.50
C GLY F 179 -21.04 13.61 18.03
N LEU F 180 -21.99 13.81 17.17
CA LEU F 180 -21.75 13.64 15.77
C LEU F 180 -22.47 14.59 14.89
N PRO F 181 -21.83 14.99 13.80
CA PRO F 181 -22.40 15.92 12.88
C PRO F 181 -23.49 15.31 12.10
N TYR F 182 -24.31 16.19 11.57
CA TYR F 182 -25.48 15.81 10.78
C TYR F 182 -26.55 15.20 11.64
N PHE F 183 -26.57 15.58 12.92
CA PHE F 183 -27.66 15.28 13.82
C PHE F 183 -28.03 16.54 14.62
N SER F 184 -29.09 16.40 15.41
CA SER F 184 -29.77 17.49 16.10
C SER F 184 -29.88 17.17 17.57
N THR F 185 -30.17 18.17 18.37
CA THR F 185 -30.49 17.80 19.74
C THR F 185 -31.93 17.32 19.88
N ASP F 186 -32.81 17.62 18.93
CA ASP F 186 -34.11 16.99 18.94
C ASP F 186 -33.98 15.49 18.78
N THR F 187 -33.10 15.05 17.87
CA THR F 187 -32.87 13.62 17.70
C THR F 187 -32.12 13.05 18.88
N THR F 188 -31.21 13.84 19.45
CA THR F 188 -30.52 13.43 20.67
C THR F 188 -31.52 13.09 21.76
N ALA F 189 -32.50 13.96 21.98
CA ALA F 189 -33.50 13.71 23.00
C ALA F 189 -34.24 12.42 22.74
N ALA F 190 -34.64 12.20 21.48
CA ALA F 190 -35.33 10.98 21.11
C ALA F 190 -34.49 9.76 21.45
N GLN F 191 -33.19 9.81 21.17
CA GLN F 191 -32.37 8.63 21.42
C GLN F 191 -32.13 8.42 22.89
N ARG F 192 -31.70 9.48 23.60
CA ARG F 192 -31.38 9.38 25.02
C ARG F 192 -32.58 8.91 25.83
N ALA F 193 -33.75 9.53 25.60
CA ALA F 193 -34.96 9.06 26.27
C ALA F 193 -35.13 7.56 26.09
N LEU F 194 -34.85 7.05 24.88
CA LEU F 194 -35.01 5.63 24.58
C LEU F 194 -33.95 4.78 25.29
N GLU F 195 -32.68 5.24 25.32
CA GLU F 195 -31.60 4.44 25.89
C GLU F 195 -31.69 4.37 27.41
N ILE F 196 -32.13 5.44 28.07
CA ILE F 196 -32.25 5.46 29.52
C ILE F 196 -33.65 5.10 30.00
N GLY F 197 -34.54 4.69 29.12
CA GLY F 197 -35.82 4.19 29.57
C GLY F 197 -36.75 5.26 30.11
N ALA F 198 -36.70 6.46 29.55
CA ALA F 198 -37.63 7.50 29.94
C ALA F 198 -39.04 7.17 29.49
N ASP F 199 -40.02 7.66 30.25
CA ASP F 199 -41.43 7.39 29.97
C ASP F 199 -41.99 8.30 28.89
N VAL F 200 -41.42 9.50 28.75
CA VAL F 200 -41.88 10.46 27.75
C VAL F 200 -40.75 11.44 27.48
N VAL F 201 -40.76 12.03 26.28
CA VAL F 201 -39.87 13.14 25.90
C VAL F 201 -40.63 14.44 26.11
N LEU F 202 -40.14 15.28 27.02
CA LEU F 202 -40.72 16.58 27.29
C LEU F 202 -40.08 17.64 26.42
N MET F 203 -40.74 18.00 25.31
CA MET F 203 -40.29 19.09 24.42
C MET F 203 -40.75 20.42 25.00
N ALA F 204 -39.93 21.01 25.85
CA ALA F 204 -40.28 22.30 26.42
C ALA F 204 -40.17 23.38 25.36
N LYS F 205 -41.24 24.13 25.20
CA LYS F 205 -41.31 25.30 24.32
C LYS F 205 -41.73 26.48 25.18
N ALA F 206 -41.80 27.65 24.55
CA ALA F 206 -42.26 28.86 25.23
C ALA F 206 -43.70 29.20 24.86
N VAL F 207 -44.40 28.31 24.17
CA VAL F 207 -45.82 28.42 23.91
C VAL F 207 -46.51 27.16 24.44
N ASP F 208 -47.83 27.24 24.59
CA ASP F 208 -48.59 26.25 25.32
C ASP F 208 -48.62 24.87 24.65
N GLY F 209 -48.15 24.72 23.42
CA GLY F 209 -48.21 23.42 22.74
C GLY F 209 -48.31 23.61 21.23
N VAL F 210 -48.91 22.62 20.56
CA VAL F 210 -49.11 22.69 19.12
C VAL F 210 -50.52 23.20 18.83
N PHE F 211 -50.67 23.99 17.80
CA PHE F 211 -51.96 24.49 17.50
C PHE F 211 -52.26 24.17 16.07
N ALA F 212 -53.51 23.89 15.76
CA ALA F 212 -53.82 23.69 14.36
C ALA F 212 -53.68 25.10 13.89
N GLU F 213 -52.74 25.37 12.99
CA GLU F 213 -52.45 26.71 12.44
C GLU F 213 -51.85 27.79 13.37
N ASP F 214 -50.61 28.16 13.08
CA ASP F 214 -49.81 29.12 13.83
C ASP F 214 -50.47 30.05 14.85
N PRO F 215 -50.68 31.32 14.51
CA PRO F 215 -51.30 32.20 15.49
C PRO F 215 -52.37 33.12 14.90
N ARG F 216 -52.75 34.12 15.70
CA ARG F 216 -53.73 35.13 15.34
C ARG F 216 -55.02 34.52 14.85
N ALA F 221 -55.73 30.41 16.45
CA ALA F 221 -56.36 30.14 17.75
C ALA F 221 -57.21 28.86 17.75
N GLU F 222 -56.56 27.72 18.10
CA GLU F 222 -57.19 26.42 18.31
C GLU F 222 -56.18 25.37 18.75
N LEU F 223 -56.06 25.10 20.05
CA LEU F 223 -55.00 24.25 20.60
C LEU F 223 -55.45 22.80 20.78
N LEU F 224 -54.53 21.87 20.56
CA LEU F 224 -54.78 20.44 20.54
C LEU F 224 -54.23 19.77 21.80
N THR F 225 -55.04 18.90 22.40
CA THR F 225 -54.76 18.27 23.69
C THR F 225 -54.14 16.89 23.60
N ALA F 226 -54.54 16.10 22.60
CA ALA F 226 -54.17 14.70 22.48
C ALA F 226 -54.23 14.29 21.02
N VAL F 227 -53.12 13.75 20.51
CA VAL F 227 -52.98 13.37 19.11
C VAL F 227 -52.28 12.02 19.00
N SER F 228 -52.65 11.26 17.97
CA SER F 228 -51.89 10.07 17.65
C SER F 228 -50.58 10.47 16.99
N HIS F 229 -49.64 9.53 16.94
CA HIS F 229 -48.42 9.77 16.17
C HIS F 229 -48.76 9.96 14.70
N ARG F 230 -49.59 9.09 14.15
CA ARG F 230 -49.91 9.27 12.75
C ARG F 230 -50.77 10.51 12.53
N GLU F 231 -51.49 10.97 13.55
CA GLU F 231 -52.21 12.24 13.41
C GLU F 231 -51.25 13.39 13.15
N VAL F 232 -50.15 13.46 13.89
CA VAL F 232 -49.18 14.52 13.62
C VAL F 232 -48.70 14.47 12.18
N LEU F 233 -48.40 13.27 11.68
CA LEU F 233 -47.90 13.17 10.32
C LEU F 233 -48.96 13.57 9.31
N ASP F 234 -50.13 12.94 9.39
CA ASP F 234 -51.17 13.20 8.39
C ASP F 234 -51.59 14.65 8.35
N ARG F 235 -51.34 15.43 9.40
CA ARG F 235 -51.82 16.80 9.45
C ARG F 235 -50.72 17.83 9.31
N GLY F 236 -49.45 17.41 9.38
CA GLY F 236 -48.35 18.33 9.21
C GLY F 236 -48.09 19.24 10.39
N LEU F 237 -48.37 18.78 11.61
CA LEU F 237 -48.01 19.55 12.80
C LEU F 237 -46.53 19.40 13.08
N ARG F 238 -45.90 20.44 13.59
CA ARG F 238 -44.50 20.35 13.93
C ARG F 238 -44.32 20.11 15.39
N VAL F 239 -43.86 18.93 15.73
CA VAL F 239 -43.65 18.55 17.11
C VAL F 239 -42.15 18.49 17.39
N ALA F 240 -41.37 18.13 16.37
CA ALA F 240 -39.93 17.95 16.51
C ALA F 240 -39.33 17.79 15.11
N ASP F 241 -38.02 17.56 15.07
CA ASP F 241 -37.33 17.10 13.86
C ASP F 241 -38.10 15.99 13.18
N ALA F 242 -38.05 15.96 11.86
CA ALA F 242 -38.53 14.79 11.14
C ALA F 242 -37.90 13.49 11.65
N THR F 243 -36.61 13.54 12.01
CA THR F 243 -35.91 12.34 12.47
C THR F 243 -36.16 12.06 13.95
N ALA F 244 -36.16 13.09 14.78
CA ALA F 244 -36.51 12.88 16.17
C ALA F 244 -37.87 12.21 16.25
N PHE F 245 -38.85 12.75 15.53
CA PHE F 245 -40.20 12.24 15.65
C PHE F 245 -40.27 10.81 15.15
N SER F 246 -39.68 10.55 13.97
CA SER F 246 -39.65 9.19 13.44
C SER F 246 -38.97 8.22 14.40
N LEU F 247 -37.92 8.67 15.09
CA LEU F 247 -37.27 7.80 16.06
C LEU F 247 -38.23 7.44 17.21
N CYS F 248 -39.04 8.41 17.69
CA CYS F 248 -39.98 8.09 18.76
C CYS F 248 -41.22 7.38 18.24
N MET F 249 -41.71 7.74 17.06
CA MET F 249 -42.91 7.07 16.56
C MET F 249 -42.66 5.60 16.31
N ASP F 250 -41.50 5.28 15.72
CA ASP F 250 -41.15 3.90 15.38
C ASP F 250 -40.93 3.04 16.62
N ASN F 251 -40.57 3.65 17.75
CA ASN F 251 -40.42 2.95 19.03
C ASN F 251 -41.49 3.32 20.05
N GLY F 252 -42.59 3.95 19.64
CA GLY F 252 -43.67 4.23 20.57
C GLY F 252 -43.29 5.07 21.78
N MET F 253 -42.33 5.98 21.65
CA MET F 253 -42.05 6.92 22.74
C MET F 253 -43.02 8.08 22.67
N PRO F 254 -43.71 8.41 23.75
CA PRO F 254 -44.65 9.55 23.70
C PRO F 254 -43.88 10.87 23.79
N ILE F 255 -44.42 11.89 23.12
CA ILE F 255 -43.86 13.23 23.20
C ILE F 255 -44.91 14.16 23.82
N LEU F 256 -44.43 15.08 24.67
CA LEU F 256 -45.27 16.08 25.32
C LEU F 256 -44.69 17.44 25.03
N VAL F 257 -45.44 18.27 24.30
CA VAL F 257 -45.04 19.64 23.97
C VAL F 257 -45.77 20.57 24.92
N PHE F 258 -45.04 21.38 25.67
CA PHE F 258 -45.70 22.23 26.65
C PHE F 258 -44.90 23.51 26.91
N ASN F 259 -45.60 24.50 27.45
CA ASN F 259 -45.02 25.77 27.84
C ASN F 259 -44.28 25.61 29.17
N LEU F 260 -42.95 25.53 29.10
CA LEU F 260 -42.16 25.30 30.30
C LEU F 260 -42.17 26.51 31.21
N LEU F 261 -42.19 27.71 30.64
CA LEU F 261 -41.87 28.91 31.39
C LEU F 261 -43.01 29.40 32.28
N THR F 262 -44.26 28.99 32.06
CA THR F 262 -45.34 29.35 32.99
C THR F 262 -45.15 28.60 34.32
N ASP F 263 -44.98 29.36 35.41
CA ASP F 263 -44.58 28.80 36.69
C ASP F 263 -45.42 27.59 37.06
N GLY F 264 -44.75 26.50 37.43
CA GLY F 264 -45.42 25.34 37.97
C GLY F 264 -45.84 24.29 36.97
N ASN F 265 -45.61 24.51 35.67
CA ASN F 265 -46.26 23.71 34.64
C ASN F 265 -45.56 22.39 34.38
N ILE F 266 -44.23 22.32 34.45
CA ILE F 266 -43.56 21.03 34.27
C ILE F 266 -43.97 20.08 35.38
N ALA F 267 -43.94 20.57 36.62
CA ALA F 267 -44.39 19.79 37.77
C ALA F 267 -45.82 19.32 37.59
N ARG F 268 -46.66 20.11 36.93
CA ARG F 268 -47.99 19.63 36.55
C ARG F 268 -47.89 18.47 35.55
N ALA F 269 -47.07 18.65 34.51
CA ALA F 269 -47.11 17.73 33.39
C ALA F 269 -46.73 16.34 33.85
N VAL F 270 -45.80 16.27 34.80
CA VAL F 270 -45.26 15.01 35.30
C VAL F 270 -46.23 14.32 36.25
N ARG F 271 -46.95 15.07 37.06
CA ARG F 271 -47.98 14.43 37.86
C ARG F 271 -49.15 13.95 37.03
N GLY F 272 -49.08 13.94 35.71
CA GLY F 272 -50.12 13.39 34.90
C GLY F 272 -51.20 14.35 34.48
N GLU F 273 -51.22 15.59 35.00
CA GLU F 273 -52.21 16.59 34.57
C GLU F 273 -52.33 16.59 33.04
N LYS F 274 -53.53 16.92 32.57
CA LYS F 274 -53.81 16.96 31.13
C LYS F 274 -53.45 18.36 30.64
N ILE F 275 -52.14 18.56 30.46
CA ILE F 275 -51.54 19.85 30.13
C ILE F 275 -50.92 19.76 28.74
N GLY F 276 -50.93 20.88 28.02
CA GLY F 276 -50.18 20.98 26.76
C GLY F 276 -50.69 20.09 25.63
N THR F 277 -49.77 19.32 25.05
CA THR F 277 -50.04 18.43 23.93
C THR F 277 -49.30 17.12 24.13
N LEU F 278 -50.05 16.02 24.20
CA LEU F 278 -49.48 14.67 24.32
C LEU F 278 -49.73 13.92 23.02
N VAL F 279 -48.65 13.55 22.34
CA VAL F 279 -48.73 12.67 21.17
C VAL F 279 -48.33 11.27 21.63
N THR F 280 -49.19 10.29 21.34
CA THR F 280 -49.10 8.98 21.96
C THR F 280 -49.61 7.89 21.02
N THR F 281 -49.04 6.69 21.17
CA THR F 281 -49.41 5.46 20.44
C THR F 281 -49.29 5.64 18.92
N SER G 48 -31.17 -15.84 -27.49
CA SER G 48 -31.77 -14.84 -28.38
C SER G 48 -30.79 -13.73 -28.76
N GLY G 49 -29.65 -14.11 -29.31
CA GLY G 49 -28.59 -13.16 -29.60
C GLY G 49 -27.23 -13.83 -29.49
N TYR G 50 -26.21 -13.06 -29.84
CA TYR G 50 -24.84 -13.54 -29.79
C TYR G 50 -24.17 -13.03 -28.52
N SER G 51 -23.52 -13.94 -27.80
CA SER G 51 -22.79 -13.56 -26.60
C SER G 51 -21.40 -13.06 -26.93
N ARG G 52 -20.74 -13.71 -27.88
CA ARG G 52 -19.37 -13.37 -28.20
C ARG G 52 -19.18 -13.47 -29.70
N VAL G 53 -18.71 -12.39 -30.32
CA VAL G 53 -18.63 -12.30 -31.76
C VAL G 53 -17.21 -11.93 -32.17
N LEU G 54 -16.92 -12.14 -33.45
CA LEU G 54 -15.64 -11.77 -34.04
C LEU G 54 -15.88 -10.92 -35.28
N LEU G 55 -15.51 -9.66 -35.22
CA LEU G 55 -15.75 -8.73 -36.30
C LEU G 55 -14.51 -8.60 -37.18
N LYS G 56 -14.69 -8.78 -38.49
CA LYS G 56 -13.62 -8.67 -39.47
C LYS G 56 -13.74 -7.34 -40.18
N LEU G 57 -12.67 -6.55 -40.17
CA LEU G 57 -12.66 -5.23 -40.78
C LEU G 57 -11.60 -5.20 -41.87
N GLY G 58 -12.04 -5.02 -43.11
CA GLY G 58 -11.11 -4.90 -44.22
C GLY G 58 -10.32 -3.60 -44.16
N GLY G 59 -9.40 -3.45 -45.10
CA GLY G 59 -8.76 -2.16 -45.26
C GLY G 59 -9.76 -1.11 -45.68
N GLU G 60 -10.83 -1.52 -46.36
CA GLU G 60 -11.92 -0.64 -46.77
C GLU G 60 -12.51 0.13 -45.60
N MET G 61 -12.41 -0.43 -44.40
CA MET G 61 -12.95 0.15 -43.18
C MET G 61 -11.95 1.04 -42.46
N PHE G 62 -10.73 1.19 -43.00
CA PHE G 62 -9.75 2.13 -42.49
C PHE G 62 -9.31 3.16 -43.53
N GLY G 63 -9.17 2.78 -44.79
CA GLY G 63 -8.75 3.69 -45.82
C GLY G 63 -9.91 4.26 -46.61
N GLY G 64 -11.08 3.64 -46.49
CA GLY G 64 -12.25 4.24 -47.07
C GLY G 64 -12.31 4.15 -48.56
N GLY G 65 -11.50 3.26 -49.15
CA GLY G 65 -11.47 3.02 -50.57
C GLY G 65 -10.19 3.49 -51.23
N GLN G 66 -9.51 4.46 -50.62
CA GLN G 66 -8.22 4.92 -51.11
C GLN G 66 -7.13 4.30 -50.27
N VAL G 67 -5.91 4.61 -50.63
CA VAL G 67 -4.75 4.15 -49.88
C VAL G 67 -4.53 5.07 -48.70
N GLY G 68 -4.11 4.49 -47.60
CA GLY G 68 -3.88 5.27 -46.40
C GLY G 68 -5.04 5.12 -45.45
N LEU G 69 -5.26 6.15 -44.67
CA LEU G 69 -6.27 6.15 -43.62
C LEU G 69 -7.29 7.26 -43.89
N ASP G 70 -8.48 7.08 -43.37
CA ASP G 70 -9.58 8.02 -43.55
C ASP G 70 -10.16 8.19 -42.17
N PRO G 71 -9.70 9.20 -41.43
CA PRO G 71 -10.22 9.40 -40.06
C PRO G 71 -11.73 9.40 -39.98
N ASP G 72 -12.43 9.95 -40.99
CA ASP G 72 -13.88 9.97 -40.95
C ASP G 72 -14.47 8.58 -40.88
N VAL G 73 -13.86 7.62 -41.57
CA VAL G 73 -14.50 6.32 -41.59
C VAL G 73 -14.11 5.50 -40.37
N VAL G 74 -12.92 5.71 -39.82
CA VAL G 74 -12.55 4.99 -38.60
C VAL G 74 -13.31 5.55 -37.41
N ALA G 75 -13.57 6.85 -37.39
CA ALA G 75 -14.54 7.37 -36.44
C ALA G 75 -15.89 6.68 -36.60
N GLN G 76 -16.35 6.53 -37.85
CA GLN G 76 -17.65 5.92 -38.11
C GLN G 76 -17.68 4.48 -37.62
N VAL G 77 -16.58 3.73 -37.77
CA VAL G 77 -16.59 2.35 -37.33
C VAL G 77 -16.53 2.27 -35.80
N ALA G 78 -15.71 3.12 -35.17
CA ALA G 78 -15.55 3.02 -33.73
C ALA G 78 -16.78 3.53 -33.00
N ARG G 79 -17.46 4.54 -33.55
CA ARG G 79 -18.75 4.96 -33.01
C ARG G 79 -19.75 3.81 -33.01
N GLN G 80 -19.61 2.86 -33.94
CA GLN G 80 -20.56 1.76 -34.09
C GLN G 80 -20.20 0.57 -33.22
N ILE G 81 -18.92 0.27 -33.07
CA ILE G 81 -18.49 -0.76 -32.12
C ILE G 81 -18.87 -0.36 -30.70
N ALA G 82 -18.79 0.92 -30.38
CA ALA G 82 -19.08 1.35 -29.01
C ALA G 82 -20.51 1.03 -28.63
N ASP G 83 -21.46 1.38 -29.50
CA ASP G 83 -22.88 1.05 -29.40
C ASP G 83 -23.14 -0.39 -28.93
N VAL G 84 -22.28 -1.31 -29.36
CA VAL G 84 -22.52 -2.73 -29.15
C VAL G 84 -21.78 -3.24 -27.92
N VAL G 85 -20.60 -2.69 -27.64
CA VAL G 85 -19.85 -3.12 -26.47
C VAL G 85 -20.49 -2.59 -25.20
N ARG G 86 -21.26 -1.50 -25.29
CA ARG G 86 -22.05 -1.05 -24.15
C ARG G 86 -23.31 -1.86 -23.97
N GLY G 87 -23.75 -2.56 -25.01
CA GLY G 87 -24.80 -3.56 -24.90
C GLY G 87 -24.35 -4.84 -24.23
N GLY G 88 -23.04 -5.03 -24.08
CA GLY G 88 -22.51 -6.09 -23.27
C GLY G 88 -22.00 -7.29 -24.01
N VAL G 89 -21.76 -7.15 -25.28
CA VAL G 89 -21.36 -8.29 -26.08
C VAL G 89 -19.84 -8.31 -26.16
N GLN G 90 -19.27 -9.50 -26.01
CA GLN G 90 -17.82 -9.60 -25.99
C GLN G 90 -17.36 -9.66 -27.43
N ILE G 91 -16.40 -8.82 -27.80
CA ILE G 91 -16.14 -8.63 -29.23
C ILE G 91 -14.65 -8.63 -29.50
N ALA G 92 -14.19 -9.59 -30.30
CA ALA G 92 -12.84 -9.62 -30.84
C ALA G 92 -12.83 -9.01 -32.24
N VAL G 93 -11.72 -8.37 -32.62
CA VAL G 93 -11.63 -7.66 -33.89
C VAL G 93 -10.37 -8.12 -34.60
N VAL G 94 -10.51 -8.61 -35.84
CA VAL G 94 -9.38 -8.93 -36.72
C VAL G 94 -9.31 -7.86 -37.80
N ILE G 95 -8.13 -7.32 -38.01
CA ILE G 95 -7.93 -6.10 -38.79
C ILE G 95 -7.26 -6.44 -40.10
N GLY G 96 -7.90 -6.05 -41.20
CA GLY G 96 -7.33 -6.20 -42.52
C GLY G 96 -6.29 -5.14 -42.82
N GLY G 97 -5.65 -5.27 -43.97
CA GLY G 97 -4.65 -4.29 -44.34
C GLY G 97 -4.58 -3.92 -45.80
N GLY G 98 -5.65 -4.16 -46.56
CA GLY G 98 -5.67 -3.88 -47.99
C GLY G 98 -5.59 -2.42 -48.36
N ASN G 99 -5.72 -1.51 -47.39
CA ASN G 99 -5.57 -0.09 -47.65
C ASN G 99 -4.11 0.33 -47.72
N PHE G 100 -3.18 -0.61 -47.50
CA PHE G 100 -1.75 -0.38 -47.72
C PHE G 100 -1.22 -1.30 -48.82
N PHE G 101 -0.89 -2.54 -48.49
CA PHE G 101 -0.38 -3.45 -49.47
C PHE G 101 -1.07 -4.78 -49.40
N ARG G 102 -1.03 -5.55 -50.46
CA ARG G 102 -1.60 -6.85 -50.43
C ARG G 102 -0.54 -7.71 -51.03
N GLY G 103 -0.22 -8.80 -50.37
CA GLY G 103 0.85 -9.65 -50.80
C GLY G 103 0.76 -10.21 -52.17
N ALA G 104 -0.44 -10.52 -52.61
CA ALA G 104 -0.69 -11.10 -53.91
C ALA G 104 -0.55 -10.10 -55.00
N GLN G 105 -0.83 -8.85 -54.71
CA GLN G 105 -0.74 -7.77 -55.69
C GLN G 105 0.69 -7.25 -55.83
N LEU G 106 1.43 -7.14 -54.73
CA LEU G 106 2.85 -6.83 -54.84
C LEU G 106 3.61 -7.96 -55.49
N GLN G 107 3.10 -9.18 -55.36
CA GLN G 107 3.85 -10.33 -55.83
C GLN G 107 3.87 -10.38 -57.35
N GLN G 108 2.76 -10.01 -57.96
CA GLN G 108 2.61 -10.05 -59.42
C GLN G 108 3.19 -8.88 -60.13
N LEU G 109 3.64 -7.93 -59.37
CA LEU G 109 4.39 -6.78 -59.88
C LEU G 109 5.88 -7.00 -59.83
N GLY G 110 6.33 -8.12 -59.30
CA GLY G 110 7.75 -8.39 -59.23
C GLY G 110 8.24 -8.92 -57.91
N MET G 111 7.71 -8.41 -56.80
CA MET G 111 8.32 -8.61 -55.50
C MET G 111 8.07 -10.03 -54.97
N GLU G 112 8.94 -10.45 -54.06
CA GLU G 112 8.77 -11.75 -53.42
C GLU G 112 7.48 -11.77 -52.64
N ARG G 113 6.77 -12.90 -52.68
CA ARG G 113 5.49 -13.00 -51.98
C ARG G 113 5.66 -12.94 -50.46
N THR G 114 6.61 -13.69 -49.92
CA THR G 114 6.76 -13.73 -48.46
C THR G 114 7.09 -12.36 -47.92
N ARG G 115 8.00 -11.65 -48.58
CA ARG G 115 8.39 -10.29 -48.19
C ARG G 115 7.20 -9.35 -48.21
N SER G 116 6.32 -9.50 -49.21
CA SER G 116 5.15 -8.63 -49.31
C SER G 116 4.05 -9.09 -48.39
N ASP G 117 3.96 -10.38 -48.12
CA ASP G 117 3.01 -10.85 -47.13
C ASP G 117 3.31 -10.28 -45.75
N TYR G 118 4.60 -10.17 -45.40
CA TYR G 118 4.95 -9.49 -44.16
C TYR G 118 4.67 -8.01 -44.28
N MET G 119 5.02 -7.40 -45.41
CA MET G 119 4.69 -6.00 -45.58
C MET G 119 3.19 -5.76 -45.37
N GLY G 120 2.36 -6.67 -45.86
CA GLY G 120 0.93 -6.50 -45.69
C GLY G 120 0.51 -6.70 -44.25
N MET G 121 1.17 -7.60 -43.55
CA MET G 121 0.81 -7.88 -42.17
C MET G 121 1.13 -6.70 -41.28
N LEU G 122 2.23 -6.02 -41.56
CA LEU G 122 2.55 -4.86 -40.76
C LEU G 122 1.55 -3.76 -40.99
N GLY G 123 1.06 -3.64 -42.21
CA GLY G 123 0.02 -2.68 -42.48
C GLY G 123 -1.17 -2.85 -41.57
N THR G 124 -1.51 -4.10 -41.25
CA THR G 124 -2.69 -4.37 -40.44
C THR G 124 -2.49 -3.95 -39.00
N VAL G 125 -1.25 -3.93 -38.53
CA VAL G 125 -0.93 -3.44 -37.20
C VAL G 125 -1.12 -1.94 -37.11
N MET G 126 -0.71 -1.21 -38.15
CA MET G 126 -1.02 0.21 -38.23
C MET G 126 -2.51 0.46 -38.18
N ASN G 127 -3.30 -0.41 -38.82
CA ASN G 127 -4.75 -0.27 -38.77
C ASN G 127 -5.28 -0.62 -37.39
N SER G 128 -4.71 -1.63 -36.73
CA SER G 128 -5.08 -1.95 -35.36
C SER G 128 -4.76 -0.82 -34.40
N LEU G 129 -3.55 -0.26 -34.50
CA LEU G 129 -3.18 0.85 -33.63
C LEU G 129 -4.08 2.05 -33.85
N ALA G 130 -4.56 2.26 -35.09
CA ALA G 130 -5.49 3.35 -35.38
C ALA G 130 -6.89 3.09 -34.82
N LEU G 131 -7.44 1.88 -35.07
CA LEU G 131 -8.71 1.49 -34.45
C LEU G 131 -8.66 1.61 -32.92
N GLN G 132 -7.51 1.30 -32.33
CA GLN G 132 -7.32 1.50 -30.89
C GLN G 132 -7.57 2.94 -30.48
N ASP G 133 -6.92 3.88 -31.19
CA ASP G 133 -7.01 5.29 -30.83
C ASP G 133 -8.47 5.77 -30.88
N PHE G 134 -9.15 5.52 -32.00
CA PHE G 134 -10.52 5.98 -32.18
C PHE G 134 -11.48 5.26 -31.22
N LEU G 135 -11.26 3.96 -30.98
CA LEU G 135 -12.07 3.27 -29.98
C LEU G 135 -11.88 3.88 -28.61
N GLU G 136 -10.69 4.40 -28.33
CA GLU G 136 -10.41 4.95 -27.01
C GLU G 136 -10.99 6.35 -26.85
N LYS G 137 -10.99 7.16 -27.91
CA LYS G 137 -11.69 8.45 -27.87
C LYS G 137 -13.19 8.27 -27.68
N GLU G 138 -13.71 7.05 -27.86
CA GLU G 138 -15.08 6.72 -27.51
C GLU G 138 -15.21 6.17 -26.12
N GLY G 139 -14.11 6.05 -25.38
CA GLY G 139 -14.15 5.60 -24.00
C GLY G 139 -14.28 4.09 -23.87
N ILE G 140 -13.78 3.34 -24.85
CA ILE G 140 -13.91 1.89 -24.91
C ILE G 140 -12.53 1.31 -24.70
N VAL G 141 -12.41 0.36 -23.78
CA VAL G 141 -11.10 -0.09 -23.35
C VAL G 141 -10.64 -1.25 -24.24
N THR G 142 -9.41 -1.13 -24.77
CA THR G 142 -8.90 -1.99 -25.83
C THR G 142 -7.67 -2.77 -25.42
N ARG G 143 -7.48 -3.89 -26.10
CA ARG G 143 -6.30 -4.74 -25.95
C ARG G 143 -5.88 -5.27 -27.32
N VAL G 144 -4.69 -4.92 -27.74
CA VAL G 144 -4.23 -5.31 -29.07
C VAL G 144 -3.30 -6.50 -28.91
N GLN G 145 -3.37 -7.43 -29.85
CA GLN G 145 -2.52 -8.62 -29.87
C GLN G 145 -1.97 -8.84 -31.27
N THR G 146 -0.66 -9.07 -31.40
CA THR G 146 -0.06 -9.30 -32.69
C THR G 146 0.43 -10.74 -32.82
N ALA G 147 0.17 -11.34 -33.98
CA ALA G 147 0.63 -12.69 -34.22
C ALA G 147 2.12 -12.73 -34.50
N ILE G 148 2.64 -11.68 -35.11
CA ILE G 148 4.07 -11.41 -35.13
C ILE G 148 4.38 -10.72 -33.82
N THR G 149 5.13 -11.36 -32.93
CA THR G 149 5.28 -10.79 -31.59
C THR G 149 6.21 -9.58 -31.67
N MET G 150 5.79 -8.47 -31.02
CA MET G 150 6.44 -7.17 -31.04
C MET G 150 6.78 -6.67 -29.65
N GLY G 151 5.91 -6.90 -28.69
CA GLY G 151 6.26 -6.62 -27.32
C GLY G 151 6.20 -5.14 -27.02
N GLN G 152 7.11 -4.36 -27.58
CA GLN G 152 7.11 -2.94 -27.31
C GLN G 152 5.82 -2.29 -27.80
N VAL G 153 5.27 -2.79 -28.92
CA VAL G 153 4.10 -2.21 -29.59
C VAL G 153 2.78 -2.79 -29.08
N ALA G 154 2.72 -4.09 -28.82
CA ALA G 154 1.51 -4.73 -28.37
C ALA G 154 1.90 -6.05 -27.77
N GLU G 155 1.01 -6.63 -26.96
CA GLU G 155 1.31 -7.95 -26.41
C GLU G 155 1.22 -8.98 -27.53
N PRO G 156 1.87 -10.12 -27.37
CA PRO G 156 1.87 -11.14 -28.43
C PRO G 156 0.57 -11.95 -28.38
N TYR G 157 0.45 -12.88 -29.33
CA TYR G 157 -0.79 -13.65 -29.42
C TYR G 157 -0.85 -14.66 -28.30
N LEU G 158 -1.87 -14.51 -27.46
CA LEU G 158 -2.07 -15.38 -26.30
C LEU G 158 -3.56 -15.58 -26.19
N PRO G 159 -4.08 -16.68 -26.73
CA PRO G 159 -5.54 -16.81 -26.81
C PRO G 159 -6.21 -16.95 -25.46
N LEU G 160 -5.53 -17.54 -24.48
CA LEU G 160 -6.15 -17.75 -23.17
C LEU G 160 -6.35 -16.43 -22.46
N ARG G 161 -5.43 -15.49 -22.63
CA ARG G 161 -5.58 -14.17 -22.04
C ARG G 161 -6.56 -13.35 -22.85
N ALA G 162 -6.61 -13.58 -24.17
CA ALA G 162 -7.51 -12.78 -24.98
C ALA G 162 -8.96 -13.11 -24.71
N VAL G 163 -9.27 -14.34 -24.27
CA VAL G 163 -10.67 -14.57 -23.89
C VAL G 163 -10.96 -13.92 -22.56
N ARG G 164 -10.02 -13.76 -21.69
CA ARG G 164 -10.37 -13.05 -20.49
C ARG G 164 -10.55 -11.64 -20.94
N HIS G 165 -9.53 -11.08 -21.49
CA HIS G 165 -9.76 -9.70 -21.88
C HIS G 165 -11.22 -9.46 -22.22
N LEU G 166 -11.80 -10.34 -23.05
CA LEU G 166 -13.22 -10.26 -23.38
C LEU G 166 -14.10 -10.41 -22.14
N GLU G 167 -13.80 -11.42 -21.32
CA GLU G 167 -14.57 -11.60 -20.09
C GLU G 167 -14.52 -10.35 -19.24
N LYS G 168 -13.39 -9.66 -19.20
CA LYS G 168 -13.27 -8.44 -18.41
C LYS G 168 -13.85 -7.20 -19.10
N GLY G 169 -14.58 -7.34 -20.19
CA GLY G 169 -15.17 -6.19 -20.85
C GLY G 169 -14.27 -5.46 -21.81
N ARG G 170 -13.10 -6.01 -22.12
CA ARG G 170 -12.21 -5.38 -23.06
C ARG G 170 -12.54 -5.82 -24.49
N VAL G 171 -12.20 -4.95 -25.44
CA VAL G 171 -12.24 -5.27 -26.85
C VAL G 171 -10.84 -5.67 -27.27
N VAL G 172 -10.71 -6.88 -27.84
CA VAL G 172 -9.45 -7.45 -28.24
C VAL G 172 -9.26 -7.22 -29.73
N ILE G 173 -8.15 -6.62 -30.11
CA ILE G 173 -7.87 -6.28 -31.50
C ILE G 173 -6.72 -7.15 -31.98
N PHE G 174 -7.02 -8.15 -32.80
CA PHE G 174 -6.04 -9.09 -33.35
C PHE G 174 -5.38 -8.50 -34.58
N GLY G 175 -4.14 -8.04 -34.43
CA GLY G 175 -3.38 -7.53 -35.54
C GLY G 175 -2.44 -8.57 -36.11
N ALA G 176 -1.90 -8.24 -37.30
CA ALA G 176 -0.89 -9.00 -38.02
C ALA G 176 -1.43 -10.29 -38.59
N GLY G 177 -2.74 -10.40 -38.74
CA GLY G 177 -3.32 -11.59 -39.34
C GLY G 177 -3.00 -12.82 -38.54
N MET G 178 -2.61 -13.88 -39.22
CA MET G 178 -2.22 -15.08 -38.50
C MET G 178 -0.74 -15.12 -38.20
N GLY G 179 0.03 -14.22 -38.80
CA GLY G 179 1.46 -14.19 -38.64
C GLY G 179 2.21 -15.01 -39.63
N LEU G 180 1.56 -15.49 -40.68
CA LEU G 180 2.19 -16.40 -41.62
C LEU G 180 1.95 -15.91 -43.04
N PRO G 181 2.99 -15.85 -43.87
CA PRO G 181 2.78 -15.57 -45.29
C PRO G 181 1.98 -16.69 -45.95
N TYR G 182 1.30 -16.31 -47.05
CA TYR G 182 0.42 -17.14 -47.87
C TYR G 182 -0.93 -17.39 -47.23
N PHE G 183 -1.35 -16.45 -46.36
CA PHE G 183 -2.67 -16.43 -45.71
C PHE G 183 -3.29 -15.03 -45.80
N SER G 184 -4.59 -14.95 -45.54
CA SER G 184 -5.36 -13.70 -45.57
C SER G 184 -5.94 -13.39 -44.20
N THR G 185 -6.46 -12.19 -44.11
CA THR G 185 -7.09 -11.72 -42.93
C THR G 185 -8.37 -12.48 -42.73
N ASP G 186 -9.06 -12.80 -43.82
CA ASP G 186 -10.33 -13.52 -43.77
C ASP G 186 -10.15 -14.88 -43.10
N THR G 187 -9.09 -15.58 -43.45
CA THR G 187 -8.86 -16.86 -42.81
C THR G 187 -8.34 -16.68 -41.37
N THR G 188 -7.74 -15.52 -41.07
CA THR G 188 -7.50 -15.12 -39.68
C THR G 188 -8.79 -15.10 -38.87
N ALA G 189 -9.81 -14.42 -39.39
CA ALA G 189 -11.07 -14.33 -38.68
C ALA G 189 -11.60 -15.70 -38.36
N ALA G 190 -11.52 -16.62 -39.32
CA ALA G 190 -12.03 -17.96 -39.08
C ALA G 190 -11.24 -18.66 -37.96
N GLN G 191 -9.92 -18.49 -37.94
CA GLN G 191 -9.11 -19.17 -36.93
C GLN G 191 -9.37 -18.60 -35.56
N ARG G 192 -9.32 -17.27 -35.44
CA ARG G 192 -9.52 -16.62 -34.15
C ARG G 192 -10.92 -16.89 -33.60
N ALA G 193 -11.94 -16.84 -34.46
CA ALA G 193 -13.32 -17.07 -34.03
C ALA G 193 -13.49 -18.46 -33.44
N LEU G 194 -12.88 -19.46 -34.06
CA LEU G 194 -12.99 -20.82 -33.56
C LEU G 194 -12.20 -21.00 -32.27
N GLU G 195 -11.02 -20.34 -32.17
CA GLU G 195 -10.11 -20.57 -31.04
C GLU G 195 -10.56 -19.86 -29.78
N ILE G 196 -11.12 -18.65 -29.93
CA ILE G 196 -11.66 -17.94 -28.78
C ILE G 196 -13.12 -18.25 -28.56
N GLY G 197 -13.70 -19.15 -29.34
CA GLY G 197 -15.04 -19.64 -29.06
C GLY G 197 -16.12 -18.62 -29.34
N ALA G 198 -15.94 -17.83 -30.41
CA ALA G 198 -16.96 -16.85 -30.77
C ALA G 198 -18.17 -17.54 -31.38
N ASP G 199 -19.35 -16.90 -31.24
CA ASP G 199 -20.59 -17.51 -31.70
C ASP G 199 -20.82 -17.33 -33.20
N VAL G 200 -20.21 -16.32 -33.80
CA VAL G 200 -20.45 -15.98 -35.20
C VAL G 200 -19.27 -15.12 -35.66
N VAL G 201 -19.02 -15.10 -36.97
CA VAL G 201 -18.04 -14.23 -37.57
C VAL G 201 -18.80 -13.14 -38.29
N LEU G 202 -18.47 -11.88 -37.98
CA LEU G 202 -19.14 -10.73 -38.55
C LEU G 202 -18.28 -10.13 -39.65
N MET G 203 -18.55 -10.55 -40.88
CA MET G 203 -17.95 -9.91 -42.04
C MET G 203 -18.55 -8.54 -42.25
N ALA G 204 -17.90 -7.51 -41.70
CA ALA G 204 -18.33 -6.13 -41.94
C ALA G 204 -17.94 -5.72 -43.34
N LYS G 205 -18.93 -5.29 -44.12
CA LYS G 205 -18.70 -4.83 -45.48
C LYS G 205 -19.49 -3.55 -45.69
N ALA G 206 -19.23 -2.89 -46.82
CA ALA G 206 -19.86 -1.61 -47.14
C ALA G 206 -21.17 -1.75 -47.92
N VAL G 207 -21.65 -2.98 -48.12
CA VAL G 207 -22.90 -3.25 -48.84
C VAL G 207 -23.80 -4.06 -47.91
N ASP G 208 -25.11 -3.95 -48.10
CA ASP G 208 -26.06 -4.62 -47.22
C ASP G 208 -26.16 -6.09 -47.60
N GLY G 209 -25.60 -6.99 -46.80
CA GLY G 209 -25.62 -8.45 -47.09
C GLY G 209 -24.97 -8.87 -48.43
N VAL G 210 -25.42 -10.03 -48.94
CA VAL G 210 -24.89 -10.63 -50.16
C VAL G 210 -26.00 -10.78 -51.21
N PHE G 211 -25.64 -10.54 -52.48
CA PHE G 211 -26.52 -10.43 -53.64
C PHE G 211 -26.35 -11.65 -54.58
N ALA G 212 -26.74 -11.45 -55.86
CA ALA G 212 -26.43 -12.36 -56.96
C ALA G 212 -26.02 -11.56 -58.18
N GLU G 213 -25.22 -10.51 -57.97
CA GLU G 213 -24.73 -9.65 -59.06
C GLU G 213 -23.59 -8.78 -58.56
N LEU G 223 -31.04 -8.84 -52.13
CA LEU G 223 -30.31 -9.38 -51.01
C LEU G 223 -30.40 -10.86 -51.08
N LEU G 224 -30.40 -11.52 -49.92
CA LEU G 224 -30.50 -12.95 -49.87
C LEU G 224 -31.00 -13.40 -48.53
N THR G 225 -30.81 -12.60 -47.50
CA THR G 225 -31.23 -12.89 -46.11
C THR G 225 -30.68 -14.08 -45.31
N ALA G 226 -30.57 -15.25 -45.92
CA ALA G 226 -30.06 -16.46 -45.29
C ALA G 226 -29.84 -17.51 -46.32
N VAL G 227 -28.89 -18.37 -46.03
CA VAL G 227 -28.60 -19.53 -46.88
C VAL G 227 -27.62 -20.43 -46.16
N SER G 228 -27.61 -21.70 -46.54
CA SER G 228 -26.68 -22.66 -45.95
C SER G 228 -25.26 -22.33 -46.36
N HIS G 229 -24.34 -23.18 -45.93
CA HIS G 229 -22.97 -23.06 -46.42
C HIS G 229 -22.87 -23.72 -47.79
N ARG G 230 -23.52 -24.86 -47.97
CA ARG G 230 -23.62 -25.48 -49.28
C ARG G 230 -24.30 -24.56 -50.28
N GLU G 231 -25.28 -23.78 -49.83
CA GLU G 231 -25.94 -22.85 -50.73
C GLU G 231 -25.02 -21.71 -51.16
N VAL G 232 -23.96 -21.44 -50.40
CA VAL G 232 -22.90 -20.57 -50.89
C VAL G 232 -22.12 -21.25 -51.99
N LEU G 233 -21.52 -22.40 -51.67
CA LEU G 233 -20.76 -23.16 -52.66
C LEU G 233 -21.63 -23.68 -53.80
N ASP G 234 -22.95 -23.49 -53.74
CA ASP G 234 -23.80 -23.80 -54.87
C ASP G 234 -23.81 -22.65 -55.88
N ARG G 235 -24.03 -21.42 -55.40
CA ARG G 235 -24.06 -20.25 -56.26
C ARG G 235 -22.67 -19.74 -56.62
N GLY G 236 -21.63 -20.27 -55.99
CA GLY G 236 -20.33 -19.63 -56.07
C GLY G 236 -20.31 -18.26 -55.45
N LEU G 237 -21.19 -18.02 -54.48
CA LEU G 237 -21.35 -16.70 -53.90
C LEU G 237 -20.10 -16.29 -53.15
N ARG G 238 -19.91 -14.97 -52.99
CA ARG G 238 -18.70 -14.41 -52.40
C ARG G 238 -18.98 -13.95 -50.96
N VAL G 239 -18.34 -14.60 -49.98
CA VAL G 239 -18.50 -14.25 -48.57
C VAL G 239 -17.14 -14.07 -47.89
N ALA G 240 -16.14 -14.82 -48.33
CA ALA G 240 -14.80 -14.71 -47.77
C ALA G 240 -13.82 -15.39 -48.72
N ASP G 241 -12.67 -15.80 -48.20
CA ASP G 241 -11.79 -16.69 -48.95
C ASP G 241 -12.35 -18.10 -48.90
N ALA G 242 -12.30 -18.78 -50.04
CA ALA G 242 -12.52 -20.22 -50.02
C ALA G 242 -11.73 -20.87 -48.88
N THR G 243 -10.47 -20.47 -48.70
CA THR G 243 -9.67 -21.02 -47.60
C THR G 243 -10.26 -20.66 -46.25
N ALA G 244 -10.93 -19.51 -46.15
CA ALA G 244 -11.52 -19.13 -44.88
C ALA G 244 -12.89 -19.75 -44.71
N PHE G 245 -13.66 -19.78 -45.80
CA PHE G 245 -15.03 -20.24 -45.74
C PHE G 245 -15.10 -21.74 -45.46
N SER G 246 -14.25 -22.54 -46.11
CA SER G 246 -14.16 -23.95 -45.79
C SER G 246 -13.77 -24.17 -44.33
N LEU G 247 -12.87 -23.34 -43.82
CA LEU G 247 -12.49 -23.41 -42.40
C LEU G 247 -13.66 -23.11 -41.48
N CYS G 248 -14.71 -22.49 -41.99
CA CYS G 248 -15.88 -22.27 -41.15
C CYS G 248 -16.88 -23.41 -41.27
N MET G 249 -17.32 -23.73 -42.49
CA MET G 249 -18.34 -24.77 -42.64
C MET G 249 -17.82 -26.12 -42.17
N ASP G 250 -16.53 -26.41 -42.36
CA ASP G 250 -15.98 -27.65 -41.86
C ASP G 250 -16.20 -27.79 -40.37
N ASN G 251 -16.29 -26.65 -39.65
CA ASN G 251 -16.44 -26.63 -38.20
C ASN G 251 -17.73 -25.94 -37.75
N GLY G 252 -18.71 -25.81 -38.64
CA GLY G 252 -20.01 -25.25 -38.27
C GLY G 252 -20.00 -23.82 -37.78
N MET G 253 -19.03 -23.02 -38.19
CA MET G 253 -18.98 -21.62 -37.76
C MET G 253 -19.89 -20.76 -38.62
N PRO G 254 -20.84 -20.04 -38.04
CA PRO G 254 -21.72 -19.19 -38.84
C PRO G 254 -21.00 -17.91 -39.24
N ILE G 255 -21.49 -17.28 -40.31
CA ILE G 255 -20.91 -16.04 -40.82
C ILE G 255 -22.05 -15.10 -41.19
N LEU G 256 -21.94 -13.83 -40.76
CA LEU G 256 -22.93 -12.79 -41.01
C LEU G 256 -22.28 -11.66 -41.78
N VAL G 257 -22.69 -11.49 -43.03
CA VAL G 257 -22.20 -10.44 -43.91
C VAL G 257 -23.19 -9.30 -43.85
N PHE G 258 -22.74 -8.10 -43.45
CA PHE G 258 -23.69 -7.03 -43.26
C PHE G 258 -23.01 -5.67 -43.44
N ASN G 259 -23.85 -4.66 -43.66
CA ASN G 259 -23.40 -3.29 -43.91
C ASN G 259 -23.12 -2.61 -42.57
N LEU G 260 -21.85 -2.65 -42.14
CA LEU G 260 -21.48 -2.07 -40.85
C LEU G 260 -21.69 -0.56 -40.82
N LEU G 261 -21.47 0.11 -41.94
CA LEU G 261 -21.55 1.54 -41.98
C LEU G 261 -22.94 2.08 -41.75
N THR G 262 -23.94 1.39 -42.25
CA THR G 262 -25.31 1.81 -42.10
C THR G 262 -25.59 1.86 -40.62
N ASP G 263 -25.67 3.07 -40.09
CA ASP G 263 -25.85 3.33 -38.67
C ASP G 263 -26.80 2.43 -37.90
N GLY G 264 -26.30 1.91 -36.81
CA GLY G 264 -27.03 1.05 -35.89
C GLY G 264 -27.20 -0.39 -36.29
N ASN G 265 -26.36 -0.92 -37.18
CA ASN G 265 -26.64 -2.27 -37.65
C ASN G 265 -26.02 -3.37 -36.78
N ILE G 266 -24.73 -3.26 -36.46
CA ILE G 266 -24.10 -4.35 -35.72
C ILE G 266 -24.77 -4.51 -34.35
N ALA G 267 -25.26 -3.42 -33.76
CA ALA G 267 -26.03 -3.53 -32.53
C ALA G 267 -27.29 -4.34 -32.75
N ARG G 268 -27.95 -4.14 -33.90
CA ARG G 268 -29.06 -4.99 -34.32
C ARG G 268 -28.56 -6.39 -34.65
N ALA G 269 -27.36 -6.49 -35.26
CA ALA G 269 -26.84 -7.78 -35.65
C ALA G 269 -26.58 -8.66 -34.44
N VAL G 270 -26.07 -8.07 -33.37
CA VAL G 270 -25.77 -8.85 -32.18
C VAL G 270 -27.01 -9.20 -31.38
N ARG G 271 -28.13 -8.47 -31.54
CA ARG G 271 -29.37 -8.86 -30.88
C ARG G 271 -30.05 -10.05 -31.55
N GLY G 272 -29.60 -10.42 -32.75
CA GLY G 272 -30.22 -11.52 -33.47
C GLY G 272 -31.32 -11.10 -34.42
N GLU G 273 -31.42 -9.82 -34.71
CA GLU G 273 -32.38 -9.35 -35.71
C GLU G 273 -31.94 -9.81 -37.09
N LYS G 274 -32.85 -10.45 -37.82
CA LYS G 274 -32.56 -10.91 -39.17
C LYS G 274 -32.21 -9.73 -40.07
N ILE G 275 -31.00 -9.19 -39.92
CA ILE G 275 -30.45 -8.22 -40.86
C ILE G 275 -29.30 -8.89 -41.58
N GLY G 276 -28.91 -8.28 -42.70
CA GLY G 276 -27.79 -8.81 -43.47
C GLY G 276 -28.11 -10.14 -44.13
N THR G 277 -27.06 -10.94 -44.29
CA THR G 277 -27.18 -12.31 -44.76
C THR G 277 -26.43 -13.22 -43.79
N LEU G 278 -27.09 -14.29 -43.37
CA LEU G 278 -26.55 -15.16 -42.35
C LEU G 278 -26.38 -16.54 -42.96
N VAL G 279 -25.14 -17.06 -42.96
CA VAL G 279 -24.85 -18.40 -43.47
C VAL G 279 -24.67 -19.35 -42.28
N THR G 280 -25.47 -20.42 -42.26
CA THR G 280 -25.45 -21.42 -41.20
C THR G 280 -25.71 -22.79 -41.81
N THR G 281 -25.85 -23.79 -40.95
CA THR G 281 -26.42 -25.05 -41.40
C THR G 281 -27.25 -25.67 -40.26
N GLY H 49 38.19 9.95 -50.53
CA GLY H 49 37.03 9.07 -50.45
C GLY H 49 36.48 8.66 -49.08
N TYR H 50 35.28 8.09 -49.03
CA TYR H 50 34.68 7.62 -47.79
C TYR H 50 34.59 6.10 -47.76
N SER H 51 34.96 5.52 -46.62
CA SER H 51 35.02 4.08 -46.52
C SER H 51 33.74 3.47 -46.01
N ARG H 52 33.11 4.12 -45.02
CA ARG H 52 31.87 3.62 -44.43
C ARG H 52 30.91 4.78 -44.37
N VAL H 53 29.72 4.57 -44.92
CA VAL H 53 28.76 5.64 -45.08
C VAL H 53 27.46 5.24 -44.43
N LEU H 54 26.64 6.24 -44.11
CA LEU H 54 25.28 6.02 -43.63
C LEU H 54 24.33 6.83 -44.50
N LEU H 55 23.57 6.15 -45.34
CA LEU H 55 22.60 6.76 -46.24
C LEU H 55 21.26 6.87 -45.56
N LYS H 56 20.69 8.07 -45.56
CA LYS H 56 19.33 8.31 -45.08
C LYS H 56 18.39 8.44 -46.28
N LEU H 57 17.39 7.58 -46.33
CA LEU H 57 16.40 7.58 -47.40
C LEU H 57 15.06 8.00 -46.80
N GLY H 58 14.56 9.14 -47.22
CA GLY H 58 13.29 9.62 -46.72
C GLY H 58 12.15 8.93 -47.38
N GLY H 59 10.95 9.23 -46.90
CA GLY H 59 9.78 8.57 -47.45
C GLY H 59 9.51 8.93 -48.89
N GLU H 60 10.08 10.01 -49.39
CA GLU H 60 9.88 10.34 -50.79
C GLU H 60 10.56 9.31 -51.68
N MET H 61 11.71 8.78 -51.25
CA MET H 61 12.46 7.75 -51.96
C MET H 61 11.76 6.40 -51.99
N PHE H 62 10.58 6.27 -51.40
CA PHE H 62 9.76 5.08 -51.51
C PHE H 62 8.38 5.38 -52.06
N GLY H 63 7.75 6.47 -51.60
CA GLY H 63 6.41 6.80 -52.05
C GLY H 63 6.38 7.55 -53.34
N GLY H 64 7.50 8.17 -53.72
CA GLY H 64 7.56 8.89 -54.97
C GLY H 64 6.88 10.23 -54.89
N GLY H 65 6.90 10.84 -53.70
CA GLY H 65 6.23 12.08 -53.43
C GLY H 65 4.81 11.93 -52.93
N GLN H 66 4.16 10.84 -53.26
CA GLN H 66 2.80 10.60 -52.82
C GLN H 66 2.80 9.52 -51.74
N VAL H 67 1.60 9.18 -51.31
CA VAL H 67 1.40 8.18 -50.27
C VAL H 67 1.37 6.79 -50.89
N GLY H 68 2.06 5.85 -50.25
CA GLY H 68 2.05 4.47 -50.70
C GLY H 68 3.43 4.02 -51.15
N LEU H 69 3.53 3.29 -52.26
CA LEU H 69 4.83 2.87 -52.72
C LEU H 69 4.91 2.92 -54.24
N ASP H 70 5.95 3.60 -54.72
CA ASP H 70 6.15 3.89 -56.14
C ASP H 70 7.36 3.06 -56.57
N PRO H 71 7.14 1.85 -57.11
CA PRO H 71 8.25 0.93 -57.37
C PRO H 71 9.32 1.47 -58.30
N ASP H 72 8.99 2.35 -59.24
CA ASP H 72 10.02 2.82 -60.15
C ASP H 72 11.03 3.70 -59.42
N VAL H 73 10.62 4.38 -58.35
CA VAL H 73 11.59 5.09 -57.54
C VAL H 73 12.46 4.10 -56.80
N VAL H 74 11.83 3.26 -55.97
CA VAL H 74 12.62 2.45 -55.07
C VAL H 74 13.50 1.49 -55.88
N ALA H 75 13.08 1.13 -57.09
CA ALA H 75 13.98 0.39 -58.00
C ALA H 75 15.16 1.25 -58.41
N GLN H 76 14.91 2.51 -58.75
CA GLN H 76 16.00 3.42 -59.08
C GLN H 76 16.94 3.58 -57.91
N VAL H 77 16.39 3.62 -56.69
CA VAL H 77 17.23 3.80 -55.51
C VAL H 77 18.16 2.60 -55.32
N ALA H 78 17.62 1.40 -55.54
CA ALA H 78 18.41 0.19 -55.32
C ALA H 78 19.59 0.13 -56.28
N ARG H 79 19.36 0.49 -57.54
CA ARG H 79 20.45 0.49 -58.52
C ARG H 79 21.55 1.46 -58.10
N GLN H 80 21.19 2.63 -57.57
CA GLN H 80 22.21 3.58 -57.12
C GLN H 80 22.97 3.07 -55.91
N ILE H 81 22.31 2.36 -55.01
CA ILE H 81 23.01 1.72 -53.91
C ILE H 81 23.84 0.56 -54.42
N ALA H 82 23.31 -0.21 -55.37
CA ALA H 82 24.06 -1.33 -55.93
C ALA H 82 25.36 -0.88 -56.54
N ASP H 83 25.32 0.17 -57.36
CA ASP H 83 26.50 0.88 -57.87
C ASP H 83 27.60 1.10 -56.81
N VAL H 84 27.23 1.62 -55.65
CA VAL H 84 28.27 2.02 -54.73
C VAL H 84 28.81 0.84 -53.92
N VAL H 85 28.03 -0.21 -53.70
CA VAL H 85 28.49 -1.27 -52.82
C VAL H 85 29.40 -2.21 -53.60
N ARG H 86 29.25 -2.24 -54.93
CA ARG H 86 30.23 -2.92 -55.76
C ARG H 86 31.52 -2.10 -55.83
N GLY H 87 31.43 -0.77 -55.70
CA GLY H 87 32.59 0.06 -55.52
C GLY H 87 33.38 -0.21 -54.27
N GLY H 88 32.93 -1.15 -53.44
CA GLY H 88 33.64 -1.51 -52.24
C GLY H 88 33.33 -0.69 -51.00
N VAL H 89 32.28 0.15 -51.01
CA VAL H 89 31.98 0.93 -49.82
C VAL H 89 31.10 0.11 -48.89
N GLN H 90 31.26 0.37 -47.60
CA GLN H 90 30.40 -0.26 -46.62
C GLN H 90 29.26 0.71 -46.36
N ILE H 91 28.04 0.27 -46.54
CA ILE H 91 26.91 1.20 -46.51
C ILE H 91 25.80 0.57 -45.69
N ALA H 92 25.36 1.28 -44.66
CA ALA H 92 24.14 1.01 -43.92
C ALA H 92 23.15 2.10 -44.24
N VAL H 93 21.87 1.77 -44.16
CA VAL H 93 20.82 2.63 -44.68
C VAL H 93 19.75 2.78 -43.60
N VAL H 94 19.46 4.03 -43.22
CA VAL H 94 18.40 4.36 -42.26
C VAL H 94 17.20 4.89 -43.04
N ILE H 95 16.04 4.25 -42.95
CA ILE H 95 14.97 4.73 -43.82
C ILE H 95 13.83 5.32 -43.01
N GLY H 96 13.24 6.38 -43.56
CA GLY H 96 12.07 6.99 -42.98
C GLY H 96 10.79 6.49 -43.64
N GLY H 97 9.69 7.12 -43.23
CA GLY H 97 8.39 6.65 -43.63
C GLY H 97 7.34 7.73 -43.76
N GLY H 98 7.71 8.84 -44.41
CA GLY H 98 6.73 9.88 -44.71
C GLY H 98 5.67 9.44 -45.68
N ASN H 99 5.94 8.41 -46.48
CA ASN H 99 4.95 7.95 -47.44
C ASN H 99 3.79 7.22 -46.80
N PHE H 100 3.87 6.92 -45.51
CA PHE H 100 2.73 6.35 -44.82
C PHE H 100 2.21 7.32 -43.77
N PHE H 101 2.88 7.44 -42.62
CA PHE H 101 2.40 8.30 -41.54
C PHE H 101 3.53 9.04 -40.82
N ARG H 102 3.27 10.30 -40.48
CA ARG H 102 4.08 11.05 -39.54
C ARG H 102 3.28 11.29 -38.26
N GLY H 103 3.93 11.15 -37.11
CA GLY H 103 3.25 11.35 -35.85
C GLY H 103 2.82 12.79 -35.61
N ALA H 104 3.57 13.77 -36.11
CA ALA H 104 3.25 15.16 -35.82
C ALA H 104 2.00 15.61 -36.58
N GLN H 105 1.82 15.11 -37.81
CA GLN H 105 0.60 15.40 -38.55
C GLN H 105 -0.59 14.66 -37.95
N LEU H 106 -0.48 13.33 -37.82
CA LEU H 106 -1.56 12.55 -37.22
C LEU H 106 -1.97 13.06 -35.84
N GLN H 107 -1.04 13.68 -35.11
CA GLN H 107 -1.37 14.15 -33.77
C GLN H 107 -2.33 15.31 -33.86
N GLN H 108 -2.08 16.25 -34.75
CA GLN H 108 -2.95 17.41 -34.77
C GLN H 108 -4.19 17.17 -35.63
N LEU H 109 -4.31 16.00 -36.26
CA LEU H 109 -5.65 15.58 -36.67
C LEU H 109 -6.41 14.92 -35.53
N GLY H 110 -5.81 14.78 -34.35
CA GLY H 110 -6.50 14.22 -33.20
C GLY H 110 -5.82 13.08 -32.47
N MET H 111 -5.12 12.20 -33.17
CA MET H 111 -4.71 10.93 -32.58
C MET H 111 -3.59 11.10 -31.55
N GLU H 112 -3.60 10.25 -30.53
CA GLU H 112 -2.56 10.25 -29.53
C GLU H 112 -1.21 10.12 -30.23
N ARG H 113 -0.20 10.84 -29.71
CA ARG H 113 1.05 10.98 -30.46
C ARG H 113 1.89 9.71 -30.43
N THR H 114 2.00 9.05 -29.28
CA THR H 114 2.83 7.84 -29.20
C THR H 114 2.32 6.76 -30.15
N ARG H 115 1.00 6.55 -30.21
CA ARG H 115 0.46 5.56 -31.12
C ARG H 115 0.66 5.99 -32.56
N SER H 116 0.57 7.28 -32.83
CA SER H 116 0.86 7.78 -34.17
C SER H 116 2.30 7.54 -34.56
N ASP H 117 3.20 7.58 -33.61
CA ASP H 117 4.59 7.36 -33.93
C ASP H 117 4.81 5.89 -34.22
N TYR H 118 4.29 4.99 -33.42
CA TYR H 118 4.44 3.57 -33.70
C TYR H 118 3.85 3.24 -35.06
N MET H 119 2.70 3.84 -35.40
CA MET H 119 2.16 3.73 -36.74
C MET H 119 3.21 4.14 -37.77
N GLY H 120 4.05 5.10 -37.42
CA GLY H 120 5.03 5.65 -38.34
C GLY H 120 6.28 4.82 -38.38
N MET H 121 6.73 4.34 -37.22
CA MET H 121 7.87 3.44 -37.21
C MET H 121 7.51 2.13 -37.89
N LEU H 122 6.25 1.70 -37.83
CA LEU H 122 5.87 0.48 -38.50
C LEU H 122 5.96 0.64 -39.99
N GLY H 123 5.68 1.84 -40.49
CA GLY H 123 5.80 2.09 -41.92
C GLY H 123 7.21 1.94 -42.41
N THR H 124 8.19 2.41 -41.65
CA THR H 124 9.57 2.37 -42.11
C THR H 124 10.07 0.94 -42.34
N VAL H 125 9.51 -0.07 -41.67
CA VAL H 125 10.00 -1.41 -41.95
C VAL H 125 9.26 -2.03 -43.13
N MET H 126 8.06 -1.53 -43.45
CA MET H 126 7.43 -1.90 -44.73
C MET H 126 8.24 -1.36 -45.90
N ASN H 127 8.87 -0.21 -45.70
CA ASN H 127 9.79 0.33 -46.70
C ASN H 127 11.12 -0.39 -46.67
N SER H 128 11.57 -0.80 -45.48
CA SER H 128 12.79 -1.58 -45.32
C SER H 128 12.72 -2.87 -46.11
N LEU H 129 11.56 -3.52 -46.05
CA LEU H 129 11.37 -4.77 -46.77
C LEU H 129 11.23 -4.52 -48.26
N ALA H 130 10.70 -3.36 -48.65
CA ALA H 130 10.66 -3.02 -50.05
C ALA H 130 12.07 -2.78 -50.57
N LEU H 131 12.88 -2.00 -49.83
CA LEU H 131 14.27 -1.80 -50.22
C LEU H 131 15.01 -3.14 -50.32
N GLN H 132 14.87 -3.99 -49.30
CA GLN H 132 15.55 -5.29 -49.31
C GLN H 132 15.18 -6.09 -50.54
N ASP H 133 13.95 -5.95 -51.02
CA ASP H 133 13.50 -6.73 -52.18
C ASP H 133 14.18 -6.23 -53.44
N PHE H 134 14.22 -4.92 -53.64
CA PHE H 134 14.73 -4.37 -54.89
C PHE H 134 16.25 -4.46 -54.94
N LEU H 135 16.89 -4.27 -53.79
CA LEU H 135 18.32 -4.55 -53.67
C LEU H 135 18.62 -6.02 -53.90
N GLU H 136 17.68 -6.90 -53.57
CA GLU H 136 17.86 -8.31 -53.92
C GLU H 136 17.93 -8.48 -55.43
N LYS H 137 16.94 -7.94 -56.16
CA LYS H 137 16.87 -8.10 -57.61
C LYS H 137 18.11 -7.56 -58.31
N GLU H 138 18.90 -6.70 -57.64
CA GLU H 138 20.22 -6.29 -58.09
C GLU H 138 21.33 -7.24 -57.65
N GLY H 139 20.99 -8.30 -56.91
CA GLY H 139 22.00 -9.22 -56.43
C GLY H 139 22.84 -8.69 -55.27
N ILE H 140 22.29 -7.78 -54.49
CA ILE H 140 22.97 -7.21 -53.34
C ILE H 140 22.46 -7.90 -52.10
N VAL H 141 23.35 -8.44 -51.27
CA VAL H 141 22.91 -9.15 -50.08
C VAL H 141 22.67 -8.15 -48.96
N THR H 142 21.58 -8.34 -48.22
CA THR H 142 21.11 -7.37 -47.25
C THR H 142 20.79 -8.06 -45.93
N ARG H 143 20.99 -7.33 -44.84
CA ARG H 143 20.47 -7.69 -43.52
C ARG H 143 19.74 -6.46 -42.98
N VAL H 144 18.45 -6.59 -42.66
CA VAL H 144 17.71 -5.46 -42.11
C VAL H 144 17.56 -5.67 -40.61
N GLN H 145 17.71 -4.59 -39.84
CA GLN H 145 17.58 -4.62 -38.40
C GLN H 145 16.54 -3.61 -37.97
N THR H 146 15.61 -4.02 -37.08
CA THR H 146 14.51 -3.19 -36.60
C THR H 146 14.73 -2.80 -35.15
N ALA H 147 14.56 -1.51 -34.83
CA ALA H 147 14.70 -1.08 -33.45
C ALA H 147 13.58 -1.60 -32.57
N ILE H 148 12.34 -1.65 -33.08
CA ILE H 148 11.26 -2.36 -32.42
C ILE H 148 11.44 -3.82 -32.72
N THR H 149 11.64 -4.63 -31.68
CA THR H 149 12.08 -6.00 -31.89
C THR H 149 11.01 -6.85 -32.56
N MET H 150 11.40 -7.63 -33.56
CA MET H 150 10.39 -8.39 -34.29
C MET H 150 10.76 -9.86 -34.40
N GLY H 151 11.93 -10.16 -34.93
CA GLY H 151 12.39 -11.52 -34.84
C GLY H 151 11.95 -12.31 -36.03
N GLN H 152 10.65 -12.48 -36.20
CA GLN H 152 10.12 -13.21 -37.35
C GLN H 152 10.27 -12.40 -38.62
N VAL H 153 10.02 -11.10 -38.52
CA VAL H 153 10.15 -10.22 -39.68
C VAL H 153 11.61 -9.85 -39.93
N ALA H 154 12.36 -9.52 -38.89
CA ALA H 154 13.77 -9.25 -39.07
C ALA H 154 14.51 -9.24 -37.74
N GLU H 155 15.82 -9.34 -37.83
CA GLU H 155 16.71 -9.32 -36.69
C GLU H 155 16.62 -7.99 -35.93
N PRO H 156 16.67 -8.00 -34.58
CA PRO H 156 16.67 -6.76 -33.82
C PRO H 156 17.98 -5.98 -33.93
N TYR H 157 18.00 -4.78 -33.33
CA TYR H 157 19.13 -3.86 -33.45
C TYR H 157 20.28 -4.32 -32.58
N LEU H 158 21.27 -4.94 -33.19
CA LEU H 158 22.55 -5.24 -32.56
C LEU H 158 23.62 -4.47 -33.31
N PRO H 159 24.22 -3.42 -32.72
CA PRO H 159 25.15 -2.59 -33.51
C PRO H 159 26.45 -3.29 -33.81
N LEU H 160 26.95 -4.11 -32.87
CA LEU H 160 28.18 -4.84 -33.12
C LEU H 160 28.01 -5.82 -34.27
N ARG H 161 26.82 -6.40 -34.43
CA ARG H 161 26.56 -7.31 -35.53
C ARG H 161 26.36 -6.54 -36.83
N ALA H 162 25.79 -5.34 -36.75
CA ALA H 162 25.61 -4.52 -37.94
C ALA H 162 26.94 -4.23 -38.62
N VAL H 163 28.01 -3.99 -37.85
CA VAL H 163 29.26 -3.65 -38.48
C VAL H 163 29.95 -4.87 -39.06
N ARG H 164 29.83 -6.03 -38.43
CA ARG H 164 30.44 -7.20 -39.06
C ARG H 164 29.73 -7.57 -40.34
N HIS H 165 28.40 -7.35 -40.42
CA HIS H 165 27.65 -7.50 -41.66
C HIS H 165 28.27 -6.64 -42.77
N LEU H 166 28.53 -5.37 -42.45
CA LEU H 166 29.18 -4.47 -43.41
C LEU H 166 30.55 -4.99 -43.80
N GLU H 167 31.28 -5.52 -42.82
CA GLU H 167 32.60 -6.04 -43.09
C GLU H 167 32.52 -7.26 -44.00
N LYS H 168 31.43 -8.01 -43.93
CA LYS H 168 31.28 -9.17 -44.79
C LYS H 168 30.77 -8.84 -46.17
N GLY H 169 30.53 -7.56 -46.46
CA GLY H 169 30.11 -7.13 -47.78
C GLY H 169 28.64 -6.82 -47.91
N ARG H 170 27.89 -6.83 -46.83
CA ARG H 170 26.43 -6.77 -46.83
C ARG H 170 25.89 -5.36 -46.53
N VAL H 171 24.62 -5.14 -46.88
CA VAL H 171 23.96 -3.84 -46.72
C VAL H 171 23.00 -3.92 -45.54
N VAL H 172 23.23 -3.08 -44.53
CA VAL H 172 22.43 -3.09 -43.32
C VAL H 172 21.36 -2.04 -43.46
N ILE H 173 20.13 -2.41 -43.14
CA ILE H 173 18.99 -1.52 -43.30
C ILE H 173 18.32 -1.37 -41.95
N PHE H 174 18.28 -0.13 -41.44
CA PHE H 174 17.81 0.17 -40.09
C PHE H 174 16.36 0.66 -40.14
N GLY H 175 15.42 -0.27 -40.05
CA GLY H 175 14.03 0.09 -40.00
C GLY H 175 13.52 0.30 -38.59
N ALA H 176 12.31 0.86 -38.51
CA ALA H 176 11.65 1.20 -37.25
C ALA H 176 12.37 2.33 -36.51
N GLY H 177 13.11 3.16 -37.23
CA GLY H 177 13.62 4.37 -36.63
C GLY H 177 14.60 4.07 -35.53
N MET H 178 14.48 4.80 -34.42
CA MET H 178 15.23 4.52 -33.23
C MET H 178 14.48 3.64 -32.25
N GLY H 179 13.23 3.27 -32.57
CA GLY H 179 12.40 2.45 -31.73
C GLY H 179 11.58 3.19 -30.68
N LEU H 180 11.67 4.51 -30.61
CA LEU H 180 11.10 5.30 -29.53
C LEU H 180 10.30 6.47 -30.12
N PRO H 181 9.11 6.74 -29.60
CA PRO H 181 8.32 7.88 -30.06
C PRO H 181 9.00 9.20 -29.70
N TYR H 182 8.60 10.26 -30.42
CA TYR H 182 9.09 11.62 -30.23
C TYR H 182 10.50 11.80 -30.79
N PHE H 183 10.79 11.08 -31.85
CA PHE H 183 12.05 11.23 -32.53
C PHE H 183 11.79 11.19 -34.02
N SER H 184 12.85 11.38 -34.78
CA SER H 184 12.74 11.41 -36.21
C SER H 184 13.57 10.39 -36.83
N THR H 185 13.61 10.42 -38.13
CA THR H 185 14.40 9.46 -38.82
C THR H 185 15.73 10.07 -39.21
N ASP H 186 15.81 11.39 -39.19
CA ASP H 186 17.04 12.04 -39.50
C ASP H 186 17.90 11.95 -38.30
N THR H 187 17.33 11.92 -37.10
CA THR H 187 18.09 11.84 -35.88
C THR H 187 18.59 10.49 -35.65
N THR H 188 17.91 9.49 -36.20
CA THR H 188 18.23 8.08 -36.12
C THR H 188 19.42 7.72 -36.90
N ALA H 189 19.69 8.49 -37.93
CA ALA H 189 20.80 8.30 -38.79
C ALA H 189 21.98 8.96 -38.23
N ALA H 190 21.80 9.97 -37.41
CA ALA H 190 22.92 10.62 -36.80
C ALA H 190 23.42 9.76 -35.70
N GLN H 191 22.53 9.05 -35.04
CA GLN H 191 22.92 8.14 -34.01
C GLN H 191 23.47 6.94 -34.63
N ARG H 192 22.74 6.36 -35.54
CA ARG H 192 23.23 5.11 -36.13
C ARG H 192 24.61 5.29 -36.73
N ALA H 193 24.77 6.30 -37.60
CA ALA H 193 26.08 6.53 -38.19
C ALA H 193 27.15 6.71 -37.12
N LEU H 194 26.81 7.41 -36.03
CA LEU H 194 27.76 7.60 -34.94
C LEU H 194 28.13 6.27 -34.30
N GLU H 195 27.14 5.42 -33.98
CA GLU H 195 27.44 4.20 -33.27
C GLU H 195 28.12 3.17 -34.18
N ILE H 196 27.74 3.11 -35.46
CA ILE H 196 28.40 2.14 -36.34
C ILE H 196 29.70 2.67 -36.91
N GLY H 197 30.12 3.86 -36.50
CA GLY H 197 31.40 4.41 -36.88
C GLY H 197 31.52 4.77 -38.35
N ALA H 198 30.52 5.45 -38.90
CA ALA H 198 30.59 5.92 -40.28
C ALA H 198 31.44 7.17 -40.38
N ASP H 199 31.88 7.46 -41.61
CA ASP H 199 32.70 8.64 -41.86
C ASP H 199 31.87 9.85 -42.24
N VAL H 200 30.71 9.62 -42.87
CA VAL H 200 29.79 10.69 -43.28
C VAL H 200 28.35 10.19 -43.18
N VAL H 201 27.41 11.13 -43.08
CA VAL H 201 25.98 10.84 -43.16
C VAL H 201 25.50 11.40 -44.49
N LEU H 202 25.20 10.52 -45.43
CA LEU H 202 24.72 10.95 -46.74
C LEU H 202 23.21 11.14 -46.65
N MET H 203 22.79 12.40 -46.58
CA MET H 203 21.38 12.76 -46.67
C MET H 203 20.98 12.78 -48.15
N ALA H 204 20.39 11.69 -48.62
CA ALA H 204 19.90 11.64 -50.00
C ALA H 204 18.64 12.47 -50.16
N LYS H 205 18.66 13.40 -51.10
CA LYS H 205 17.50 14.22 -51.41
C LYS H 205 17.22 14.04 -52.90
N ALA H 206 16.22 14.75 -53.42
CA ALA H 206 16.00 14.77 -54.87
C ALA H 206 16.26 16.13 -55.48
N VAL H 207 16.74 17.10 -54.70
CA VAL H 207 17.38 18.26 -55.25
C VAL H 207 18.89 18.09 -55.08
N ASP H 208 19.66 18.89 -55.84
CA ASP H 208 21.10 18.71 -55.90
C ASP H 208 21.81 19.05 -54.60
N GLY H 209 21.18 19.83 -53.71
CA GLY H 209 21.80 20.21 -52.46
C GLY H 209 21.08 21.22 -51.57
N VAL H 210 21.79 22.27 -51.17
CA VAL H 210 21.21 23.32 -50.36
C VAL H 210 21.45 24.64 -51.10
N PHE H 211 20.52 25.58 -50.95
CA PHE H 211 20.60 26.84 -51.65
C PHE H 211 20.34 28.02 -50.72
N ALA H 212 20.85 29.19 -51.11
CA ALA H 212 20.56 30.39 -50.36
C ALA H 212 19.11 30.83 -50.53
N GLU H 213 18.54 30.61 -51.71
CA GLU H 213 17.14 30.93 -51.99
C GLU H 213 16.47 29.66 -52.50
N ASP H 214 15.64 29.05 -51.65
CA ASP H 214 14.96 27.81 -52.01
C ASP H 214 14.04 28.00 -53.22
N ALA H 221 19.19 30.61 -58.45
CA ALA H 221 19.71 30.43 -57.10
C ALA H 221 21.23 30.40 -57.10
N GLU H 222 21.80 29.68 -56.12
CA GLU H 222 23.25 29.47 -56.01
C GLU H 222 23.59 28.32 -55.06
N LEU H 223 24.02 27.17 -55.59
CA LEU H 223 24.40 26.03 -54.74
C LEU H 223 25.52 26.38 -53.79
N LEU H 224 25.49 25.73 -52.63
CA LEU H 224 26.56 25.77 -51.64
C LEU H 224 27.35 24.49 -51.78
N THR H 225 28.68 24.60 -51.79
CA THR H 225 29.48 23.40 -51.99
C THR H 225 30.11 22.90 -50.69
N ALA H 226 30.42 23.78 -49.75
CA ALA H 226 31.02 23.42 -48.48
C ALA H 226 30.69 24.49 -47.46
N VAL H 227 30.21 24.07 -46.29
CA VAL H 227 29.75 24.97 -45.25
C VAL H 227 30.24 24.48 -43.90
N SER H 228 30.50 25.41 -42.99
CA SER H 228 30.75 25.07 -41.60
C SER H 228 29.56 24.36 -40.98
N HIS H 229 29.82 23.72 -39.85
CA HIS H 229 28.70 23.23 -39.06
C HIS H 229 27.99 24.37 -38.38
N ARG H 230 28.61 25.54 -38.33
CA ARG H 230 27.91 26.68 -37.79
C ARG H 230 27.70 27.76 -38.84
N GLU H 231 28.27 27.62 -40.03
CA GLU H 231 27.71 28.29 -41.20
C GLU H 231 26.25 27.88 -41.40
N VAL H 232 25.94 26.60 -41.16
CA VAL H 232 24.58 26.13 -41.39
C VAL H 232 23.60 26.78 -40.40
N LEU H 233 23.98 26.84 -39.12
CA LEU H 233 23.10 27.44 -38.13
C LEU H 233 22.96 28.94 -38.33
N ASP H 234 24.06 29.62 -38.65
CA ASP H 234 24.02 31.08 -38.72
C ASP H 234 23.28 31.56 -39.95
N ARG H 235 23.34 30.80 -41.06
CA ARG H 235 22.61 31.14 -42.28
C ARG H 235 21.20 30.55 -42.31
N GLY H 236 20.85 29.73 -41.32
CA GLY H 236 19.51 29.19 -41.22
C GLY H 236 19.21 28.28 -42.37
N LEU H 237 20.03 27.25 -42.54
CA LEU H 237 19.93 26.38 -43.69
C LEU H 237 19.34 25.03 -43.29
N ARG H 238 18.26 24.63 -43.96
CA ARG H 238 17.59 23.37 -43.65
C ARG H 238 18.41 22.23 -44.24
N VAL H 239 19.15 21.55 -43.39
CA VAL H 239 20.01 20.45 -43.80
C VAL H 239 19.49 19.11 -43.29
N ALA H 240 19.06 19.05 -42.02
CA ALA H 240 18.44 17.89 -41.42
C ALA H 240 17.43 18.38 -40.39
N ASP H 241 17.07 17.51 -39.45
CA ASP H 241 16.42 17.94 -38.20
C ASP H 241 17.32 18.89 -37.43
N ALA H 242 16.72 19.76 -36.62
CA ALA H 242 17.57 20.51 -35.70
C ALA H 242 18.17 19.60 -34.64
N THR H 243 17.55 18.44 -34.38
CA THR H 243 18.05 17.51 -33.38
C THR H 243 19.12 16.58 -33.94
N ALA H 244 18.90 16.07 -35.14
CA ALA H 244 19.94 15.29 -35.81
C ALA H 244 21.17 16.14 -36.07
N PHE H 245 20.99 17.42 -36.38
CA PHE H 245 22.13 18.24 -36.81
C PHE H 245 23.00 18.58 -35.61
N SER H 246 22.37 18.94 -34.49
CA SER H 246 23.15 19.22 -33.30
C SER H 246 23.84 17.94 -32.82
N LEU H 247 23.14 16.81 -32.94
CA LEU H 247 23.79 15.53 -32.64
C LEU H 247 25.07 15.35 -33.48
N CYS H 248 25.03 15.74 -34.76
CA CYS H 248 26.20 15.54 -35.63
C CYS H 248 27.25 16.62 -35.44
N MET H 249 26.83 17.86 -35.21
CA MET H 249 27.80 18.92 -34.94
C MET H 249 28.56 18.65 -33.64
N ASP H 250 27.86 18.22 -32.61
CA ASP H 250 28.47 18.03 -31.29
C ASP H 250 29.48 16.89 -31.27
N ASN H 251 29.48 16.01 -32.27
CA ASN H 251 30.47 14.94 -32.34
C ASN H 251 31.32 15.04 -33.59
N GLY H 252 31.19 16.11 -34.36
CA GLY H 252 32.02 16.29 -35.55
C GLY H 252 31.74 15.31 -36.68
N MET H 253 30.47 14.93 -36.87
CA MET H 253 30.07 14.01 -37.92
C MET H 253 29.71 14.78 -39.18
N PRO H 254 30.45 14.64 -40.28
CA PRO H 254 30.10 15.38 -41.50
C PRO H 254 28.78 14.92 -42.08
N ILE H 255 28.13 15.82 -42.83
CA ILE H 255 26.87 15.53 -43.50
C ILE H 255 26.98 15.96 -44.96
N LEU H 256 26.52 15.10 -45.87
CA LEU H 256 26.58 15.34 -47.31
C LEU H 256 25.17 15.25 -47.87
N VAL H 257 24.62 16.40 -48.25
CA VAL H 257 23.31 16.50 -48.89
C VAL H 257 23.51 16.44 -50.40
N PHE H 258 22.72 15.61 -51.08
CA PHE H 258 22.95 15.44 -52.52
C PHE H 258 21.77 14.77 -53.22
N ASN H 259 21.63 15.09 -54.52
CA ASN H 259 20.60 14.47 -55.37
C ASN H 259 20.96 13.02 -55.66
N LEU H 260 20.39 12.12 -54.88
CA LEU H 260 20.63 10.69 -55.09
C LEU H 260 20.11 10.21 -56.43
N LEU H 261 18.97 10.73 -56.87
CA LEU H 261 18.28 10.10 -57.97
C LEU H 261 18.93 10.33 -59.33
N THR H 262 19.79 11.35 -59.49
CA THR H 262 20.48 11.48 -60.78
C THR H 262 21.60 10.44 -60.87
N ASP H 263 21.47 9.54 -61.86
CA ASP H 263 22.30 8.34 -62.01
C ASP H 263 23.77 8.62 -61.75
N GLY H 264 24.40 7.78 -60.95
CA GLY H 264 25.82 7.85 -60.75
C GLY H 264 26.31 8.77 -59.65
N ASN H 265 25.45 9.60 -59.04
CA ASN H 265 25.93 10.52 -58.01
C ASN H 265 26.49 9.80 -56.79
N ILE H 266 25.72 8.89 -56.18
CA ILE H 266 26.17 8.40 -54.89
C ILE H 266 27.47 7.64 -55.03
N ALA H 267 27.67 6.96 -56.17
CA ALA H 267 28.96 6.35 -56.46
C ALA H 267 30.05 7.41 -56.51
N ARG H 268 29.74 8.57 -57.09
CA ARG H 268 30.72 9.65 -57.16
C ARG H 268 31.00 10.27 -55.79
N ALA H 269 29.97 10.44 -54.95
CA ALA H 269 30.16 11.14 -53.69
C ALA H 269 31.02 10.32 -52.74
N VAL H 270 30.93 9.00 -52.84
CA VAL H 270 31.69 8.09 -51.99
C VAL H 270 33.16 8.08 -52.37
N ARG H 271 33.43 8.10 -53.68
CA ARG H 271 34.79 8.22 -54.16
C ARG H 271 35.46 9.50 -53.71
N GLY H 272 34.73 10.45 -53.14
CA GLY H 272 35.28 11.71 -52.70
C GLY H 272 35.12 12.87 -53.66
N GLU H 273 34.48 12.66 -54.81
CA GLU H 273 34.22 13.74 -55.74
C GLU H 273 33.35 14.81 -55.08
N LYS H 274 33.55 16.07 -55.48
CA LYS H 274 32.80 17.15 -54.83
C LYS H 274 31.38 17.20 -55.40
N ILE H 275 30.40 16.89 -54.56
CA ILE H 275 28.99 16.87 -54.93
C ILE H 275 28.19 17.60 -53.85
N GLY H 276 26.94 17.92 -54.17
CA GLY H 276 26.00 18.54 -53.25
C GLY H 276 26.61 19.61 -52.38
N THR H 277 26.39 19.53 -51.08
CA THR H 277 27.04 20.42 -50.14
C THR H 277 27.67 19.54 -49.06
N LEU H 278 28.79 20.00 -48.50
CA LEU H 278 29.46 19.29 -47.42
C LEU H 278 29.45 20.16 -46.16
N VAL H 279 28.88 19.62 -45.08
CA VAL H 279 28.88 20.25 -43.78
C VAL H 279 29.98 19.59 -42.98
N THR H 280 31.06 20.31 -42.67
CA THR H 280 32.19 19.63 -42.05
C THR H 280 32.86 20.52 -41.01
N THR H 281 33.34 19.85 -39.94
CA THR H 281 33.96 20.45 -38.75
C THR H 281 33.01 21.48 -38.11
N LEU I 47 -3.25 25.52 -5.34
CA LEU I 47 -4.21 24.88 -6.25
C LEU I 47 -3.55 24.22 -7.49
N SER I 48 -3.38 22.89 -7.46
CA SER I 48 -2.74 22.14 -8.54
C SER I 48 -2.84 20.64 -8.32
N GLY I 49 -1.73 19.94 -8.51
CA GLY I 49 -1.65 18.52 -8.25
C GLY I 49 -1.24 17.74 -9.48
N TYR I 50 -0.16 16.98 -9.39
CA TYR I 50 0.26 16.13 -10.47
C TYR I 50 -0.21 14.71 -10.20
N SER I 51 -0.77 14.08 -11.22
CA SER I 51 -1.31 12.75 -11.03
C SER I 51 -0.36 11.66 -11.48
N ARG I 52 0.39 11.87 -12.56
CA ARG I 52 1.42 10.94 -13.00
C ARG I 52 2.71 11.74 -13.15
N VAL I 53 3.82 11.22 -12.64
CA VAL I 53 5.02 12.03 -12.58
C VAL I 53 6.21 11.18 -13.03
N LEU I 54 7.25 11.83 -13.56
CA LEU I 54 8.50 11.18 -13.99
C LEU I 54 9.65 11.75 -13.16
N LEU I 55 10.25 10.93 -12.32
CA LEU I 55 11.30 11.37 -11.40
C LEU I 55 12.65 10.94 -11.93
N LYS I 56 13.52 11.90 -12.19
CA LYS I 56 14.86 11.66 -12.68
C LYS I 56 15.84 11.77 -11.51
N LEU I 57 16.53 10.67 -11.23
CA LEU I 57 17.49 10.56 -10.14
C LEU I 57 18.87 10.42 -10.73
N GLY I 58 19.73 11.41 -10.46
CA GLY I 58 21.09 11.33 -10.94
C GLY I 58 21.88 10.28 -10.18
N GLY I 59 23.05 9.95 -10.73
CA GLY I 59 23.97 9.10 -9.99
C GLY I 59 24.29 9.70 -8.64
N GLU I 60 24.24 11.03 -8.57
CA GLU I 60 24.36 11.74 -7.30
C GLU I 60 23.47 11.15 -6.21
N MET I 61 22.30 10.62 -6.59
CA MET I 61 21.28 10.12 -5.67
C MET I 61 21.47 8.67 -5.26
N PHE I 62 22.41 7.96 -5.84
CA PHE I 62 22.80 6.66 -5.33
C PHE I 62 24.24 6.63 -4.84
N GLY I 63 25.09 7.49 -5.38
CA GLY I 63 26.49 7.55 -5.00
C GLY I 63 26.80 8.46 -3.85
N GLY I 64 25.87 9.32 -3.46
CA GLY I 64 26.14 10.30 -2.41
C GLY I 64 27.22 11.30 -2.76
N GLY I 65 27.45 11.53 -4.04
CA GLY I 65 28.57 12.34 -4.46
C GLY I 65 29.81 11.53 -4.77
N GLN I 66 30.22 10.65 -3.87
CA GLN I 66 31.37 9.80 -4.13
C GLN I 66 31.03 8.74 -5.18
N VAL I 67 32.07 8.07 -5.69
CA VAL I 67 31.87 6.96 -6.62
C VAL I 67 31.32 5.75 -5.87
N GLY I 68 30.65 4.88 -6.61
CA GLY I 68 30.11 3.68 -6.02
C GLY I 68 28.69 3.83 -5.52
N LEU I 69 28.39 3.28 -4.35
CA LEU I 69 27.03 3.34 -3.88
C LEU I 69 27.05 3.56 -2.37
N ASP I 70 25.92 4.04 -1.87
CA ASP I 70 25.81 4.63 -0.54
C ASP I 70 24.41 4.32 0.00
N PRO I 71 24.25 3.25 0.77
CA PRO I 71 22.90 2.86 1.19
C PRO I 71 22.12 3.95 1.88
N ASP I 72 22.79 4.77 2.71
CA ASP I 72 22.08 5.78 3.49
C ASP I 72 21.35 6.75 2.57
N VAL I 73 21.94 7.12 1.44
CA VAL I 73 21.23 8.02 0.54
C VAL I 73 20.13 7.28 -0.19
N VAL I 74 20.39 6.05 -0.63
CA VAL I 74 19.39 5.30 -1.39
C VAL I 74 18.17 5.04 -0.53
N ALA I 75 18.39 4.72 0.75
CA ALA I 75 17.26 4.53 1.65
C ALA I 75 16.40 5.77 1.70
N GLN I 76 17.01 6.92 1.97
CA GLN I 76 16.24 8.16 2.09
C GLN I 76 15.48 8.44 0.82
N VAL I 77 16.07 8.10 -0.33
CA VAL I 77 15.40 8.34 -1.60
C VAL I 77 14.18 7.45 -1.75
N ALA I 78 14.32 6.16 -1.42
CA ALA I 78 13.18 5.24 -1.48
C ALA I 78 12.10 5.63 -0.48
N ARG I 79 12.47 5.96 0.76
CA ARG I 79 11.45 6.36 1.72
C ARG I 79 10.70 7.59 1.26
N GLN I 80 11.40 8.53 0.61
CA GLN I 80 10.72 9.72 0.12
C GLN I 80 9.76 9.39 -1.03
N ILE I 81 10.22 8.59 -2.00
CA ILE I 81 9.33 8.05 -3.01
C ILE I 81 8.19 7.30 -2.35
N ALA I 82 8.51 6.43 -1.40
CA ALA I 82 7.51 5.60 -0.76
C ALA I 82 6.31 6.39 -0.27
N ASP I 83 6.55 7.58 0.27
CA ASP I 83 5.41 8.31 0.79
C ASP I 83 4.58 8.97 -0.29
N VAL I 84 5.17 9.43 -1.40
CA VAL I 84 4.29 9.95 -2.46
C VAL I 84 3.40 8.83 -2.98
N VAL I 85 3.94 7.60 -3.08
CA VAL I 85 3.23 6.48 -3.71
C VAL I 85 1.92 6.18 -2.97
N ARG I 86 2.02 5.94 -1.67
CA ARG I 86 0.78 5.77 -0.93
C ARG I 86 0.03 7.10 -0.78
N GLY I 87 0.59 8.22 -1.23
CA GLY I 87 -0.24 9.40 -1.42
C GLY I 87 -1.23 9.26 -2.55
N GLY I 88 -1.03 8.27 -3.42
CA GLY I 88 -1.87 8.06 -4.57
C GLY I 88 -1.26 8.41 -5.92
N VAL I 89 -0.08 9.02 -5.96
CA VAL I 89 0.48 9.45 -7.25
C VAL I 89 1.03 8.24 -8.02
N GLN I 90 1.11 8.41 -9.34
CA GLN I 90 1.74 7.45 -10.23
C GLN I 90 3.13 7.99 -10.57
N ILE I 91 4.15 7.27 -10.15
CA ILE I 91 5.53 7.74 -10.26
C ILE I 91 6.32 6.66 -10.98
N ALA I 92 7.02 7.06 -12.05
CA ALA I 92 8.01 6.22 -12.71
C ALA I 92 9.35 6.95 -12.67
N VAL I 93 10.43 6.20 -12.44
CA VAL I 93 11.75 6.75 -12.12
C VAL I 93 12.74 6.43 -13.23
N VAL I 94 13.52 7.44 -13.64
CA VAL I 94 14.63 7.27 -14.59
C VAL I 94 15.92 7.37 -13.81
N ILE I 95 16.81 6.41 -14.01
CA ILE I 95 17.96 6.22 -13.16
C ILE I 95 19.20 6.61 -13.93
N GLY I 96 19.98 7.54 -13.36
CA GLY I 96 21.25 7.93 -13.95
C GLY I 96 22.39 7.05 -13.44
N GLY I 97 23.59 7.33 -13.96
CA GLY I 97 24.74 6.53 -13.59
C GLY I 97 26.09 7.22 -13.38
N GLY I 98 26.07 8.52 -13.09
CA GLY I 98 27.31 9.27 -12.87
C GLY I 98 28.15 8.80 -11.70
N ASN I 99 27.57 8.01 -10.80
CA ASN I 99 28.32 7.43 -9.69
C ASN I 99 29.12 6.22 -10.11
N PHE I 100 29.02 5.79 -11.37
CA PHE I 100 29.87 4.75 -11.92
C PHE I 100 30.68 5.31 -13.09
N PHE I 101 30.07 5.37 -14.28
CA PHE I 101 30.74 5.92 -15.46
C PHE I 101 29.84 6.85 -16.27
N ARG I 102 30.48 7.64 -17.13
CA ARG I 102 29.80 8.48 -18.09
C ARG I 102 30.52 8.47 -19.44
N GLY I 103 29.72 8.41 -20.51
CA GLY I 103 30.21 8.21 -21.87
C GLY I 103 31.34 9.12 -22.26
N ALA I 104 31.07 10.43 -22.28
CA ALA I 104 32.07 11.41 -22.69
C ALA I 104 33.25 11.52 -21.73
N GLN I 105 33.14 10.98 -20.50
CA GLN I 105 34.21 11.15 -19.51
C GLN I 105 35.31 10.11 -19.64
N LEU I 106 35.00 8.89 -20.05
CA LEU I 106 36.07 7.97 -20.38
C LEU I 106 36.57 8.18 -21.81
N GLN I 107 35.79 8.87 -22.64
CA GLN I 107 36.26 9.25 -23.96
C GLN I 107 37.22 10.44 -23.90
N GLN I 108 37.16 11.23 -22.82
CA GLN I 108 38.20 12.23 -22.61
C GLN I 108 39.52 11.57 -22.23
N LEU I 109 39.47 10.42 -21.56
CA LEU I 109 40.67 9.66 -21.21
C LEU I 109 41.17 8.76 -22.32
N GLY I 110 40.42 8.60 -23.40
CA GLY I 110 40.89 7.87 -24.58
C GLY I 110 40.10 6.64 -24.95
N MET I 111 39.07 6.26 -24.19
CA MET I 111 38.26 5.08 -24.48
C MET I 111 37.24 5.39 -25.57
N GLU I 112 37.06 4.44 -26.49
CA GLU I 112 36.06 4.64 -27.53
C GLU I 112 34.71 4.90 -26.87
N ARG I 113 33.91 5.79 -27.48
CA ARG I 113 32.75 6.37 -26.80
C ARG I 113 31.61 5.38 -26.68
N THR I 114 31.15 4.88 -27.83
CA THR I 114 30.18 3.81 -28.01
C THR I 114 30.27 2.76 -26.91
N ARG I 115 31.46 2.17 -26.76
CA ARG I 115 31.75 1.24 -25.68
C ARG I 115 31.41 1.85 -24.33
N SER I 116 31.95 3.03 -24.04
CA SER I 116 31.86 3.58 -22.68
C SER I 116 30.45 4.02 -22.31
N ASP I 117 29.65 4.49 -23.27
CA ASP I 117 28.24 4.74 -22.94
C ASP I 117 27.51 3.44 -22.61
N TYR I 118 27.97 2.30 -23.12
CA TYR I 118 27.35 1.06 -22.71
C TYR I 118 27.73 0.73 -21.28
N MET I 119 29.01 0.86 -20.94
CA MET I 119 29.41 0.71 -19.55
C MET I 119 28.58 1.61 -18.65
N GLY I 120 28.33 2.84 -19.12
CA GLY I 120 27.56 3.78 -18.32
C GLY I 120 26.12 3.34 -18.16
N MET I 121 25.54 2.78 -19.22
CA MET I 121 24.15 2.36 -19.13
C MET I 121 24.00 1.11 -18.27
N LEU I 122 25.03 0.24 -18.21
CA LEU I 122 24.97 -0.90 -17.30
C LEU I 122 25.08 -0.45 -15.86
N GLY I 123 25.74 0.70 -15.64
CA GLY I 123 25.80 1.27 -14.31
C GLY I 123 24.45 1.71 -13.81
N THR I 124 23.59 2.19 -14.72
CA THR I 124 22.25 2.61 -14.30
C THR I 124 21.41 1.42 -13.87
N VAL I 125 21.58 0.27 -14.53
CA VAL I 125 20.86 -0.93 -14.12
C VAL I 125 21.27 -1.32 -12.70
N MET I 126 22.56 -1.20 -12.37
CA MET I 126 23.00 -1.50 -11.02
C MET I 126 22.38 -0.55 -10.02
N ASN I 127 22.14 0.70 -10.40
CA ASN I 127 21.40 1.60 -9.54
C ASN I 127 19.92 1.24 -9.54
N SER I 128 19.41 0.76 -10.68
CA SER I 128 17.99 0.47 -10.80
C SER I 128 17.60 -0.73 -9.95
N LEU I 129 18.50 -1.69 -9.78
CA LEU I 129 18.20 -2.82 -8.91
C LEU I 129 18.32 -2.43 -7.45
N ALA I 130 19.18 -1.45 -7.14
CA ALA I 130 19.34 -1.01 -5.76
C ALA I 130 18.14 -0.22 -5.28
N LEU I 131 17.65 0.72 -6.10
CA LEU I 131 16.44 1.42 -5.70
C LEU I 131 15.29 0.43 -5.58
N GLN I 132 15.24 -0.57 -6.46
CA GLN I 132 14.19 -1.57 -6.40
C GLN I 132 14.18 -2.25 -5.05
N ASP I 133 15.33 -2.73 -4.61
CA ASP I 133 15.37 -3.46 -3.36
C ASP I 133 15.04 -2.56 -2.18
N PHE I 134 15.62 -1.35 -2.14
CA PHE I 134 15.34 -0.49 -0.98
C PHE I 134 13.88 -0.07 -0.96
N LEU I 135 13.24 0.02 -2.13
CA LEU I 135 11.81 0.33 -2.19
C LEU I 135 10.98 -0.85 -1.72
N GLU I 136 11.38 -2.06 -2.06
CA GLU I 136 10.65 -3.23 -1.60
C GLU I 136 10.71 -3.37 -0.09
N LYS I 137 11.86 -3.04 0.52
CA LYS I 137 11.92 -2.99 1.98
C LYS I 137 10.92 -1.99 2.54
N GLU I 138 10.60 -0.94 1.79
CA GLU I 138 9.60 -0.02 2.28
C GLU I 138 8.19 -0.55 2.05
N GLY I 139 8.05 -1.66 1.34
CA GLY I 139 6.75 -2.19 1.03
C GLY I 139 6.12 -1.59 -0.20
N ILE I 140 6.91 -1.24 -1.21
CA ILE I 140 6.42 -0.66 -2.44
C ILE I 140 6.68 -1.66 -3.54
N VAL I 141 5.67 -1.97 -4.33
CA VAL I 141 5.83 -2.91 -5.44
C VAL I 141 6.48 -2.21 -6.63
N THR I 142 7.57 -2.78 -7.13
CA THR I 142 8.40 -2.15 -8.17
C THR I 142 8.50 -3.03 -9.40
N ARG I 143 8.71 -2.37 -10.53
CA ARG I 143 8.83 -3.04 -11.81
C ARG I 143 10.00 -2.38 -12.54
N VAL I 144 11.02 -3.15 -12.83
CA VAL I 144 12.17 -2.64 -13.54
C VAL I 144 12.03 -2.98 -15.01
N GLN I 145 12.32 -2.01 -15.86
CA GLN I 145 12.37 -2.24 -17.30
C GLN I 145 13.63 -1.58 -17.83
N THR I 146 14.42 -2.35 -18.56
CA THR I 146 15.69 -1.88 -19.04
C THR I 146 15.63 -1.62 -20.53
N ALA I 147 16.27 -0.53 -20.92
CA ALA I 147 16.24 -0.10 -22.30
C ALA I 147 16.96 -1.08 -23.19
N ILE I 148 18.11 -1.62 -22.76
CA ILE I 148 18.72 -2.72 -23.50
C ILE I 148 18.32 -4.03 -22.83
N THR I 149 17.91 -5.00 -23.64
CA THR I 149 17.17 -6.12 -23.09
C THR I 149 18.11 -7.00 -22.26
N MET I 150 17.62 -7.47 -21.12
CA MET I 150 18.38 -8.45 -20.35
C MET I 150 17.57 -9.67 -19.89
N GLY I 151 16.24 -9.65 -20.05
CA GLY I 151 15.43 -10.83 -19.83
C GLY I 151 15.35 -11.31 -18.39
N GLN I 152 16.43 -11.93 -17.88
CA GLN I 152 16.41 -12.51 -16.54
C GLN I 152 16.81 -11.52 -15.46
N VAL I 153 17.39 -10.39 -15.84
CA VAL I 153 17.73 -9.34 -14.89
C VAL I 153 16.58 -8.36 -14.69
N ALA I 154 15.81 -8.11 -15.73
CA ALA I 154 14.64 -7.24 -15.67
C ALA I 154 13.86 -7.40 -16.97
N GLU I 155 12.70 -6.79 -17.03
CA GLU I 155 11.91 -6.92 -18.23
C GLU I 155 12.40 -5.92 -19.28
N PRO I 156 12.07 -6.17 -20.56
CA PRO I 156 12.44 -5.20 -21.61
C PRO I 156 11.66 -3.91 -21.43
N TYR I 157 11.80 -2.99 -22.39
CA TYR I 157 11.02 -1.75 -22.38
C TYR I 157 9.69 -2.03 -23.04
N LEU I 158 8.63 -2.05 -22.26
CA LEU I 158 7.28 -2.34 -22.75
C LEU I 158 6.43 -1.21 -22.21
N PRO I 159 6.24 -0.15 -22.97
CA PRO I 159 5.71 1.06 -22.35
C PRO I 159 4.23 0.98 -22.03
N LEU I 160 3.44 0.22 -22.80
CA LEU I 160 2.03 0.06 -22.47
C LEU I 160 1.84 -0.66 -21.14
N ARG I 161 2.75 -1.55 -20.83
CA ARG I 161 2.74 -2.28 -19.58
C ARG I 161 3.30 -1.39 -18.49
N ALA I 162 4.17 -0.46 -18.80
CA ALA I 162 4.66 0.48 -17.79
C ALA I 162 3.53 1.33 -17.24
N VAL I 163 2.66 1.82 -18.12
CA VAL I 163 1.54 2.64 -17.70
C VAL I 163 0.52 1.81 -16.93
N ARG I 164 0.36 0.54 -17.28
CA ARG I 164 -0.58 -0.29 -16.54
C ARG I 164 -0.07 -0.61 -15.15
N HIS I 165 1.24 -0.80 -14.98
CA HIS I 165 1.83 -0.91 -13.64
C HIS I 165 1.47 0.29 -12.78
N LEU I 166 1.69 1.50 -13.31
CA LEU I 166 1.35 2.71 -12.58
C LEU I 166 -0.10 2.69 -12.15
N GLU I 167 -1.02 2.42 -13.09
CA GLU I 167 -2.44 2.36 -12.77
C GLU I 167 -2.78 1.30 -11.72
N LYS I 168 -1.94 0.28 -11.57
CA LYS I 168 -2.14 -0.67 -10.51
C LYS I 168 -1.47 -0.23 -9.22
N GLY I 169 -0.87 0.96 -9.20
CA GLY I 169 -0.17 1.45 -8.02
C GLY I 169 1.29 1.06 -7.89
N ARG I 170 1.92 0.56 -8.94
CA ARG I 170 3.30 0.08 -8.88
C ARG I 170 4.25 1.19 -9.30
N VAL I 171 5.53 1.04 -8.95
CA VAL I 171 6.57 2.02 -9.28
C VAL I 171 7.42 1.42 -10.38
N VAL I 172 7.44 2.06 -11.52
CA VAL I 172 8.19 1.58 -12.66
C VAL I 172 9.56 2.23 -12.62
N ILE I 173 10.60 1.43 -12.80
CA ILE I 173 11.97 1.93 -12.80
C ILE I 173 12.56 1.70 -14.18
N PHE I 174 13.12 2.75 -14.77
CA PHE I 174 13.56 2.77 -16.17
C PHE I 174 15.09 2.78 -16.15
N GLY I 175 15.69 1.62 -16.41
CA GLY I 175 17.13 1.49 -16.38
C GLY I 175 17.70 1.46 -17.78
N ALA I 176 19.04 1.48 -17.83
CA ALA I 176 19.79 1.47 -19.10
C ALA I 176 19.44 2.68 -19.97
N GLY I 177 19.07 3.80 -19.36
CA GLY I 177 18.81 4.98 -20.17
C GLY I 177 17.77 4.71 -21.24
N MET I 178 18.02 5.24 -22.43
CA MET I 178 17.20 4.95 -23.60
C MET I 178 17.71 3.78 -24.41
N GLY I 179 18.85 3.22 -24.03
CA GLY I 179 19.38 2.06 -24.70
C GLY I 179 20.45 2.34 -25.71
N LEU I 180 20.63 3.60 -26.10
CA LEU I 180 21.48 3.90 -27.25
C LEU I 180 22.60 4.82 -26.83
N PRO I 181 23.81 4.64 -27.35
CA PRO I 181 24.93 5.53 -26.99
C PRO I 181 24.79 6.89 -27.65
N TYR I 182 25.49 7.87 -27.06
CA TYR I 182 25.41 9.29 -27.41
C TYR I 182 24.11 9.93 -26.92
N PHE I 183 23.58 9.45 -25.81
CA PHE I 183 22.45 10.08 -25.16
C PHE I 183 22.72 10.23 -23.67
N SER I 184 21.78 10.84 -22.95
CA SER I 184 21.90 11.11 -21.53
C SER I 184 20.65 10.63 -20.78
N THR I 185 20.80 10.38 -19.49
CA THR I 185 19.62 9.98 -18.74
C THR I 185 18.61 11.12 -18.63
N ASP I 186 19.03 12.39 -18.76
CA ASP I 186 18.06 13.49 -18.81
C ASP I 186 17.18 13.39 -20.05
N THR I 187 17.81 13.28 -21.23
CA THR I 187 17.02 13.11 -22.45
C THR I 187 16.16 11.87 -22.36
N THR I 188 16.64 10.83 -21.67
CA THR I 188 15.79 9.68 -21.36
C THR I 188 14.57 10.12 -20.58
N ALA I 189 14.79 10.91 -19.52
CA ALA I 189 13.70 11.33 -18.64
C ALA I 189 12.62 12.04 -19.45
N ALA I 190 13.02 12.87 -20.41
CA ALA I 190 12.04 13.62 -21.15
C ALA I 190 11.29 12.73 -22.13
N GLN I 191 12.00 11.83 -22.81
CA GLN I 191 11.32 10.87 -23.68
C GLN I 191 10.46 9.91 -22.88
N ARG I 192 10.97 9.37 -21.78
CA ARG I 192 10.17 8.44 -21.02
C ARG I 192 8.87 9.09 -20.54
N ALA I 193 8.94 10.35 -20.09
CA ALA I 193 7.78 11.05 -19.54
C ALA I 193 6.73 11.35 -20.60
N LEU I 194 7.16 11.66 -21.81
CA LEU I 194 6.20 11.96 -22.86
C LEU I 194 5.46 10.72 -23.30
N GLU I 195 6.16 9.57 -23.37
CA GLU I 195 5.54 8.35 -23.84
C GLU I 195 4.54 7.78 -22.83
N ILE I 196 4.99 7.61 -21.58
CA ILE I 196 4.12 7.11 -20.52
C ILE I 196 3.08 8.13 -20.13
N GLY I 197 3.17 9.35 -20.65
CA GLY I 197 2.18 10.37 -20.41
C GLY I 197 2.21 10.96 -19.01
N ALA I 198 3.38 11.40 -18.57
CA ALA I 198 3.48 12.05 -17.27
C ALA I 198 3.06 13.50 -17.38
N ASP I 199 2.70 14.06 -16.24
CA ASP I 199 2.24 15.44 -16.14
C ASP I 199 3.39 16.43 -16.04
N VAL I 200 4.56 15.99 -15.58
CA VAL I 200 5.71 16.86 -15.32
C VAL I 200 6.92 15.96 -15.14
N VAL I 201 8.11 16.50 -15.34
CA VAL I 201 9.35 15.78 -15.02
C VAL I 201 9.98 16.45 -13.82
N LEU I 202 10.23 15.67 -12.77
CA LEU I 202 10.80 16.20 -11.54
C LEU I 202 12.31 15.96 -11.59
N MET I 203 13.08 17.00 -11.87
CA MET I 203 14.53 16.90 -11.79
C MET I 203 14.90 16.93 -10.32
N ALA I 204 15.13 15.75 -9.76
CA ALA I 204 15.63 15.67 -8.39
C ALA I 204 17.08 16.11 -8.36
N LYS I 205 17.38 17.03 -7.46
CA LYS I 205 18.72 17.52 -7.23
C LYS I 205 18.94 17.59 -5.72
N ALA I 206 20.12 18.07 -5.32
CA ALA I 206 20.40 18.26 -3.92
C ALA I 206 20.45 19.74 -3.53
N VAL I 207 20.31 20.64 -4.50
CA VAL I 207 20.11 22.06 -4.20
C VAL I 207 18.62 22.38 -4.40
N ASP I 208 18.17 23.46 -3.77
CA ASP I 208 16.72 23.65 -3.62
C ASP I 208 16.04 23.99 -4.95
N GLY I 209 16.67 24.80 -5.80
CA GLY I 209 16.05 25.16 -7.06
C GLY I 209 17.04 25.37 -8.20
N VAL I 210 17.05 26.58 -8.78
CA VAL I 210 18.12 27.03 -9.68
C VAL I 210 18.19 28.55 -9.63
N PHE I 211 19.41 29.10 -9.51
CA PHE I 211 19.61 30.55 -9.33
C PHE I 211 20.10 31.13 -10.66
N LEU I 223 16.94 32.52 -5.88
CA LEU I 223 16.61 31.39 -6.75
C LEU I 223 15.14 31.42 -7.14
N LEU I 224 14.86 31.24 -8.43
CA LEU I 224 13.57 31.54 -9.04
C LEU I 224 12.61 30.38 -8.89
N THR I 225 11.32 30.69 -8.69
CA THR I 225 10.33 29.64 -8.47
C THR I 225 9.64 29.18 -9.75
N ALA I 226 9.29 30.08 -10.67
CA ALA I 226 8.62 29.72 -11.91
C ALA I 226 9.24 30.50 -13.06
N VAL I 227 9.51 29.79 -14.15
CA VAL I 227 10.25 30.30 -15.29
C VAL I 227 9.65 29.69 -16.54
N SER I 228 9.59 30.46 -17.62
CA SER I 228 9.11 29.95 -18.91
C SER I 228 10.23 29.23 -19.65
N HIS I 229 9.82 28.34 -20.56
CA HIS I 229 10.81 27.57 -21.35
C HIS I 229 11.71 28.50 -22.13
N ARG I 230 11.13 29.49 -22.83
CA ARG I 230 11.95 30.46 -23.54
C ARG I 230 12.92 31.15 -22.60
N GLU I 231 12.52 31.38 -21.35
CA GLU I 231 13.28 32.29 -20.51
C GLU I 231 14.56 31.67 -19.93
N VAL I 232 14.59 30.37 -19.71
CA VAL I 232 15.78 29.72 -19.17
C VAL I 232 16.91 29.69 -20.18
N LEU I 233 16.61 29.29 -21.43
CA LEU I 233 17.64 29.33 -22.46
C LEU I 233 18.08 30.76 -22.79
N ASP I 234 17.24 31.78 -22.54
CA ASP I 234 17.68 33.18 -22.66
C ASP I 234 18.50 33.65 -21.47
N ARG I 235 18.18 33.16 -20.26
CA ARG I 235 18.94 33.58 -19.09
C ARG I 235 20.19 32.74 -18.86
N GLY I 236 20.39 31.68 -19.66
CA GLY I 236 21.53 30.83 -19.54
C GLY I 236 21.39 29.75 -18.51
N LEU I 237 20.48 29.92 -17.56
CA LEU I 237 20.30 28.97 -16.47
C LEU I 237 20.27 27.52 -16.96
N ARG I 238 20.96 26.63 -16.23
CA ARG I 238 21.04 25.23 -16.59
C ARG I 238 20.08 24.43 -15.71
N VAL I 239 18.97 24.01 -16.33
CA VAL I 239 17.96 23.16 -15.69
C VAL I 239 18.29 21.68 -15.86
N ALA I 240 18.53 21.25 -17.08
CA ALA I 240 18.89 19.86 -17.35
C ALA I 240 19.79 19.88 -18.58
N ASP I 241 19.83 18.76 -19.32
CA ASP I 241 20.62 18.68 -20.53
C ASP I 241 20.21 19.76 -21.51
N ALA I 242 21.03 19.93 -22.54
CA ALA I 242 20.59 20.72 -23.67
C ALA I 242 19.56 19.96 -24.48
N THR I 243 19.91 18.73 -24.92
CA THR I 243 19.00 17.97 -25.76
C THR I 243 17.75 17.53 -24.99
N ALA I 244 17.89 17.25 -23.68
CA ALA I 244 16.71 16.85 -22.90
C ALA I 244 15.73 18.00 -22.77
N PHE I 245 16.25 19.20 -22.52
CA PHE I 245 15.40 20.35 -22.25
C PHE I 245 14.57 20.69 -23.46
N SER I 246 15.26 20.87 -24.55
CA SER I 246 14.62 21.18 -25.78
C SER I 246 13.67 20.13 -26.18
N LEU I 247 13.72 18.95 -25.62
CA LEU I 247 12.77 17.93 -26.03
C LEU I 247 11.49 18.12 -25.28
N CYS I 248 11.57 18.75 -24.14
CA CYS I 248 10.45 19.00 -23.30
C CYS I 248 9.78 20.22 -23.79
N MET I 249 10.58 21.23 -24.05
CA MET I 249 10.08 22.50 -24.51
C MET I 249 9.22 22.38 -25.69
N ASP I 250 9.68 21.65 -26.70
CA ASP I 250 8.95 21.46 -27.92
C ASP I 250 7.62 20.82 -27.70
N ASN I 251 7.49 19.94 -26.71
CA ASN I 251 6.19 19.32 -26.52
C ASN I 251 5.50 19.80 -25.24
N GLY I 252 6.06 20.82 -24.60
CA GLY I 252 5.42 21.45 -23.46
C GLY I 252 5.36 20.60 -22.20
N MET I 253 6.46 19.94 -21.85
CA MET I 253 6.49 19.15 -20.63
C MET I 253 7.08 20.00 -19.53
N PRO I 254 6.35 20.31 -18.48
CA PRO I 254 6.93 21.13 -17.43
C PRO I 254 8.07 20.38 -16.77
N ILE I 255 9.07 21.14 -16.33
CA ILE I 255 10.17 20.58 -15.55
C ILE I 255 10.16 21.27 -14.20
N LEU I 256 10.21 20.47 -13.13
CA LEU I 256 10.26 20.99 -11.76
C LEU I 256 11.58 20.56 -11.12
N VAL I 257 12.43 21.53 -10.80
CA VAL I 257 13.77 21.26 -10.29
C VAL I 257 13.72 21.49 -8.80
N PHE I 258 13.88 20.43 -8.01
CA PHE I 258 13.69 20.57 -6.57
C PHE I 258 14.73 19.79 -5.79
N ASN I 259 14.79 20.09 -4.49
CA ASN I 259 15.61 19.38 -3.55
C ASN I 259 14.85 18.15 -3.04
N LEU I 260 15.25 16.96 -3.49
CA LEU I 260 14.69 15.71 -2.99
C LEU I 260 15.21 15.34 -1.60
N LEU I 261 16.39 15.82 -1.22
CA LEU I 261 17.02 15.33 -0.01
C LEU I 261 16.49 16.00 1.25
N THR I 262 15.63 17.02 1.15
CA THR I 262 15.03 17.64 2.34
C THR I 262 13.73 16.89 2.67
N ASP I 263 13.67 16.28 3.87
CA ASP I 263 12.64 15.29 4.19
C ASP I 263 11.24 15.82 3.87
N GLY I 264 10.52 15.11 3.01
CA GLY I 264 9.12 15.38 2.77
C GLY I 264 8.83 16.25 1.58
N ASN I 265 9.83 16.53 0.76
CA ASN I 265 9.74 17.63 -0.16
C ASN I 265 9.22 17.20 -1.52
N ILE I 266 9.34 15.93 -1.90
CA ILE I 266 8.65 15.52 -3.11
C ILE I 266 7.16 15.30 -2.84
N ALA I 267 6.81 14.93 -1.62
CA ALA I 267 5.40 14.95 -1.27
C ALA I 267 4.85 16.35 -1.49
N ARG I 268 5.63 17.37 -1.11
CA ARG I 268 5.20 18.76 -1.30
C ARG I 268 4.98 19.03 -2.77
N ALA I 269 5.92 18.61 -3.61
CA ALA I 269 5.89 18.94 -5.03
C ALA I 269 4.69 18.33 -5.73
N VAL I 270 4.42 17.04 -5.47
CA VAL I 270 3.29 16.33 -6.08
C VAL I 270 1.98 17.09 -5.84
N ARG I 271 1.74 17.51 -4.59
CA ARG I 271 0.52 18.25 -4.31
C ARG I 271 0.43 19.56 -5.08
N GLY I 272 1.56 20.15 -5.47
CA GLY I 272 1.56 21.37 -6.24
C GLY I 272 1.98 22.63 -5.49
N GLU I 273 2.72 22.48 -4.41
CA GLU I 273 3.09 23.62 -3.59
C GLU I 273 4.28 24.34 -4.20
N LYS I 274 4.31 25.67 -4.01
CA LYS I 274 5.41 26.52 -4.46
C LYS I 274 6.76 26.00 -3.98
N ILE I 275 7.27 24.98 -4.65
CA ILE I 275 8.48 24.31 -4.22
C ILE I 275 9.49 24.33 -5.36
N GLY I 276 10.74 24.61 -5.02
CA GLY I 276 11.79 24.57 -6.03
C GLY I 276 11.57 25.57 -7.15
N THR I 277 12.00 25.17 -8.35
CA THR I 277 11.89 25.95 -9.58
C THR I 277 11.03 25.20 -10.58
N LEU I 278 10.02 25.86 -11.13
CA LEU I 278 9.13 25.23 -12.10
C LEU I 278 9.26 25.90 -13.46
N VAL I 279 9.52 25.06 -14.47
CA VAL I 279 9.61 25.45 -15.87
C VAL I 279 8.26 25.16 -16.51
N THR I 280 7.62 26.17 -17.09
CA THR I 280 6.32 25.94 -17.71
C THR I 280 6.13 26.81 -18.95
N THR I 281 5.36 26.32 -19.90
CA THR I 281 4.77 27.18 -20.93
C THR I 281 3.26 26.95 -20.94
N GLY J 49 55.10 -25.48 -23.62
CA GLY J 49 54.14 -24.40 -23.43
C GLY J 49 52.70 -24.86 -23.24
N TYR J 50 51.78 -23.92 -23.10
CA TYR J 50 50.34 -24.18 -22.97
C TYR J 50 49.62 -23.72 -24.23
N SER J 51 48.41 -24.25 -24.44
CA SER J 51 47.69 -24.02 -25.69
C SER J 51 46.51 -23.07 -25.53
N ARG J 52 45.51 -23.43 -24.71
CA ARG J 52 44.37 -22.55 -24.41
C ARG J 52 44.30 -22.40 -22.90
N VAL J 53 44.56 -21.20 -22.40
CA VAL J 53 44.72 -20.96 -20.97
C VAL J 53 43.67 -19.97 -20.49
N LEU J 54 42.92 -20.38 -19.48
CA LEU J 54 41.83 -19.59 -18.93
C LEU J 54 42.38 -18.77 -17.78
N LEU J 55 42.12 -17.46 -17.81
CA LEU J 55 42.74 -16.49 -16.91
C LEU J 55 41.68 -15.89 -16.00
N LYS J 56 41.75 -16.20 -14.71
CA LYS J 56 40.88 -15.59 -13.73
C LYS J 56 41.46 -14.25 -13.30
N LEU J 57 40.58 -13.33 -12.93
CA LEU J 57 41.01 -11.97 -12.65
C LEU J 57 40.06 -11.38 -11.61
N GLY J 58 40.45 -11.43 -10.34
CA GLY J 58 39.64 -11.05 -9.22
C GLY J 58 38.97 -9.71 -9.41
N GLY J 59 37.74 -9.59 -8.92
CA GLY J 59 36.98 -8.36 -9.01
C GLY J 59 37.72 -7.18 -8.43
N GLU J 60 37.88 -7.15 -7.11
CA GLU J 60 38.53 -6.02 -6.45
C GLU J 60 40.05 -6.02 -6.67
N MET J 61 40.44 -6.23 -7.94
CA MET J 61 41.78 -5.99 -8.43
C MET J 61 41.73 -5.34 -9.80
N PHE J 62 40.53 -5.06 -10.32
CA PHE J 62 40.35 -4.26 -11.52
C PHE J 62 40.46 -2.78 -11.23
N GLY J 63 40.05 -2.36 -10.03
CA GLY J 63 40.18 -0.99 -9.58
C GLY J 63 41.30 -0.77 -8.60
N GLY J 64 42.20 -1.73 -8.44
CA GLY J 64 43.36 -1.59 -7.58
C GLY J 64 43.09 -1.03 -6.20
N GLY J 65 43.55 0.21 -5.97
CA GLY J 65 43.56 0.77 -4.63
C GLY J 65 42.20 1.14 -4.09
N GLN J 66 41.19 1.28 -4.95
CA GLN J 66 39.90 1.74 -4.44
C GLN J 66 38.81 1.51 -5.48
N VAL J 67 37.57 1.37 -4.98
CA VAL J 67 36.32 1.19 -5.73
C VAL J 67 36.24 2.09 -6.96
N GLY J 68 35.69 1.56 -8.04
CA GLY J 68 35.70 2.23 -9.33
C GLY J 68 36.68 1.56 -10.29
N LEU J 69 37.31 2.34 -11.17
CA LEU J 69 38.26 1.82 -12.15
C LEU J 69 39.48 2.71 -12.25
N ASP J 70 40.66 2.09 -12.17
CA ASP J 70 41.92 2.82 -12.25
C ASP J 70 42.52 2.63 -13.64
N PRO J 71 42.59 3.68 -14.46
CA PRO J 71 42.92 3.47 -15.89
C PRO J 71 44.34 2.99 -16.13
N ASP J 72 45.29 3.31 -15.25
CA ASP J 72 46.66 2.81 -15.44
C ASP J 72 46.82 1.35 -15.04
N VAL J 73 45.89 0.79 -14.28
CA VAL J 73 45.97 -0.63 -13.90
C VAL J 73 45.57 -1.52 -15.07
N VAL J 74 44.48 -1.18 -15.76
CA VAL J 74 44.16 -1.94 -16.95
C VAL J 74 45.06 -1.58 -18.14
N ALA J 75 45.71 -0.42 -18.11
CA ALA J 75 46.74 -0.13 -19.11
C ALA J 75 47.76 -1.25 -19.15
N GLN J 76 48.06 -1.83 -18.00
CA GLN J 76 49.11 -2.84 -17.94
C GLN J 76 48.57 -4.25 -18.13
N VAL J 77 47.33 -4.53 -17.71
CA VAL J 77 46.81 -5.87 -17.98
C VAL J 77 46.60 -6.07 -19.48
N ALA J 78 46.20 -5.02 -20.19
CA ALA J 78 46.15 -5.10 -21.64
C ALA J 78 47.55 -5.37 -22.22
N ARG J 79 48.58 -4.76 -21.62
CA ARG J 79 49.94 -4.96 -22.10
C ARG J 79 50.47 -6.38 -21.80
N GLN J 80 50.08 -7.00 -20.69
CA GLN J 80 50.60 -8.34 -20.44
C GLN J 80 49.78 -9.44 -21.10
N ILE J 81 48.50 -9.21 -21.38
CA ILE J 81 47.76 -10.15 -22.23
C ILE J 81 48.14 -9.98 -23.70
N ALA J 82 48.52 -8.76 -24.11
CA ALA J 82 49.02 -8.55 -25.47
C ALA J 82 50.28 -9.34 -25.77
N ASP J 83 50.96 -9.84 -24.74
CA ASP J 83 52.18 -10.57 -24.99
C ASP J 83 51.91 -12.02 -25.38
N VAL J 84 51.02 -12.69 -24.65
CA VAL J 84 50.87 -14.12 -24.87
C VAL J 84 50.30 -14.41 -26.26
N VAL J 85 49.27 -13.68 -26.70
CA VAL J 85 48.71 -13.92 -28.02
C VAL J 85 49.70 -13.54 -29.11
N ARG J 86 50.47 -12.46 -28.89
CA ARG J 86 51.58 -12.19 -29.79
C ARG J 86 52.68 -13.25 -29.66
N GLY J 87 52.71 -14.00 -28.56
CA GLY J 87 53.45 -15.24 -28.53
C GLY J 87 52.72 -16.41 -29.12
N GLY J 88 51.54 -16.17 -29.68
CA GLY J 88 50.80 -17.18 -30.42
C GLY J 88 50.01 -18.17 -29.58
N VAL J 89 49.54 -17.77 -28.41
CA VAL J 89 48.82 -18.67 -27.50
C VAL J 89 47.42 -18.12 -27.27
N GLN J 90 46.44 -19.01 -27.34
CA GLN J 90 45.04 -18.66 -27.13
C GLN J 90 44.79 -18.35 -25.66
N ILE J 91 43.97 -17.33 -25.40
CA ILE J 91 43.73 -16.87 -24.03
C ILE J 91 42.28 -16.41 -23.89
N ALA J 92 41.69 -16.71 -22.75
CA ALA J 92 40.37 -16.20 -22.39
C ALA J 92 40.40 -15.82 -20.93
N VAL J 93 39.68 -14.75 -20.58
CA VAL J 93 39.70 -14.19 -19.24
C VAL J 93 38.29 -14.23 -18.66
N VAL J 94 38.16 -14.74 -17.43
CA VAL J 94 36.97 -14.56 -16.60
C VAL J 94 37.24 -13.39 -15.68
N ILE J 95 36.24 -12.56 -15.43
CA ILE J 95 36.39 -11.38 -14.58
C ILE J 95 35.30 -11.37 -13.51
N GLY J 96 35.68 -10.94 -12.31
CA GLY J 96 34.73 -10.72 -11.23
C GLY J 96 34.24 -9.29 -11.20
N GLY J 97 33.28 -9.03 -10.31
CA GLY J 97 32.69 -7.71 -10.23
C GLY J 97 32.82 -7.02 -8.88
N GLY J 98 33.89 -7.35 -8.15
CA GLY J 98 34.03 -6.83 -6.81
C GLY J 98 34.55 -5.41 -6.68
N ASN J 99 35.08 -4.83 -7.76
CA ASN J 99 35.69 -3.52 -7.66
C ASN J 99 34.67 -2.39 -7.61
N PHE J 100 33.38 -2.69 -7.66
CA PHE J 100 32.36 -1.65 -7.73
C PHE J 100 31.71 -1.34 -6.39
N PHE J 101 31.85 -2.18 -5.39
CA PHE J 101 31.21 -1.95 -4.10
C PHE J 101 32.09 -2.46 -2.97
N GLN J 105 29.66 -4.02 3.57
CA GLN J 105 28.45 -3.20 3.51
C GLN J 105 27.38 -3.81 2.60
N LEU J 106 27.79 -4.60 1.61
CA LEU J 106 26.85 -5.14 0.62
C LEU J 106 25.80 -6.07 1.21
N GLN J 107 26.20 -7.26 1.65
CA GLN J 107 25.22 -8.09 2.33
C GLN J 107 24.94 -7.61 3.75
N GLN J 108 25.62 -6.53 4.18
CA GLN J 108 25.15 -5.76 5.32
C GLN J 108 23.95 -4.90 4.97
N LEU J 109 23.74 -4.61 3.68
CA LEU J 109 22.52 -3.92 3.25
C LEU J 109 21.30 -4.81 3.37
N GLY J 110 21.51 -6.12 3.52
CA GLY J 110 20.42 -7.06 3.59
C GLY J 110 19.74 -7.32 2.27
N MET J 111 20.44 -7.06 1.16
CA MET J 111 19.83 -7.09 -0.16
C MET J 111 19.59 -8.51 -0.64
N GLU J 112 18.56 -8.68 -1.47
CA GLU J 112 18.09 -10.01 -1.84
C GLU J 112 19.18 -10.78 -2.59
N ARG J 113 19.26 -12.09 -2.32
CA ARG J 113 20.32 -12.92 -2.89
C ARG J 113 20.38 -12.82 -4.41
N THR J 114 19.29 -13.16 -5.10
CA THR J 114 19.28 -13.13 -6.55
C THR J 114 19.64 -11.75 -7.10
N ARG J 115 19.48 -10.69 -6.31
CA ARG J 115 19.63 -9.31 -6.75
C ARG J 115 21.05 -8.78 -6.54
N SER J 116 21.69 -9.09 -5.41
CA SER J 116 23.13 -8.84 -5.29
C SER J 116 23.87 -9.54 -6.43
N ASP J 117 23.68 -10.84 -6.58
CA ASP J 117 24.49 -11.56 -7.55
C ASP J 117 24.28 -11.05 -8.98
N TYR J 118 23.18 -10.33 -9.24
CA TYR J 118 22.96 -9.75 -10.57
C TYR J 118 23.69 -8.43 -10.74
N MET J 119 23.65 -7.54 -9.73
CA MET J 119 24.51 -6.36 -9.77
C MET J 119 25.97 -6.75 -9.99
N GLY J 120 26.44 -7.76 -9.27
CA GLY J 120 27.81 -8.20 -9.45
C GLY J 120 28.08 -8.64 -10.88
N MET J 121 27.14 -9.36 -11.48
CA MET J 121 27.33 -9.80 -12.85
C MET J 121 27.29 -8.63 -13.83
N LEU J 122 26.37 -7.69 -13.64
CA LEU J 122 26.43 -6.44 -14.39
C LEU J 122 27.78 -5.78 -14.22
N GLY J 123 28.35 -5.86 -13.01
CA GLY J 123 29.67 -5.33 -12.74
C GLY J 123 30.72 -5.94 -13.63
N THR J 124 30.94 -7.25 -13.50
CA THR J 124 31.87 -8.00 -14.34
C THR J 124 31.83 -7.53 -15.79
N VAL J 125 30.61 -7.35 -16.32
CA VAL J 125 30.44 -6.94 -17.71
C VAL J 125 31.04 -5.55 -17.93
N MET J 126 30.88 -4.65 -16.95
CA MET J 126 31.47 -3.32 -17.08
C MET J 126 32.99 -3.40 -17.07
N ASN J 127 33.54 -4.35 -16.31
CA ASN J 127 34.96 -4.61 -16.39
C ASN J 127 35.33 -5.23 -17.73
N SER J 128 34.47 -6.13 -18.23
CA SER J 128 34.69 -6.77 -19.53
C SER J 128 34.92 -5.74 -20.63
N LEU J 129 33.89 -4.93 -20.88
CA LEU J 129 34.01 -3.85 -21.86
C LEU J 129 35.24 -3.00 -21.63
N ALA J 130 35.51 -2.63 -20.38
CA ALA J 130 36.65 -1.76 -20.11
C ALA J 130 37.95 -2.41 -20.54
N LEU J 131 38.14 -3.70 -20.23
CA LEU J 131 39.33 -4.39 -20.68
C LEU J 131 39.33 -4.59 -22.19
N GLN J 132 38.14 -4.79 -22.76
CA GLN J 132 38.02 -4.87 -24.21
C GLN J 132 38.63 -3.64 -24.86
N ASP J 133 38.41 -2.48 -24.26
CA ASP J 133 38.85 -1.24 -24.89
C ASP J 133 40.37 -1.17 -24.94
N PHE J 134 41.03 -1.49 -23.84
CA PHE J 134 42.49 -1.38 -23.79
C PHE J 134 43.18 -2.53 -24.49
N LEU J 135 42.53 -3.69 -24.64
CA LEU J 135 43.07 -4.72 -25.53
C LEU J 135 43.01 -4.29 -26.98
N GLU J 136 42.01 -3.49 -27.37
CA GLU J 136 41.93 -2.96 -28.73
C GLU J 136 43.09 -2.02 -29.05
N LYS J 137 43.30 -1.02 -28.21
CA LYS J 137 44.36 -0.04 -28.47
C LYS J 137 45.74 -0.55 -28.09
N GLU J 138 45.87 -1.83 -27.76
CA GLU J 138 47.14 -2.52 -27.90
C GLU J 138 47.18 -3.37 -29.15
N GLY J 139 46.03 -3.59 -29.79
CA GLY J 139 45.97 -4.14 -31.14
C GLY J 139 45.47 -5.57 -31.27
N ILE J 140 44.44 -5.94 -30.51
CA ILE J 140 43.92 -7.30 -30.47
C ILE J 140 42.42 -7.27 -30.71
N VAL J 141 41.92 -8.13 -31.61
CA VAL J 141 40.47 -8.30 -31.72
C VAL J 141 40.00 -9.16 -30.56
N THR J 142 38.79 -8.85 -30.05
CA THR J 142 38.25 -9.41 -28.82
C THR J 142 36.80 -9.82 -29.02
N ARG J 143 36.35 -10.81 -28.23
CA ARG J 143 34.96 -11.26 -28.28
C ARG J 143 34.36 -11.35 -26.86
N VAL J 144 33.68 -10.30 -26.42
CA VAL J 144 33.06 -10.31 -25.10
C VAL J 144 31.81 -11.18 -25.13
N GLN J 145 31.78 -12.21 -24.30
CA GLN J 145 30.59 -13.04 -24.19
C GLN J 145 30.07 -12.98 -22.76
N THR J 146 28.75 -12.92 -22.63
CA THR J 146 28.09 -12.70 -21.36
C THR J 146 27.11 -13.83 -21.08
N ALA J 147 27.09 -14.30 -19.83
CA ALA J 147 26.22 -15.43 -19.49
C ALA J 147 24.76 -15.01 -19.49
N ILE J 148 24.43 -13.90 -18.83
CA ILE J 148 23.11 -13.30 -19.03
C ILE J 148 23.08 -12.75 -20.44
N THR J 149 22.07 -13.15 -21.21
CA THR J 149 22.09 -12.79 -22.64
C THR J 149 21.69 -11.33 -22.78
N MET J 150 22.47 -10.60 -23.55
CA MET J 150 22.54 -9.14 -23.53
C MET J 150 22.94 -8.70 -24.93
N GLY J 151 22.11 -9.05 -25.91
CA GLY J 151 22.58 -9.11 -27.28
C GLY J 151 23.11 -7.80 -27.81
N GLN J 152 22.51 -6.68 -27.41
CA GLN J 152 22.95 -5.40 -27.92
C GLN J 152 24.31 -5.00 -27.36
N VAL J 153 24.71 -5.56 -26.22
CA VAL J 153 25.98 -5.21 -25.62
C VAL J 153 27.06 -6.25 -25.91
N ALA J 154 26.71 -7.53 -25.95
CA ALA J 154 27.71 -8.55 -26.25
C ALA J 154 27.07 -9.89 -26.60
N GLU J 155 27.92 -10.78 -27.11
CA GLU J 155 27.56 -12.10 -27.56
C GLU J 155 27.09 -12.96 -26.39
N PRO J 156 26.03 -13.77 -26.57
CA PRO J 156 25.66 -14.73 -25.52
C PRO J 156 26.71 -15.83 -25.43
N TYR J 157 26.65 -16.60 -24.35
CA TYR J 157 27.69 -17.59 -24.10
C TYR J 157 27.39 -18.86 -24.87
N LEU J 158 28.07 -19.04 -26.00
CA LEU J 158 28.11 -20.36 -26.62
C LEU J 158 29.47 -20.98 -26.35
N PRO J 159 29.52 -22.17 -25.77
CA PRO J 159 30.88 -22.62 -25.52
C PRO J 159 31.65 -22.89 -26.78
N LEU J 160 31.00 -23.46 -27.77
CA LEU J 160 31.67 -23.82 -29.00
C LEU J 160 32.06 -22.69 -29.89
N ARG J 161 31.53 -21.51 -29.69
CA ARG J 161 31.94 -20.42 -30.56
C ARG J 161 33.00 -19.63 -29.86
N ALA J 162 33.21 -19.94 -28.61
CA ALA J 162 34.22 -19.27 -27.88
C ALA J 162 35.47 -19.78 -28.52
N VAL J 163 35.73 -21.07 -28.29
CA VAL J 163 36.87 -21.79 -28.83
C VAL J 163 37.01 -21.48 -30.28
N ARG J 164 35.93 -21.42 -31.02
CA ARG J 164 36.05 -21.07 -32.42
C ARG J 164 36.68 -19.69 -32.52
N HIS J 165 36.42 -18.84 -31.55
CA HIS J 165 37.02 -17.51 -31.53
C HIS J 165 38.52 -17.57 -31.24
N LEU J 166 38.98 -18.54 -30.46
CA LEU J 166 40.41 -18.63 -30.17
C LEU J 166 41.16 -19.20 -31.36
N GLU J 167 40.56 -20.17 -32.06
CA GLU J 167 41.15 -20.69 -33.29
C GLU J 167 41.46 -19.58 -34.27
N LYS J 168 40.57 -18.60 -34.38
CA LYS J 168 40.76 -17.45 -35.25
C LYS J 168 41.58 -16.36 -34.58
N GLY J 169 42.48 -16.73 -33.67
CA GLY J 169 43.36 -15.80 -32.99
C GLY J 169 42.65 -14.59 -32.42
N ARG J 170 41.63 -14.82 -31.60
CA ARG J 170 40.93 -13.76 -30.89
C ARG J 170 41.12 -13.93 -29.39
N VAL J 171 40.63 -12.97 -28.62
CA VAL J 171 40.70 -13.00 -27.16
C VAL J 171 39.28 -12.91 -26.63
N VAL J 172 38.86 -13.93 -25.88
CA VAL J 172 37.49 -14.04 -25.41
C VAL J 172 37.41 -13.64 -23.94
N ILE J 173 36.43 -12.79 -23.60
CA ILE J 173 36.16 -12.34 -22.24
C ILE J 173 34.84 -12.95 -21.78
N PHE J 174 34.74 -13.28 -20.48
CA PHE J 174 33.57 -13.95 -19.90
C PHE J 174 32.97 -13.08 -18.79
N GLY J 175 31.97 -12.28 -19.15
CA GLY J 175 31.23 -11.49 -18.18
C GLY J 175 30.11 -12.29 -17.57
N ALA J 176 29.43 -11.68 -16.60
CA ALA J 176 28.46 -12.39 -15.79
C ALA J 176 29.03 -13.70 -15.24
N GLY J 177 28.15 -14.65 -14.93
CA GLY J 177 28.59 -15.91 -14.35
C GLY J 177 27.81 -17.14 -14.76
N PRO J 181 23.08 -16.42 -12.68
CA PRO J 181 23.65 -17.53 -11.92
C PRO J 181 24.10 -17.13 -10.51
N TYR J 182 24.18 -18.10 -9.58
CA TYR J 182 24.51 -17.85 -8.16
C TYR J 182 25.56 -18.85 -7.68
N PHE J 183 26.78 -18.71 -8.19
CA PHE J 183 27.93 -19.48 -7.73
C PHE J 183 29.14 -18.56 -7.81
N SER J 184 29.98 -18.59 -6.78
CA SER J 184 31.06 -17.62 -6.64
C SER J 184 31.88 -17.52 -7.92
N THR J 185 32.44 -16.33 -8.17
CA THR J 185 33.00 -16.05 -9.50
C THR J 185 34.35 -16.70 -9.73
N ASP J 186 35.08 -17.04 -8.66
CA ASP J 186 36.26 -17.90 -8.84
C ASP J 186 35.87 -19.33 -9.15
N THR J 187 34.59 -19.71 -8.94
CA THR J 187 34.14 -21.06 -9.21
C THR J 187 33.79 -21.25 -10.68
N THR J 188 33.04 -20.31 -11.24
CA THR J 188 32.67 -20.40 -12.65
C THR J 188 33.88 -20.21 -13.59
N ALA J 189 35.10 -20.10 -13.05
CA ALA J 189 36.29 -20.12 -13.89
C ALA J 189 36.66 -21.54 -14.28
N ALA J 190 36.35 -22.51 -13.43
CA ALA J 190 36.61 -23.91 -13.77
C ALA J 190 35.51 -24.49 -14.64
N GLN J 191 34.28 -24.04 -14.49
CA GLN J 191 33.22 -24.54 -15.35
C GLN J 191 33.45 -24.15 -16.81
N ARG J 192 33.98 -22.94 -17.04
CA ARG J 192 34.30 -22.53 -18.40
C ARG J 192 35.60 -23.15 -18.90
N ALA J 193 36.57 -23.33 -18.01
CA ALA J 193 37.78 -24.04 -18.40
C ALA J 193 37.46 -25.41 -18.98
N LEU J 194 36.47 -26.10 -18.41
CA LEU J 194 36.18 -27.47 -18.82
C LEU J 194 35.50 -27.53 -20.20
N GLU J 195 34.40 -26.81 -20.36
CA GLU J 195 33.68 -26.83 -21.63
C GLU J 195 34.36 -25.99 -22.71
N ILE J 196 35.51 -25.38 -22.40
CA ILE J 196 36.30 -24.68 -23.42
C ILE J 196 37.39 -25.56 -24.01
N GLY J 197 37.78 -26.64 -23.33
CA GLY J 197 39.02 -27.26 -23.70
C GLY J 197 40.14 -26.28 -23.37
N ALA J 198 40.45 -26.20 -22.09
CA ALA J 198 41.53 -25.38 -21.57
C ALA J 198 42.62 -26.30 -21.04
N ASP J 199 43.83 -25.76 -20.95
CA ASP J 199 44.95 -26.54 -20.45
C ASP J 199 45.15 -26.36 -18.97
N VAL J 200 44.99 -25.13 -18.48
CA VAL J 200 45.22 -24.78 -17.08
C VAL J 200 44.37 -23.56 -16.76
N VAL J 201 43.91 -23.47 -15.52
CA VAL J 201 43.35 -22.24 -14.97
C VAL J 201 44.46 -21.52 -14.23
N LEU J 202 44.64 -20.23 -14.48
CA LEU J 202 45.68 -19.46 -13.79
C LEU J 202 45.09 -18.17 -13.25
N MET J 203 45.37 -17.89 -11.99
CA MET J 203 44.75 -16.78 -11.27
C MET J 203 45.79 -15.69 -11.02
N ALA J 204 45.56 -14.52 -11.61
CA ALA J 204 46.42 -13.37 -11.40
C ALA J 204 46.19 -12.85 -10.00
N LYS J 205 47.05 -13.25 -9.05
CA LYS J 205 47.01 -12.72 -7.69
C LYS J 205 48.03 -11.61 -7.54
N GLY J 252 39.00 -33.09 -12.28
CA GLY J 252 40.34 -33.27 -12.82
C GLY J 252 40.73 -32.17 -13.78
N MET J 253 41.46 -31.18 -13.28
CA MET J 253 41.94 -30.03 -14.02
C MET J 253 43.11 -29.41 -13.29
N PRO J 254 44.14 -28.93 -13.99
CA PRO J 254 45.20 -28.17 -13.32
C PRO J 254 44.85 -26.70 -13.16
N ILE J 255 45.34 -26.13 -12.05
CA ILE J 255 45.14 -24.73 -11.69
C ILE J 255 46.48 -24.14 -11.27
N LEU J 256 46.65 -22.84 -11.49
CA LEU J 256 47.88 -22.16 -11.13
C LEU J 256 47.56 -20.78 -10.57
N VAL J 257 48.46 -20.27 -9.72
CA VAL J 257 48.29 -18.99 -9.04
C VAL J 257 49.44 -18.08 -9.46
N PHE J 258 49.13 -17.05 -10.26
CA PHE J 258 50.12 -16.09 -10.75
C PHE J 258 50.28 -14.91 -9.80
N GLY K 49 -7.21 -31.37 10.15
CA GLY K 49 -7.49 -31.64 8.75
C GLY K 49 -6.50 -31.08 7.74
N TYR K 50 -7.02 -30.82 6.54
CA TYR K 50 -6.24 -30.38 5.39
C TYR K 50 -6.66 -28.98 4.96
N SER K 51 -5.69 -28.13 4.64
CA SER K 51 -5.98 -26.78 4.15
C SER K 51 -5.45 -26.56 2.74
N ARG K 52 -4.16 -26.79 2.51
CA ARG K 52 -3.54 -26.71 1.20
C ARG K 52 -2.76 -28.00 0.95
N VAL K 53 -2.87 -28.53 -0.27
CA VAL K 53 -2.37 -29.87 -0.60
C VAL K 53 -1.75 -29.85 -2.00
N LEU K 54 -0.55 -30.39 -2.13
CA LEU K 54 0.09 -30.57 -3.43
C LEU K 54 0.08 -32.06 -3.74
N LEU K 55 -0.49 -32.41 -4.90
CA LEU K 55 -0.79 -33.78 -5.30
C LEU K 55 0.08 -34.21 -6.46
N LYS K 56 0.69 -35.39 -6.35
CA LYS K 56 1.54 -35.93 -7.40
C LYS K 56 0.75 -36.95 -8.21
N LEU K 57 1.00 -36.99 -9.52
CA LEU K 57 0.44 -37.99 -10.43
C LEU K 57 1.47 -38.32 -11.48
N GLY K 58 1.94 -39.56 -11.51
CA GLY K 58 2.85 -39.99 -12.55
C GLY K 58 2.12 -40.40 -13.82
N GLY K 59 2.88 -40.52 -14.91
CA GLY K 59 2.29 -40.90 -16.19
C GLY K 59 1.36 -42.10 -16.10
N GLU K 60 1.61 -42.98 -15.12
CA GLU K 60 0.70 -44.07 -14.76
C GLU K 60 -0.74 -43.61 -14.62
N MET K 61 -0.95 -42.44 -14.01
CA MET K 61 -2.30 -41.96 -13.76
C MET K 61 -2.99 -41.42 -14.99
N PHE K 62 -2.26 -41.22 -16.08
CA PHE K 62 -2.83 -40.84 -17.36
C PHE K 62 -2.74 -41.96 -18.38
N GLY K 63 -1.98 -43.02 -18.09
CA GLY K 63 -1.84 -44.14 -18.99
C GLY K 63 -2.77 -45.28 -18.63
N GLY K 64 -2.75 -45.71 -17.36
CA GLY K 64 -3.58 -46.80 -16.92
C GLY K 64 -3.10 -48.12 -17.48
N GLY K 65 -3.43 -48.37 -18.75
CA GLY K 65 -2.88 -49.48 -19.53
C GLY K 65 -1.65 -49.05 -20.30
N GLN K 66 -0.89 -48.15 -19.66
CA GLN K 66 0.40 -47.65 -20.09
C GLN K 66 0.30 -46.84 -21.37
N VAL K 67 1.32 -46.93 -22.24
CA VAL K 67 1.63 -45.85 -23.18
C VAL K 67 0.40 -45.43 -23.95
N GLY K 68 0.16 -44.12 -23.97
CA GLY K 68 -1.08 -43.57 -24.47
C GLY K 68 -1.84 -42.89 -23.35
N LEU K 69 -3.12 -42.60 -23.59
CA LEU K 69 -3.94 -41.90 -22.62
C LEU K 69 -5.33 -42.53 -22.59
N ASP K 70 -5.68 -43.12 -21.43
CA ASP K 70 -6.97 -43.78 -21.18
C ASP K 70 -8.00 -42.80 -20.62
N PRO K 71 -8.77 -42.11 -21.48
CA PRO K 71 -9.61 -41.00 -20.98
C PRO K 71 -10.51 -41.35 -19.82
N ASP K 72 -11.05 -42.57 -19.77
CA ASP K 72 -11.93 -42.90 -18.67
C ASP K 72 -11.19 -42.91 -17.34
N VAL K 73 -9.90 -43.24 -17.35
CA VAL K 73 -9.14 -43.32 -16.11
C VAL K 73 -8.81 -41.93 -15.59
N VAL K 74 -8.60 -40.95 -16.48
CA VAL K 74 -8.43 -39.59 -15.99
C VAL K 74 -9.76 -38.90 -15.76
N ALA K 75 -10.86 -39.43 -16.30
CA ALA K 75 -12.17 -38.95 -15.90
C ALA K 75 -12.43 -39.23 -14.42
N GLN K 76 -12.02 -40.41 -13.95
CA GLN K 76 -12.31 -40.77 -12.57
C GLN K 76 -11.38 -40.04 -11.60
N VAL K 77 -10.15 -39.72 -12.00
CA VAL K 77 -9.28 -38.93 -11.14
C VAL K 77 -9.64 -37.45 -11.20
N ALA K 78 -10.04 -36.95 -12.36
CA ALA K 78 -10.49 -35.56 -12.42
C ALA K 78 -11.65 -35.34 -11.47
N ARG K 79 -12.57 -36.29 -11.41
CA ARG K 79 -13.74 -36.05 -10.59
C ARG K 79 -13.42 -36.15 -9.11
N GLN K 80 -12.50 -37.06 -8.73
CA GLN K 80 -12.07 -37.14 -7.34
C GLN K 80 -11.43 -35.84 -6.85
N ILE K 81 -10.71 -35.13 -7.72
CA ILE K 81 -10.20 -33.81 -7.37
C ILE K 81 -11.36 -32.83 -7.23
N ALA K 82 -12.30 -32.87 -8.17
CA ALA K 82 -13.47 -32.00 -8.09
C ALA K 82 -14.20 -32.13 -6.76
N ASP K 83 -14.09 -33.28 -6.10
CA ASP K 83 -14.70 -33.49 -4.80
C ASP K 83 -14.05 -32.67 -3.70
N VAL K 84 -12.74 -32.39 -3.81
CA VAL K 84 -12.02 -31.77 -2.71
C VAL K 84 -12.13 -30.25 -2.76
N VAL K 85 -12.10 -29.67 -3.96
CA VAL K 85 -12.34 -28.24 -4.07
C VAL K 85 -13.77 -27.90 -3.65
N ARG K 86 -14.71 -28.85 -3.82
CA ARG K 86 -16.02 -28.70 -3.21
C ARG K 86 -15.93 -28.69 -1.69
N GLY K 87 -14.99 -29.47 -1.13
CA GLY K 87 -14.67 -29.51 0.28
C GLY K 87 -13.96 -28.30 0.83
N GLY K 88 -13.82 -27.24 0.05
CA GLY K 88 -13.16 -26.04 0.53
C GLY K 88 -11.65 -26.06 0.47
N VAL K 89 -11.05 -27.17 0.09
CA VAL K 89 -9.61 -27.36 0.16
C VAL K 89 -8.94 -26.83 -1.10
N GLN K 90 -7.78 -26.21 -0.93
CA GLN K 90 -6.98 -25.72 -2.03
C GLN K 90 -5.96 -26.77 -2.45
N ILE K 91 -5.94 -27.10 -3.74
CA ILE K 91 -5.20 -28.24 -4.29
C ILE K 91 -4.42 -27.80 -5.52
N ALA K 92 -3.14 -28.17 -5.56
CA ALA K 92 -2.29 -28.03 -6.72
C ALA K 92 -1.79 -29.40 -7.13
N VAL K 93 -1.66 -29.64 -8.43
CA VAL K 93 -1.29 -30.95 -8.95
C VAL K 93 0.05 -30.86 -9.67
N VAL K 94 1.00 -31.71 -9.26
CA VAL K 94 2.26 -31.92 -9.98
C VAL K 94 2.07 -33.11 -10.91
N ILE K 95 2.57 -33.02 -12.13
CA ILE K 95 2.28 -34.02 -13.13
C ILE K 95 3.58 -34.50 -13.78
N GLY K 96 3.67 -35.81 -14.01
CA GLY K 96 4.72 -36.40 -14.81
C GLY K 96 4.19 -36.94 -16.13
N GLY K 97 5.12 -37.39 -16.96
CA GLY K 97 4.76 -37.83 -18.29
C GLY K 97 5.32 -39.19 -18.60
N GLY K 98 5.16 -40.13 -17.67
CA GLY K 98 5.65 -41.48 -17.92
C GLY K 98 5.00 -42.14 -19.12
N ASN K 99 3.74 -41.81 -19.40
CA ASN K 99 2.92 -42.52 -20.38
C ASN K 99 3.27 -42.19 -21.84
N PHE K 100 4.50 -41.77 -22.10
CA PHE K 100 4.93 -41.49 -23.45
C PHE K 100 6.22 -42.20 -23.82
N PHE K 101 6.69 -43.00 -22.88
CA PHE K 101 7.87 -43.81 -23.08
C PHE K 101 7.59 -45.25 -22.66
N ARG K 102 8.47 -46.19 -22.98
CA ARG K 102 8.22 -47.55 -22.57
C ARG K 102 8.66 -47.68 -21.14
N GLY K 103 9.94 -47.95 -20.95
CA GLY K 103 10.48 -48.08 -19.62
C GLY K 103 11.56 -47.05 -19.56
N ALA K 104 12.79 -47.49 -19.73
CA ALA K 104 13.92 -46.59 -19.72
C ALA K 104 14.81 -46.84 -20.91
N GLN K 105 14.65 -48.03 -21.48
CA GLN K 105 15.41 -48.46 -22.62
C GLN K 105 15.60 -47.32 -23.59
N LEU K 106 14.50 -46.66 -23.93
CA LEU K 106 14.60 -45.57 -24.86
C LEU K 106 14.63 -44.32 -24.04
N GLN K 107 13.83 -44.31 -22.99
CA GLN K 107 13.76 -43.13 -22.15
C GLN K 107 15.16 -42.65 -21.83
N GLN K 108 16.08 -43.59 -21.62
CA GLN K 108 17.46 -43.29 -21.33
C GLN K 108 18.30 -43.60 -22.55
N LEU K 109 19.01 -44.73 -22.46
CA LEU K 109 19.92 -45.30 -23.47
C LEU K 109 19.89 -44.76 -24.89
N GLY K 110 18.73 -44.88 -25.51
CA GLY K 110 18.55 -44.43 -26.86
C GLY K 110 18.78 -42.96 -27.14
N MET K 111 19.10 -42.14 -26.15
CA MET K 111 19.30 -40.76 -26.58
C MET K 111 19.89 -39.95 -25.43
N GLU K 112 20.28 -38.71 -25.78
CA GLU K 112 20.96 -37.75 -24.90
C GLU K 112 20.32 -37.51 -23.59
N ARG K 113 21.02 -36.75 -22.75
CA ARG K 113 20.57 -36.56 -21.37
C ARG K 113 19.50 -35.48 -21.28
N THR K 114 19.86 -34.24 -21.61
CA THR K 114 18.93 -33.13 -21.38
C THR K 114 17.74 -33.20 -22.32
N ARG K 115 17.93 -33.73 -23.53
CA ARG K 115 16.85 -33.67 -24.51
C ARG K 115 15.72 -34.62 -24.17
N SER K 116 16.05 -35.86 -23.76
CA SER K 116 14.99 -36.74 -23.30
C SER K 116 14.23 -36.12 -22.13
N ASP K 117 14.95 -35.55 -21.16
CA ASP K 117 14.28 -34.88 -20.04
C ASP K 117 13.29 -33.82 -20.52
N TYR K 118 13.63 -33.14 -21.61
CA TYR K 118 12.71 -32.18 -22.19
C TYR K 118 11.57 -32.89 -22.88
N MET K 119 11.85 -34.03 -23.51
CA MET K 119 10.77 -34.82 -24.09
C MET K 119 9.80 -35.29 -23.01
N GLY K 120 10.32 -35.62 -21.84
CA GLY K 120 9.43 -35.95 -20.73
C GLY K 120 8.59 -34.77 -20.30
N MET K 121 9.26 -33.64 -20.02
CA MET K 121 8.55 -32.42 -19.60
C MET K 121 7.44 -32.06 -20.58
N LEU K 122 7.75 -32.09 -21.88
CA LEU K 122 6.71 -31.90 -22.87
C LEU K 122 5.53 -32.83 -22.64
N GLY K 123 5.80 -34.08 -22.28
CA GLY K 123 4.71 -35.00 -21.97
C GLY K 123 3.87 -34.50 -20.82
N THR K 124 4.51 -33.95 -19.78
CA THR K 124 3.78 -33.48 -18.60
C THR K 124 2.74 -32.41 -18.95
N VAL K 125 3.09 -31.51 -19.86
CA VAL K 125 2.14 -30.50 -20.34
C VAL K 125 0.98 -31.16 -21.09
N MET K 126 1.27 -32.22 -21.86
CA MET K 126 0.20 -32.94 -22.55
C MET K 126 -0.77 -33.58 -21.54
N ASN K 127 -0.24 -34.19 -20.48
CA ASN K 127 -1.09 -34.76 -19.44
C ASN K 127 -1.85 -33.68 -18.67
N SER K 128 -1.26 -32.48 -18.55
CA SER K 128 -1.91 -31.39 -17.84
C SER K 128 -3.13 -30.91 -18.59
N LEU K 129 -2.95 -30.49 -19.85
CA LEU K 129 -4.08 -30.05 -20.67
C LEU K 129 -5.19 -31.09 -20.71
N ALA K 130 -4.84 -32.38 -20.66
CA ALA K 130 -5.85 -33.43 -20.51
C ALA K 130 -6.65 -33.25 -19.23
N LEU K 131 -5.95 -33.22 -18.08
CA LEU K 131 -6.61 -33.11 -16.79
C LEU K 131 -7.44 -31.85 -16.72
N GLN K 132 -6.97 -30.77 -17.34
CA GLN K 132 -7.70 -29.51 -17.30
C GLN K 132 -9.04 -29.60 -18.02
N ASP K 133 -9.11 -30.33 -19.13
CA ASP K 133 -10.38 -30.49 -19.82
C ASP K 133 -11.35 -31.31 -18.99
N PHE K 134 -10.88 -32.38 -18.36
CA PHE K 134 -11.78 -33.22 -17.58
C PHE K 134 -12.18 -32.59 -16.25
N LEU K 135 -11.48 -31.55 -15.81
CA LEU K 135 -11.95 -30.74 -14.70
C LEU K 135 -12.98 -29.72 -15.15
N GLU K 136 -12.74 -29.06 -16.29
CA GLU K 136 -13.65 -28.02 -16.76
C GLU K 136 -15.02 -28.61 -17.07
N LYS K 137 -15.02 -29.87 -17.48
CA LYS K 137 -16.28 -30.52 -17.79
C LYS K 137 -16.99 -30.87 -16.50
N GLU K 138 -16.33 -30.66 -15.38
CA GLU K 138 -16.90 -30.87 -14.07
C GLU K 138 -17.45 -29.59 -13.47
N GLY K 139 -16.90 -28.44 -13.83
CA GLY K 139 -17.30 -27.21 -13.19
C GLY K 139 -16.22 -26.70 -12.28
N ILE K 140 -14.97 -26.96 -12.68
CA ILE K 140 -13.78 -26.52 -11.95
C ILE K 140 -13.09 -25.45 -12.78
N VAL K 141 -12.74 -24.33 -12.14
CA VAL K 141 -11.81 -23.39 -12.75
C VAL K 141 -10.40 -23.83 -12.39
N THR K 142 -9.46 -23.53 -13.29
CA THR K 142 -8.19 -24.20 -13.28
C THR K 142 -7.22 -23.37 -14.10
N ARG K 143 -5.97 -23.34 -13.66
CA ARG K 143 -4.91 -22.66 -14.38
C ARG K 143 -3.73 -23.62 -14.54
N VAL K 144 -3.18 -23.72 -15.74
CA VAL K 144 -2.00 -24.56 -15.97
C VAL K 144 -0.78 -23.65 -16.03
N GLN K 145 0.23 -23.94 -15.23
CA GLN K 145 1.48 -23.19 -15.27
C GLN K 145 2.60 -24.14 -15.63
N THR K 146 3.46 -23.70 -16.55
CA THR K 146 4.52 -24.55 -17.05
C THR K 146 5.87 -24.04 -16.57
N ALA K 147 6.77 -24.97 -16.29
CA ALA K 147 8.11 -24.62 -15.87
C ALA K 147 8.89 -24.02 -17.02
N ILE K 148 8.87 -24.69 -18.16
CA ILE K 148 9.38 -24.20 -19.44
C ILE K 148 8.34 -23.23 -19.99
N THR K 149 8.66 -21.94 -20.02
CA THR K 149 7.65 -20.94 -20.36
C THR K 149 7.20 -21.11 -21.81
N MET K 150 5.87 -21.07 -22.01
CA MET K 150 5.27 -21.22 -23.34
C MET K 150 4.31 -20.10 -23.70
N GLY K 151 3.64 -19.50 -22.72
CA GLY K 151 2.76 -18.39 -22.99
C GLY K 151 1.50 -18.69 -23.77
N GLN K 152 1.64 -19.01 -25.06
CA GLN K 152 0.49 -19.33 -25.87
C GLN K 152 -0.21 -20.59 -25.36
N VAL K 153 0.53 -21.50 -24.74
CA VAL K 153 -0.07 -22.76 -24.30
C VAL K 153 -0.60 -22.65 -22.87
N ALA K 154 0.12 -21.97 -21.99
CA ALA K 154 -0.34 -21.69 -20.63
C ALA K 154 0.65 -20.77 -19.94
N GLU K 155 0.28 -20.31 -18.74
CA GLU K 155 1.06 -19.29 -18.05
C GLU K 155 2.37 -19.86 -17.50
N PRO K 156 3.39 -19.00 -17.35
CA PRO K 156 4.67 -19.48 -16.79
C PRO K 156 4.56 -19.87 -15.34
N TYR K 157 5.64 -20.29 -14.71
CA TYR K 157 5.57 -20.68 -13.29
C TYR K 157 6.00 -19.50 -12.47
N LEU K 158 5.03 -18.79 -11.93
CA LEU K 158 5.26 -17.79 -10.89
C LEU K 158 4.60 -18.31 -9.62
N PRO K 159 5.37 -18.65 -8.58
CA PRO K 159 4.75 -19.29 -7.41
C PRO K 159 3.89 -18.34 -6.59
N LEU K 160 4.21 -17.05 -6.58
CA LEU K 160 3.34 -16.08 -5.90
C LEU K 160 1.97 -16.04 -6.55
N ARG K 161 1.91 -15.99 -7.86
CA ARG K 161 0.62 -16.03 -8.50
C ARG K 161 0.03 -17.35 -8.25
N ALA K 162 0.87 -18.35 -8.24
CA ALA K 162 0.37 -19.72 -8.11
C ALA K 162 -0.52 -19.86 -6.90
N VAL K 163 -0.14 -19.26 -5.78
CA VAL K 163 -1.00 -19.35 -4.61
C VAL K 163 -2.19 -18.41 -4.75
N ARG K 164 -2.00 -17.24 -5.38
CA ARG K 164 -3.13 -16.33 -5.56
C ARG K 164 -4.24 -17.01 -6.37
N HIS K 165 -3.88 -17.95 -7.23
CA HIS K 165 -4.89 -18.74 -7.95
C HIS K 165 -5.64 -19.66 -7.00
N LEU K 166 -4.96 -20.25 -6.02
CA LEU K 166 -5.64 -21.18 -5.12
C LEU K 166 -6.44 -20.47 -4.05
N GLU K 167 -6.03 -19.27 -3.65
CA GLU K 167 -6.87 -18.49 -2.76
C GLU K 167 -8.17 -18.04 -3.43
N LYS K 168 -8.24 -18.08 -4.75
CA LYS K 168 -9.48 -17.84 -5.47
C LYS K 168 -10.25 -19.12 -5.80
N GLY K 169 -9.99 -20.22 -5.09
CA GLY K 169 -10.70 -21.47 -5.29
C GLY K 169 -10.41 -22.18 -6.60
N ARG K 170 -9.31 -21.83 -7.26
CA ARG K 170 -8.90 -22.45 -8.49
C ARG K 170 -8.05 -23.68 -8.20
N VAL K 171 -7.88 -24.51 -9.22
CA VAL K 171 -6.94 -25.64 -9.16
C VAL K 171 -5.81 -25.35 -10.14
N VAL K 172 -4.57 -25.19 -9.63
CA VAL K 172 -3.42 -24.97 -10.50
C VAL K 172 -2.83 -26.32 -10.89
N ILE K 173 -2.40 -26.43 -12.14
CA ILE K 173 -1.80 -27.66 -12.63
C ILE K 173 -0.36 -27.36 -13.01
N PHE K 174 0.56 -28.16 -12.47
CA PHE K 174 1.99 -27.91 -12.56
C PHE K 174 2.65 -28.83 -13.59
N GLY K 175 2.75 -28.32 -14.82
CA GLY K 175 3.35 -29.05 -15.91
C GLY K 175 4.82 -28.68 -16.14
N ALA K 176 5.47 -29.50 -16.96
CA ALA K 176 6.90 -29.40 -17.26
C ALA K 176 7.77 -29.65 -16.03
N GLY K 177 7.21 -30.29 -14.99
CA GLY K 177 8.01 -30.60 -13.81
C GLY K 177 8.76 -29.37 -13.36
N MET K 178 10.09 -29.37 -13.46
CA MET K 178 10.93 -28.25 -13.05
C MET K 178 11.60 -27.53 -14.22
N GLY K 179 11.44 -28.00 -15.45
CA GLY K 179 11.98 -27.28 -16.58
C GLY K 179 13.48 -27.23 -16.69
N LEU K 180 14.20 -28.04 -15.92
CA LEU K 180 15.65 -28.13 -16.02
C LEU K 180 16.07 -29.58 -16.25
N PRO K 181 17.16 -29.80 -16.98
CA PRO K 181 17.67 -31.17 -17.15
C PRO K 181 18.02 -31.83 -15.83
N TYR K 182 17.93 -33.16 -15.81
CA TYR K 182 18.28 -34.00 -14.65
C TYR K 182 17.38 -33.70 -13.44
N PHE K 183 16.06 -33.77 -13.65
CA PHE K 183 15.11 -33.55 -12.57
C PHE K 183 13.98 -34.57 -12.67
N SER K 184 13.70 -35.24 -11.55
CA SER K 184 12.71 -36.29 -11.44
C SER K 184 11.33 -35.68 -11.18
N THR K 185 10.31 -36.54 -11.17
CA THR K 185 8.94 -36.09 -10.97
C THR K 185 8.53 -36.03 -9.50
N ASP K 186 9.02 -36.96 -8.68
CA ASP K 186 8.71 -36.88 -7.26
C ASP K 186 9.51 -35.80 -6.54
N THR K 187 10.61 -35.34 -7.13
CA THR K 187 11.43 -34.31 -6.50
C THR K 187 10.92 -32.91 -6.82
N THR K 188 10.43 -32.67 -8.05
CA THR K 188 9.64 -31.46 -8.30
C THR K 188 8.45 -31.41 -7.35
N ALA K 189 7.90 -32.57 -6.99
CA ALA K 189 6.75 -32.63 -6.12
C ALA K 189 7.05 -32.19 -4.70
N ALA K 190 8.33 -32.09 -4.33
CA ALA K 190 8.67 -31.61 -3.00
C ALA K 190 9.09 -30.14 -3.00
N GLN K 191 9.72 -29.68 -4.07
CA GLN K 191 10.25 -28.32 -4.12
C GLN K 191 9.10 -27.33 -4.15
N ARG K 192 8.38 -27.26 -5.26
CA ARG K 192 7.27 -26.32 -5.30
C ARG K 192 6.16 -26.70 -4.31
N ALA K 193 6.13 -27.93 -3.80
CA ALA K 193 5.28 -28.18 -2.65
C ALA K 193 5.56 -27.19 -1.53
N LEU K 194 6.82 -26.75 -1.39
CA LEU K 194 7.18 -25.89 -0.28
C LEU K 194 7.09 -24.43 -0.66
N GLU K 195 7.53 -24.09 -1.89
CA GLU K 195 7.37 -22.74 -2.41
C GLU K 195 5.92 -22.31 -2.50
N ILE K 196 4.98 -23.22 -2.24
CA ILE K 196 3.55 -22.93 -2.33
C ILE K 196 2.89 -22.95 -0.97
N GLY K 197 3.62 -23.31 0.08
CA GLY K 197 3.08 -23.29 1.42
C GLY K 197 2.13 -24.42 1.72
N ALA K 198 2.23 -25.54 1.01
CA ALA K 198 1.31 -26.64 1.21
C ALA K 198 1.54 -27.29 2.56
N ASP K 199 0.47 -27.88 3.08
CA ASP K 199 0.54 -28.57 4.36
C ASP K 199 1.06 -29.98 4.21
N VAL K 200 1.02 -30.53 3.00
CA VAL K 200 1.37 -31.93 2.81
C VAL K 200 1.65 -32.19 1.33
N VAL K 201 2.65 -33.02 1.08
CA VAL K 201 2.86 -33.65 -0.22
C VAL K 201 2.02 -34.92 -0.26
N LEU K 202 1.32 -35.14 -1.35
CA LEU K 202 0.28 -36.16 -1.40
C LEU K 202 0.45 -36.98 -2.67
N MET K 203 1.27 -38.03 -2.59
CA MET K 203 1.80 -38.75 -3.75
C MET K 203 0.89 -39.92 -4.08
N ALA K 204 0.07 -39.76 -5.12
CA ALA K 204 -0.91 -40.79 -5.49
C ALA K 204 -0.23 -41.91 -6.27
N LYS K 205 -0.43 -43.15 -5.82
CA LYS K 205 0.13 -44.34 -6.45
C LYS K 205 -0.92 -45.45 -6.54
N MET K 253 7.72 -30.64 5.10
CA MET K 253 6.52 -31.19 5.72
C MET K 253 6.20 -32.58 5.13
N PRO K 254 5.31 -33.36 5.76
CA PRO K 254 5.28 -34.79 5.49
C PRO K 254 4.63 -35.13 4.15
N ILE K 255 4.83 -36.39 3.76
CA ILE K 255 4.28 -36.95 2.54
C ILE K 255 3.27 -38.04 2.91
N LEU K 256 2.45 -38.42 1.92
CA LEU K 256 1.46 -39.50 2.06
C LEU K 256 1.34 -40.26 0.74
N VAL K 257 0.94 -41.54 0.86
CA VAL K 257 0.74 -42.43 -0.28
C VAL K 257 -0.75 -42.72 -0.41
N PHE K 258 -1.27 -42.57 -1.63
CA PHE K 258 -2.70 -42.56 -1.93
C PHE K 258 -2.94 -43.35 -3.22
N ASN K 259 -4.19 -43.76 -3.44
CA ASN K 259 -4.64 -44.23 -4.76
C ASN K 259 -6.16 -44.13 -4.79
N LEU K 260 -6.68 -43.61 -5.89
CA LEU K 260 -8.06 -43.15 -5.95
C LEU K 260 -8.72 -43.54 -7.27
N ILE K 275 -6.05 -43.27 5.58
CA ILE K 275 -5.96 -43.77 4.21
C ILE K 275 -4.51 -44.06 3.82
N GLY K 276 -4.14 -45.34 3.76
CA GLY K 276 -2.84 -45.72 3.21
C GLY K 276 -1.72 -45.62 4.24
N THR K 277 -0.62 -44.99 3.83
CA THR K 277 0.55 -44.73 4.67
C THR K 277 0.83 -43.24 4.68
N LEU K 278 0.94 -42.64 5.86
CA LEU K 278 1.12 -41.19 5.95
C LEU K 278 2.61 -40.81 5.88
N GLY L 49 17.87 -32.12 -60.80
CA GLY L 49 17.70 -32.39 -59.38
C GLY L 49 16.95 -31.32 -58.60
N TYR L 50 16.79 -31.48 -57.27
CA TYR L 50 16.19 -30.46 -56.42
C TYR L 50 17.24 -29.85 -55.51
N SER L 51 17.21 -28.53 -55.35
CA SER L 51 18.23 -27.82 -54.58
C SER L 51 17.88 -27.71 -53.10
N ARG L 52 16.70 -27.15 -52.81
CA ARG L 52 16.13 -27.08 -51.47
C ARG L 52 14.78 -27.80 -51.47
N VAL L 53 14.52 -28.62 -50.44
CA VAL L 53 13.32 -29.43 -50.35
C VAL L 53 12.77 -29.41 -48.93
N LEU L 54 11.46 -29.63 -48.79
CA LEU L 54 10.82 -29.71 -47.49
C LEU L 54 10.17 -31.08 -47.32
N LEU L 55 10.58 -31.80 -46.29
CA LEU L 55 10.17 -33.17 -46.05
C LEU L 55 9.11 -33.22 -44.94
N LYS L 56 8.00 -33.88 -45.20
CA LYS L 56 6.96 -33.98 -44.19
C LYS L 56 7.00 -35.38 -43.62
N LEU L 57 7.32 -35.49 -42.34
CA LEU L 57 7.34 -36.77 -41.65
C LEU L 57 6.06 -36.90 -40.83
N GLY L 58 5.29 -37.92 -41.10
CA GLY L 58 4.12 -38.18 -40.29
C GLY L 58 4.49 -38.77 -38.95
N GLY L 59 3.46 -39.06 -38.16
CA GLY L 59 3.68 -39.75 -36.90
C GLY L 59 4.02 -41.21 -37.12
N GLU L 60 3.56 -41.79 -38.23
CA GLU L 60 3.96 -43.16 -38.55
C GLU L 60 5.48 -43.28 -38.64
N MET L 61 6.19 -42.18 -38.91
CA MET L 61 7.63 -42.29 -39.11
C MET L 61 8.41 -42.17 -37.82
N PHE L 62 7.76 -41.98 -36.68
CA PHE L 62 8.37 -42.17 -35.36
C PHE L 62 7.73 -43.30 -34.58
N GLY L 63 6.43 -43.32 -34.42
CA GLY L 63 5.84 -44.40 -33.68
C GLY L 63 5.19 -45.31 -34.68
N GLY L 64 5.95 -45.56 -35.73
CA GLY L 64 5.59 -46.34 -36.89
C GLY L 64 4.47 -47.31 -36.82
N GLY L 65 3.24 -46.82 -36.91
CA GLY L 65 2.08 -47.69 -36.92
C GLY L 65 1.48 -47.93 -35.57
N GLN L 66 1.96 -47.19 -34.59
CA GLN L 66 1.43 -47.32 -33.25
C GLN L 66 1.49 -45.97 -32.61
N VAL L 67 1.64 -45.94 -31.30
CA VAL L 67 1.74 -44.69 -30.57
C VAL L 67 3.09 -44.63 -29.91
N GLY L 68 3.48 -43.48 -29.41
CA GLY L 68 4.76 -43.38 -28.76
C GLY L 68 5.86 -43.37 -29.77
N LEU L 69 6.98 -43.99 -29.42
CA LEU L 69 8.14 -44.04 -30.30
C LEU L 69 8.67 -45.43 -30.59
N ASP L 70 9.23 -45.61 -31.77
CA ASP L 70 9.78 -46.88 -32.23
C ASP L 70 11.17 -46.56 -32.77
N PRO L 71 12.20 -46.56 -31.89
CA PRO L 71 13.54 -46.11 -32.31
C PRO L 71 14.05 -46.75 -33.59
N ASP L 72 13.68 -48.00 -33.87
CA ASP L 72 14.12 -48.66 -35.10
C ASP L 72 13.74 -47.86 -36.34
N VAL L 73 12.61 -47.15 -36.30
CA VAL L 73 12.11 -46.44 -37.47
C VAL L 73 12.67 -45.02 -37.54
N VAL L 74 12.69 -44.31 -36.41
CA VAL L 74 13.27 -42.98 -36.37
C VAL L 74 14.76 -43.02 -36.70
N ALA L 75 15.45 -44.10 -36.32
CA ALA L 75 16.88 -44.19 -36.57
C ALA L 75 17.17 -44.27 -38.05
N GLN L 76 16.48 -45.17 -38.75
CA GLN L 76 16.70 -45.32 -40.17
C GLN L 76 16.04 -44.21 -40.98
N VAL L 77 15.03 -43.54 -40.43
CA VAL L 77 14.62 -42.26 -41.00
C VAL L 77 15.78 -41.29 -40.92
N ALA L 78 16.40 -41.20 -39.74
CA ALA L 78 17.51 -40.27 -39.54
C ALA L 78 18.79 -40.71 -40.25
N ARG L 79 18.92 -41.97 -40.58
CA ARG L 79 20.12 -42.38 -41.27
C ARG L 79 19.95 -42.17 -42.74
N GLN L 80 18.73 -41.90 -43.11
CA GLN L 80 18.41 -41.71 -44.52
C GLN L 80 18.42 -40.23 -44.88
N ILE L 81 17.81 -39.37 -44.05
CA ILE L 81 18.05 -37.92 -44.17
C ILE L 81 19.53 -37.63 -44.10
N ALA L 82 20.22 -38.27 -43.14
CA ALA L 82 21.64 -38.04 -42.94
C ALA L 82 22.40 -38.08 -44.24
N ASP L 83 22.16 -39.10 -45.06
CA ASP L 83 22.94 -39.25 -46.26
C ASP L 83 22.31 -38.59 -47.48
N VAL L 84 21.26 -37.79 -47.28
CA VAL L 84 20.83 -36.91 -48.36
C VAL L 84 21.44 -35.51 -48.22
N VAL L 85 21.82 -35.08 -47.00
CA VAL L 85 22.60 -33.86 -46.90
C VAL L 85 24.07 -34.11 -47.27
N ARG L 86 24.56 -35.36 -47.21
CA ARG L 86 25.83 -35.67 -47.86
C ARG L 86 25.75 -35.36 -49.36
N GLY L 87 24.64 -35.74 -50.00
CA GLY L 87 24.38 -35.33 -51.37
C GLY L 87 24.45 -33.82 -51.61
N GLY L 88 24.45 -33.02 -50.55
CA GLY L 88 24.56 -31.59 -50.68
C GLY L 88 23.23 -30.86 -50.63
N VAL L 89 22.10 -31.57 -50.66
CA VAL L 89 20.80 -30.90 -50.74
C VAL L 89 20.48 -30.18 -49.44
N GLN L 90 19.78 -29.06 -49.55
CA GLN L 90 19.31 -28.34 -48.38
C GLN L 90 17.91 -28.85 -48.03
N ILE L 91 17.77 -29.43 -46.83
CA ILE L 91 16.53 -30.08 -46.43
C ILE L 91 16.06 -29.46 -45.12
N ALA L 92 14.79 -29.07 -45.10
CA ALA L 92 14.05 -28.74 -43.90
C ALA L 92 12.99 -29.82 -43.69
N VAL L 93 12.68 -30.11 -42.44
CA VAL L 93 11.81 -31.24 -42.08
C VAL L 93 10.64 -30.71 -41.27
N VAL L 94 9.42 -31.01 -41.70
CA VAL L 94 8.22 -30.68 -40.94
C VAL L 94 7.71 -31.94 -40.24
N ILE L 95 7.54 -31.87 -38.93
CA ILE L 95 7.22 -33.00 -38.09
C ILE L 95 5.71 -33.05 -37.83
N GLY L 96 5.14 -34.25 -37.89
CA GLY L 96 3.78 -34.50 -37.47
C GLY L 96 3.75 -35.27 -36.16
N GLY L 97 2.58 -35.28 -35.53
CA GLY L 97 2.45 -35.87 -34.21
C GLY L 97 1.31 -36.85 -33.98
N GLY L 98 0.93 -37.58 -35.03
CA GLY L 98 -0.14 -38.56 -34.94
C GLY L 98 0.21 -39.79 -34.13
N ASN L 99 1.46 -39.94 -33.72
CA ASN L 99 1.83 -41.03 -32.84
C ASN L 99 1.44 -40.75 -31.39
N PHE L 100 0.99 -39.54 -31.09
CA PHE L 100 0.47 -39.25 -29.76
C PHE L 100 -1.01 -38.88 -29.83
N PHE L 101 -1.31 -37.61 -30.10
CA PHE L 101 -2.67 -37.12 -30.19
C PHE L 101 -2.87 -36.35 -31.49
N ARG L 102 -4.17 -36.60 -32.01
CA ARG L 102 -4.69 -35.92 -33.22
C ARG L 102 -5.83 -35.07 -32.71
N GLY L 103 -5.95 -33.82 -33.16
CA GLY L 103 -6.91 -32.93 -32.51
C GLY L 103 -8.35 -33.36 -32.71
N ALA L 104 -8.72 -33.69 -33.94
CA ALA L 104 -10.10 -34.03 -34.25
C ALA L 104 -10.53 -35.34 -33.59
N GLN L 105 -9.62 -36.29 -33.47
CA GLN L 105 -9.98 -37.56 -32.87
C GLN L 105 -10.40 -37.36 -31.46
N LEU L 106 -9.68 -36.53 -30.72
CA LEU L 106 -10.00 -36.34 -29.30
C LEU L 106 -11.25 -35.53 -29.07
N GLN L 107 -11.70 -34.74 -30.06
CA GLN L 107 -12.92 -33.94 -29.88
C GLN L 107 -14.15 -34.83 -29.64
N GLN L 108 -14.31 -35.90 -30.42
CA GLN L 108 -15.42 -36.82 -30.25
C GLN L 108 -15.24 -37.78 -29.08
N LEU L 109 -14.03 -37.87 -28.51
CA LEU L 109 -13.94 -38.38 -27.15
C LEU L 109 -14.55 -37.41 -26.14
N GLY L 110 -14.87 -36.33 -26.64
CA GLY L 110 -15.52 -35.39 -25.76
C GLY L 110 -14.67 -34.25 -25.25
N MET L 111 -13.63 -33.87 -25.98
CA MET L 111 -12.62 -32.93 -25.54
C MET L 111 -12.79 -31.60 -26.26
N GLU L 112 -12.36 -30.56 -25.60
CA GLU L 112 -12.32 -29.26 -26.19
C GLU L 112 -11.40 -29.46 -27.37
N ARG L 113 -11.72 -28.92 -28.54
CA ARG L 113 -10.81 -29.24 -29.64
C ARG L 113 -9.53 -28.41 -29.60
N THR L 114 -9.63 -27.11 -29.30
CA THR L 114 -8.44 -26.26 -29.35
C THR L 114 -7.33 -26.80 -28.46
N ARG L 115 -7.65 -27.04 -27.20
CA ARG L 115 -6.71 -27.58 -26.25
C ARG L 115 -6.14 -28.83 -26.77
N SER L 116 -6.95 -29.62 -27.43
CA SER L 116 -6.53 -30.91 -27.98
C SER L 116 -5.53 -30.71 -29.10
N ASP L 117 -5.79 -29.73 -29.96
CA ASP L 117 -4.82 -29.35 -30.97
C ASP L 117 -3.50 -28.94 -30.33
N TYR L 118 -3.54 -28.36 -29.13
CA TYR L 118 -2.28 -27.99 -28.49
C TYR L 118 -1.54 -29.22 -28.00
N MET L 119 -2.23 -30.15 -27.36
CA MET L 119 -1.57 -31.42 -27.06
C MET L 119 -1.01 -32.06 -28.32
N GLY L 120 -1.74 -31.98 -29.43
CA GLY L 120 -1.22 -32.49 -30.69
C GLY L 120 0.08 -31.81 -31.09
N MET L 121 0.14 -30.49 -30.96
CA MET L 121 1.32 -29.77 -31.40
C MET L 121 2.51 -30.09 -30.50
N LEU L 122 2.29 -30.12 -29.18
CA LEU L 122 3.37 -30.48 -28.27
C LEU L 122 3.84 -31.90 -28.54
N GLY L 123 2.96 -32.74 -29.08
CA GLY L 123 3.39 -34.06 -29.49
C GLY L 123 4.49 -33.98 -30.53
N THR L 124 4.31 -33.10 -31.52
CA THR L 124 5.27 -33.02 -32.60
C THR L 124 6.63 -32.52 -32.11
N VAL L 125 6.67 -31.72 -31.05
CA VAL L 125 7.95 -31.24 -30.54
C VAL L 125 8.71 -32.36 -29.85
N MET L 126 8.01 -33.24 -29.12
CA MET L 126 8.66 -34.46 -28.66
C MET L 126 9.22 -35.24 -29.85
N ASN L 127 8.51 -35.26 -30.97
CA ASN L 127 9.00 -35.96 -32.14
C ASN L 127 10.19 -35.25 -32.76
N SER L 128 10.10 -33.93 -32.88
CA SER L 128 11.23 -33.26 -33.49
C SER L 128 12.45 -33.24 -32.59
N LEU L 129 12.29 -33.39 -31.27
CA LEU L 129 13.48 -33.55 -30.44
C LEU L 129 14.10 -34.93 -30.66
N ALA L 130 13.28 -35.99 -30.67
CA ALA L 130 13.79 -37.33 -30.92
C ALA L 130 14.54 -37.41 -32.23
N LEU L 131 13.99 -36.79 -33.28
CA LEU L 131 14.66 -36.82 -34.58
C LEU L 131 15.96 -36.02 -34.54
N GLN L 132 15.96 -34.87 -33.84
CA GLN L 132 17.18 -34.09 -33.68
C GLN L 132 18.30 -34.92 -33.08
N ASP L 133 17.94 -35.84 -32.19
CA ASP L 133 18.97 -36.58 -31.48
C ASP L 133 19.56 -37.65 -32.36
N PHE L 134 18.72 -38.36 -33.12
CA PHE L 134 19.22 -39.43 -33.96
C PHE L 134 19.97 -38.88 -35.18
N LEU L 135 19.64 -37.67 -35.62
CA LEU L 135 20.45 -37.06 -36.67
C LEU L 135 21.84 -36.71 -36.14
N GLU L 136 21.89 -36.11 -34.93
CA GLU L 136 23.15 -35.94 -34.23
C GLU L 136 23.87 -37.27 -34.00
N LYS L 137 23.12 -38.37 -34.00
CA LYS L 137 23.72 -39.70 -33.99
C LYS L 137 24.39 -40.04 -35.31
N GLU L 138 24.11 -39.28 -36.35
CA GLU L 138 24.73 -39.57 -37.61
C GLU L 138 25.66 -38.50 -38.08
N GLY L 139 26.03 -37.59 -37.19
CA GLY L 139 26.95 -36.53 -37.55
C GLY L 139 26.32 -35.47 -38.42
N ILE L 140 25.06 -35.13 -38.15
CA ILE L 140 24.29 -34.19 -38.96
C ILE L 140 23.92 -33.00 -38.07
N VAL L 141 24.15 -31.79 -38.59
CA VAL L 141 23.93 -30.56 -37.83
C VAL L 141 22.46 -30.16 -37.95
N THR L 142 21.72 -30.25 -36.85
CA THR L 142 20.30 -29.93 -36.83
C THR L 142 20.06 -28.64 -36.05
N ARG L 143 19.05 -27.88 -36.47
CA ARG L 143 18.56 -26.76 -35.70
C ARG L 143 17.04 -26.82 -35.67
N VAL L 144 16.45 -26.64 -34.50
CA VAL L 144 15.04 -26.89 -34.29
C VAL L 144 14.34 -25.57 -34.04
N GLN L 145 13.34 -25.27 -34.86
CA GLN L 145 12.52 -24.09 -34.68
C GLN L 145 11.09 -24.52 -34.47
N THR L 146 10.47 -23.98 -33.43
CA THR L 146 9.12 -24.34 -33.02
C THR L 146 8.21 -23.15 -33.22
N ALA L 147 7.01 -23.39 -33.75
CA ALA L 147 6.09 -22.30 -34.01
C ALA L 147 5.44 -21.78 -32.74
N ILE L 148 5.29 -22.63 -31.73
CA ILE L 148 4.88 -22.23 -30.39
C ILE L 148 6.16 -21.91 -29.64
N THR L 149 6.40 -20.64 -29.34
CA THR L 149 7.63 -20.21 -28.72
C THR L 149 7.84 -20.85 -27.41
N MET L 150 8.91 -21.60 -27.27
CA MET L 150 9.20 -22.27 -26.04
C MET L 150 10.56 -21.91 -25.57
N GLY L 151 11.37 -21.46 -26.49
CA GLY L 151 12.70 -20.96 -26.25
C GLY L 151 13.63 -21.67 -25.32
N GLN L 152 13.14 -22.56 -24.50
CA GLN L 152 14.05 -23.26 -23.65
C GLN L 152 14.50 -24.55 -24.34
N VAL L 153 13.63 -25.13 -25.15
CA VAL L 153 13.90 -26.37 -25.85
C VAL L 153 13.88 -26.28 -27.35
N ALA L 154 14.13 -25.13 -27.90
CA ALA L 154 14.15 -24.88 -29.33
C ALA L 154 14.00 -23.37 -29.53
N GLU L 155 14.67 -22.84 -30.55
CA GLU L 155 14.53 -21.41 -30.80
C GLU L 155 13.24 -21.16 -31.58
N PRO L 156 12.69 -19.94 -31.51
CA PRO L 156 11.38 -19.68 -32.11
C PRO L 156 11.44 -19.62 -33.64
N TYR L 157 10.26 -19.62 -34.27
CA TYR L 157 10.21 -19.64 -35.74
C TYR L 157 10.74 -18.33 -36.31
N LEU L 158 11.96 -18.37 -36.82
CA LEU L 158 12.60 -17.22 -37.45
C LEU L 158 12.94 -17.65 -38.87
N PRO L 159 12.10 -17.35 -39.87
CA PRO L 159 12.20 -18.06 -41.14
C PRO L 159 13.41 -17.64 -41.98
N LEU L 160 13.84 -16.37 -41.92
CA LEU L 160 15.05 -15.94 -42.61
C LEU L 160 16.30 -16.58 -42.01
N ARG L 161 16.28 -16.96 -40.73
CA ARG L 161 17.35 -17.73 -40.10
C ARG L 161 17.25 -19.22 -40.40
N ALA L 162 16.07 -19.74 -40.70
CA ALA L 162 16.00 -21.12 -41.17
C ALA L 162 16.64 -21.29 -42.53
N VAL L 163 16.47 -20.32 -43.45
CA VAL L 163 17.13 -20.47 -44.75
C VAL L 163 18.62 -20.23 -44.62
N ARG L 164 19.05 -19.42 -43.64
CA ARG L 164 20.48 -19.21 -43.44
C ARG L 164 21.14 -20.47 -42.88
N HIS L 165 20.47 -21.17 -41.96
CA HIS L 165 20.91 -22.51 -41.58
C HIS L 165 21.06 -23.42 -42.78
N LEU L 166 20.02 -23.48 -43.63
CA LEU L 166 20.02 -24.37 -44.79
C LEU L 166 21.25 -24.16 -45.65
N GLU L 167 21.47 -22.90 -46.04
CA GLU L 167 22.65 -22.52 -46.82
C GLU L 167 23.95 -22.95 -46.13
N LYS L 168 23.95 -23.04 -44.80
CA LYS L 168 25.16 -23.45 -44.07
C LYS L 168 25.25 -24.94 -43.86
N GLY L 169 24.46 -25.74 -44.57
CA GLY L 169 24.54 -27.17 -44.50
C GLY L 169 23.61 -27.81 -43.51
N ARG L 170 23.16 -27.05 -42.51
CA ARG L 170 22.32 -27.56 -41.42
C ARG L 170 20.94 -27.93 -41.92
N VAL L 171 20.23 -28.72 -41.09
CA VAL L 171 18.93 -29.29 -41.43
C VAL L 171 17.95 -28.82 -40.38
N VAL L 172 17.03 -27.93 -40.76
CA VAL L 172 16.11 -27.38 -39.77
C VAL L 172 14.92 -28.30 -39.64
N ILE L 173 14.47 -28.46 -38.41
CA ILE L 173 13.30 -29.27 -38.08
C ILE L 173 12.24 -28.33 -37.55
N PHE L 174 11.05 -28.40 -38.13
CA PHE L 174 10.00 -27.44 -37.85
C PHE L 174 8.99 -28.07 -36.90
N GLY L 175 8.96 -27.57 -35.67
CA GLY L 175 8.18 -28.17 -34.63
C GLY L 175 6.91 -27.40 -34.36
N ALA L 176 5.99 -28.09 -33.67
CA ALA L 176 4.71 -27.53 -33.23
C ALA L 176 3.89 -26.99 -34.39
N GLY L 177 3.79 -27.79 -35.47
CA GLY L 177 3.16 -27.34 -36.70
C GLY L 177 3.27 -25.85 -37.00
N MET L 178 2.12 -25.19 -37.21
CA MET L 178 2.05 -23.76 -37.48
C MET L 178 1.90 -22.91 -36.24
N GLY L 179 1.75 -23.52 -35.08
CA GLY L 179 1.43 -22.78 -33.88
C GLY L 179 -0.05 -22.59 -33.61
N LEU L 180 -0.94 -22.94 -34.54
CA LEU L 180 -2.32 -22.49 -34.46
C LEU L 180 -3.29 -23.67 -34.55
N PRO L 181 -4.27 -23.75 -33.66
CA PRO L 181 -5.23 -24.86 -33.71
C PRO L 181 -6.09 -24.78 -34.95
N TYR L 182 -6.74 -25.92 -35.24
CA TYR L 182 -7.59 -26.10 -36.41
C TYR L 182 -6.80 -26.12 -37.73
N PHE L 183 -5.51 -26.38 -37.65
CA PHE L 183 -4.70 -26.69 -38.83
C PHE L 183 -4.00 -28.03 -38.65
N SER L 184 -3.35 -28.50 -39.71
CA SER L 184 -2.65 -29.77 -39.67
C SER L 184 -1.21 -29.64 -40.06
N THR L 185 -0.41 -30.64 -39.77
CA THR L 185 1.00 -30.58 -40.16
C THR L 185 1.18 -30.76 -41.66
N ASP L 186 0.19 -31.31 -42.37
CA ASP L 186 0.25 -31.28 -43.83
C ASP L 186 0.23 -29.84 -44.34
N THR L 187 -0.70 -29.02 -43.85
CA THR L 187 -0.74 -27.63 -44.27
C THR L 187 0.52 -26.88 -43.81
N THR L 188 1.04 -27.23 -42.64
CA THR L 188 2.30 -26.66 -42.18
C THR L 188 3.42 -26.92 -43.17
N ALA L 189 3.42 -28.10 -43.80
CA ALA L 189 4.45 -28.38 -44.78
C ALA L 189 4.21 -27.57 -46.04
N ALA L 190 2.96 -27.40 -46.43
CA ALA L 190 2.68 -26.59 -47.61
C ALA L 190 3.08 -25.14 -47.39
N GLN L 191 2.73 -24.60 -46.21
CA GLN L 191 3.12 -23.24 -45.84
C GLN L 191 4.62 -23.13 -45.70
N ARG L 192 5.22 -23.93 -44.82
CA ARG L 192 6.64 -23.77 -44.49
C ARG L 192 7.50 -23.87 -45.73
N ALA L 193 7.14 -24.75 -46.66
CA ALA L 193 7.90 -24.89 -47.90
C ALA L 193 7.83 -23.64 -48.76
N LEU L 194 6.65 -23.04 -48.88
CA LEU L 194 6.55 -21.80 -49.62
C LEU L 194 7.38 -20.70 -49.00
N GLU L 195 7.50 -20.65 -47.66
CA GLU L 195 8.19 -19.50 -47.08
C GLU L 195 9.71 -19.64 -47.16
N ILE L 196 10.24 -20.85 -47.09
CA ILE L 196 11.69 -21.05 -47.14
C ILE L 196 12.19 -21.20 -48.57
N GLY L 197 11.33 -21.03 -49.57
CA GLY L 197 11.75 -21.10 -50.95
C GLY L 197 12.13 -22.48 -51.41
N ALA L 198 11.47 -23.50 -50.89
CA ALA L 198 11.80 -24.86 -51.28
C ALA L 198 11.29 -25.14 -52.70
N ASP L 199 11.79 -26.23 -53.30
CA ASP L 199 11.44 -26.55 -54.68
C ASP L 199 10.36 -27.61 -54.79
N VAL L 200 10.04 -28.30 -53.70
CA VAL L 200 9.06 -29.38 -53.73
C VAL L 200 8.79 -29.78 -52.29
N VAL L 201 7.61 -30.36 -52.05
CA VAL L 201 7.26 -30.96 -50.76
C VAL L 201 7.36 -32.48 -50.92
N LEU L 202 8.15 -33.12 -50.06
CA LEU L 202 8.28 -34.57 -50.06
C LEU L 202 7.32 -35.16 -49.04
N MET L 203 6.22 -35.75 -49.52
CA MET L 203 5.25 -36.43 -48.67
C MET L 203 5.81 -37.82 -48.37
N ALA L 204 6.57 -37.93 -47.30
CA ALA L 204 7.10 -39.23 -46.89
C ALA L 204 5.97 -40.08 -46.29
N LYS L 205 5.51 -41.09 -47.04
CA LYS L 205 4.63 -42.13 -46.53
C LYS L 205 5.39 -43.45 -46.45
N ALA L 206 4.65 -44.51 -46.10
CA ALA L 206 5.21 -45.84 -45.97
C ALA L 206 4.91 -46.74 -47.16
N VAL L 207 3.89 -46.41 -47.96
CA VAL L 207 3.65 -47.06 -49.25
C VAL L 207 4.42 -46.26 -50.30
N ASP L 208 4.48 -46.73 -51.55
CA ASP L 208 5.24 -46.02 -52.59
C ASP L 208 4.28 -45.41 -53.63
N GLY L 209 3.90 -44.16 -53.42
CA GLY L 209 3.07 -43.42 -54.35
C GLY L 209 1.60 -43.36 -53.98
N VAL L 210 0.78 -43.01 -54.98
CA VAL L 210 -0.67 -42.96 -54.84
C VAL L 210 -1.28 -43.98 -55.79
N PHE L 211 -2.51 -44.38 -55.49
CA PHE L 211 -3.12 -45.50 -56.21
C PHE L 211 -4.53 -45.17 -56.72
N LEU L 223 -0.46 -47.59 -59.03
CA LEU L 223 0.26 -46.45 -58.51
C LEU L 223 0.55 -45.57 -59.66
N LEU L 224 0.40 -44.26 -59.51
CA LEU L 224 0.68 -43.35 -60.59
C LEU L 224 2.13 -42.95 -60.57
N THR L 225 2.56 -42.19 -61.56
CA THR L 225 3.94 -41.77 -61.62
C THR L 225 4.12 -40.29 -61.82
N ALA L 226 3.14 -39.66 -62.43
CA ALA L 226 3.13 -38.22 -62.64
C ALA L 226 1.69 -37.78 -62.86
N VAL L 227 1.25 -36.80 -62.10
CA VAL L 227 -0.13 -36.35 -62.16
C VAL L 227 -0.16 -34.85 -61.95
N SER L 228 -0.99 -34.17 -62.73
CA SER L 228 -1.12 -32.73 -62.61
C SER L 228 -1.91 -32.39 -61.35
N HIS L 229 -1.56 -31.25 -60.72
CA HIS L 229 -2.29 -30.80 -59.54
C HIS L 229 -3.79 -30.93 -59.77
N ARG L 230 -4.26 -30.49 -60.94
CA ARG L 230 -5.69 -30.57 -61.21
C ARG L 230 -6.17 -32.01 -61.35
N GLU L 231 -5.33 -32.90 -61.89
CA GLU L 231 -5.77 -34.30 -62.05
C GLU L 231 -6.07 -34.98 -60.71
N VAL L 232 -5.52 -34.48 -59.59
CA VAL L 232 -5.78 -35.10 -58.29
C VAL L 232 -7.21 -34.84 -57.84
N LEU L 233 -7.66 -33.63 -58.05
CA LEU L 233 -8.98 -33.29 -57.65
C LEU L 233 -9.91 -34.12 -58.49
N ASP L 234 -9.60 -34.18 -59.77
CA ASP L 234 -10.33 -34.92 -60.77
C ASP L 234 -10.55 -36.31 -60.27
N ARG L 235 -9.48 -37.02 -60.06
CA ARG L 235 -9.56 -38.38 -59.58
C ARG L 235 -10.06 -38.37 -58.17
N GLY L 236 -9.26 -37.78 -57.30
CA GLY L 236 -9.53 -37.70 -55.88
C GLY L 236 -8.60 -38.69 -55.27
N LEU L 237 -7.34 -38.33 -55.20
CA LEU L 237 -6.29 -39.21 -54.75
C LEU L 237 -5.77 -38.77 -53.38
N ARG L 238 -5.43 -39.75 -52.57
CA ARG L 238 -4.86 -39.54 -51.25
C ARG L 238 -3.43 -39.02 -51.44
N VAL L 239 -3.25 -37.70 -51.35
CA VAL L 239 -1.93 -37.08 -51.32
C VAL L 239 -1.67 -36.37 -50.00
N ALA L 240 -2.55 -35.43 -49.62
CA ALA L 240 -2.52 -34.74 -48.35
C ALA L 240 -3.88 -34.06 -48.16
N ASP L 241 -4.01 -33.30 -47.07
CA ASP L 241 -5.22 -32.52 -46.82
C ASP L 241 -5.58 -31.65 -48.00
N ALA L 242 -6.86 -31.65 -48.35
CA ALA L 242 -7.31 -30.67 -49.34
C ALA L 242 -6.98 -29.25 -48.92
N THR L 243 -6.79 -28.99 -47.62
CA THR L 243 -6.39 -27.64 -47.22
C THR L 243 -4.89 -27.40 -47.42
N ALA L 244 -4.05 -28.43 -47.27
CA ALA L 244 -2.65 -28.29 -47.68
C ALA L 244 -2.52 -28.32 -49.20
N PHE L 245 -3.16 -29.29 -49.84
CA PHE L 245 -3.08 -29.44 -51.28
C PHE L 245 -3.51 -28.17 -52.00
N SER L 246 -4.63 -27.60 -51.58
CA SER L 246 -5.09 -26.36 -52.21
C SER L 246 -4.05 -25.26 -52.04
N LEU L 247 -3.41 -25.20 -50.88
CA LEU L 247 -2.34 -24.23 -50.67
C LEU L 247 -1.16 -24.47 -51.61
N CYS L 248 -0.93 -25.72 -52.02
CA CYS L 248 0.11 -26.04 -52.98
C CYS L 248 -0.37 -25.92 -54.42
N MET L 249 -1.61 -26.33 -54.72
CA MET L 249 -2.07 -26.24 -56.10
C MET L 249 -2.11 -24.80 -56.56
N ASP L 250 -2.54 -23.90 -55.67
CA ASP L 250 -2.71 -22.49 -56.00
C ASP L 250 -1.38 -21.78 -56.18
N ASN L 251 -0.35 -22.22 -55.47
CA ASN L 251 0.97 -21.59 -55.53
C ASN L 251 1.99 -22.39 -56.34
N GLY L 252 1.54 -23.42 -57.07
CA GLY L 252 2.42 -24.20 -57.91
C GLY L 252 3.55 -24.93 -57.21
N MET L 253 3.37 -25.29 -55.94
CA MET L 253 4.35 -26.05 -55.19
C MET L 253 4.22 -27.55 -55.50
N PRO L 254 5.23 -28.17 -56.12
CA PRO L 254 5.10 -29.59 -56.45
C PRO L 254 5.17 -30.45 -55.21
N ILE L 255 4.55 -31.62 -55.30
CA ILE L 255 4.46 -32.57 -54.20
C ILE L 255 4.87 -33.93 -54.71
N LEU L 256 5.80 -34.58 -54.00
CA LEU L 256 6.30 -35.90 -54.37
C LEU L 256 6.02 -36.90 -53.25
N VAL L 257 5.09 -37.82 -53.51
CA VAL L 257 4.69 -38.87 -52.57
C VAL L 257 5.62 -40.06 -52.81
N PHE L 258 6.44 -40.40 -51.82
CA PHE L 258 7.42 -41.44 -52.02
C PHE L 258 7.62 -42.22 -50.75
N ASN L 259 7.72 -43.53 -50.87
CA ASN L 259 8.12 -44.38 -49.76
C ASN L 259 9.51 -44.01 -49.27
N LEU L 260 9.59 -43.58 -48.00
CA LEU L 260 10.89 -43.27 -47.39
C LEU L 260 11.58 -44.53 -46.87
N LEU L 261 10.82 -45.49 -46.37
CA LEU L 261 11.40 -46.60 -45.63
C LEU L 261 12.19 -47.57 -46.49
N THR L 262 11.92 -47.65 -47.79
CA THR L 262 12.81 -48.44 -48.65
C THR L 262 14.11 -47.68 -48.81
N ASP L 263 15.22 -48.34 -48.50
CA ASP L 263 16.47 -47.67 -48.20
C ASP L 263 17.06 -46.99 -49.44
N GLY L 264 17.60 -45.79 -49.26
CA GLY L 264 18.21 -45.09 -50.36
C GLY L 264 17.24 -44.43 -51.31
N ASN L 265 16.06 -44.07 -50.84
CA ASN L 265 15.00 -43.61 -51.73
C ASN L 265 14.88 -42.08 -51.79
N ILE L 266 14.93 -41.40 -50.64
CA ILE L 266 14.88 -39.93 -50.64
C ILE L 266 16.05 -39.36 -51.43
N ALA L 267 17.21 -40.02 -51.37
CA ALA L 267 18.34 -39.55 -52.17
C ALA L 267 18.09 -39.79 -53.65
N ARG L 268 17.25 -40.78 -53.99
CA ARG L 268 16.81 -40.93 -55.38
C ARG L 268 16.01 -39.72 -55.82
N ALA L 269 15.13 -39.22 -54.95
CA ALA L 269 14.21 -38.16 -55.33
C ALA L 269 14.91 -36.82 -55.43
N VAL L 270 15.84 -36.53 -54.52
CA VAL L 270 16.63 -35.30 -54.58
C VAL L 270 17.41 -35.22 -55.90
N ARG L 271 18.10 -36.30 -56.26
CA ARG L 271 18.84 -36.32 -57.52
C ARG L 271 17.92 -36.12 -58.74
N GLY L 272 16.62 -36.41 -58.60
CA GLY L 272 15.66 -36.26 -59.69
C GLY L 272 15.17 -37.56 -60.30
N GLU L 273 15.46 -38.69 -59.68
CA GLU L 273 15.10 -39.99 -60.23
C GLU L 273 13.59 -40.20 -60.12
N LYS L 274 12.97 -40.56 -61.24
CA LYS L 274 11.52 -40.79 -61.28
C LYS L 274 11.09 -41.90 -60.33
N ILE L 275 10.74 -41.51 -59.09
CA ILE L 275 10.22 -42.44 -58.09
C ILE L 275 8.91 -41.88 -57.57
N GLY L 276 8.12 -42.75 -56.94
CA GLY L 276 6.89 -42.30 -56.32
C GLY L 276 5.89 -41.79 -57.34
N THR L 277 5.12 -40.78 -56.96
CA THR L 277 4.27 -40.02 -57.88
C THR L 277 4.62 -38.55 -57.73
N LEU L 278 4.89 -37.89 -58.84
CA LEU L 278 5.24 -36.47 -58.83
C LEU L 278 4.04 -35.64 -59.29
N VAL L 279 3.72 -34.59 -58.56
CA VAL L 279 2.52 -33.81 -58.82
C VAL L 279 2.93 -32.39 -59.18
N THR L 280 2.84 -32.05 -60.46
CA THR L 280 3.16 -30.70 -60.93
C THR L 280 2.10 -30.27 -61.92
N THR L 281 1.53 -29.09 -61.67
CA THR L 281 0.59 -28.54 -62.61
C THR L 281 1.40 -27.61 -63.52
N1 UDP M . -26.21 -1.33 15.99
C2 UDP M . -26.73 -0.30 16.72
N3 UDP M . -26.19 0.93 16.47
C4 UDP M . -25.24 1.22 15.56
C5 UDP M . -24.75 0.12 14.82
C6 UDP M . -25.24 -1.11 15.06
O2 UDP M . -27.64 -0.45 17.49
O4 UDP M . -24.90 2.39 15.43
C1' UDP M . -26.67 -2.67 16.35
C2' UDP M . -28.13 -2.97 16.03
O2' UDP M . -28.65 -4.06 16.75
C3' UDP M . -28.00 -3.42 14.60
C4' UDP M . -26.76 -4.30 14.68
O4' UDP M . -25.91 -3.60 15.61
O3' UDP M . -29.17 -4.09 14.18
C5' UDP M . -26.02 -4.48 13.39
O5' UDP M . -26.97 -4.46 12.34
PA UDP M . -26.52 -4.09 11.00
O1A UDP M . -27.65 -3.80 10.24
O2A UDP M . -25.65 -2.95 11.06
O3A UDP M . -25.74 -5.24 10.25
PB UDP M . -26.28 -5.64 8.82
O1B UDP M . -27.57 -5.97 8.89
O2B UDP M . -26.04 -4.48 8.03
O3B UDP M . -25.48 -6.74 8.42
HN3 UDP M . -26.55 1.69 17.04
H5 UDP M . -23.99 0.30 14.06
H6 UDP M . -24.89 -1.98 14.51
H1' UDP M . -26.44 -2.88 17.39
H2' UDP M . -28.79 -2.11 16.12
HO2' UDP M . -29.64 -4.05 16.63
H3' UDP M . -27.83 -2.58 13.93
H4' UDP M . -26.97 -5.25 15.16
HO3' UDP M . -29.81 -3.39 13.87
H5'1 UDP M . -25.27 -3.70 13.27
H5'2 UDP M . -25.49 -5.43 13.33
HOA2 UDP M . -25.91 -2.00 10.95
HOB2 UDP M . -25.85 -3.58 8.40
HOB3 UDP M . -24.74 -7.14 8.96
PA UTP N . -22.05 3.04 39.55
O1A UTP N . -20.64 2.63 39.58
O2A UTP N . -21.92 4.46 39.83
O3A UTP N . -22.96 2.34 40.76
O5' UTP N . -22.72 2.78 38.06
PB UTP N . -23.05 0.74 41.17
O1B UTP N . -24.31 0.11 40.77
O2B UTP N . -22.05 -0.06 40.43
O3B UTP N . -22.80 0.52 42.78
PG UTP N . -23.13 1.63 43.96
O1G UTP N . -22.80 1.09 45.28
O2G UTP N . -22.29 2.83 43.84
O3G UTP N . -24.56 2.06 44.03
C5' UTP N . -23.85 1.95 37.90
C4' UTP N . -23.85 1.23 36.57
O4' UTP N . -22.95 1.88 35.61
C1' UTP N . -22.02 0.89 35.08
C2' UTP N . -21.98 -0.17 36.12
O2' UTP N . -21.82 -1.45 35.53
C3' UTP N . -23.33 -0.15 36.76
O3' UTP N . -24.20 -1.06 36.11
N1 UTP N . -20.76 1.50 34.77
C6 UTP N . -19.77 1.85 35.83
C2 UTP N . -20.42 1.80 33.39
O2 UTP N . -21.19 1.54 32.53
N3 UTP N . -19.19 2.40 33.05
C4 UTP N . -18.25 2.74 34.03
O4 UTP N . -17.22 3.24 33.72
C5 UTP N . -18.59 2.43 35.50
PA UTP O . 6.20 13.61 15.10
O1A UTP O . 5.02 14.22 14.46
O2A UTP O . 5.73 12.28 15.51
O3A UTP O . 7.40 13.65 13.94
O5' UTP O . 6.67 14.41 16.49
PB UTP O . 8.87 12.88 13.94
O1B UTP O . 9.24 12.32 15.25
O2B UTP O . 10.03 13.75 13.65
O3B UTP O . 8.75 11.66 12.85
PG UTP O . 8.56 11.97 11.26
O1G UTP O . 7.54 11.11 10.65
O2G UTP O . 9.77 11.69 10.47
O3G UTP O . 8.19 13.38 10.98
C5' UTP O . 8.01 14.76 16.75
C4' UTP O . 8.27 14.87 18.23
O4' UTP O . 7.00 14.78 18.96
C1' UTP O . 7.15 13.76 20.00
C2' UTP O . 8.22 12.83 19.47
O2' UTP O . 8.96 12.11 20.47
C3' UTP O . 9.13 13.72 18.70
O3' UTP O . 10.24 14.20 19.50
N1 UTP O . 5.89 13.13 20.27
C6 UTP O . 5.25 12.20 19.30
C2 UTP O . 5.22 13.42 21.54
O2 UTP O . 5.67 14.17 22.34
N3 UTP O . 3.97 12.79 21.82
C4 UTP O . 3.36 11.90 20.91
O4 UTP O . 2.33 11.40 21.21
C5 UTP O . 4.06 11.60 19.57
N1 UDP P . 7.53 22.70 37.44
C2 UDP P . 7.07 23.32 36.32
N3 UDP P . 5.73 23.55 36.29
C4 UDP P . 4.83 23.21 37.23
C5 UDP P . 5.37 22.55 38.37
C6 UDP P . 6.69 22.33 38.45
O2 UDP P . 7.79 23.64 35.41
O4 UDP P . 3.64 23.47 37.05
C1' UDP P . 8.96 22.33 37.48
C2' UDP P . 9.92 23.49 37.67
O2' UDP P . 11.25 23.11 37.35
C3' UDP P . 9.93 23.59 39.17
C4' UDP P . 10.00 22.13 39.55
O4' UDP P . 9.18 21.47 38.58
O3' UDP P . 11.03 24.29 39.69
C5' UDP P . 9.47 21.85 40.93
O5' UDP P . 10.00 22.90 41.74
PA UDP P . 9.22 23.47 42.79
O1A UDP P . 9.53 24.85 42.91
O2A UDP P . 7.86 23.26 42.48
O3A UDP P . 9.53 22.62 44.10
PB UDP P . 9.77 22.93 45.63
O1B UDP P . 10.97 23.60 45.80
O2B UDP P . 8.58 23.63 46.05
O3B UDP P . 9.79 21.65 46.26
HN3 UDP P . 5.38 24.01 35.46
H5 UDP P . 4.68 22.25 39.17
H6 UDP P . 7.13 21.85 39.32
H1' UDP P . 9.22 21.75 36.60
H2' UDP P . 9.65 24.43 37.18
HO2' UDP P . 11.42 23.43 36.43
H3' UDP P . 9.01 24.04 39.55
H4' UDP P . 11.00 21.72 39.40
HO3' UDP P . 10.69 25.12 40.11
H5'1 UDP P . 8.38 21.84 40.94
H5'2 UDP P . 9.82 20.91 41.35
HOA2 UDP P . 7.46 23.26 41.57
HOB2 UDP P . 7.73 23.64 45.54
HOB3 UDP P . 10.00 20.78 45.82
PA UTP Q . -2.21 13.03 12.60
O1A UTP Q . -3.00 11.81 12.52
O2A UTP Q . -1.62 12.94 13.95
O3A UTP Q . -1.06 13.08 11.44
O5' UTP Q . -3.24 14.28 12.37
PB UTP Q . -0.48 14.49 10.87
O1B UTP Q . 0.05 15.30 11.98
O2B UTP Q . -1.53 15.35 10.31
O3B UTP Q . 0.63 14.19 9.72
PG UTP Q . 2.13 13.73 10.17
O1G UTP Q . 2.60 14.46 11.38
O2G UTP Q . 3.16 13.97 9.13
O3G UTP Q . 2.20 12.32 10.52
C5' UTP Q . -4.39 14.02 11.63
C4' UTP Q . -5.46 14.94 12.12
O4' UTP Q . -6.19 14.24 13.16
C1' UTP Q . -6.35 15.18 14.28
C2' UTP Q . -5.23 16.18 14.18
O2' UTP Q . -5.64 17.46 14.68
C3' UTP Q . -4.91 16.20 12.72
O3' UTP Q . -5.47 17.35 12.07
N1 UTP Q . -6.36 14.52 15.55
C6 UTP Q . -5.14 13.84 16.02
C2 UTP Q . -7.55 14.48 16.36
O2 UTP Q . -8.57 14.98 16.00
N3 UTP Q . -7.51 13.82 17.61
C4 UTP Q . -6.35 13.18 18.07
O4 UTP Q . -6.33 12.64 19.12
C5 UTP Q . -5.13 13.21 17.20
N1 UDP R . -9.99 31.06 30.34
C2 UDP R . -9.55 30.46 31.47
N3 UDP R . -8.30 29.93 31.40
C4 UDP R . -7.47 29.95 30.34
C5 UDP R . -7.99 30.60 29.20
C6 UDP R . -9.22 31.11 29.24
O2 UDP R . -10.23 30.38 32.47
O4 UDP R . -6.35 29.44 30.45
C1' UDP R . -11.34 31.62 30.41
C2' UDP R . -11.38 33.01 31.02
O2' UDP R . -12.68 33.33 31.46
C3' UDP R . -11.05 33.83 29.80
C4' UDP R . -11.93 33.18 28.78
O4' UDP R . -11.85 31.77 29.11
O3' UDP R . -11.43 35.20 29.81
C5' UDP R . -11.47 33.46 27.39
O5' UDP R . -11.21 34.85 27.37
PA UDP R . -9.97 35.45 27.44
O1A UDP R . -9.92 36.03 28.71
O2A UDP R . -9.05 34.46 27.33
O3A UDP R . -9.46 36.56 26.43
PB UDP R . -9.86 37.60 25.33
O1B UDP R . -10.30 38.78 25.85
O2B UDP R . -8.67 37.81 24.60
O3B UDP R . -10.87 36.95 24.58
HN3 UDP R . -7.97 29.47 32.25
H5 UDP R . -7.36 30.64 28.31
H6 UDP R . -9.64 31.58 28.35
H1' UDP R . -12.02 30.94 30.92
H2' UDP R . -10.66 33.17 31.83
HO2' UDP R . -12.67 33.32 32.45
H3' UDP R . -10.01 33.75 29.53
H4' UDP R . -12.98 33.43 28.92
HO3' UDP R . -11.60 35.44 30.75
H5'1 UDP R . -10.58 32.87 27.15
H5'2 UDP R . -12.22 33.24 26.63
HOA2 UDP R . -8.10 34.49 27.62
HOB2 UDP R . -7.75 37.66 24.95
HOB3 UDP R . -10.81 36.03 24.20
PA UTP S . -17.50 10.47 40.53
O1A UTP S . -17.29 9.37 39.58
O2A UTP S . -16.17 10.70 41.13
O3A UTP S . -18.58 9.94 41.66
O5' UTP S . -18.00 11.82 39.74
PB UTP S . -20.19 10.14 41.44
O1B UTP S . -20.66 11.20 42.31
O2B UTP S . -20.47 10.66 40.09
O3B UTP S . -21.03 8.72 41.56
PG UTP S . -20.91 7.73 42.86
O1G UTP S . -19.77 8.14 43.68
O2G UTP S . -20.69 6.32 42.49
O3G UTP S . -22.09 7.79 43.75
C5' UTP S . -17.95 13.05 40.40
C4' UTP S . -17.99 14.17 39.41
O4' UTP S . -16.82 14.08 38.54
C1' UTP S . -17.25 14.35 37.18
C2' UTP S . -18.63 13.80 37.14
O2' UTP S . -19.47 14.40 36.13
C3' UTP S . -19.16 14.13 38.48
O3' UTP S . -19.79 15.41 38.39
N1 UTP S . -16.36 13.73 36.25
C6 UTP S . -16.42 12.28 36.16
C2 UTP S . -15.38 14.45 35.43
O2 UTP S . -15.26 15.63 35.49
N3 UTP S . -14.54 13.71 34.55
C4 UTP S . -14.61 12.29 34.46
O4 UTP S . -13.94 11.63 33.72
C5 UTP S . -15.62 11.60 35.33
N1 UDP T . -25.45 18.78 16.89
C2 UDP T . -24.82 17.85 16.11
N3 UDP T . -24.99 16.56 16.48
C4 UDP T . -25.70 16.10 17.53
C5 UDP T . -26.34 17.12 18.30
C6 UDP T . -26.19 18.39 17.95
O2 UDP T . -24.14 18.15 15.16
O4 UDP T . -25.73 14.90 17.78
C1' UDP T . -25.19 20.16 16.59
C2' UDP T . -25.44 20.51 15.13
O2' UDP T . -24.21 20.65 14.45
C3' UDP T . -26.30 21.77 15.18
C4' UDP T . -26.21 22.19 16.62
O4' UDP T . -26.06 20.95 17.33
O3' UDP T . -25.79 22.74 14.30
C5' UDP T . -27.41 22.96 17.10
O5' UDP T . -28.28 22.21 17.96
PA UDP T . -29.69 22.31 17.86
O1A UDP T . -29.94 22.58 16.52
O2A UDP T . -30.27 21.13 18.30
O3A UDP T . -30.20 23.47 18.79
PB UDP T . -31.59 23.99 19.33
O1B UDP T . -31.44 24.88 20.33
O2B UDP T . -32.32 22.81 19.62
O3B UDP T . -32.18 24.60 18.24
HN3 UDP T . -24.52 15.86 15.90
H5 UDP T . -26.95 16.81 19.15
H6 UDP T . -26.67 19.20 18.52
H1' UDP T . -24.19 20.45 16.90
H2' UDP T . -25.99 19.71 14.62
HO2' UDP T . -24.34 21.34 13.75
H3' UDP T . -27.32 21.55 14.90
H4' UDP T . -25.29 22.73 16.83
HO3' UDP T . -26.57 23.20 13.90
H5'1 UDP T . -27.08 23.86 17.61
H5'2 UDP T . -28.04 23.30 16.27
HOA2 UDP T . -30.47 20.33 17.74
HOB2 UDP T . -31.92 21.98 19.98
HOB3 UDP T . -31.71 24.86 17.41
PA UTP U . -0.67 -5.99 -18.79
O1A UTP U . -0.31 -7.38 -19.08
O2A UTP U . 0.56 -5.43 -18.20
O3A UTP U . -1.90 -5.94 -17.70
O5' UTP U . -1.12 -5.22 -20.18
PB UTP U . -3.43 -6.38 -18.10
O1B UTP U . -3.96 -5.50 -19.13
O2B UTP U . -3.34 -7.70 -18.71
O3B UTP U . -4.45 -6.30 -16.82
PG UTP U . -4.82 -7.58 -15.87
O1G UTP U . -6.05 -7.42 -15.09
O2G UTP U . -5.08 -8.83 -16.61
O3G UTP U . -3.75 -7.90 -14.95
C5' UTP U . -1.24 -3.83 -20.20
C4' UTP U . -0.98 -3.35 -21.59
O4' UTP U . 0.36 -3.66 -22.07
C1' UTP U . 0.27 -4.34 -23.36
C2' UTP U . -1.10 -4.93 -23.40
O2' UTP U . -1.62 -5.02 -24.75
C3' UTP U . -1.92 -4.00 -22.56
O3' UTP U . -2.55 -2.96 -23.32
N1 UTP U . 1.35 -5.28 -23.43
C6 UTP U . 1.31 -6.56 -22.67
C2 UTP U . 2.54 -4.97 -24.20
O2 UTP U . 2.63 -3.94 -24.82
N3 UTP U . 3.65 -5.88 -24.25
C4 UTP U . 3.61 -7.10 -23.56
O4 UTP U . 4.54 -7.85 -23.61
C5 UTP U . 2.36 -7.42 -22.73
N1 UDP V . -1.40 -11.41 -44.82
C2 UDP V . -0.73 -12.61 -44.90
N3 UDP V . -1.04 -13.49 -43.91
C4 UDP V . -1.93 -13.33 -42.90
C5 UDP V . -2.60 -12.07 -42.91
C6 UDP V . -2.30 -11.17 -43.84
O2 UDP V . 0.05 -12.86 -45.79
O4 UDP V . -2.10 -14.22 -42.08
C1' UDP V . -0.99 -10.39 -45.81
C2' UDP V . -1.57 -10.61 -47.20
O2' UDP V . -0.91 -9.88 -48.22
C3' UDP V . -2.91 -9.92 -47.05
C4' UDP V . -2.52 -8.70 -46.27
O4' UDP V . -1.48 -9.14 -45.37
O3' UDP V . -3.51 -9.47 -48.23
C5' UDP V . -3.67 -8.14 -45.49
O5' UDP V . -4.73 -8.16 -46.43
PA UDP V . -5.91 -8.92 -46.32
O1A UDP V . -6.19 -9.63 -47.50
O2A UDP V . -6.02 -9.65 -45.08
O3A UDP V . -6.81 -7.63 -46.16
PB UDP V . -8.25 -7.13 -46.56
O1B UDP V . -8.58 -7.43 -47.82
O2B UDP V . -9.12 -7.75 -45.64
O3B UDP V . -8.21 -5.72 -46.32
HN3 UDP V . -0.52 -14.37 -43.94
H5 UDP V . -3.35 -11.88 -42.13
H6 UDP V . -2.77 -10.19 -43.83
H1' UDP V . 0.09 -10.29 -45.84
H2' UDP V . -1.67 -11.65 -47.49
HO2' UDP V . -0.56 -10.54 -48.87
H3' UDP V . -3.61 -10.54 -46.49
H4' UDP V . -2.04 -7.93 -46.89
HO3' UDP V . -3.82 -10.28 -48.73
H5'1 UDP V . -3.88 -8.74 -44.61
H5'2 UDP V . -3.52 -7.11 -45.17
HOA2 UDP V . -5.89 -10.62 -44.96
HOB2 UDP V . -8.91 -8.58 -45.14
HOB3 UDP V . -7.53 -5.24 -45.77
PA UTP W . 21.87 -15.31 -39.09
O1A UTP W . 21.09 -16.53 -38.80
O2A UTP W . 22.16 -14.77 -37.76
O3A UTP W . 23.22 -15.64 -39.96
O5' UTP W . 20.96 -14.26 -39.96
PB UTP W . 24.13 -14.45 -40.66
O1B UTP W . 23.39 -13.19 -40.86
O2B UTP W . 24.48 -14.83 -42.03
O3B UTP W . 25.50 -14.21 -39.79
PG UTP W . 26.80 -15.22 -39.86
O1G UTP W . 26.40 -16.60 -40.16
O2G UTP W . 27.76 -14.93 -40.93
O3G UTP W . 27.59 -15.28 -38.62
C5' UTP W . 20.61 -14.60 -41.25
C4' UTP W . 19.26 -14.01 -41.47
O4' UTP W . 18.45 -14.30 -40.30
C1' UTP W . 17.69 -13.10 -40.02
C2' UTP W . 18.72 -12.05 -40.27
O2' UTP W . 18.14 -10.77 -40.45
C3' UTP W . 19.39 -12.53 -41.50
O3' UTP W . 18.71 -12.03 -42.66
N1 UTP W . 17.29 -13.03 -38.66
C6 UTP W . 18.29 -13.12 -37.59
C2 UTP W . 15.88 -12.86 -38.34
O2 UTP W . 15.07 -12.81 -39.21
N3 UTP W . 15.48 -12.78 -36.96
C4 UTP W . 16.44 -12.87 -35.92
O4 UTP W . 16.13 -12.81 -34.76
C5 UTP W . 17.90 -13.04 -36.31
N1 UDP X . 10.16 7.67 -35.70
C2 UDP X . 10.03 7.63 -34.34
N3 UDP X . 11.17 7.33 -33.66
C4 UDP X . 12.40 7.11 -34.20
C5 UDP X . 12.47 7.27 -35.61
C6 UDP X . 11.36 7.54 -36.30
O2 UDP X . 8.98 7.82 -33.79
O4 UDP X . 13.32 6.71 -33.49
C1' UDP X . 8.92 7.71 -36.46
C2' UDP X . 8.06 8.91 -36.12
O2' UDP X . 6.93 8.45 -35.40
C3' UDP X . 7.74 9.51 -37.49
C4' UDP X . 8.09 8.39 -38.44
O4' UDP X . 9.22 7.78 -37.82
O3' UDP X . 6.37 9.81 -37.56
C5' UDP X . 8.49 8.79 -39.84
O5' UDP X . 9.14 10.06 -39.75
PA UDP X . 10.27 10.47 -40.55
O1A UDP X . 10.45 11.80 -40.12
O2A UDP X . 11.38 9.68 -40.18
O3A UDP X . 10.11 10.38 -42.11
PB UDP X . 10.85 10.97 -43.37
O1B UDP X . 10.60 12.25 -43.58
O2B UDP X . 12.21 10.73 -43.12
O3B UDP X . 10.40 10.20 -44.46
HN3 UDP X . 11.08 7.28 -32.66
H5 UDP X . 13.45 7.16 -36.08
H6 UDP X . 11.39 7.66 -37.38
H1' UDP X . 8.38 6.77 -36.32
H2' UDP X . 8.57 9.65 -35.50
HO2' UDP X . 6.42 9.25 -35.10
H3' UDP X . 8.32 10.41 -37.69
H4' UDP X . 7.33 7.60 -38.46
HO3' UDP X . 5.88 9.12 -37.04
H5'1 UDP X . 9.15 8.05 -40.29
H5'2 UDP X . 7.65 8.92 -40.51
HOA2 UDP X . 11.79 9.60 -39.28
HOB2 UDP X . 12.72 11.12 -42.37
HOB3 UDP X . 9.81 9.41 -44.40
N1 UDP Y . 23.70 6.66 -21.30
C2 UDP Y . 23.71 6.81 -22.65
N3 UDP Y . 22.48 6.84 -23.24
C4 UDP Y . 21.28 6.74 -22.63
C5 UDP Y . 21.34 6.61 -21.21
C6 UDP Y . 22.53 6.57 -20.60
O2 UDP Y . 24.73 6.97 -23.29
O4 UDP Y . 20.26 6.75 -23.30
C1' UDP Y . 25.01 6.44 -20.66
C2' UDP Y . 26.04 7.49 -20.99
O2' UDP Y . 27.28 6.90 -20.66
C3' UDP Y . 25.80 8.48 -19.88
C4' UDP Y . 25.63 7.54 -18.71
O4' UDP Y . 24.85 6.48 -19.26
O3' UDP Y . 26.92 9.33 -19.76
C5' UDP Y . 24.92 8.09 -17.51
O5' UDP Y . 24.92 9.50 -17.62
PA UDP Y . 23.89 10.25 -16.97
O1A UDP Y . 24.02 11.58 -17.44
O2A UDP Y . 22.63 9.67 -17.30
O3A UDP Y . 24.05 10.20 -15.40
PB UDP Y . 23.84 11.41 -14.40
O1B UDP Y . 24.82 12.37 -14.54
O2B UDP Y . 22.52 11.89 -14.71
O3B UDP Y . 23.88 10.81 -13.12
HN3 UDP Y . 22.49 6.94 -24.25
H5 UDP Y . 20.40 6.53 -20.66
H6 UDP Y . 22.61 6.47 -19.52
H1' UDP Y . 25.38 5.44 -20.88
H2' UDP Y . 26.03 7.91 -21.99
HO2' UDP Y . 27.83 6.89 -21.49
H3' UDP Y . 24.90 9.07 -20.06
H4' UDP Y . 26.58 7.08 -18.43
HO3' UDP Y . 26.57 10.26 -19.76
H5'1 UDP Y . 23.90 7.69 -17.45
H5'2 UDP Y . 25.41 7.84 -16.57
HOA2 UDP Y . 21.73 9.94 -16.94
HOB2 UDP Y . 21.88 12.26 -14.04
HOB3 UDP Y . 24.62 10.26 -12.76
PA UTP Z . 29.24 -12.30 -35.69
O1A UTP Z . 28.17 -12.46 -36.67
O2A UTP Z . 28.67 -12.94 -34.49
O3A UTP Z . 30.60 -13.05 -36.23
O5' UTP Z . 29.61 -10.71 -35.43
PB UTP Z . 31.92 -13.41 -35.28
O1B UTP Z . 31.60 -13.30 -33.86
O2B UTP Z . 32.98 -12.42 -35.46
O3B UTP Z . 32.44 -14.94 -35.63
PG UTP Z . 32.79 -15.48 -37.15
O1G UTP Z . 31.59 -15.63 -37.98
O2G UTP Z . 33.66 -14.58 -37.91
O3G UTP Z . 33.52 -16.77 -37.17
C5' UTP Z . 29.04 -10.07 -34.33
C4' UTP Z . 29.97 -9.23 -33.50
O4' UTP Z . 29.15 -8.53 -32.55
C1' UTP Z . 29.04 -9.34 -31.33
C2' UTP Z . 30.03 -10.45 -31.50
O2' UTP Z . 30.76 -10.66 -30.29
C3' UTP Z . 30.87 -10.06 -32.65
O3' UTP Z . 32.02 -9.29 -32.26
N1 UTP Z . 27.73 -9.88 -31.15
C6 UTP Z . 27.39 -11.23 -31.67
C2 UTP Z . 26.71 -9.11 -30.42
O2 UTP Z . 26.97 -8.03 -30.00
N3 UTP Z . 25.41 -9.66 -30.23
C4 UTP Z . 25.10 -10.94 -30.73
O4 UTP Z . 24.03 -11.40 -30.56
C5 UTP Z . 26.16 -11.73 -31.48
PA UTP AA . -4.74 -13.71 -16.82
O1A UTP AA . -3.40 -13.95 -16.29
O2A UTP AA . -4.74 -12.28 -17.13
O3A UTP AA . -5.91 -13.99 -15.70
O5' UTP AA . -4.92 -14.67 -18.15
PB UTP AA . -5.85 -14.83 -14.27
O1B UTP AA . -7.15 -15.49 -14.08
O2B UTP AA . -4.88 -15.95 -14.30
O3B UTP AA . -5.50 -13.83 -13.01
PG UTP AA . -6.48 -12.67 -12.34
O1G UTP AA . -7.90 -13.00 -12.18
O2G UTP AA . -6.47 -11.45 -13.15
O3G UTP AA . -6.07 -12.33 -10.98
C5' UTP AA . -5.94 -15.61 -18.03
C4' UTP AA . -5.69 -16.88 -18.81
O4' UTP AA . -4.50 -16.71 -19.61
C1' UTP AA . -3.67 -17.89 -19.42
C2' UTP AA . -4.00 -18.38 -18.02
O2' UTP AA . -3.75 -19.78 -17.80
C3' UTP AA . -5.45 -18.06 -17.90
O3' UTP AA . -6.31 -19.12 -18.34
N1 UTP AA . -2.35 -17.41 -19.66
C6 UTP AA . -1.77 -16.45 -18.71
C2 UTP AA . -1.61 -17.81 -20.87
O2 UTP AA . -2.04 -18.57 -21.68
N3 UTP AA . -0.30 -17.29 -21.07
C4 UTP AA . 0.25 -16.39 -20.16
O4 UTP AA . 1.34 -15.96 -20.36
C5 UTP AA . -0.53 -15.97 -18.94
N1 UDP BA . -1.99 -29.52 -35.04
C2 UDP BA . -2.83 -28.46 -35.21
N3 UDP BA . -2.30 -27.41 -35.92
C4 UDP BA . -1.06 -27.33 -36.48
C5 UDP BA . -0.25 -28.49 -36.27
C6 UDP BA . -0.73 -29.52 -35.57
O2 UDP BA . -3.96 -28.43 -34.76
O4 UDP BA . -0.74 -26.32 -37.09
C1' UDP BA . -2.49 -30.65 -34.24
C2' UDP BA . -3.56 -31.49 -34.91
O2' UDP BA . -4.30 -32.29 -34.00
C3' UDP BA . -2.68 -32.41 -35.73
C4' UDP BA . -1.60 -32.74 -34.74
O4' UDP BA . -1.41 -31.52 -33.98
O3' UDP BA . -3.28 -33.62 -36.15
C5' UDP BA . -0.33 -33.15 -35.43
O5' UDP BA . -0.70 -34.23 -36.28
PA UDP BA . -1.05 -34.20 -37.70
O1A UDP BA . -2.40 -33.87 -37.98
O2A UDP BA . -0.07 -33.51 -38.50
O3A UDP BA . -0.80 -35.75 -37.88
PB UDP BA . 0.10 -36.70 -38.76
O1B UDP BA . -0.64 -37.74 -39.24
O2B UDP BA . 0.64 -35.85 -39.80
O3B UDP BA . 1.12 -37.12 -37.88
HN3 UDP BA . -2.91 -26.61 -36.03
H5 UDP BA . 0.74 -28.49 -36.72
H6 UDP BA . -0.10 -30.37 -35.36
H1' UDP BA . -2.81 -30.30 -33.26
H2' UDP BA . -4.25 -30.92 -35.54
HO2' UDP BA . -5.21 -31.88 -33.92
H3' UDP BA . -2.28 -31.90 -36.60
H4' UDP BA . -1.92 -33.48 -34.01
HO3' UDP BA . -3.90 -33.40 -36.89
H5'1 UDP BA . 0.11 -32.32 -35.98
H5'2 UDP BA . 0.43 -33.52 -34.74
HOA2 UDP BA . -0.13 -32.60 -38.86
HOB2 UDP BA . 1.41 -35.24 -39.68
HOB3 UDP BA . 0.99 -37.40 -36.94
#